data_8FS3
#
_entry.id   8FS3
#
_cell.length_a   1.00
_cell.length_b   1.00
_cell.length_c   1.00
_cell.angle_alpha   90.00
_cell.angle_beta   90.00
_cell.angle_gamma   90.00
#
_symmetry.space_group_name_H-M   'P 1'
#
loop_
_entity.id
_entity.type
_entity.pdbx_description
1 polymer 'Checkpoint protein RAD24'
2 polymer 'Replication factor C subunit 4'
3 polymer 'Replication factor C subunit 3'
4 polymer 'Replication factor C subunit 2'
5 polymer 'Replication factor C subunit 5'
6 polymer 'DNA damage checkpoint control protein MEC3'
7 polymer 'DNA damage checkpoint control protein RAD17'
8 polymer 'DDC1 isoform 1'
9 polymer 'Template strand'
10 polymer 'Primer strand 2'
11 non-polymer 'MAGNESIUM ION'
12 non-polymer 'PHOSPHOTHIOPHOSPHORIC ACID-ADENYLATE ESTER'
13 non-polymer "ADENOSINE-5'-DIPHOSPHATE"
#
loop_
_entity_poly.entity_id
_entity_poly.type
_entity_poly.pdbx_seq_one_letter_code
_entity_poly.pdbx_strand_id
1 'polypeptide(L)'
;MDSTNLNKRPLLQYSLSSLGSQITKWSSSRPTSPVRKARSTENDFLSKQDTSSILPSINDDGGEQWYEKFKPNCLEQVAI
HKRKLKDVQEALDAMFLPNAKHRILLLSGPSGCSKSTVIKELSKILVPKYRQNSNGTSFRSTPNEHKVTEFRGDCIVNDL
PQMESFSEFLKGARYLVMSNLSLILIEDLPNVFHIDTRRRFQQLILQWLYSSEPLLPPLVICITECEIPENDNNYRKFGI
DYTFSAETIMNKEILMHPRLKRIKFNPINSTLLKKHLKFICVQNMKMLKEKNKWNKRQEVIDYIAQETGDIRSAITTLQF
WATSSGSLPISTRESTISYFHAIGKVIHGSHSTNNDNEMINNLFENSNNLLSKEDFKLGILENYNTFNKGEFSISDASSI
VDCLSECDNMNGLPESNEYGLREVRKTFRNISKQGHNHGTVYFPREWKVRKLQNSFKVQAEDWLNVSLYKYNAVHSFRNI
TLEFGYYAPLIRKCQSYKKKYILYYLKNLPSGSSGPKQTMDKFSDIMKVENGIDVVDRIGGPIEA
;
A
2 'polypeptide(L)'
;MSKTLSLQLPWVEKYRPQVLSDIVGNKETIDRLQQIAKDGNMPHMIISGMPGIGKTTSVHCLAHELLGRSYADGVLELNA
SDDRGIDVVRNQIKHFAQKKLHLPPGKHKIVILDEADSMTAGAQQALRRTMELYSNSTRFAFACNQSNKIIEPLQSRCAI
LRYSKLSDEDVLKRLLQIIKLEDVKYTNDGLEAIIFTAEGDMRQAINNLQSTVAGHGLVNADNVFKIVDSPHPLIVKKML
LASNLEDSIQILRTDLWKKGYSSIDIVTTSFRVTKNLAQVKESVRLEMIKEIGLTHMRILEGVGTYLQLASMLAKIHKLN
NKA
;
B
3 'polypeptide(L)'
;MSTSTEKRSKENLPWVEKYRPETLDEVYGQNEVITTVRKFVDEGKLPHLLFYGPPGTGKTSTIVALAREIYGKNYSNMVL
ELNASDDRGIDVVRNQIKDFASTRQIFSKGFKLIILDEADAMTNAAQNALRRVIERYTKNTRFCVLANYAHKLTPALLSR
CTRFRFQPLPQEAIERRIANVLVHEKLKLSPNAEKALIELSNGDMRRVLNVLQSCKATLDNPDEDEISDDVIYECCGAPR
PSDLKAVLKSILEDDWGTAHYTLNKVRSAKGLALIDLIEGIVKILEDYELQNEETRVHLLTKLADIEYSISKGGNDQIQG
SAVIGAIKASFENETV
;
C
4 'polypeptide(L)'
;MFEGFGPNKKRKISKLAAEQSLAQQPWVEKYRPKNLDEVTAQDHAVTVLKKTLKSANLPHMLFYGPPGTGKTSTILALTK
ELYGPDLMKSRILELNASDERGISIVREKVKNFARLTVSKPSKHDLENYPCPPYKIIILDEADSMTADAQSALRRTMETY
SGVTRFCLICNYVTRIIDPLASRCSKFRFKALDASNAIDRLRFISEQENVKCDDGVLERILDISAGDLRRGITLLQSASK
GAQYLGDGKNITSTQVEELAGVVPHDILIEIVEKVKSGDFDEIKKYVNTFMKSGWSAASVVNQLHEYYITNDNFDTNFKN
QISWLLFTTDSRLNNGTNEHIQLLNLLVKISQL
;
D
5 'polypeptide(L)'
;MSLWVDKYRPKSLNALSHNEELTNFLKSLSDQPRDLPHLLLYGPNGTGKKTRCMALLESIFGPGVYRLKIDVRQFVTASN
RKLELNVVSSPYHLEITPSDMGNNDRIVIQELLKEVAQMEQVDFQDSKDGLAHRYKCVIINEANSLTKDAQAALRRTMEK
YSKNIRLIMVCDSMSPIIAPIKSRCLLIRCPAPSDSEISTILSDVVTNERIQLETKDILKRIAQASNGNLRVSLLMLESM
ALNNELALKSSSPIIKPDWIIVIHKLTRKIVKERSVNSLIECRAVLYDLLAHCIPANIILKELTFSLLDVETLNTTNKSS
IIEYSSVFDERLSLGNKAIFHLEGFIAKVMCCLD
;
E
6 'polypeptide(L)'
;MKLKLIVNGCEAPDDYKLLRTTINTVASLRKTAILRFNSERLTIISTPKSSLNSSNNGTILRGDTGQLWCTIPHDVFRLY
TVISARELNTITMECNCDSLLSVFKRYDRVMNQGSSSNMTIKLQSMPEWNTNNGTLSGGTAGGVDTTSKPNPICALGITF
EEIVHTSGPNDAIVMNGGVDEHNGLPTTVGTGNLLASNKVIMHSFKVPVKLLFRAQDTRIQEPMINYIQLMMYKLPPISG
EFGSAFHGFIRRVERYSNVNHIHLMGVKKKEHGNEGDDVELKIIVNELDWHLEICWNGPLDSVIQRQEGLTDNPSQNQHI
DTDGRQEEGSLPIIEADKPMSSLYTNTRDREMEENIRYDEDLLRIEDSSIADTRGNIYTADTSGDTEFNDISVMVEKAEQ
ESSSTHEVIIRCKDWKVCSKLYAAFEEVVLAISHDESCVFHCSLDRGSLEDSEDVEKPRERGQIIYYIARSKGL
;
F
7 'polypeptide(L)'
;MRINSELANKFSASTVHLEHITTALSCLTPFGSKDDVLIFIDADGLSFVRENNHVIKIQLLLSRELFMSYSYRNETEDHM
KLCVKINHILDSVSVMNRNSDDIVECTLSYDGHGSPFVLIFEDSFISERVEYSTYLIKDFDTNGLELDRERISFEAIIKG
EALHSALKDLKEIGCKECYVYAKTEANDENVFALISKSQLGFSKIKLPSNRSILEKLQVFDGDSTTVIDGFAVIGFFDFT
SFDKIRKSTKIASKVLFRMDVHGVLSVNILSQTDDVIITDTTRPSNNRPGSIRQLQLPKDYPGIVIEVCMLEKESIDEAA
QTEIELLMETNELGNRNSFKKSTIRKRYGTDKGNETSNDNLLQLNGKKIKLPSEEENNKNRESEDEENHCKYPTKDIPIF
F
;
G
8 'polypeptide(L)'
;MSFKATITESGKQNIWFRAIYVLSTIQDDIKITVTTNELIAWSMNETDTTLCQVRFQKSFFEEYEFKPHEIVFGENGVQV
IEDTYGNSHKLYSFRVNGRHLTTISRKPDGDGIKSFTIAVNNTSTCPESLANRLIVVIEMDSLIVKEYCPQFQPIKYDPI
IINLKYKRRFLDVFGTAASDRNPQEPLDPKLLDVFTNTERELTSALFNEEVESDIRKRNQLTAADEINYICCNSTLLKNF
LDNCNVNVTDEVKLEINVHRLSITAFTKAVYGKNNDLLRNALSMSNTISTLDLEHYCLFTTIEDEKQDKRSHSKRREHMK
SIIFKLKDFKNFITIGPSWKTTQDGNDNISLWFCHPGDPILMQMQKPGVKLELVEVTDSNINDDILEGKFIKTAISGSKE
EAGLKDNKESCESPLKSKTALKRENLPHSVAGTRNSPLKVSYLTPDNGSTVAKTYRNNTARKLFVEEQSQSTNYEQDKRF
RQASSVHMNMNREQSFDIGTTHEVACPRNESNSLKRSIADICNETEDPTQQSTFAKRADTTVTWGKALPAADDEVSCSNI
DRKGMLKKEKLKHMQGLLNSQNDTSNHKKQDNKEMEDGLGLTQVEKPRGIFD
;
H
9 'polydeoxyribonucleotide'
;(DC)(DG)(DG)(DT)(DA)(DT)(DA)(DG)(DG)(DC)(DG)(DA)(DT)(DA)(DC)(DG)(DA)(DA)(DT)(DC)
(DT)(DT)(DT)(DT)(DT)(DT)(DT)(DT)(DT)(DT)(DC)(DC)(DG)(DT)(DA)(DT)(DA)(DG)(DC)(DC)
(DG)(DT)(DA)(DG)(DC)(DG)(DA)(DG)(DC)(DC)
;
I
10 'polydeoxyribonucleotide' (DG)(DA)(DT)(DT)(DC)(DG)(DT)(DA)(DT)(DC)(DG)(DC)(DC)(DT)(DA)(DT)(DA)(DC)(DC)(DG) K
#
# COMPACT_ATOMS: atom_id res chain seq x y z
N GLY A 63 50.28 10.53 8.28
CA GLY A 63 49.84 9.42 9.09
C GLY A 63 48.40 9.54 9.56
N GLU A 64 48.06 10.72 10.06
CA GLU A 64 46.72 11.00 10.57
C GLU A 64 46.07 12.09 9.75
N GLN A 65 44.74 12.12 9.78
CA GLN A 65 43.99 13.13 9.05
C GLN A 65 44.30 14.52 9.62
N TRP A 66 44.34 15.52 8.73
CA TRP A 66 44.73 16.86 9.14
C TRP A 66 43.75 17.43 10.15
N TYR A 67 42.45 17.23 9.94
CA TYR A 67 41.47 17.72 10.90
C TYR A 67 41.52 16.96 12.22
N GLU A 68 42.24 15.86 12.29
CA GLU A 68 42.39 15.09 13.52
C GLU A 68 43.66 15.44 14.28
N LYS A 69 44.76 15.75 13.57
CA LYS A 69 45.99 16.16 14.22
C LYS A 69 46.10 17.66 14.43
N PHE A 70 45.19 18.45 13.83
CA PHE A 70 45.16 19.90 14.01
C PHE A 70 43.94 20.34 14.81
N LYS A 71 43.41 19.46 15.66
CA LYS A 71 42.29 19.83 16.50
C LYS A 71 42.71 20.94 17.46
N PRO A 72 41.88 21.97 17.65
CA PRO A 72 42.23 23.05 18.57
C PRO A 72 42.52 22.51 19.97
N ASN A 73 43.54 23.08 20.60
CA ASN A 73 43.86 22.74 21.98
C ASN A 73 43.22 23.68 22.98
N CYS A 74 42.65 24.78 22.52
CA CYS A 74 42.02 25.76 23.40
C CYS A 74 40.91 26.47 22.63
N LEU A 75 40.01 27.12 23.38
CA LEU A 75 38.89 27.79 22.74
C LEU A 75 39.33 29.02 21.95
N GLU A 76 40.57 29.49 22.15
CA GLU A 76 41.10 30.54 21.30
C GLU A 76 41.44 30.05 19.90
N GLN A 77 41.60 28.73 19.72
CA GLN A 77 41.95 28.16 18.43
C GLN A 77 40.74 27.70 17.63
N VAL A 78 39.54 27.83 18.18
CA VAL A 78 38.34 27.30 17.55
C VAL A 78 37.75 28.35 16.61
N ALA A 79 37.33 27.90 15.43
CA ALA A 79 36.74 28.78 14.42
C ALA A 79 35.27 28.99 14.74
N ILE A 80 35.01 29.85 15.74
CA ILE A 80 33.67 30.21 16.13
C ILE A 80 33.59 31.72 16.27
N HIS A 81 32.38 32.26 16.07
CA HIS A 81 32.15 33.69 16.24
C HIS A 81 32.27 34.07 17.71
N LYS A 82 32.68 35.32 17.95
CA LYS A 82 32.83 35.79 19.32
C LYS A 82 31.49 35.81 20.04
N ARG A 83 30.44 36.31 19.37
CA ARG A 83 29.12 36.35 19.99
C ARG A 83 28.59 34.95 20.25
N LYS A 84 28.83 34.01 19.32
CA LYS A 84 28.40 32.64 19.53
C LYS A 84 29.10 32.02 20.74
N LEU A 85 30.41 32.24 20.86
CA LEU A 85 31.15 31.70 22.00
C LEU A 85 30.64 32.30 23.31
N LYS A 86 30.38 33.61 23.32
CA LYS A 86 29.86 34.23 24.53
C LYS A 86 28.48 33.70 24.89
N ASP A 87 27.59 33.58 23.90
CA ASP A 87 26.24 33.12 24.16
C ASP A 87 26.15 31.64 24.48
N VAL A 88 27.15 30.85 24.11
CA VAL A 88 27.18 29.46 24.59
C VAL A 88 27.83 29.37 25.97
N GLN A 89 28.85 30.19 26.24
CA GLN A 89 29.50 30.16 27.55
C GLN A 89 28.56 30.62 28.65
N GLU A 90 27.83 31.72 28.41
CA GLU A 90 26.90 32.22 29.44
C GLU A 90 25.82 31.19 29.73
N ALA A 91 25.26 30.57 28.69
CA ALA A 91 24.26 29.54 28.90
C ALA A 91 24.84 28.37 29.69
N LEU A 92 26.01 27.89 29.27
CA LEU A 92 26.60 26.72 29.92
C LEU A 92 26.86 26.98 31.40
N ASP A 93 27.31 28.20 31.72
CA ASP A 93 27.39 28.58 33.13
C ASP A 93 26.00 28.59 33.78
N ALA A 94 24.98 29.03 33.04
CA ALA A 94 23.64 29.11 33.62
C ALA A 94 23.12 27.75 34.02
N MET A 95 23.28 26.73 33.17
CA MET A 95 22.87 25.39 33.56
C MET A 95 23.81 24.74 34.56
N PHE A 96 24.98 25.32 34.85
CA PHE A 96 25.92 24.66 35.75
C PHE A 96 25.62 24.95 37.21
N LEU A 97 25.18 26.16 37.52
CA LEU A 97 24.93 26.55 38.89
C LEU A 97 23.79 25.73 39.48
N PRO A 98 23.88 25.31 40.74
CA PRO A 98 22.76 24.58 41.36
C PRO A 98 21.46 25.37 41.28
N ASN A 99 20.35 24.64 41.26
CA ASN A 99 19.03 25.22 41.02
C ASN A 99 19.00 25.96 39.68
N ALA A 100 19.60 25.35 38.66
CA ALA A 100 19.67 25.96 37.35
C ALA A 100 18.30 26.02 36.70
N LYS A 101 18.03 27.11 35.99
CA LYS A 101 16.76 27.25 35.29
C LYS A 101 16.71 26.35 34.06
N HIS A 102 17.78 26.32 33.28
CA HIS A 102 17.82 25.56 32.04
C HIS A 102 18.26 24.13 32.33
N ARG A 103 17.34 23.18 32.19
CA ARG A 103 17.65 21.79 32.46
C ARG A 103 18.59 21.20 31.41
N ILE A 104 18.28 21.44 30.13
CA ILE A 104 19.07 20.92 29.03
C ILE A 104 19.38 22.04 28.05
N LEU A 105 20.41 21.80 27.23
CA LEU A 105 20.82 22.72 26.17
C LEU A 105 20.81 21.98 24.84
N LEU A 106 20.24 22.61 23.82
CA LEU A 106 20.14 22.02 22.49
C LEU A 106 20.91 22.90 21.51
N LEU A 107 21.93 22.34 20.88
CA LEU A 107 22.66 23.02 19.82
C LEU A 107 22.28 22.40 18.49
N SER A 108 21.92 23.25 17.53
CA SER A 108 21.49 22.82 16.22
C SER A 108 22.22 23.60 15.15
N GLY A 109 22.41 22.98 14.00
CA GLY A 109 23.09 23.62 12.90
C GLY A 109 23.53 22.64 11.84
N PRO A 110 24.29 23.13 10.86
CA PRO A 110 24.81 22.23 9.81
C PRO A 110 25.92 21.33 10.33
N SER A 111 26.51 20.54 9.43
CA SER A 111 27.56 19.62 9.80
C SER A 111 28.91 20.32 9.82
N GLY A 112 29.72 20.01 10.83
CA GLY A 112 31.04 20.58 10.94
C GLY A 112 31.06 22.08 11.16
N CYS A 113 30.14 22.58 11.99
CA CYS A 113 30.14 23.98 12.40
C CYS A 113 30.83 24.17 13.75
N SER A 114 31.69 23.23 14.14
CA SER A 114 32.44 23.29 15.39
C SER A 114 31.53 23.32 16.61
N LYS A 115 30.47 22.51 16.62
CA LYS A 115 29.65 22.40 17.81
C LYS A 115 30.31 21.50 18.84
N SER A 116 30.63 20.27 18.45
CA SER A 116 31.23 19.32 19.37
C SER A 116 32.55 19.84 19.92
N THR A 117 33.34 20.53 19.09
CA THR A 117 34.64 21.02 19.53
C THR A 117 34.50 22.03 20.67
N VAL A 118 33.63 23.02 20.49
CA VAL A 118 33.41 24.00 21.55
C VAL A 118 32.84 23.34 22.79
N ILE A 119 31.98 22.32 22.61
CA ILE A 119 31.49 21.64 23.80
C ILE A 119 32.63 20.92 24.52
N LYS A 120 33.55 20.31 23.77
CA LYS A 120 34.70 19.65 24.40
C LYS A 120 35.48 20.65 25.24
N GLU A 121 35.85 21.79 24.65
CA GLU A 121 36.68 22.75 25.39
C GLU A 121 35.91 23.39 26.55
N LEU A 122 34.62 23.68 26.36
CA LEU A 122 33.86 24.30 27.43
C LEU A 122 33.66 23.34 28.60
N SER A 123 33.39 22.07 28.32
CA SER A 123 33.35 21.07 29.38
C SER A 123 34.72 20.78 29.95
N LYS A 124 35.79 21.09 29.23
CA LYS A 124 37.14 20.97 29.74
C LYS A 124 37.51 22.08 30.73
N ILE A 125 37.01 23.30 30.52
CA ILE A 125 37.39 24.39 31.42
C ILE A 125 36.22 24.90 32.25
N LEU A 126 35.10 24.18 32.24
CA LEU A 126 33.95 24.59 33.05
C LEU A 126 33.61 23.54 34.09
N VAL A 127 33.46 22.29 33.66
CA VAL A 127 33.10 21.22 34.59
C VAL A 127 34.06 21.13 35.77
N PRO A 128 35.38 21.23 35.60
CA PRO A 128 36.27 21.18 36.77
C PRO A 128 35.98 22.25 37.81
N LYS A 129 35.44 23.40 37.41
CA LYS A 129 35.16 24.45 38.37
C LYS A 129 34.06 24.03 39.34
N TYR A 130 33.08 23.27 38.86
CA TYR A 130 31.96 22.84 39.69
C TYR A 130 32.09 21.41 40.20
N ARG A 131 33.19 20.71 39.90
CA ARG A 131 33.42 19.38 40.46
C ARG A 131 33.79 19.49 41.93
N GLN A 132 32.98 18.88 42.79
CA GLN A 132 33.27 18.78 44.20
C GLN A 132 34.15 17.56 44.48
N ASN A 133 34.89 17.63 45.57
CA ASN A 133 35.79 16.54 45.94
C ASN A 133 35.40 15.94 47.30
N LYS A 147 35.24 16.62 31.83
CA LYS A 147 35.02 15.46 30.98
C LYS A 147 33.63 15.49 30.39
N VAL A 148 33.34 14.55 29.50
CA VAL A 148 32.04 14.44 28.87
C VAL A 148 31.65 12.97 28.82
N THR A 149 30.34 12.71 28.92
CA THR A 149 29.80 11.37 28.76
C THR A 149 28.89 11.33 27.54
N GLU A 150 29.17 10.41 26.62
CA GLU A 150 28.46 10.33 25.35
C GLU A 150 27.68 9.03 25.27
N PHE A 151 26.54 9.10 24.58
CA PHE A 151 25.72 7.91 24.36
C PHE A 151 26.26 7.12 23.18
N ARG A 152 26.25 5.79 23.31
CA ARG A 152 26.74 4.88 22.28
C ARG A 152 25.56 4.04 21.79
N GLY A 153 25.04 4.40 20.61
CA GLY A 153 23.95 3.64 20.04
C GLY A 153 24.38 2.27 19.53
N ASP A 154 25.67 2.10 19.27
CA ASP A 154 26.20 0.81 18.82
C ASP A 154 26.26 -0.21 19.95
N CYS A 155 26.01 0.20 21.19
CA CYS A 155 26.10 -0.71 22.32
C CYS A 155 24.92 -1.67 22.34
N ILE A 156 25.06 -2.78 21.61
CA ILE A 156 24.01 -3.83 21.58
C ILE A 156 24.33 -4.76 22.74
N VAL A 157 23.82 -4.40 23.91
CA VAL A 157 24.13 -5.15 25.12
C VAL A 157 23.23 -6.38 25.20
N ASN A 158 23.74 -7.42 25.84
CA ASN A 158 23.00 -8.68 25.96
C ASN A 158 21.79 -8.50 26.88
N ASP A 159 20.74 -9.26 26.61
CA ASP A 159 19.48 -9.36 27.37
C ASP A 159 18.64 -8.09 27.27
N LEU A 160 19.10 -7.06 26.59
CA LEU A 160 18.39 -5.80 26.54
C LEU A 160 17.90 -5.50 25.13
N PRO A 161 16.62 -5.17 24.95
CA PRO A 161 16.15 -4.73 23.63
C PRO A 161 16.81 -3.42 23.24
N GLN A 162 16.78 -3.15 21.93
CA GLN A 162 17.43 -1.94 21.41
C GLN A 162 16.76 -0.68 21.94
N MET A 163 15.43 -0.70 22.05
CA MET A 163 14.69 0.47 22.52
C MET A 163 15.00 0.83 23.97
N GLU A 164 15.54 -0.10 24.75
CA GLU A 164 15.86 0.15 26.16
C GLU A 164 17.29 0.63 26.36
N SER A 165 18.09 0.72 25.29
CA SER A 165 19.47 1.14 25.45
C SER A 165 19.56 2.58 25.94
N PHE A 166 18.81 3.48 25.31
CA PHE A 166 18.81 4.87 25.75
C PHE A 166 18.19 5.02 27.14
N SER A 167 17.19 4.19 27.45
CA SER A 167 16.61 4.22 28.80
C SER A 167 17.65 3.87 29.85
N GLU A 168 18.39 2.78 29.63
CA GLU A 168 19.44 2.40 30.56
C GLU A 168 20.51 3.48 30.65
N PHE A 169 20.88 4.07 29.50
CA PHE A 169 21.91 5.11 29.50
C PHE A 169 21.47 6.32 30.32
N LEU A 170 20.23 6.76 30.14
CA LEU A 170 19.75 7.93 30.87
C LEU A 170 19.60 7.63 32.35
N LYS A 171 19.13 6.42 32.68
CA LYS A 171 18.99 6.06 34.09
C LYS A 171 20.34 5.99 34.80
N GLY A 172 21.37 5.49 34.10
CA GLY A 172 22.68 5.45 34.70
C GLY A 172 23.41 6.77 34.67
N ALA A 173 23.04 7.66 33.75
CA ALA A 173 23.70 8.95 33.62
C ALA A 173 23.14 10.01 34.55
N ARG A 174 21.94 9.79 35.11
CA ARG A 174 21.40 10.74 36.07
C ARG A 174 22.07 10.63 37.42
N TYR A 175 22.84 9.58 37.67
CA TYR A 175 23.62 9.43 38.90
C TYR A 175 24.98 10.11 38.77
N LEU A 176 24.98 11.36 38.32
CA LEU A 176 26.20 12.12 38.07
C LEU A 176 26.07 13.53 38.63
N VAL A 177 25.62 13.64 39.88
CA VAL A 177 25.35 14.92 40.52
C VAL A 177 26.37 15.23 41.62
N MET A 178 26.45 14.40 42.65
CA MET A 178 27.27 14.67 43.82
C MET A 178 28.48 13.74 43.83
N SER A 179 29.66 14.34 44.01
CA SER A 179 30.95 13.66 43.99
C SER A 179 31.27 13.15 42.58
N ASN A 180 30.30 13.30 41.67
CA ASN A 180 30.45 12.95 40.26
C ASN A 180 29.84 14.09 39.46
N LEU A 181 30.60 14.64 38.52
CA LEU A 181 30.09 15.68 37.65
C LEU A 181 30.68 15.49 36.25
N SER A 182 29.81 15.32 35.26
CA SER A 182 30.25 15.15 33.88
C SER A 182 29.10 15.62 32.99
N LEU A 183 29.37 16.67 32.21
CA LEU A 183 28.40 17.16 31.24
C LEU A 183 28.07 16.06 30.23
N ILE A 184 26.80 15.96 29.87
CA ILE A 184 26.36 14.95 28.92
C ILE A 184 26.33 15.57 27.54
N LEU A 185 26.91 14.87 26.56
CA LEU A 185 26.86 15.27 25.15
C LEU A 185 26.21 14.13 24.38
N ILE A 186 24.97 14.35 23.94
CA ILE A 186 24.29 13.40 23.06
C ILE A 186 24.62 13.84 21.64
N GLU A 187 25.79 13.42 21.16
CA GLU A 187 26.25 13.83 19.84
C GLU A 187 25.62 12.99 18.74
N ASP A 188 25.64 11.67 18.90
CA ASP A 188 24.97 10.76 17.99
C ASP A 188 23.68 10.29 18.65
N LEU A 189 22.55 10.67 18.06
CA LEU A 189 21.26 10.32 18.61
C LEU A 189 20.98 8.84 18.38
N PRO A 190 20.05 8.26 19.14
CA PRO A 190 19.53 6.94 18.78
C PRO A 190 18.83 6.99 17.43
N ASN A 191 18.56 5.81 16.88
CA ASN A 191 17.90 5.75 15.59
C ASN A 191 16.51 6.36 15.71
N VAL A 192 16.32 7.57 15.16
CA VAL A 192 15.04 8.26 15.29
C VAL A 192 14.13 8.04 14.10
N PHE A 193 14.60 7.35 13.06
CA PHE A 193 13.77 7.06 11.91
C PHE A 193 12.76 5.95 12.18
N HIS A 194 12.97 5.13 13.21
CA HIS A 194 11.98 4.16 13.65
C HIS A 194 11.03 4.86 14.61
N ILE A 195 9.74 4.79 14.32
CA ILE A 195 8.77 5.65 15.00
C ILE A 195 8.65 5.27 16.48
N ASP A 196 8.74 3.98 16.79
CA ASP A 196 8.57 3.55 18.19
C ASP A 196 9.69 4.10 19.06
N THR A 197 10.94 3.88 18.66
CA THR A 197 12.05 4.38 19.46
C THR A 197 12.20 5.89 19.38
N ARG A 198 11.75 6.53 18.30
CA ARG A 198 11.71 7.99 18.28
C ARG A 198 10.74 8.52 19.33
N ARG A 199 9.55 7.92 19.40
CA ARG A 199 8.59 8.33 20.42
C ARG A 199 9.12 8.05 21.82
N ARG A 200 9.84 6.93 21.99
CA ARG A 200 10.47 6.64 23.27
C ARG A 200 11.50 7.69 23.62
N PHE A 201 12.29 8.13 22.64
CA PHE A 201 13.26 9.20 22.85
C PHE A 201 12.57 10.48 23.30
N GLN A 202 11.47 10.84 22.61
CA GLN A 202 10.72 12.03 22.99
C GLN A 202 10.21 11.93 24.42
N GLN A 203 9.58 10.79 24.75
CA GLN A 203 9.00 10.62 26.08
C GLN A 203 10.07 10.66 27.16
N LEU A 204 11.21 10.03 26.92
CA LEU A 204 12.26 9.98 27.93
C LEU A 204 12.91 11.34 28.13
N ILE A 205 13.18 12.07 27.05
CA ILE A 205 13.78 13.39 27.22
C ILE A 205 12.76 14.35 27.84
N LEU A 206 11.46 14.16 27.59
CA LEU A 206 10.46 14.95 28.27
C LEU A 206 10.42 14.63 29.76
N GLN A 207 10.52 13.34 30.11
CA GLN A 207 10.58 12.96 31.51
C GLN A 207 11.79 13.56 32.20
N TRP A 208 12.92 13.64 31.49
CA TRP A 208 14.08 14.35 32.00
C TRP A 208 13.77 15.83 32.21
N LEU A 209 13.09 16.45 31.23
CA LEU A 209 12.77 17.87 31.34
C LEU A 209 11.78 18.14 32.48
N TYR A 210 10.75 17.32 32.60
CA TYR A 210 9.73 17.48 33.63
C TYR A 210 10.06 16.73 34.91
N SER A 211 11.32 16.33 35.09
CA SER A 211 11.69 15.49 36.21
C SER A 211 11.45 16.20 37.54
N SER A 212 11.00 15.44 38.52
CA SER A 212 10.79 15.92 39.89
C SER A 212 12.05 15.81 40.73
N GLU A 213 13.16 15.39 40.14
CA GLU A 213 14.41 15.25 40.89
C GLU A 213 14.86 16.63 41.38
N PRO A 214 15.48 16.71 42.56
CA PRO A 214 15.93 18.02 43.06
C PRO A 214 16.91 18.72 42.14
N LEU A 215 17.82 17.98 41.50
CA LEU A 215 18.72 18.56 40.52
C LEU A 215 19.29 17.44 39.66
N LEU A 216 19.76 17.83 38.48
CA LEU A 216 20.29 16.89 37.49
C LEU A 216 21.53 17.49 36.87
N PRO A 217 22.44 16.66 36.37
CA PRO A 217 23.59 17.17 35.63
C PRO A 217 23.12 17.83 34.34
N PRO A 218 23.85 18.84 33.86
CA PRO A 218 23.43 19.53 32.63
C PRO A 218 23.43 18.59 31.44
N LEU A 219 22.45 18.77 30.57
CA LEU A 219 22.27 17.93 29.39
C LEU A 219 22.53 18.80 28.16
N VAL A 220 23.51 18.39 27.35
CA VAL A 220 23.82 19.07 26.10
C VAL A 220 23.57 18.09 24.96
N ILE A 221 22.73 18.50 24.01
CA ILE A 221 22.37 17.66 22.88
C ILE A 221 22.73 18.43 21.61
N CYS A 222 23.55 17.83 20.77
CA CYS A 222 23.92 18.43 19.49
C CYS A 222 23.18 17.74 18.36
N ILE A 223 22.49 18.52 17.55
CA ILE A 223 21.74 18.02 16.40
C ILE A 223 22.37 18.61 15.15
N THR A 224 22.73 17.74 14.21
CA THR A 224 23.23 18.17 12.91
C THR A 224 22.04 18.24 11.95
N GLU A 225 21.73 19.43 11.48
CA GLU A 225 20.62 19.62 10.54
C GLU A 225 21.08 19.20 9.15
N CYS A 226 20.56 18.08 8.66
CA CYS A 226 20.85 17.61 7.33
C CYS A 226 19.55 17.17 6.66
N GLU A 227 19.50 17.34 5.34
CA GLU A 227 18.35 16.90 4.57
C GLU A 227 18.50 15.43 4.24
N ILE A 228 17.50 14.63 4.59
CA ILE A 228 17.45 13.24 4.16
C ILE A 228 17.14 13.20 2.68
N PRO A 229 18.02 12.61 1.85
CA PRO A 229 17.74 12.52 0.42
C PRO A 229 16.69 11.47 0.14
N GLU A 230 16.17 11.50 -1.08
CA GLU A 230 15.13 10.57 -1.47
C GLU A 230 15.65 9.14 -1.49
N ASN A 231 14.75 8.20 -1.25
CA ASN A 231 15.08 6.78 -1.20
C ASN A 231 13.85 6.01 -1.67
N ASP A 232 13.78 4.72 -1.31
CA ASP A 232 12.62 3.90 -1.62
C ASP A 232 11.34 4.60 -1.20
N ASN A 233 10.35 4.58 -2.10
CA ASN A 233 9.16 5.42 -1.97
C ASN A 233 8.26 4.87 -0.87
N ASN A 234 8.63 5.16 0.38
CA ASN A 234 7.78 4.87 1.52
C ASN A 234 8.09 5.83 2.65
N TYR A 235 7.26 6.85 2.82
CA TYR A 235 7.52 7.91 3.78
C TYR A 235 6.31 8.08 4.70
N ARG A 236 6.55 7.99 6.01
CA ARG A 236 5.49 7.93 7.00
C ARG A 236 5.51 9.08 8.00
N LYS A 237 6.68 9.37 8.59
CA LYS A 237 6.76 10.43 9.59
C LYS A 237 6.50 11.79 8.97
N PHE A 238 7.00 12.03 7.76
CA PHE A 238 6.87 13.28 7.00
C PHE A 238 7.74 14.38 7.59
N GLY A 239 8.29 14.16 8.78
CA GLY A 239 9.20 15.12 9.37
C GLY A 239 10.66 14.71 9.31
N ILE A 240 10.95 13.50 9.79
CA ILE A 240 12.31 13.00 9.79
C ILE A 240 12.69 12.43 8.44
N ASP A 241 11.68 12.20 7.60
CA ASP A 241 11.81 11.64 6.27
C ASP A 241 12.11 12.68 5.19
N TYR A 242 12.05 13.97 5.53
CA TYR A 242 12.42 15.04 4.62
C TYR A 242 13.57 15.89 5.13
N THR A 243 13.79 15.93 6.44
CA THR A 243 14.84 16.76 7.03
C THR A 243 15.12 16.28 8.44
N PHE A 244 16.40 16.07 8.74
CA PHE A 244 16.85 15.67 10.08
C PHE A 244 17.23 16.94 10.83
N SER A 245 16.28 17.50 11.56
CA SER A 245 16.49 18.73 12.30
C SER A 245 15.86 18.62 13.68
N ALA A 246 16.17 19.59 14.53
CA ALA A 246 15.63 19.60 15.88
C ALA A 246 14.11 19.72 15.86
N GLU A 247 13.55 20.42 14.87
CA GLU A 247 12.10 20.57 14.79
C GLU A 247 11.42 19.26 14.41
N THR A 248 12.04 18.47 13.54
CA THR A 248 11.43 17.23 13.08
C THR A 248 11.73 16.05 13.99
N ILE A 249 12.68 16.18 14.91
CA ILE A 249 12.92 15.15 15.91
C ILE A 249 12.10 15.49 17.14
N MET A 250 12.37 16.64 17.74
CA MET A 250 11.68 17.07 18.94
C MET A 250 10.30 17.62 18.62
N ASN A 251 9.35 17.41 19.53
CA ASN A 251 7.98 17.80 19.30
C ASN A 251 7.74 19.24 19.78
N LYS A 252 6.49 19.69 19.65
CA LYS A 252 6.13 21.06 20.03
C LYS A 252 6.35 21.31 21.51
N GLU A 253 5.98 20.34 22.35
CA GLU A 253 6.17 20.49 23.79
C GLU A 253 7.64 20.62 24.15
N ILE A 254 8.50 19.84 23.50
CA ILE A 254 9.89 19.72 23.91
C ILE A 254 10.63 21.02 23.67
N LEU A 255 10.51 21.57 22.45
CA LEU A 255 11.26 22.77 22.07
C LEU A 255 10.75 24.00 22.81
N MET A 256 9.43 24.21 22.81
CA MET A 256 8.80 25.26 23.61
C MET A 256 8.66 24.80 25.06
N HIS A 257 9.76 24.98 25.81
CA HIS A 257 9.79 24.61 27.22
C HIS A 257 10.63 25.63 27.97
N PRO A 258 10.16 26.12 29.13
CA PRO A 258 10.95 27.11 29.88
C PRO A 258 12.33 26.64 30.26
N ARG A 259 12.51 25.34 30.53
CA ARG A 259 13.80 24.81 30.97
C ARG A 259 14.68 24.34 29.83
N LEU A 260 14.26 24.54 28.57
CA LEU A 260 15.03 24.14 27.41
C LEU A 260 15.68 25.38 26.79
N LYS A 261 16.96 25.27 26.46
CA LYS A 261 17.71 26.33 25.81
C LYS A 261 18.17 25.83 24.45
N ARG A 262 17.90 26.60 23.40
CA ARG A 262 18.29 26.25 22.04
C ARG A 262 19.14 27.36 21.45
N ILE A 263 20.30 26.98 20.91
CA ILE A 263 21.21 27.92 20.27
C ILE A 263 21.48 27.38 18.87
N LYS A 264 20.78 27.94 17.88
CA LYS A 264 21.04 27.56 16.49
C LYS A 264 22.43 28.05 16.08
N PHE A 265 23.13 27.22 15.32
CA PHE A 265 24.47 27.53 14.86
C PHE A 265 24.44 27.99 13.42
N ASN A 266 25.52 28.66 13.01
CA ASN A 266 25.66 29.18 11.66
C ASN A 266 26.95 28.66 11.05
N PRO A 267 26.99 28.51 9.72
CA PRO A 267 28.23 28.08 9.07
C PRO A 267 29.35 29.05 9.35
N ILE A 268 30.57 28.50 9.47
CA ILE A 268 31.74 29.33 9.76
C ILE A 268 31.96 30.29 8.61
N ASN A 269 32.14 31.57 8.94
CA ASN A 269 32.31 32.58 7.90
C ASN A 269 33.68 32.44 7.23
N SER A 270 33.84 33.18 6.13
CA SER A 270 35.07 33.04 5.34
C SER A 270 36.29 33.58 6.06
N THR A 271 36.12 34.55 6.97
CA THR A 271 37.26 35.08 7.70
C THR A 271 37.89 34.03 8.60
N LEU A 272 37.06 33.34 9.40
CA LEU A 272 37.58 32.31 10.28
C LEU A 272 38.21 31.16 9.50
N LEU A 273 37.56 30.75 8.40
CA LEU A 273 38.14 29.70 7.57
C LEU A 273 39.48 30.13 6.99
N LYS A 274 39.58 31.36 6.49
CA LYS A 274 40.84 31.80 5.92
C LYS A 274 41.93 31.83 6.96
N LYS A 275 41.64 32.38 8.15
CA LYS A 275 42.62 32.45 9.21
C LYS A 275 43.09 31.05 9.63
N HIS A 276 42.16 30.12 9.79
CA HIS A 276 42.54 28.81 10.29
C HIS A 276 43.26 27.99 9.22
N LEU A 277 42.86 28.13 7.95
CA LEU A 277 43.61 27.47 6.88
C LEU A 277 45.02 28.03 6.77
N LYS A 278 45.18 29.34 6.99
CA LYS A 278 46.52 29.92 7.06
C LYS A 278 47.32 29.32 8.20
N PHE A 279 46.67 29.11 9.36
CA PHE A 279 47.38 28.50 10.48
C PHE A 279 47.83 27.09 10.13
N ILE A 280 46.96 26.29 9.50
CA ILE A 280 47.34 24.95 9.09
C ILE A 280 48.50 25.00 8.10
N CYS A 281 48.49 25.97 7.18
CA CYS A 281 49.58 26.08 6.22
C CYS A 281 50.90 26.47 6.90
N VAL A 282 50.86 27.44 7.82
CA VAL A 282 52.11 27.93 8.48
C VAL A 282 52.60 26.85 9.45
N GLN A 283 51.84 25.77 9.65
CA GLN A 283 52.31 24.66 10.51
C GLN A 283 52.76 23.51 9.60
N ASN A 284 52.62 23.69 8.28
CA ASN A 284 53.03 22.64 7.30
C ASN A 284 53.90 23.31 6.23
N MET A 285 54.68 24.31 6.63
CA MET A 285 55.49 25.07 5.64
C MET A 285 56.51 24.18 4.95
N LYS A 286 57.21 23.31 5.69
CA LYS A 286 58.30 22.50 5.08
C LYS A 286 57.73 21.68 3.91
N MET A 287 56.73 20.83 4.18
CA MET A 287 56.10 20.02 3.11
C MET A 287 55.53 20.96 2.05
N LEU A 288 54.73 21.93 2.49
CA LEU A 288 54.16 22.92 1.53
C LEU A 288 55.33 23.58 0.81
N LYS A 289 56.39 23.98 1.52
CA LYS A 289 57.50 24.54 0.76
C LYS A 289 58.22 23.50 -0.07
N GLU A 290 58.18 22.23 0.37
CA GLU A 290 58.84 21.17 -0.39
C GLU A 290 58.25 20.99 -1.78
N LYS A 291 56.92 21.03 -1.88
CA LYS A 291 56.22 20.87 -3.15
C LYS A 291 55.94 22.20 -3.84
N ASN A 292 56.63 23.27 -3.44
CA ASN A 292 56.54 24.60 -4.05
C ASN A 292 55.11 25.13 -4.17
N LYS A 293 54.18 24.60 -3.36
CA LYS A 293 52.79 25.02 -3.39
C LYS A 293 52.51 26.20 -2.46
N TRP A 294 53.52 26.68 -1.74
CA TRP A 294 53.32 27.81 -0.84
C TRP A 294 53.18 29.14 -1.57
N ASN A 295 53.63 29.22 -2.82
CA ASN A 295 53.39 30.44 -3.58
C ASN A 295 51.97 30.51 -4.13
N LYS A 296 51.15 29.49 -3.92
CA LYS A 296 49.78 29.44 -4.41
C LYS A 296 48.75 29.27 -3.29
N ARG A 297 49.18 29.02 -2.05
CA ARG A 297 48.27 28.60 -1.00
C ARG A 297 47.20 29.64 -0.70
N GLN A 298 47.49 30.92 -0.91
CA GLN A 298 46.53 31.95 -0.52
C GLN A 298 45.28 31.91 -1.39
N GLU A 299 45.46 31.78 -2.71
CA GLU A 299 44.30 31.74 -3.60
C GLU A 299 43.44 30.51 -3.34
N VAL A 300 44.08 29.36 -3.12
CA VAL A 300 43.32 28.14 -2.84
C VAL A 300 42.63 28.24 -1.49
N ILE A 301 43.25 28.90 -0.51
CA ILE A 301 42.62 29.09 0.79
C ILE A 301 41.38 29.97 0.65
N ASP A 302 41.49 31.05 -0.12
CA ASP A 302 40.32 31.90 -0.36
C ASP A 302 39.22 31.13 -1.07
N TYR A 303 39.59 30.34 -2.08
CA TYR A 303 38.59 29.57 -2.81
C TYR A 303 37.88 28.57 -1.90
N ILE A 304 38.64 27.87 -1.05
CA ILE A 304 38.05 26.90 -0.14
C ILE A 304 37.12 27.59 0.85
N ALA A 305 37.57 28.74 1.39
CA ALA A 305 36.74 29.47 2.35
C ALA A 305 35.45 29.94 1.70
N GLN A 306 35.50 30.37 0.44
CA GLN A 306 34.29 30.83 -0.23
C GLN A 306 33.38 29.66 -0.60
N GLU A 307 33.94 28.48 -0.85
CA GLU A 307 33.13 27.37 -1.35
C GLU A 307 32.26 26.76 -0.26
N THR A 308 32.82 26.56 0.94
CA THR A 308 32.12 25.83 1.99
C THR A 308 32.14 26.64 3.28
N GLY A 309 31.21 26.29 4.17
CA GLY A 309 31.20 26.81 5.52
C GLY A 309 31.44 25.70 6.51
N ASP A 310 32.15 24.66 6.08
CA ASP A 310 32.44 23.49 6.88
C ASP A 310 33.93 23.45 7.17
N ILE A 311 34.28 23.49 8.46
CA ILE A 311 35.69 23.54 8.82
C ILE A 311 36.37 22.20 8.55
N ARG A 312 35.72 21.10 8.93
CA ARG A 312 36.31 19.78 8.71
C ARG A 312 36.45 19.48 7.22
N SER A 313 35.42 19.79 6.44
CA SER A 313 35.49 19.55 5.00
C SER A 313 36.52 20.45 4.34
N ALA A 314 36.63 21.69 4.81
CA ALA A 314 37.64 22.61 4.27
C ALA A 314 39.04 22.07 4.54
N ILE A 315 39.28 21.60 5.76
CA ILE A 315 40.60 21.08 6.10
C ILE A 315 40.89 19.79 5.36
N THR A 316 39.88 18.93 5.19
CA THR A 316 40.06 17.71 4.41
C THR A 316 40.41 18.02 2.96
N THR A 317 39.72 18.99 2.36
CA THR A 317 40.03 19.38 0.99
C THR A 317 41.41 19.99 0.89
N LEU A 318 41.80 20.79 1.88
CA LEU A 318 43.15 21.37 1.89
C LEU A 318 44.22 20.28 2.00
N GLN A 319 43.98 19.28 2.85
CA GLN A 319 44.92 18.18 2.98
C GLN A 319 45.01 17.38 1.69
N PHE A 320 43.87 17.14 1.03
CA PHE A 320 43.89 16.43 -0.24
C PHE A 320 44.65 17.21 -1.29
N TRP A 321 44.51 18.53 -1.30
CA TRP A 321 45.22 19.36 -2.26
C TRP A 321 46.72 19.40 -1.96
N ALA A 322 47.09 19.50 -0.68
CA ALA A 322 48.50 19.62 -0.32
C ALA A 322 49.24 18.31 -0.55
N THR A 323 48.68 17.19 -0.08
CA THR A 323 49.34 15.90 -0.24
C THR A 323 49.39 15.44 -1.68
N SER A 324 48.56 15.98 -2.55
CA SER A 324 48.59 15.62 -3.96
C SER A 324 49.80 16.24 -4.64
N SER A 325 50.09 15.76 -5.86
CA SER A 325 51.22 16.26 -6.63
C SER A 325 50.81 16.63 -8.05
N GLY A 326 49.54 16.93 -8.29
CA GLY A 326 49.08 17.24 -9.63
C GLY A 326 48.16 18.43 -9.70
N SER A 327 47.37 18.50 -10.77
CA SER A 327 46.44 19.60 -11.01
C SER A 327 44.99 19.19 -10.72
N LEU A 328 44.79 18.40 -9.68
CA LEU A 328 43.44 17.94 -9.33
C LEU A 328 42.58 19.12 -8.95
N PRO A 329 41.36 19.23 -9.48
CA PRO A 329 40.46 20.30 -9.04
C PRO A 329 40.10 20.18 -7.57
N ILE A 330 39.96 21.32 -6.92
CA ILE A 330 39.61 21.37 -5.50
C ILE A 330 38.10 21.27 -5.38
N SER A 331 37.61 20.15 -4.86
CA SER A 331 36.19 19.86 -4.79
C SER A 331 35.78 19.63 -3.35
N THR A 332 34.73 20.32 -2.92
CA THR A 332 34.22 20.26 -1.56
C THR A 332 32.78 19.78 -1.59
N ARG A 333 32.32 19.25 -0.46
CA ARG A 333 30.94 18.78 -0.37
C ARG A 333 29.96 19.93 -0.62
N GLU A 334 28.87 19.62 -1.30
CA GLU A 334 27.85 20.62 -1.61
C GLU A 334 26.86 20.71 -0.47
N SER A 335 26.62 21.94 -0.01
CA SER A 335 25.70 22.17 1.10
C SER A 335 24.28 22.39 0.57
N THR A 336 23.32 21.86 1.32
CA THR A 336 21.92 21.88 0.89
C THR A 336 21.34 23.29 0.96
N ILE A 337 20.30 23.51 0.18
CA ILE A 337 19.63 24.80 0.09
C ILE A 337 18.36 24.76 0.93
N SER A 338 18.19 25.75 1.80
CA SER A 338 17.06 25.78 2.71
C SER A 338 15.77 26.09 1.96
N TYR A 339 14.67 26.19 2.71
CA TYR A 339 13.37 26.47 2.12
C TYR A 339 13.30 27.92 1.63
N PHE A 340 13.51 28.86 2.55
CA PHE A 340 13.48 30.28 2.18
C PHE A 340 14.61 30.62 1.22
N HIS A 341 15.74 29.92 1.31
CA HIS A 341 16.80 30.11 0.34
C HIS A 341 16.33 29.77 -1.07
N ALA A 342 15.64 28.63 -1.21
CA ALA A 342 15.11 28.25 -2.51
C ALA A 342 14.04 29.23 -2.99
N ILE A 343 13.20 29.71 -2.07
CA ILE A 343 12.17 30.68 -2.44
C ILE A 343 12.82 31.96 -2.96
N GLY A 344 13.83 32.45 -2.26
CA GLY A 344 14.53 33.65 -2.71
C GLY A 344 15.26 33.44 -4.02
N LYS A 345 15.83 32.25 -4.22
CA LYS A 345 16.50 31.97 -5.48
C LYS A 345 15.51 31.94 -6.63
N VAL A 346 14.30 31.44 -6.40
CA VAL A 346 13.28 31.44 -7.45
C VAL A 346 12.79 32.85 -7.72
N ILE A 347 12.57 33.65 -6.66
CA ILE A 347 12.00 34.97 -6.83
C ILE A 347 13.01 35.95 -7.40
N HIS A 348 14.09 36.20 -6.66
CA HIS A 348 15.05 37.25 -6.98
C HIS A 348 16.22 36.76 -7.83
N GLY A 349 16.25 35.49 -8.20
CA GLY A 349 17.37 34.96 -8.93
C GLY A 349 18.52 34.63 -8.01
N SER A 350 19.65 34.28 -8.63
CA SER A 350 20.86 33.94 -7.89
C SER A 350 22.03 34.75 -8.43
N HIS A 351 22.85 35.28 -7.53
CA HIS A 351 24.05 35.97 -7.93
C HIS A 351 25.10 34.97 -8.43
N SER A 352 25.94 35.43 -9.35
CA SER A 352 26.98 34.67 -10.04
C SER A 352 26.40 33.69 -11.05
N THR A 353 25.07 33.56 -11.16
CA THR A 353 24.43 32.69 -12.15
C THR A 353 23.39 33.54 -12.89
N ASN A 354 23.81 34.17 -13.98
CA ASN A 354 22.89 34.92 -14.81
C ASN A 354 22.06 34.04 -15.73
N ASN A 355 22.31 32.74 -15.75
CA ASN A 355 21.51 31.79 -16.51
C ASN A 355 20.41 31.25 -15.60
N ASP A 356 19.16 31.58 -15.92
CA ASP A 356 18.04 31.04 -15.15
C ASP A 356 17.91 29.53 -15.36
N ASN A 357 18.15 29.08 -16.60
CA ASN A 357 18.00 27.66 -16.91
C ASN A 357 18.93 26.81 -16.05
N GLU A 358 20.22 27.16 -16.01
CA GLU A 358 21.18 26.34 -15.28
C GLU A 358 20.93 26.43 -13.78
N MET A 359 20.50 27.61 -13.29
CA MET A 359 20.23 27.73 -11.86
C MET A 359 19.06 26.86 -11.45
N ILE A 360 17.97 26.89 -12.23
CA ILE A 360 16.82 26.06 -11.92
C ILE A 360 17.17 24.58 -12.06
N ASN A 361 17.99 24.24 -13.06
CA ASN A 361 18.40 22.85 -13.24
C ASN A 361 19.17 22.35 -12.02
N ASN A 362 20.17 23.11 -11.57
CA ASN A 362 20.94 22.70 -10.41
C ASN A 362 20.07 22.68 -9.16
N LEU A 363 19.12 23.61 -9.05
CA LEU A 363 18.19 23.61 -7.93
C LEU A 363 17.39 22.32 -7.89
N PHE A 364 16.97 21.83 -9.06
CA PHE A 364 16.18 20.61 -9.10
C PHE A 364 17.03 19.37 -8.84
N GLU A 365 18.23 19.30 -9.43
CA GLU A 365 19.08 18.13 -9.20
C GLU A 365 19.51 18.04 -7.74
N ASN A 366 19.89 19.16 -7.13
CA ASN A 366 20.43 19.12 -5.78
C ASN A 366 19.35 19.09 -4.70
N SER A 367 18.25 19.80 -4.90
CA SER A 367 17.23 19.88 -3.86
C SER A 367 15.86 19.46 -4.37
N ASN A 368 15.80 18.33 -5.07
CA ASN A 368 14.52 17.83 -5.58
C ASN A 368 13.58 17.45 -4.45
N ASN A 369 14.11 17.08 -3.29
CA ASN A 369 13.26 16.76 -2.15
C ASN A 369 12.46 17.97 -1.71
N LEU A 370 13.09 19.14 -1.71
CA LEU A 370 12.40 20.37 -1.29
C LEU A 370 11.51 20.93 -2.39
N LEU A 371 11.96 20.85 -3.65
CA LEU A 371 11.21 21.46 -4.75
C LEU A 371 9.99 20.64 -5.14
N SER A 372 10.02 19.33 -4.94
CA SER A 372 8.90 18.46 -5.33
C SER A 372 7.96 18.31 -4.14
N LYS A 373 7.20 19.37 -3.88
CA LYS A 373 6.25 19.41 -2.78
C LYS A 373 5.17 20.43 -3.11
N GLU A 374 4.02 20.29 -2.46
CA GLU A 374 2.99 21.32 -2.57
C GLU A 374 3.36 22.54 -1.75
N ASP A 375 4.13 22.35 -0.67
CA ASP A 375 4.52 23.46 0.19
C ASP A 375 5.37 24.47 -0.56
N PHE A 376 6.14 24.03 -1.57
CA PHE A 376 6.96 24.98 -2.31
C PHE A 376 6.11 25.87 -3.21
N LYS A 377 5.11 25.30 -3.88
CA LYS A 377 4.19 26.12 -4.67
C LYS A 377 3.40 27.05 -3.77
N LEU A 378 2.99 26.57 -2.59
CA LEU A 378 2.31 27.46 -1.65
C LEU A 378 3.22 28.59 -1.20
N GLY A 379 4.50 28.29 -0.98
CA GLY A 379 5.45 29.34 -0.61
C GLY A 379 5.65 30.36 -1.71
N ILE A 380 5.72 29.90 -2.96
CA ILE A 380 5.84 30.83 -4.08
C ILE A 380 4.61 31.72 -4.16
N LEU A 381 3.42 31.12 -4.01
CA LEU A 381 2.18 31.91 -4.05
C LEU A 381 2.13 32.92 -2.91
N GLU A 382 2.58 32.53 -1.72
CA GLU A 382 2.53 33.41 -0.57
C GLU A 382 3.57 34.51 -0.61
N ASN A 383 4.71 34.26 -1.25
CA ASN A 383 5.84 35.18 -1.18
C ASN A 383 6.17 35.89 -2.49
N TYR A 384 5.42 35.66 -3.57
CA TYR A 384 5.69 36.40 -4.79
C TYR A 384 5.29 37.87 -4.69
N ASN A 385 4.56 38.25 -3.65
CA ASN A 385 4.17 39.65 -3.45
C ASN A 385 5.21 40.45 -2.69
N THR A 386 6.31 39.79 -2.30
CA THR A 386 7.38 40.44 -1.52
C THR A 386 8.42 41.04 -2.45
N PHE A 387 8.17 41.00 -3.76
CA PHE A 387 9.10 41.58 -4.76
C PHE A 387 8.79 43.05 -4.92
N ASN A 388 9.65 43.93 -4.40
CA ASN A 388 9.43 45.39 -4.49
C ASN A 388 8.16 45.74 -3.71
N LYS A 389 7.96 45.11 -2.56
CA LYS A 389 6.80 45.45 -1.69
C LYS A 389 5.52 45.53 -2.52
N GLY A 390 5.21 44.49 -3.32
CA GLY A 390 4.01 44.44 -4.12
C GLY A 390 3.87 45.54 -5.14
N GLU A 391 4.94 46.27 -5.43
CA GLU A 391 4.87 47.41 -6.35
C GLU A 391 5.32 47.01 -7.75
N PHE A 392 4.53 46.11 -8.35
CA PHE A 392 4.75 45.73 -9.74
C PHE A 392 3.40 45.53 -10.41
N SER A 393 3.45 45.32 -11.72
CA SER A 393 2.24 45.27 -12.53
C SER A 393 1.34 44.10 -12.12
N ILE A 394 0.03 44.31 -12.21
CA ILE A 394 -0.92 43.26 -11.92
C ILE A 394 -0.92 42.19 -13.02
N SER A 395 -0.49 42.54 -14.24
CA SER A 395 -0.39 41.54 -15.29
C SER A 395 0.61 40.45 -14.92
N ASP A 396 1.75 40.83 -14.35
CA ASP A 396 2.74 39.85 -13.93
C ASP A 396 2.19 38.95 -12.83
N ALA A 397 1.48 39.54 -11.86
CA ALA A 397 0.90 38.73 -10.80
C ALA A 397 -0.14 37.76 -11.34
N SER A 398 -0.96 38.23 -12.29
CA SER A 398 -1.95 37.34 -12.90
C SER A 398 -1.27 36.20 -13.64
N SER A 399 -0.18 36.50 -14.36
CA SER A 399 0.55 35.44 -15.06
C SER A 399 1.13 34.43 -14.09
N ILE A 400 1.70 34.90 -12.98
CA ILE A 400 2.30 33.99 -12.00
C ILE A 400 1.23 33.06 -11.42
N VAL A 401 0.12 33.64 -10.96
CA VAL A 401 -0.90 32.80 -10.33
C VAL A 401 -1.58 31.90 -11.35
N ASP A 402 -1.71 32.35 -12.60
CA ASP A 402 -2.26 31.50 -13.65
C ASP A 402 -1.36 30.29 -13.87
N CYS A 403 -0.04 30.50 -13.94
CA CYS A 403 0.87 29.39 -14.13
C CYS A 403 0.84 28.44 -12.93
N LEU A 404 0.73 28.98 -11.72
CA LEU A 404 0.64 28.13 -10.54
C LEU A 404 -0.63 27.28 -10.57
N SER A 405 -1.75 27.88 -10.96
CA SER A 405 -3.00 27.13 -11.05
C SER A 405 -2.92 26.05 -12.12
N GLU A 406 -2.28 26.35 -13.26
CA GLU A 406 -2.10 25.32 -14.28
C GLU A 406 -1.22 24.18 -13.78
N CYS A 407 -0.15 24.52 -13.05
CA CYS A 407 0.71 23.49 -12.49
C CYS A 407 -0.04 22.63 -11.48
N ASP A 408 -1.02 23.21 -10.78
CA ASP A 408 -1.80 22.42 -9.84
C ASP A 408 -2.66 21.36 -10.52
N ASN A 409 -2.81 21.41 -11.84
CA ASN A 409 -3.59 20.43 -12.58
C ASN A 409 -2.74 19.36 -13.24
N MET A 410 -1.53 19.12 -12.74
CA MET A 410 -0.65 18.10 -13.28
C MET A 410 -0.29 17.02 -12.28
N ASN A 411 -0.77 17.13 -11.04
CA ASN A 411 -0.64 16.08 -10.02
C ASN A 411 0.79 15.61 -9.86
N GLY A 412 1.63 16.54 -9.42
CA GLY A 412 2.97 16.20 -8.96
C GLY A 412 3.92 15.68 -10.03
N LEU A 413 3.62 15.91 -11.30
CA LEU A 413 4.59 15.58 -12.33
C LEU A 413 5.77 16.53 -12.24
N PRO A 414 6.98 16.06 -12.57
CA PRO A 414 8.14 16.96 -12.56
C PRO A 414 8.00 18.14 -13.50
N GLU A 415 7.33 17.94 -14.64
CA GLU A 415 7.12 19.03 -15.58
C GLU A 415 6.34 20.17 -14.94
N SER A 416 5.39 19.85 -14.05
CA SER A 416 4.62 20.90 -13.39
C SER A 416 5.52 21.82 -12.57
N ASN A 417 6.35 21.24 -11.70
CA ASN A 417 7.24 22.05 -10.87
C ASN A 417 8.23 22.83 -11.72
N GLU A 418 8.82 22.16 -12.73
CA GLU A 418 9.78 22.83 -13.59
C GLU A 418 9.15 24.04 -14.28
N TYR A 419 7.97 23.83 -14.88
CA TYR A 419 7.30 24.92 -15.59
C TYR A 419 6.93 26.05 -14.65
N GLY A 420 6.40 25.72 -13.47
CA GLY A 420 5.99 26.78 -12.55
C GLY A 420 7.16 27.62 -12.08
N LEU A 421 8.25 26.97 -11.68
CA LEU A 421 9.42 27.72 -11.20
C LEU A 421 10.04 28.53 -12.33
N ARG A 422 10.14 27.94 -13.54
CA ARG A 422 10.69 28.66 -14.67
C ARG A 422 9.86 29.89 -15.01
N GLU A 423 8.54 29.75 -15.00
CA GLU A 423 7.68 30.89 -15.33
C GLU A 423 7.78 31.98 -14.28
N VAL A 424 7.80 31.61 -13.00
CA VAL A 424 7.93 32.61 -11.95
C VAL A 424 9.25 33.36 -12.11
N ARG A 425 10.35 32.63 -12.32
CA ARG A 425 11.64 33.27 -12.47
C ARG A 425 11.69 34.17 -13.70
N LYS A 426 11.14 33.73 -14.82
CA LYS A 426 11.14 34.55 -16.02
C LYS A 426 10.31 35.83 -15.82
N THR A 427 9.14 35.70 -15.19
CA THR A 427 8.30 36.85 -14.94
C THR A 427 9.00 37.87 -14.06
N PHE A 428 9.66 37.41 -12.99
CA PHE A 428 10.36 38.35 -12.13
C PHE A 428 11.65 38.86 -12.74
N ARG A 429 12.22 38.16 -13.72
CA ARG A 429 13.42 38.66 -14.39
C ARG A 429 13.07 39.77 -15.38
N ASN A 430 11.96 39.62 -16.11
CA ASN A 430 11.59 40.64 -17.07
C ASN A 430 11.19 41.97 -16.42
N ILE A 431 10.89 41.98 -15.13
CA ILE A 431 10.50 43.20 -14.44
C ILE A 431 11.55 43.67 -13.43
N SER A 432 12.61 42.90 -13.22
CA SER A 432 13.62 43.27 -12.24
C SER A 432 14.55 44.33 -12.83
N LYS A 433 14.77 45.40 -12.06
CA LYS A 433 15.71 46.45 -12.42
C LYS A 433 16.42 46.89 -11.14
N GLN A 434 17.12 48.01 -11.23
CA GLN A 434 17.79 48.54 -10.04
C GLN A 434 16.84 49.45 -9.26
N GLY A 435 17.19 49.66 -8.00
CA GLY A 435 16.36 50.48 -7.13
C GLY A 435 15.20 49.76 -6.51
N HIS A 436 15.24 48.43 -6.44
CA HIS A 436 14.15 47.65 -5.88
C HIS A 436 14.42 47.42 -4.39
N ASN A 437 13.39 47.60 -3.57
CA ASN A 437 13.46 47.35 -2.14
C ASN A 437 12.45 46.26 -1.82
N HIS A 438 12.93 45.01 -1.74
CA HIS A 438 12.05 43.87 -1.55
C HIS A 438 11.66 43.71 -0.08
N GLY A 439 10.64 42.91 0.16
CA GLY A 439 10.16 42.61 1.49
C GLY A 439 10.80 41.38 2.08
N THR A 440 10.13 40.85 3.11
CA THR A 440 10.59 39.66 3.82
C THR A 440 9.61 38.52 3.57
N VAL A 441 10.14 37.36 3.17
CA VAL A 441 9.29 36.23 2.87
C VAL A 441 8.77 35.60 4.16
N TYR A 442 7.68 34.86 4.06
CA TYR A 442 7.07 34.18 5.20
C TYR A 442 6.59 32.80 4.77
N PHE A 443 6.47 31.92 5.75
CA PHE A 443 5.94 30.58 5.49
C PHE A 443 4.43 30.67 5.23
N PRO A 444 3.91 29.85 4.32
CA PRO A 444 2.46 29.89 4.04
C PRO A 444 1.62 29.61 5.27
N ARG A 445 0.46 30.24 5.31
CA ARG A 445 -0.47 30.13 6.43
C ARG A 445 -1.47 28.98 6.27
N GLU A 446 -1.19 28.03 5.38
CA GLU A 446 -2.15 26.98 5.10
C GLU A 446 -2.46 26.14 6.32
N TRP A 447 -1.44 25.84 7.13
CA TRP A 447 -1.65 25.05 8.34
C TRP A 447 -2.61 25.74 9.30
N LYS A 448 -2.56 27.08 9.36
CA LYS A 448 -3.54 27.81 10.17
C LYS A 448 -4.95 27.56 9.67
N VAL A 449 -5.14 27.56 8.35
CA VAL A 449 -6.45 27.33 7.78
C VAL A 449 -6.91 25.90 8.06
N ARG A 450 -5.98 24.94 8.02
CA ARG A 450 -6.34 23.56 8.34
C ARG A 450 -6.77 23.42 9.79
N LYS A 451 -6.07 24.08 10.71
CA LYS A 451 -6.48 24.04 12.11
C LYS A 451 -7.84 24.69 12.31
N LEU A 452 -8.08 25.82 11.63
CA LEU A 452 -9.38 26.47 11.71
C LEU A 452 -10.49 25.57 11.17
N GLN A 453 -10.21 24.87 10.06
CA GLN A 453 -11.19 23.94 9.51
C GLN A 453 -11.44 22.77 10.44
N ASN A 454 -10.41 22.29 11.13
CA ASN A 454 -10.60 21.22 12.10
C ASN A 454 -11.48 21.69 13.27
N SER A 455 -11.24 22.89 13.76
CA SER A 455 -12.09 23.45 14.81
C SER A 455 -13.53 23.60 14.33
N PHE A 456 -13.71 24.04 13.07
CA PHE A 456 -15.04 24.13 12.49
C PHE A 456 -15.68 22.75 12.42
N LYS A 457 -14.93 21.73 12.02
CA LYS A 457 -15.48 20.38 11.94
C LYS A 457 -15.94 19.90 13.31
N VAL A 458 -15.15 20.17 14.35
CA VAL A 458 -15.52 19.78 15.71
C VAL A 458 -16.80 20.49 16.14
N GLN A 459 -16.87 21.81 15.89
CA GLN A 459 -18.05 22.56 16.28
C GLN A 459 -19.30 22.11 15.52
N ALA A 460 -19.14 21.81 14.23
CA ALA A 460 -20.26 21.34 13.43
C ALA A 460 -20.73 19.97 13.89
N GLU A 461 -19.80 19.09 14.26
CA GLU A 461 -20.18 17.79 14.82
C GLU A 461 -20.94 17.97 16.13
N ASP A 462 -20.48 18.89 16.99
CA ASP A 462 -21.18 19.16 18.24
C ASP A 462 -22.59 19.68 17.96
N TRP A 463 -22.73 20.61 17.02
CA TRP A 463 -24.05 21.15 16.70
C TRP A 463 -24.97 20.07 16.15
N LEU A 464 -24.45 19.20 15.28
CA LEU A 464 -25.26 18.12 14.75
C LEU A 464 -25.67 17.14 15.86
N ASN A 465 -24.75 16.85 16.77
CA ASN A 465 -25.06 15.96 17.89
C ASN A 465 -26.15 16.54 18.77
N VAL A 466 -26.10 17.84 19.03
CA VAL A 466 -27.10 18.52 19.84
C VAL A 466 -28.41 18.57 19.06
N SER A 467 -28.31 18.60 17.73
CA SER A 467 -29.46 18.82 16.85
C SER A 467 -30.25 17.56 16.57
N LEU A 468 -29.98 16.45 17.25
CA LEU A 468 -30.76 15.22 17.08
C LEU A 468 -31.49 14.85 18.37
N TYR A 469 -30.78 14.70 19.49
CA TYR A 469 -31.42 14.26 20.71
C TYR A 469 -32.31 15.35 21.30
N LYS A 470 -31.93 16.62 21.14
CA LYS A 470 -32.78 17.71 21.59
C LYS A 470 -34.05 17.78 20.75
N TYR A 471 -33.92 17.66 19.43
CA TYR A 471 -35.06 17.65 18.52
C TYR A 471 -34.67 16.79 17.32
N ASN A 472 -35.53 15.84 16.96
CA ASN A 472 -35.22 14.92 15.87
C ASN A 472 -35.07 15.65 14.55
N ALA A 473 -33.84 15.72 14.04
CA ALA A 473 -33.56 16.42 12.80
C ALA A 473 -32.15 16.08 12.34
N VAL A 474 -32.01 15.70 11.07
CA VAL A 474 -30.72 15.40 10.47
C VAL A 474 -30.45 16.45 9.40
N HIS A 475 -29.34 17.17 9.55
CA HIS A 475 -28.93 18.20 8.62
C HIS A 475 -27.56 17.86 8.06
N SER A 476 -27.39 18.05 6.75
CA SER A 476 -26.13 17.75 6.11
C SER A 476 -25.07 18.78 6.51
N PHE A 477 -23.80 18.37 6.40
CA PHE A 477 -22.70 19.24 6.79
C PHE A 477 -22.59 20.46 5.88
N ARG A 478 -22.92 20.31 4.59
CA ARG A 478 -22.88 21.45 3.69
C ARG A 478 -23.85 22.53 4.12
N ASN A 479 -25.06 22.14 4.53
CA ASN A 479 -26.01 23.10 5.08
C ASN A 479 -25.49 23.74 6.36
N ILE A 480 -24.77 22.97 7.19
CA ILE A 480 -24.18 23.54 8.40
C ILE A 480 -23.19 24.63 8.04
N THR A 481 -22.34 24.39 7.04
CA THR A 481 -21.37 25.40 6.64
C THR A 481 -22.04 26.60 5.97
N LEU A 482 -23.17 26.37 5.29
CA LEU A 482 -23.77 27.45 4.51
C LEU A 482 -24.71 28.32 5.36
N GLU A 483 -25.73 27.72 5.94
CA GLU A 483 -26.81 28.45 6.61
C GLU A 483 -26.87 28.19 8.10
N PHE A 484 -26.81 26.93 8.53
CA PHE A 484 -26.98 26.60 9.94
C PHE A 484 -25.80 27.03 10.79
N GLY A 485 -24.65 27.35 10.20
CA GLY A 485 -23.56 27.91 10.97
C GLY A 485 -23.73 29.36 11.34
N TYR A 486 -24.71 30.04 10.73
CA TYR A 486 -24.99 31.44 11.00
C TYR A 486 -26.39 31.67 11.51
N TYR A 487 -27.41 31.09 10.85
CA TYR A 487 -28.79 31.35 11.23
C TYR A 487 -29.19 30.64 12.51
N ALA A 488 -28.78 29.38 12.68
CA ALA A 488 -29.11 28.66 13.91
C ALA A 488 -28.48 29.30 15.14
N PRO A 489 -27.19 29.68 15.16
CA PRO A 489 -26.69 30.43 16.32
C PRO A 489 -27.40 31.75 16.53
N LEU A 490 -27.82 32.43 15.46
CA LEU A 490 -28.59 33.66 15.62
C LEU A 490 -29.92 33.40 16.33
N ILE A 491 -30.62 32.34 15.91
CA ILE A 491 -31.89 31.99 16.55
C ILE A 491 -31.66 31.63 18.01
N ARG A 492 -30.62 30.85 18.29
CA ARG A 492 -30.36 30.44 19.67
C ARG A 492 -29.98 31.63 20.54
N LYS A 493 -29.31 32.62 19.94
CA LYS A 493 -28.95 33.85 20.70
C LYS A 493 -30.22 34.68 20.96
N CYS A 494 -31.14 34.74 20.00
CA CYS A 494 -32.43 35.44 20.26
C CYS A 494 -33.20 34.66 21.32
N GLN A 495 -33.17 33.34 21.21
CA GLN A 495 -33.81 32.49 22.24
C GLN A 495 -33.07 32.72 23.55
N SER A 496 -31.74 32.82 23.52
CA SER A 496 -30.97 33.10 24.76
C SER A 496 -31.46 34.40 25.41
N TYR A 497 -31.70 35.43 24.60
CA TYR A 497 -32.11 36.75 25.17
C TYR A 497 -33.56 36.69 25.68
N LYS A 498 -34.45 35.89 25.08
CA LYS A 498 -35.85 35.91 25.63
C LYS A 498 -36.13 34.68 26.50
N LYS A 499 -35.08 33.96 26.93
CA LYS A 499 -35.28 32.66 27.57
C LYS A 499 -36.33 32.75 28.68
N ILE A 533 -29.14 27.37 24.00
CA ILE A 533 -29.12 25.91 24.10
C ILE A 533 -27.71 25.40 23.81
N ASP A 534 -26.85 25.44 24.81
CA ASP A 534 -25.50 24.89 24.72
C ASP A 534 -24.69 25.60 23.63
N VAL A 535 -25.10 25.42 22.39
CA VAL A 535 -24.45 26.07 21.25
C VAL A 535 -25.19 27.38 21.00
N VAL A 536 -24.63 28.47 21.52
CA VAL A 536 -25.22 29.80 21.32
C VAL A 536 -24.33 30.70 20.46
N ASP A 537 -23.02 30.48 20.45
CA ASP A 537 -22.12 31.29 19.65
C ASP A 537 -22.03 30.75 18.24
N ARG A 538 -21.62 31.62 17.32
CA ARG A 538 -21.53 31.25 15.91
C ARG A 538 -20.50 30.15 15.70
N ILE A 539 -20.74 29.30 14.71
CA ILE A 539 -19.84 28.19 14.43
C ILE A 539 -18.61 28.70 13.70
N GLY A 540 -17.44 28.38 14.23
CA GLY A 540 -16.20 28.90 13.69
C GLY A 540 -15.84 30.29 14.14
N GLY A 541 -16.63 30.89 15.03
CA GLY A 541 -16.40 32.25 15.45
C GLY A 541 -16.94 33.23 14.44
N PRO A 542 -16.96 34.51 14.80
CA PRO A 542 -17.46 35.53 13.88
C PRO A 542 -16.51 35.73 12.71
N ILE A 543 -17.05 36.28 11.63
CA ILE A 543 -16.28 36.64 10.45
C ILE A 543 -15.96 38.12 10.52
N GLU A 544 -14.84 38.51 9.91
CA GLU A 544 -14.39 39.89 9.94
C GLU A 544 -13.87 40.29 8.56
N ALA A 545 -14.27 41.48 8.12
CA ALA A 545 -13.85 42.02 6.82
C ALA A 545 -14.16 41.06 5.67
N LEU B 5 25.82 -23.18 -21.89
CA LEU B 5 26.07 -24.36 -22.72
C LEU B 5 27.58 -24.54 -22.96
N SER B 6 28.34 -23.49 -22.74
CA SER B 6 29.78 -23.53 -22.91
C SER B 6 30.42 -22.59 -21.90
N LEU B 7 31.70 -22.26 -22.10
CA LEU B 7 32.45 -21.44 -21.17
C LEU B 7 33.21 -20.35 -21.94
N GLN B 8 32.75 -19.12 -21.78
CA GLN B 8 33.45 -17.95 -22.31
C GLN B 8 32.95 -16.70 -21.62
N LEU B 9 33.79 -16.07 -20.82
CA LEU B 9 33.38 -14.89 -20.07
C LEU B 9 33.11 -13.73 -21.02
N PRO B 10 32.06 -12.94 -20.78
CA PRO B 10 31.85 -11.74 -21.59
C PRO B 10 32.99 -10.75 -21.42
N TRP B 11 33.22 -9.96 -22.48
CA TRP B 11 34.38 -9.07 -22.50
C TRP B 11 34.33 -8.03 -21.41
N VAL B 12 33.13 -7.69 -20.91
CA VAL B 12 33.01 -6.68 -19.87
C VAL B 12 33.72 -7.14 -18.60
N GLU B 13 33.51 -8.40 -18.21
CA GLU B 13 34.16 -8.94 -17.02
C GLU B 13 35.45 -9.68 -17.31
N LYS B 14 35.66 -10.13 -18.54
CA LYS B 14 36.93 -10.74 -18.90
C LYS B 14 38.05 -9.71 -19.00
N TYR B 15 37.71 -8.46 -19.32
CA TYR B 15 38.69 -7.41 -19.53
C TYR B 15 38.59 -6.30 -18.48
N ARG B 16 37.93 -6.57 -17.37
CA ARG B 16 37.87 -5.61 -16.28
C ARG B 16 39.29 -5.35 -15.77
N PRO B 17 39.75 -4.10 -15.73
CA PRO B 17 41.14 -3.85 -15.33
C PRO B 17 41.41 -4.32 -13.92
N GLN B 18 42.62 -4.87 -13.72
CA GLN B 18 43.06 -5.34 -12.42
C GLN B 18 44.08 -4.44 -11.78
N VAL B 19 44.67 -3.51 -12.53
CA VAL B 19 45.62 -2.54 -12.00
C VAL B 19 45.19 -1.16 -12.43
N LEU B 20 45.56 -0.15 -11.63
CA LEU B 20 45.14 1.22 -11.90
C LEU B 20 45.73 1.77 -13.18
N SER B 21 46.77 1.13 -13.72
CA SER B 21 47.38 1.61 -14.96
C SER B 21 46.50 1.34 -16.17
N ASP B 22 45.58 0.39 -16.08
CA ASP B 22 44.73 0.00 -17.21
C ASP B 22 43.41 0.77 -17.24
N ILE B 23 43.18 1.70 -16.32
CA ILE B 23 41.94 2.47 -16.27
C ILE B 23 42.14 3.78 -17.01
N VAL B 24 41.26 4.06 -17.96
CA VAL B 24 41.35 5.24 -18.79
C VAL B 24 40.39 6.29 -18.28
N GLY B 25 40.53 7.52 -18.77
CA GLY B 25 39.60 8.57 -18.45
C GLY B 25 40.18 9.70 -17.62
N ASN B 26 39.76 9.80 -16.37
CA ASN B 26 40.18 10.90 -15.49
C ASN B 26 41.61 10.72 -15.04
N LYS B 27 42.55 11.25 -15.83
CA LYS B 27 43.97 10.99 -15.60
C LYS B 27 44.42 11.52 -14.25
N GLU B 28 43.97 12.72 -13.87
CA GLU B 28 44.39 13.30 -12.60
C GLU B 28 43.88 12.47 -11.42
N THR B 29 42.62 12.04 -11.47
CA THR B 29 42.08 11.23 -10.39
C THR B 29 42.79 9.88 -10.27
N ILE B 30 43.05 9.24 -11.40
CA ILE B 30 43.73 7.94 -11.37
C ILE B 30 45.17 8.10 -10.89
N ASP B 31 45.83 9.20 -11.29
CA ASP B 31 47.18 9.46 -10.80
C ASP B 31 47.18 9.68 -9.29
N ARG B 32 46.20 10.43 -8.78
CA ARG B 32 46.08 10.60 -7.34
C ARG B 32 45.84 9.27 -6.65
N LEU B 33 45.02 8.41 -7.25
CA LEU B 33 44.77 7.09 -6.67
C LEU B 33 46.05 6.26 -6.64
N GLN B 34 46.87 6.34 -7.69
CA GLN B 34 48.16 5.65 -7.69
C GLN B 34 49.07 6.19 -6.59
N GLN B 35 49.07 7.50 -6.38
CA GLN B 35 49.83 8.07 -5.27
C GLN B 35 49.35 7.52 -3.94
N ILE B 36 48.03 7.46 -3.74
CA ILE B 36 47.49 6.87 -2.52
C ILE B 36 47.93 5.42 -2.39
N ALA B 37 47.99 4.69 -3.51
CA ALA B 37 48.44 3.31 -3.47
C ALA B 37 49.89 3.21 -3.00
N LYS B 38 50.74 4.13 -3.46
CA LYS B 38 52.16 4.00 -3.12
C LYS B 38 52.45 4.49 -1.70
N ASP B 39 51.97 5.68 -1.33
CA ASP B 39 52.21 6.14 0.05
C ASP B 39 51.41 5.32 1.05
N GLY B 40 50.12 5.12 0.80
CA GLY B 40 49.30 4.24 1.59
C GLY B 40 48.39 4.94 2.58
N ASN B 41 48.49 6.25 2.74
CA ASN B 41 47.63 6.99 3.66
C ASN B 41 46.34 7.36 2.93
N MET B 42 45.46 6.38 2.81
CA MET B 42 44.19 6.57 2.11
C MET B 42 43.21 7.30 3.01
N PRO B 43 42.64 8.42 2.56
CA PRO B 43 41.59 9.07 3.35
C PRO B 43 40.23 8.49 3.02
N HIS B 44 39.25 8.83 3.86
CA HIS B 44 37.87 8.56 3.49
C HIS B 44 37.56 9.29 2.19
N MET B 45 36.98 8.58 1.23
CA MET B 45 36.75 9.16 -0.07
C MET B 45 35.37 8.80 -0.57
N ILE B 46 34.80 9.68 -1.39
CA ILE B 46 33.54 9.45 -2.06
C ILE B 46 33.78 9.53 -3.55
N ILE B 47 33.33 8.50 -4.27
CA ILE B 47 33.48 8.41 -5.72
C ILE B 47 32.10 8.45 -6.36
N SER B 48 31.91 9.42 -7.24
CA SER B 48 30.62 9.70 -7.86
C SER B 48 30.83 10.05 -9.32
N GLY B 49 29.83 9.73 -10.13
CA GLY B 49 29.88 10.00 -11.55
C GLY B 49 28.81 9.21 -12.27
N MET B 50 28.92 9.22 -13.60
CA MET B 50 28.02 8.46 -14.44
C MET B 50 28.29 6.97 -14.31
N PRO B 51 27.31 6.13 -14.64
CA PRO B 51 27.56 4.69 -14.65
C PRO B 51 28.57 4.28 -15.70
N GLY B 52 29.36 3.25 -15.36
CA GLY B 52 30.30 2.65 -16.30
C GLY B 52 31.45 3.52 -16.73
N ILE B 53 32.05 4.27 -15.81
CA ILE B 53 33.22 5.09 -16.11
C ILE B 53 34.41 4.70 -15.23
N GLY B 54 34.36 3.53 -14.61
CA GLY B 54 35.51 3.05 -13.86
C GLY B 54 35.54 3.45 -12.41
N LYS B 55 34.38 3.45 -11.76
CA LYS B 55 34.32 3.78 -10.34
C LYS B 55 34.55 2.56 -9.47
N THR B 56 33.80 1.47 -9.71
CA THR B 56 33.99 0.25 -8.94
C THR B 56 35.38 -0.34 -9.17
N THR B 57 35.83 -0.36 -10.42
CA THR B 57 37.15 -0.91 -10.72
C THR B 57 38.24 -0.08 -10.05
N SER B 58 38.09 1.24 -10.03
CA SER B 58 39.07 2.08 -9.35
C SER B 58 39.15 1.74 -7.87
N VAL B 59 37.99 1.57 -7.22
CA VAL B 59 37.99 1.27 -5.79
C VAL B 59 38.66 -0.07 -5.53
N HIS B 60 38.28 -1.10 -6.30
CA HIS B 60 38.80 -2.43 -6.05
C HIS B 60 40.29 -2.51 -6.38
N CYS B 61 40.72 -1.82 -7.44
CA CYS B 61 42.14 -1.77 -7.75
C CYS B 61 42.92 -1.05 -6.66
N LEU B 62 42.37 0.05 -6.13
CA LEU B 62 43.05 0.72 -5.03
C LEU B 62 43.16 -0.19 -3.83
N ALA B 63 42.08 -0.92 -3.51
CA ALA B 63 42.12 -1.84 -2.38
C ALA B 63 43.18 -2.92 -2.58
N HIS B 64 43.27 -3.49 -3.79
CA HIS B 64 44.25 -4.53 -4.05
C HIS B 64 45.67 -3.99 -3.94
N GLU B 65 45.97 -2.92 -4.67
CA GLU B 65 47.29 -2.28 -4.61
C GLU B 65 47.64 -1.73 -3.23
N LEU B 66 46.66 -1.52 -2.36
CA LEU B 66 46.97 -1.04 -1.02
C LEU B 66 47.12 -2.17 0.00
N LEU B 67 46.46 -3.31 -0.20
CA LEU B 67 46.48 -4.34 0.82
C LEU B 67 47.30 -5.57 0.44
N GLY B 68 47.50 -5.84 -0.84
CA GLY B 68 48.33 -6.97 -1.25
C GLY B 68 47.83 -8.31 -0.77
N ARG B 69 48.69 -9.03 -0.04
CA ARG B 69 48.33 -10.35 0.48
C ARG B 69 47.28 -10.28 1.57
N SER B 70 47.08 -9.10 2.16
CA SER B 70 46.09 -8.92 3.23
C SER B 70 44.72 -8.51 2.71
N TYR B 71 44.51 -8.57 1.39
CA TYR B 71 43.21 -8.19 0.83
C TYR B 71 42.11 -9.15 1.26
N ALA B 72 42.47 -10.41 1.50
CA ALA B 72 41.50 -11.45 1.82
C ALA B 72 40.67 -11.09 3.05
N ASP B 73 41.33 -10.62 4.10
CA ASP B 73 40.66 -10.22 5.33
C ASP B 73 40.88 -8.75 5.65
N GLY B 74 41.19 -7.95 4.63
CA GLY B 74 41.45 -6.54 4.83
C GLY B 74 40.38 -5.62 4.29
N VAL B 75 39.56 -6.12 3.35
CA VAL B 75 38.45 -5.35 2.81
C VAL B 75 37.15 -5.99 3.25
N LEU B 76 36.11 -5.15 3.36
CA LEU B 76 34.75 -5.61 3.65
C LEU B 76 33.86 -4.95 2.60
N GLU B 77 33.74 -5.59 1.45
CA GLU B 77 32.97 -5.05 0.34
C GLU B 77 31.50 -5.35 0.58
N LEU B 78 30.70 -4.30 0.82
CA LEU B 78 29.26 -4.41 0.94
C LEU B 78 28.60 -3.64 -0.19
N ASN B 79 27.55 -4.23 -0.76
CA ASN B 79 26.94 -3.69 -1.96
C ASN B 79 25.42 -3.66 -1.78
N ALA B 80 24.74 -3.13 -2.80
CA ALA B 80 23.29 -3.02 -2.73
C ALA B 80 22.63 -4.39 -2.65
N SER B 81 23.19 -5.39 -3.34
CA SER B 81 22.62 -6.72 -3.33
C SER B 81 22.66 -7.33 -1.94
N ASP B 82 23.59 -6.90 -1.09
CA ASP B 82 23.68 -7.39 0.27
C ASP B 82 22.86 -6.51 1.21
N ASP B 83 22.36 -7.13 2.28
CA ASP B 83 21.61 -6.39 3.27
C ASP B 83 22.53 -5.40 3.97
N ARG B 84 22.07 -4.15 4.08
CA ARG B 84 22.88 -3.08 4.67
C ARG B 84 22.01 -2.20 5.58
N GLY B 85 21.20 -2.85 6.40
CA GLY B 85 20.36 -2.13 7.34
C GLY B 85 21.17 -1.56 8.48
N ILE B 86 20.44 -0.94 9.42
CA ILE B 86 21.11 -0.35 10.58
C ILE B 86 21.79 -1.43 11.41
N ASP B 87 21.09 -2.54 11.65
CA ASP B 87 21.68 -3.62 12.44
C ASP B 87 22.86 -4.24 11.73
N VAL B 88 22.76 -4.44 10.41
CA VAL B 88 23.88 -5.00 9.65
C VAL B 88 25.07 -4.06 9.72
N VAL B 89 24.83 -2.77 9.48
CA VAL B 89 25.89 -1.76 9.59
C VAL B 89 26.56 -1.88 10.95
N ARG B 90 25.79 -1.69 12.02
CA ARG B 90 26.31 -1.74 13.38
C ARG B 90 27.16 -2.99 13.58
N ASN B 91 26.54 -4.17 13.50
CA ASN B 91 27.23 -5.40 13.85
C ASN B 91 28.43 -5.64 12.95
N GLN B 92 28.20 -5.80 11.64
CA GLN B 92 29.28 -6.22 10.75
C GLN B 92 30.39 -5.16 10.67
N ILE B 93 30.03 -3.90 10.44
CA ILE B 93 31.05 -2.86 10.29
C ILE B 93 31.82 -2.67 11.59
N LYS B 94 31.12 -2.66 12.73
CA LYS B 94 31.81 -2.48 14.00
C LYS B 94 32.76 -3.64 14.29
N HIS B 95 32.33 -4.87 14.00
CA HIS B 95 33.20 -6.01 14.24
C HIS B 95 34.38 -6.03 13.29
N PHE B 96 34.19 -5.59 12.05
CA PHE B 96 35.31 -5.51 11.12
C PHE B 96 36.30 -4.43 11.53
N ALA B 97 35.80 -3.27 11.95
CA ALA B 97 36.68 -2.18 12.35
C ALA B 97 37.41 -2.48 13.66
N GLN B 98 36.74 -3.17 14.59
CA GLN B 98 37.37 -3.55 15.84
C GLN B 98 38.36 -4.68 15.68
N LYS B 99 38.31 -5.40 14.56
CA LYS B 99 39.29 -6.45 14.30
C LYS B 99 40.68 -5.84 14.20
N LYS B 100 41.53 -6.11 15.18
CA LYS B 100 42.91 -5.65 15.16
C LYS B 100 43.71 -6.56 14.24
N LEU B 101 44.16 -6.01 13.11
CA LEU B 101 44.91 -6.74 12.11
C LEU B 101 46.20 -5.94 11.90
N HIS B 102 47.35 -6.62 12.01
CA HIS B 102 48.61 -5.94 11.76
C HIS B 102 48.81 -5.79 10.26
N LEU B 103 49.03 -4.56 9.83
CA LEU B 103 49.21 -4.27 8.41
C LEU B 103 50.61 -3.67 8.21
N PRO B 104 51.04 -3.47 6.97
CA PRO B 104 52.27 -2.70 6.72
C PRO B 104 52.22 -1.35 7.41
N PRO B 105 53.37 -0.68 7.58
CA PRO B 105 53.38 0.58 8.35
C PRO B 105 52.35 1.61 7.89
N GLY B 106 52.39 2.02 6.63
CA GLY B 106 51.43 3.00 6.15
C GLY B 106 50.21 2.40 5.47
N LYS B 107 49.48 1.55 6.17
CA LYS B 107 48.34 0.87 5.58
C LYS B 107 47.16 0.87 6.55
N HIS B 108 45.96 0.79 6.00
CA HIS B 108 44.74 0.71 6.78
C HIS B 108 43.79 -0.30 6.13
N LYS B 109 42.84 -0.77 6.91
CA LYS B 109 41.74 -1.55 6.34
C LYS B 109 40.85 -0.64 5.50
N ILE B 110 40.17 -1.23 4.53
CA ILE B 110 39.32 -0.50 3.59
C ILE B 110 37.93 -1.12 3.64
N VAL B 111 36.91 -0.27 3.74
CA VAL B 111 35.52 -0.69 3.77
C VAL B 111 34.86 -0.14 2.52
N ILE B 112 34.79 -0.95 1.47
CA ILE B 112 34.18 -0.52 0.22
C ILE B 112 32.67 -0.57 0.37
N LEU B 113 32.01 0.57 0.17
CA LEU B 113 30.56 0.67 0.24
C LEU B 113 30.07 1.06 -1.16
N ASP B 114 29.90 0.07 -2.02
CA ASP B 114 29.39 0.31 -3.35
C ASP B 114 27.89 0.55 -3.29
N GLU B 115 27.41 1.42 -4.18
CA GLU B 115 26.00 1.83 -4.20
C GLU B 115 25.59 2.41 -2.85
N ALA B 116 26.43 3.27 -2.29
CA ALA B 116 26.09 3.96 -1.05
C ALA B 116 24.95 4.94 -1.23
N ASP B 117 24.59 5.28 -2.47
CA ASP B 117 23.46 6.14 -2.73
C ASP B 117 22.11 5.47 -2.47
N SER B 118 22.10 4.16 -2.24
CA SER B 118 20.88 3.41 -1.97
C SER B 118 20.88 2.85 -0.55
N MET B 119 21.31 3.64 0.42
CA MET B 119 21.44 3.22 1.80
C MET B 119 20.52 4.06 2.68
N THR B 120 19.89 3.41 3.65
CA THR B 120 18.95 4.10 4.53
C THR B 120 19.67 5.11 5.41
N ALA B 121 18.95 6.18 5.77
CA ALA B 121 19.57 7.32 6.45
C ALA B 121 20.10 6.93 7.83
N GLY B 122 19.34 6.14 8.58
CA GLY B 122 19.81 5.71 9.90
C GLY B 122 21.08 4.89 9.80
N ALA B 123 21.18 4.07 8.76
CA ALA B 123 22.43 3.35 8.51
C ALA B 123 23.57 4.33 8.23
N GLN B 124 23.26 5.44 7.56
CA GLN B 124 24.27 6.47 7.36
C GLN B 124 24.70 7.12 8.67
N GLN B 125 23.77 7.31 9.61
CA GLN B 125 24.14 7.86 10.91
C GLN B 125 25.03 6.88 11.69
N ALA B 126 24.69 5.60 11.65
CA ALA B 126 25.56 4.60 12.27
C ALA B 126 26.93 4.58 11.60
N LEU B 127 26.96 4.75 10.28
CA LEU B 127 28.22 4.88 9.58
C LEU B 127 28.99 6.11 10.04
N ARG B 128 28.29 7.19 10.35
CA ARG B 128 28.93 8.38 10.91
C ARG B 128 29.65 8.04 12.21
N ARG B 129 28.96 7.35 13.11
CA ARG B 129 29.58 6.98 14.38
C ARG B 129 30.80 6.08 14.16
N THR B 130 30.66 5.06 13.31
CA THR B 130 31.77 4.15 13.04
C THR B 130 32.94 4.87 12.36
N MET B 131 32.63 5.77 11.44
CA MET B 131 33.66 6.53 10.73
C MET B 131 34.45 7.42 11.67
N GLU B 132 33.76 8.09 12.59
CA GLU B 132 34.44 8.98 13.51
C GLU B 132 35.01 8.27 14.74
N LEU B 133 34.77 6.96 14.91
CA LEU B 133 35.33 6.30 16.07
C LEU B 133 36.51 5.38 15.72
N TYR B 134 36.44 4.66 14.59
CA TYR B 134 37.50 3.74 14.18
C TYR B 134 38.31 4.25 12.99
N SER B 135 38.46 5.57 12.84
CA SER B 135 39.11 6.10 11.65
C SER B 135 40.60 5.81 11.63
N ASN B 136 41.21 5.56 12.78
CA ASN B 136 42.65 5.34 12.83
C ASN B 136 43.08 3.96 12.32
N SER B 137 42.15 3.02 12.21
CA SER B 137 42.48 1.66 11.78
C SER B 137 41.90 1.30 10.43
N THR B 138 40.75 1.86 10.05
CA THR B 138 40.10 1.52 8.79
C THR B 138 39.64 2.80 8.10
N ARG B 139 39.51 2.70 6.78
CA ARG B 139 39.07 3.82 5.95
C ARG B 139 37.91 3.38 5.08
N PHE B 140 37.08 4.34 4.68
CA PHE B 140 35.86 4.07 3.95
C PHE B 140 35.96 4.62 2.54
N ALA B 141 35.51 3.84 1.56
CA ALA B 141 35.46 4.27 0.17
C ALA B 141 34.04 4.10 -0.34
N PHE B 142 33.37 5.22 -0.59
CA PHE B 142 32.00 5.22 -1.07
C PHE B 142 32.00 5.28 -2.59
N ALA B 143 31.27 4.37 -3.22
CA ALA B 143 31.04 4.39 -4.66
C ALA B 143 29.57 4.68 -4.88
N CYS B 144 29.28 5.72 -5.65
CA CYS B 144 27.91 6.17 -5.84
C CYS B 144 27.79 6.83 -7.21
N ASN B 145 26.54 7.03 -7.64
CA ASN B 145 26.28 7.74 -8.88
C ASN B 145 26.10 9.25 -8.66
N GLN B 146 25.51 9.63 -7.53
CA GLN B 146 25.37 11.05 -7.18
C GLN B 146 25.64 11.21 -5.69
N SER B 147 26.47 12.20 -5.36
CA SER B 147 26.87 12.43 -3.97
C SER B 147 25.76 13.05 -3.13
N ASN B 148 24.66 13.47 -3.75
CA ASN B 148 23.56 14.04 -2.97
C ASN B 148 22.96 13.02 -2.03
N LYS B 149 22.91 11.75 -2.44
CA LYS B 149 22.27 10.71 -1.65
C LYS B 149 23.05 10.33 -0.40
N ILE B 150 24.31 10.77 -0.29
CA ILE B 150 25.07 10.59 0.94
C ILE B 150 24.84 11.82 1.82
N ILE B 151 24.46 11.59 3.07
CA ILE B 151 24.12 12.70 3.95
C ILE B 151 25.34 13.61 4.16
N GLU B 152 25.07 14.88 4.41
CA GLU B 152 26.13 15.85 4.66
C GLU B 152 27.07 15.46 5.79
N PRO B 153 26.62 14.91 6.92
CA PRO B 153 27.58 14.50 7.95
C PRO B 153 28.60 13.48 7.48
N LEU B 154 28.26 12.66 6.49
CA LEU B 154 29.23 11.72 5.93
C LEU B 154 30.12 12.35 4.88
N GLN B 155 29.57 13.25 4.07
CA GLN B 155 30.40 13.98 3.12
C GLN B 155 31.38 14.92 3.79
N SER B 156 31.11 15.29 5.05
CA SER B 156 32.03 16.16 5.78
C SER B 156 33.36 15.47 6.04
N ARG B 157 33.35 14.14 6.20
CA ARG B 157 34.55 13.40 6.53
C ARG B 157 35.31 12.87 5.33
N CYS B 158 34.77 13.00 4.13
CA CYS B 158 35.31 12.35 2.95
C CYS B 158 35.97 13.36 2.02
N ALA B 159 36.96 12.88 1.27
CA ALA B 159 37.58 13.66 0.21
C ALA B 159 36.85 13.33 -1.09
N ILE B 160 36.08 14.28 -1.60
CA ILE B 160 35.18 14.02 -2.72
C ILE B 160 36.00 13.96 -4.01
N LEU B 161 35.89 12.85 -4.72
CA LEU B 161 36.47 12.68 -6.05
C LEU B 161 35.33 12.49 -7.04
N ARG B 162 35.29 13.34 -8.06
CA ARG B 162 34.22 13.31 -9.06
C ARG B 162 34.79 12.78 -10.37
N TYR B 163 34.21 11.68 -10.84
CA TYR B 163 34.61 11.05 -12.10
C TYR B 163 33.80 11.66 -13.24
N SER B 164 34.50 12.29 -14.17
CA SER B 164 33.85 12.90 -15.32
C SER B 164 33.57 11.85 -16.38
N LYS B 165 32.69 12.20 -17.31
CA LYS B 165 32.37 11.29 -18.41
C LYS B 165 33.60 11.00 -19.24
N LEU B 166 33.73 9.76 -19.67
CA LEU B 166 34.89 9.35 -20.44
C LEU B 166 34.89 10.02 -21.81
N SER B 167 36.03 10.61 -22.18
CA SER B 167 36.18 11.25 -23.47
C SER B 167 36.31 10.18 -24.56
N ASP B 168 35.99 10.58 -25.79
CA ASP B 168 36.03 9.64 -26.90
C ASP B 168 37.43 9.07 -27.12
N GLU B 169 38.47 9.83 -26.79
CA GLU B 169 39.83 9.36 -27.01
C GLU B 169 40.18 8.23 -26.05
N ASP B 170 39.82 8.36 -24.78
CA ASP B 170 40.11 7.30 -23.80
C ASP B 170 39.35 6.02 -24.13
N VAL B 171 38.07 6.14 -24.49
CA VAL B 171 37.29 4.96 -24.83
C VAL B 171 37.83 4.33 -26.11
N LEU B 172 38.26 5.15 -27.06
CA LEU B 172 38.87 4.63 -28.28
C LEU B 172 40.16 3.86 -27.96
N LYS B 173 40.97 4.40 -27.06
CA LYS B 173 42.21 3.73 -26.68
C LYS B 173 41.94 2.38 -26.01
N ARG B 174 40.95 2.34 -25.10
CA ARG B 174 40.62 1.08 -24.45
C ARG B 174 40.04 0.08 -25.45
N LEU B 175 39.21 0.56 -26.37
CA LEU B 175 38.68 -0.29 -27.42
C LEU B 175 39.79 -0.88 -28.27
N LEU B 176 40.79 -0.05 -28.63
CA LEU B 176 41.90 -0.53 -29.42
C LEU B 176 42.73 -1.56 -28.66
N GLN B 177 42.92 -1.35 -27.37
CA GLN B 177 43.61 -2.36 -26.55
C GLN B 177 42.87 -3.69 -26.60
N ILE B 178 41.55 -3.65 -26.37
CA ILE B 178 40.77 -4.88 -26.35
C ILE B 178 40.77 -5.54 -27.72
N ILE B 179 40.75 -4.74 -28.80
CA ILE B 179 40.73 -5.27 -30.15
C ILE B 179 42.05 -5.98 -30.46
N LYS B 180 43.17 -5.32 -30.17
CA LYS B 180 44.47 -5.90 -30.49
C LYS B 180 44.81 -7.03 -29.54
N LEU B 181 43.94 -7.30 -28.56
CA LEU B 181 44.16 -8.44 -27.62
C LEU B 181 43.16 -9.57 -27.90
N GLU B 182 42.12 -9.30 -28.68
CA GLU B 182 41.08 -10.32 -28.99
C GLU B 182 41.13 -10.65 -30.49
N ASP B 183 41.85 -9.85 -31.27
CA ASP B 183 42.03 -10.10 -32.72
C ASP B 183 40.69 -10.01 -33.45
N VAL B 184 40.09 -8.82 -33.46
CA VAL B 184 38.85 -8.60 -34.21
C VAL B 184 39.19 -7.71 -35.40
N LYS B 185 38.54 -7.95 -36.53
CA LYS B 185 38.70 -7.07 -37.69
C LYS B 185 37.76 -5.89 -37.56
N TYR B 186 38.22 -4.71 -37.97
CA TYR B 186 37.47 -3.50 -37.70
C TYR B 186 37.70 -2.51 -38.84
N THR B 187 36.94 -1.41 -38.81
CA THR B 187 37.16 -0.25 -39.65
C THR B 187 37.14 0.98 -38.76
N ASN B 188 37.82 2.04 -39.20
CA ASN B 188 37.87 3.26 -38.40
C ASN B 188 36.47 3.83 -38.17
N ASP B 189 35.64 3.84 -39.20
CA ASP B 189 34.26 4.31 -39.04
C ASP B 189 33.47 3.39 -38.12
N GLY B 190 33.80 2.10 -38.09
CA GLY B 190 33.12 1.20 -37.17
C GLY B 190 33.41 1.53 -35.72
N LEU B 191 34.68 1.76 -35.40
CA LEU B 191 35.02 2.16 -34.04
C LEU B 191 34.45 3.54 -33.72
N GLU B 192 34.39 4.43 -34.71
CA GLU B 192 33.75 5.73 -34.50
C GLU B 192 32.27 5.56 -34.17
N ALA B 193 31.58 4.65 -34.86
CA ALA B 193 30.18 4.39 -34.58
C ALA B 193 30.00 3.79 -33.19
N ILE B 194 30.89 2.88 -32.80
CA ILE B 194 30.81 2.30 -31.45
C ILE B 194 31.00 3.39 -30.41
N ILE B 195 31.96 4.29 -30.63
CA ILE B 195 32.19 5.41 -29.72
C ILE B 195 30.94 6.29 -29.65
N PHE B 196 30.34 6.58 -30.80
CA PHE B 196 29.19 7.48 -30.86
C PHE B 196 27.98 6.89 -30.16
N THR B 197 27.74 5.59 -30.32
CA THR B 197 26.59 4.97 -29.67
C THR B 197 26.85 4.65 -28.21
N ALA B 198 28.12 4.55 -27.80
CA ALA B 198 28.41 4.32 -26.39
C ALA B 198 28.03 5.52 -25.54
N GLU B 199 28.31 6.73 -26.02
CA GLU B 199 27.98 7.98 -25.34
C GLU B 199 28.65 8.05 -23.96
N GLY B 200 29.97 7.99 -23.98
CA GLY B 200 30.75 8.16 -22.76
C GLY B 200 30.71 7.01 -21.79
N ASP B 201 30.19 5.86 -22.20
CA ASP B 201 30.10 4.68 -21.35
C ASP B 201 31.05 3.63 -21.88
N MET B 202 31.99 3.20 -21.03
CA MET B 202 32.93 2.16 -21.44
C MET B 202 32.27 0.80 -21.48
N ARG B 203 31.43 0.49 -20.48
CA ARG B 203 30.75 -0.80 -20.46
C ARG B 203 29.85 -0.98 -21.67
N GLN B 204 29.12 0.08 -22.04
CA GLN B 204 28.26 0.00 -23.22
C GLN B 204 29.08 -0.17 -24.48
N ALA B 205 30.22 0.52 -24.58
CA ALA B 205 31.08 0.36 -25.75
C ALA B 205 31.59 -1.06 -25.88
N ILE B 206 32.04 -1.65 -24.76
CA ILE B 206 32.52 -3.03 -24.80
C ILE B 206 31.40 -3.98 -25.18
N ASN B 207 30.20 -3.78 -24.61
CA ASN B 207 29.08 -4.65 -24.93
C ASN B 207 28.70 -4.55 -26.39
N ASN B 208 28.65 -3.33 -26.94
CA ASN B 208 28.31 -3.16 -28.35
C ASN B 208 29.36 -3.76 -29.27
N LEU B 209 30.64 -3.58 -28.92
CA LEU B 209 31.70 -4.18 -29.74
C LEU B 209 31.60 -5.70 -29.73
N GLN B 210 31.39 -6.30 -28.55
CA GLN B 210 31.26 -7.75 -28.47
C GLN B 210 30.05 -8.24 -29.24
N SER B 211 28.93 -7.52 -29.13
CA SER B 211 27.72 -7.90 -29.86
C SER B 211 27.96 -7.84 -31.37
N THR B 212 28.62 -6.79 -31.85
CA THR B 212 28.91 -6.68 -33.28
C THR B 212 29.84 -7.79 -33.74
N VAL B 213 30.87 -8.09 -32.96
CA VAL B 213 31.81 -9.15 -33.33
C VAL B 213 31.10 -10.49 -33.39
N ALA B 214 30.28 -10.79 -32.38
CA ALA B 214 29.56 -12.05 -32.36
C ALA B 214 28.56 -12.16 -33.50
N GLY B 215 27.82 -11.08 -33.79
CA GLY B 215 26.77 -11.14 -34.78
C GLY B 215 27.24 -11.10 -36.23
N HIS B 216 28.30 -10.35 -36.52
CA HIS B 216 28.71 -10.15 -37.91
C HIS B 216 30.20 -10.29 -38.15
N GLY B 217 31.05 -10.28 -37.13
CA GLY B 217 32.48 -10.38 -37.36
C GLY B 217 33.15 -9.03 -37.50
N LEU B 218 33.36 -8.59 -38.74
CA LEU B 218 34.03 -7.32 -38.98
C LEU B 218 33.22 -6.17 -38.40
N VAL B 219 33.91 -5.26 -37.73
CA VAL B 219 33.27 -4.14 -37.02
C VAL B 219 33.41 -2.91 -37.90
N ASN B 220 32.42 -2.68 -38.75
CA ASN B 220 32.33 -1.46 -39.53
C ASN B 220 31.06 -0.70 -39.14
N ALA B 221 30.83 0.42 -39.81
CA ALA B 221 29.66 1.24 -39.49
C ALA B 221 28.37 0.51 -39.78
N ASP B 222 28.31 -0.21 -40.91
CA ASP B 222 27.07 -0.86 -41.32
C ASP B 222 26.65 -1.93 -40.31
N ASN B 223 27.56 -2.81 -39.91
CA ASN B 223 27.23 -3.87 -38.96
C ASN B 223 26.82 -3.28 -37.62
N VAL B 224 27.59 -2.31 -37.12
CA VAL B 224 27.32 -1.72 -35.82
C VAL B 224 25.93 -1.08 -35.81
N PHE B 225 25.63 -0.30 -36.84
CA PHE B 225 24.35 0.39 -36.88
C PHE B 225 23.19 -0.52 -37.25
N LYS B 226 23.47 -1.69 -37.82
CA LYS B 226 22.42 -2.67 -38.04
C LYS B 226 22.17 -3.54 -36.82
N ILE B 227 23.10 -3.58 -35.86
CA ILE B 227 22.88 -4.31 -34.63
C ILE B 227 22.58 -3.37 -33.46
N VAL B 228 23.18 -2.18 -33.42
CA VAL B 228 22.96 -1.23 -32.34
C VAL B 228 22.18 -0.04 -32.88
N ASP B 229 21.50 0.65 -31.98
CA ASP B 229 20.62 1.76 -32.33
C ASP B 229 21.21 3.08 -31.83
N SER B 230 21.13 4.09 -32.67
CA SER B 230 21.62 5.41 -32.30
C SER B 230 20.86 5.91 -31.07
N PRO B 231 21.51 6.62 -30.15
CA PRO B 231 20.85 7.06 -28.93
C PRO B 231 19.61 7.90 -29.24
N HIS B 232 18.47 7.43 -28.75
CA HIS B 232 17.20 8.10 -29.03
C HIS B 232 17.08 9.49 -28.40
N PRO B 233 17.82 9.83 -27.33
CA PRO B 233 17.83 11.26 -26.93
C PRO B 233 18.30 12.19 -28.04
N LEU B 234 19.27 11.76 -28.85
CA LEU B 234 19.72 12.57 -29.96
C LEU B 234 18.63 12.72 -31.02
N ILE B 235 17.89 11.65 -31.29
CA ILE B 235 16.78 11.73 -32.24
C ILE B 235 15.69 12.65 -31.71
N VAL B 236 15.40 12.57 -30.40
CA VAL B 236 14.41 13.44 -29.79
C VAL B 236 14.83 14.89 -29.90
N LYS B 237 16.11 15.18 -29.63
CA LYS B 237 16.61 16.54 -29.78
C LYS B 237 16.51 17.01 -31.22
N LYS B 238 16.81 16.12 -32.18
CA LYS B 238 16.70 16.48 -33.58
C LYS B 238 15.27 16.81 -33.96
N MET B 239 14.30 16.06 -33.43
CA MET B 239 12.90 16.30 -33.76
C MET B 239 12.34 17.53 -33.04
N LEU B 240 12.85 17.86 -31.85
CA LEU B 240 12.36 19.04 -31.15
C LEU B 240 12.89 20.32 -31.76
N LEU B 241 14.09 20.28 -32.34
CA LEU B 241 14.73 21.45 -32.91
C LEU B 241 14.45 21.61 -34.40
N ALA B 242 13.58 20.78 -34.97
CA ALA B 242 13.29 20.85 -36.39
C ALA B 242 12.63 22.19 -36.73
N SER B 243 12.94 22.69 -37.93
CA SER B 243 12.46 24.01 -38.33
C SER B 243 10.95 24.01 -38.53
N ASN B 244 10.46 23.22 -39.47
CA ASN B 244 9.05 23.15 -39.77
C ASN B 244 8.40 21.96 -39.08
N LEU B 245 7.08 21.95 -39.07
CA LEU B 245 6.33 20.90 -38.39
C LEU B 245 6.36 19.59 -39.17
N GLU B 246 6.37 19.66 -40.50
CA GLU B 246 6.37 18.44 -41.30
C GLU B 246 7.63 17.61 -41.06
N ASP B 247 8.79 18.27 -41.00
CA ASP B 247 10.03 17.54 -40.76
C ASP B 247 10.07 16.94 -39.36
N SER B 248 9.60 17.67 -38.36
CA SER B 248 9.54 17.12 -37.00
C SER B 248 8.60 15.93 -36.92
N ILE B 249 7.45 16.02 -37.59
CA ILE B 249 6.49 14.91 -37.61
C ILE B 249 7.11 13.69 -38.29
N GLN B 250 7.78 13.92 -39.42
CA GLN B 250 8.39 12.81 -40.15
C GLN B 250 9.48 12.15 -39.31
N ILE B 251 10.31 12.95 -38.63
CA ILE B 251 11.34 12.39 -37.77
C ILE B 251 10.70 11.55 -36.67
N LEU B 252 9.68 12.11 -36.00
CA LEU B 252 9.01 11.37 -34.93
C LEU B 252 8.50 10.03 -35.45
N ARG B 253 7.74 10.05 -36.53
CA ARG B 253 7.18 8.84 -37.10
C ARG B 253 8.27 7.83 -37.43
N THR B 254 9.11 8.17 -38.42
CA THR B 254 10.02 7.18 -38.99
C THR B 254 11.17 6.81 -38.09
N ASP B 255 11.45 7.58 -37.03
CA ASP B 255 12.60 7.29 -36.18
C ASP B 255 12.23 6.88 -34.76
N LEU B 256 10.99 7.06 -34.33
CA LEU B 256 10.64 6.66 -32.97
C LEU B 256 9.37 5.82 -32.97
N TRP B 257 8.45 6.08 -33.90
CA TRP B 257 7.21 5.33 -33.88
C TRP B 257 7.34 4.02 -34.65
N LYS B 258 7.93 4.06 -35.84
CA LYS B 258 8.14 2.84 -36.59
C LYS B 258 9.25 1.97 -35.99
N LYS B 259 10.19 2.59 -35.28
CA LYS B 259 11.26 1.83 -34.63
C LYS B 259 10.79 1.09 -33.40
N GLY B 260 9.59 1.36 -32.91
CA GLY B 260 9.05 0.63 -31.78
C GLY B 260 9.40 1.23 -30.43
N TYR B 261 9.35 2.55 -30.33
CA TYR B 261 9.59 3.23 -29.06
C TYR B 261 8.26 3.60 -28.41
N SER B 262 8.18 3.40 -27.11
CA SER B 262 6.97 3.72 -26.38
C SER B 262 6.74 5.23 -26.37
N SER B 263 5.45 5.62 -26.42
CA SER B 263 5.12 7.03 -26.41
C SER B 263 5.52 7.68 -25.09
N ILE B 264 5.39 6.95 -23.99
CA ILE B 264 5.81 7.49 -22.70
C ILE B 264 7.32 7.70 -22.68
N ASP B 265 8.07 6.79 -23.31
CA ASP B 265 9.52 6.97 -23.42
C ASP B 265 9.87 8.20 -24.25
N ILE B 266 9.16 8.41 -25.35
CA ILE B 266 9.40 9.58 -26.18
C ILE B 266 9.13 10.86 -25.39
N VAL B 267 8.02 10.88 -24.65
CA VAL B 267 7.66 12.09 -23.89
C VAL B 267 8.69 12.36 -22.80
N THR B 268 9.08 11.32 -22.06
CA THR B 268 10.04 11.51 -20.97
C THR B 268 11.40 11.97 -21.52
N THR B 269 11.83 11.38 -22.63
CA THR B 269 13.08 11.81 -23.25
C THR B 269 12.98 13.24 -23.76
N SER B 270 11.81 13.63 -24.26
CA SER B 270 11.61 15.01 -24.70
C SER B 270 11.75 15.97 -23.53
N PHE B 271 11.17 15.62 -22.37
CA PHE B 271 11.32 16.48 -21.19
C PHE B 271 12.79 16.59 -20.77
N ARG B 272 13.49 15.46 -20.71
CA ARG B 272 14.88 15.47 -20.30
C ARG B 272 15.74 16.28 -21.27
N VAL B 273 15.46 16.16 -22.58
CA VAL B 273 16.19 16.93 -23.58
C VAL B 273 15.91 18.42 -23.42
N THR B 274 14.64 18.77 -23.20
CA THR B 274 14.28 20.18 -23.06
C THR B 274 14.91 20.81 -21.83
N LYS B 275 15.10 20.04 -20.77
CA LYS B 275 15.77 20.59 -19.59
C LYS B 275 17.18 21.07 -19.92
N ASN B 276 17.95 20.27 -20.65
CA ASN B 276 19.30 20.61 -21.07
C ASN B 276 19.27 20.87 -22.57
N LEU B 277 18.95 22.11 -22.95
CA LEU B 277 18.79 22.48 -24.36
C LEU B 277 19.10 23.97 -24.48
N ALA B 278 20.25 24.27 -25.07
CA ALA B 278 20.66 25.66 -25.25
C ALA B 278 19.92 26.29 -26.42
N GLN B 279 20.41 27.46 -26.84
CA GLN B 279 19.96 28.18 -28.03
C GLN B 279 18.45 28.41 -28.09
N VAL B 280 17.76 28.29 -26.96
CA VAL B 280 16.33 28.57 -26.87
C VAL B 280 16.10 29.55 -25.73
N LYS B 281 15.14 30.46 -25.92
CA LYS B 281 14.83 31.43 -24.89
C LYS B 281 14.17 30.76 -23.70
N GLU B 282 14.23 31.44 -22.55
CA GLU B 282 13.64 30.89 -21.33
C GLU B 282 12.13 30.73 -21.46
N SER B 283 11.45 31.74 -22.03
CA SER B 283 10.00 31.64 -22.20
C SER B 283 9.64 30.49 -23.13
N VAL B 284 10.35 30.36 -24.25
CA VAL B 284 10.09 29.26 -25.18
C VAL B 284 10.35 27.92 -24.52
N ARG B 285 11.44 27.81 -23.76
CA ARG B 285 11.76 26.55 -23.11
C ARG B 285 10.68 26.16 -22.10
N LEU B 286 10.22 27.12 -21.29
CA LEU B 286 9.21 26.77 -20.30
C LEU B 286 7.86 26.47 -20.95
N GLU B 287 7.55 27.13 -22.07
CA GLU B 287 6.34 26.77 -22.80
C GLU B 287 6.42 25.36 -23.34
N MET B 288 7.59 24.98 -23.90
CA MET B 288 7.76 23.61 -24.36
C MET B 288 7.64 22.62 -23.22
N ILE B 289 8.18 22.96 -22.06
CA ILE B 289 8.08 22.10 -20.89
C ILE B 289 6.62 21.92 -20.49
N LYS B 290 5.83 23.00 -20.54
CA LYS B 290 4.42 22.92 -20.19
C LYS B 290 3.66 22.01 -21.17
N GLU B 291 3.90 22.17 -22.47
CA GLU B 291 3.21 21.34 -23.44
C GLU B 291 3.61 19.88 -23.30
N ILE B 292 4.89 19.61 -23.06
CA ILE B 292 5.34 18.24 -22.83
C ILE B 292 4.68 17.66 -21.59
N GLY B 293 4.51 18.47 -20.55
CA GLY B 293 3.84 17.98 -19.35
C GLY B 293 2.37 17.64 -19.59
N LEU B 294 1.68 18.48 -20.36
CA LEU B 294 0.28 18.18 -20.69
C LEU B 294 0.18 16.89 -21.50
N THR B 295 1.06 16.71 -22.49
CA THR B 295 1.04 15.49 -23.28
C THR B 295 1.40 14.28 -22.41
N HIS B 296 2.32 14.46 -21.46
CA HIS B 296 2.66 13.38 -20.55
C HIS B 296 1.46 12.97 -19.71
N MET B 297 0.68 13.95 -19.26
CA MET B 297 -0.56 13.63 -18.54
C MET B 297 -1.52 12.83 -19.42
N ARG B 298 -1.69 13.26 -20.67
CA ARG B 298 -2.59 12.53 -21.55
C ARG B 298 -2.10 11.10 -21.79
N ILE B 299 -0.78 10.91 -21.90
CA ILE B 299 -0.22 9.57 -22.05
C ILE B 299 -0.47 8.74 -20.79
N LEU B 300 -0.29 9.35 -19.61
CA LEU B 300 -0.47 8.63 -18.36
C LEU B 300 -1.91 8.21 -18.14
N GLU B 301 -2.87 9.01 -18.62
CA GLU B 301 -4.27 8.65 -18.45
C GLU B 301 -4.74 7.60 -19.44
N GLY B 302 -3.90 7.20 -20.40
CA GLY B 302 -4.22 6.14 -21.33
C GLY B 302 -4.25 6.56 -22.77
N VAL B 303 -4.34 7.85 -23.06
CA VAL B 303 -4.42 8.33 -24.45
C VAL B 303 -2.98 8.50 -24.91
N GLY B 304 -2.41 7.39 -25.37
CA GLY B 304 -1.01 7.38 -25.76
C GLY B 304 -0.81 7.07 -27.23
N THR B 305 -1.64 7.67 -28.09
CA THR B 305 -1.57 7.43 -29.51
C THR B 305 -0.55 8.37 -30.16
N TYR B 306 -0.30 8.13 -31.45
CA TYR B 306 0.58 8.98 -32.23
C TYR B 306 -0.02 10.37 -32.44
N LEU B 307 -1.35 10.48 -32.39
CA LEU B 307 -2.00 11.77 -32.55
C LEU B 307 -1.62 12.72 -31.42
N GLN B 308 -1.51 12.21 -30.20
CA GLN B 308 -1.13 13.05 -29.07
C GLN B 308 0.28 13.59 -29.24
N LEU B 309 1.21 12.75 -29.71
CA LEU B 309 2.59 13.19 -29.92
C LEU B 309 2.67 14.20 -31.06
N ALA B 310 1.93 13.96 -32.13
CA ALA B 310 1.89 14.93 -33.23
C ALA B 310 1.32 16.27 -32.76
N SER B 311 0.30 16.23 -31.92
CA SER B 311 -0.27 17.46 -31.38
C SER B 311 0.72 18.18 -30.47
N MET B 312 1.48 17.44 -29.66
CA MET B 312 2.50 18.06 -28.83
C MET B 312 3.55 18.75 -29.68
N LEU B 313 3.98 18.11 -30.76
CA LEU B 313 4.93 18.75 -31.67
C LEU B 313 4.33 19.98 -32.32
N ALA B 314 3.05 19.93 -32.69
CA ALA B 314 2.39 21.07 -33.30
C ALA B 314 2.32 22.26 -32.33
N LYS B 315 2.01 21.99 -31.07
CA LYS B 315 1.98 23.05 -30.06
C LYS B 315 3.37 23.63 -29.84
N ILE B 316 4.39 22.77 -29.80
CA ILE B 316 5.76 23.24 -29.65
C ILE B 316 6.15 24.15 -30.81
N HIS B 317 5.73 23.79 -32.03
CA HIS B 317 6.06 24.62 -33.17
C HIS B 317 5.27 25.93 -33.16
N LYS B 318 4.03 25.90 -32.67
CA LYS B 318 3.29 27.14 -32.47
C LYS B 318 4.05 28.07 -31.55
N LEU B 319 4.52 27.57 -30.41
CA LEU B 319 5.17 28.45 -29.45
C LEU B 319 6.53 28.93 -29.93
N ASN B 320 7.29 28.07 -30.63
CA ASN B 320 8.63 28.45 -31.03
C ASN B 320 8.71 29.09 -32.42
N ASN B 321 7.61 29.15 -33.16
CA ASN B 321 7.60 29.71 -34.50
C ASN B 321 6.73 30.96 -34.62
N LYS B 322 6.25 31.50 -33.50
CA LYS B 322 5.40 32.70 -33.47
C LYS B 322 4.11 32.48 -34.27
N ALA B 323 3.84 31.23 -34.61
CA ALA B 323 2.64 30.87 -35.37
C ALA B 323 1.37 31.15 -34.58
N SER C 9 -3.18 -31.20 -25.67
CA SER C 9 -4.42 -30.55 -26.06
C SER C 9 -4.18 -29.13 -26.56
N LYS C 10 -3.51 -29.01 -27.70
CA LYS C 10 -3.26 -27.70 -28.30
C LYS C 10 -4.42 -27.20 -29.15
N GLU C 11 -5.44 -28.03 -29.39
CA GLU C 11 -6.65 -27.57 -30.05
C GLU C 11 -7.64 -26.96 -29.08
N ASN C 12 -7.32 -26.94 -27.79
CA ASN C 12 -8.17 -26.39 -26.75
C ASN C 12 -7.63 -25.07 -26.22
N LEU C 13 -6.93 -24.32 -27.06
CA LEU C 13 -6.24 -23.10 -26.67
C LEU C 13 -6.58 -21.98 -27.64
N PRO C 14 -6.52 -20.73 -27.17
CA PRO C 14 -6.68 -19.60 -28.09
C PRO C 14 -5.54 -19.59 -29.11
N TRP C 15 -5.82 -19.00 -30.27
CA TRP C 15 -4.84 -19.02 -31.35
C TRP C 15 -3.54 -18.33 -30.96
N VAL C 16 -3.59 -17.39 -30.01
CA VAL C 16 -2.37 -16.68 -29.63
C VAL C 16 -1.43 -17.63 -28.89
N GLU C 17 -1.91 -18.29 -27.84
CA GLU C 17 -1.12 -19.32 -27.20
C GLU C 17 -1.49 -20.71 -27.69
N LYS C 18 -1.50 -20.81 -29.00
CA LYS C 18 -1.46 -22.09 -29.72
C LYS C 18 -0.40 -22.09 -30.81
N TYR C 19 -0.05 -20.91 -31.35
CA TYR C 19 0.97 -20.75 -32.36
C TYR C 19 2.18 -20.01 -31.81
N ARG C 20 2.38 -20.08 -30.50
CA ARG C 20 3.58 -19.53 -29.90
C ARG C 20 4.79 -20.33 -30.38
N PRO C 21 5.82 -19.68 -30.91
CA PRO C 21 6.97 -20.43 -31.43
C PRO C 21 7.64 -21.25 -30.35
N GLU C 22 8.05 -22.46 -30.72
CA GLU C 22 8.80 -23.33 -29.82
C GLU C 22 10.29 -23.33 -30.11
N THR C 23 10.70 -22.97 -31.32
CA THR C 23 12.10 -22.91 -31.70
C THR C 23 12.40 -21.54 -32.29
N LEU C 24 13.69 -21.17 -32.26
CA LEU C 24 14.10 -19.86 -32.76
C LEU C 24 13.84 -19.69 -34.25
N ASP C 25 13.73 -20.80 -35.00
CA ASP C 25 13.42 -20.71 -36.42
C ASP C 25 11.99 -20.28 -36.68
N GLU C 26 11.13 -20.29 -35.66
CA GLU C 26 9.72 -19.93 -35.81
C GLU C 26 9.42 -18.51 -35.35
N VAL C 27 10.44 -17.75 -34.94
CA VAL C 27 10.26 -16.36 -34.56
C VAL C 27 10.58 -15.49 -35.77
N TYR C 28 9.54 -15.00 -36.43
CA TYR C 28 9.70 -14.19 -37.63
C TYR C 28 9.84 -12.71 -37.28
N GLY C 29 10.24 -11.92 -38.27
CA GLY C 29 10.31 -10.48 -38.11
C GLY C 29 11.64 -9.95 -37.64
N GLN C 30 12.12 -10.43 -36.49
CA GLN C 30 13.36 -9.93 -35.90
C GLN C 30 14.52 -10.78 -36.40
N ASN C 31 14.92 -10.51 -37.65
CA ASN C 31 16.01 -11.26 -38.26
C ASN C 31 17.33 -11.00 -37.54
N GLU C 32 17.63 -9.74 -37.23
CA GLU C 32 18.94 -9.40 -36.68
C GLU C 32 19.08 -9.91 -35.25
N VAL C 33 18.05 -9.72 -34.43
CA VAL C 33 18.11 -10.19 -33.05
C VAL C 33 18.27 -11.72 -33.01
N ILE C 34 17.50 -12.42 -33.84
CA ILE C 34 17.56 -13.88 -33.85
C ILE C 34 18.91 -14.36 -34.34
N THR C 35 19.45 -13.73 -35.39
CA THR C 35 20.76 -14.13 -35.89
C THR C 35 21.83 -13.90 -34.84
N THR C 36 21.79 -12.75 -34.15
CA THR C 36 22.81 -12.45 -33.15
C THR C 36 22.72 -13.38 -31.95
N VAL C 37 21.50 -13.71 -31.49
CA VAL C 37 21.40 -14.61 -30.35
C VAL C 37 21.77 -16.03 -30.74
N ARG C 38 21.48 -16.44 -31.98
CA ARG C 38 21.94 -17.73 -32.46
C ARG C 38 23.45 -17.79 -32.50
N LYS C 39 24.10 -16.71 -32.96
CA LYS C 39 25.56 -16.67 -32.94
C LYS C 39 26.10 -16.71 -31.52
N PHE C 40 25.43 -16.02 -30.59
CA PHE C 40 25.84 -16.07 -29.19
C PHE C 40 25.76 -17.49 -28.65
N VAL C 41 24.70 -18.23 -29.00
CA VAL C 41 24.58 -19.61 -28.57
C VAL C 41 25.67 -20.47 -29.18
N ASP C 42 25.89 -20.32 -30.49
CA ASP C 42 26.87 -21.15 -31.19
C ASP C 42 28.28 -20.94 -30.64
N GLU C 43 28.66 -19.67 -30.43
CA GLU C 43 29.98 -19.37 -29.90
C GLU C 43 30.13 -19.75 -28.43
N GLY C 44 29.04 -20.06 -27.75
CA GLY C 44 29.08 -20.44 -26.36
C GLY C 44 29.08 -19.30 -25.37
N LYS C 45 29.10 -18.05 -25.85
CA LYS C 45 29.08 -16.87 -24.99
C LYS C 45 27.74 -16.19 -25.11
N LEU C 46 27.08 -16.00 -23.97
CA LEU C 46 25.81 -15.26 -23.90
C LEU C 46 25.98 -14.09 -22.95
N PRO C 47 25.80 -12.85 -23.40
CA PRO C 47 25.91 -11.72 -22.47
C PRO C 47 24.63 -11.52 -21.68
N HIS C 48 24.57 -10.45 -20.88
CA HIS C 48 23.34 -10.08 -20.21
C HIS C 48 22.46 -9.36 -21.22
N LEU C 49 21.38 -10.02 -21.63
CA LEU C 49 20.54 -9.47 -22.68
C LEU C 49 19.50 -8.52 -22.11
N LEU C 50 19.01 -7.63 -22.98
CA LEU C 50 17.87 -6.77 -22.66
C LEU C 50 17.04 -6.67 -23.93
N PHE C 51 15.84 -7.24 -23.90
CA PHE C 51 14.92 -7.20 -25.04
C PHE C 51 13.91 -6.09 -24.79
N TYR C 52 13.81 -5.16 -25.74
CA TYR C 52 12.92 -4.02 -25.62
C TYR C 52 12.16 -3.84 -26.92
N GLY C 53 10.88 -3.51 -26.81
CA GLY C 53 10.05 -3.27 -27.97
C GLY C 53 8.58 -3.17 -27.63
N PRO C 54 7.74 -3.03 -28.65
CA PRO C 54 6.29 -2.95 -28.42
C PRO C 54 5.73 -4.28 -27.98
N PRO C 55 4.50 -4.30 -27.46
CA PRO C 55 3.89 -5.57 -27.06
C PRO C 55 3.62 -6.48 -28.27
N GLY C 56 3.68 -7.78 -28.02
CA GLY C 56 3.38 -8.76 -29.04
C GLY C 56 4.32 -8.78 -30.21
N THR C 57 5.61 -8.54 -29.99
CA THR C 57 6.61 -8.54 -31.06
C THR C 57 7.58 -9.70 -30.98
N GLY C 58 7.47 -10.56 -29.98
CA GLY C 58 8.28 -11.77 -29.93
C GLY C 58 9.41 -11.75 -28.94
N LYS C 59 9.21 -11.15 -27.77
CA LYS C 59 10.26 -11.09 -26.75
C LYS C 59 10.26 -12.33 -25.86
N THR C 60 9.12 -12.61 -25.21
CA THR C 60 9.02 -13.80 -24.38
C THR C 60 9.18 -15.06 -25.22
N SER C 61 8.60 -15.09 -26.41
CA SER C 61 8.76 -16.23 -27.30
C SER C 61 10.23 -16.44 -27.62
N THR C 62 10.95 -15.37 -27.96
CA THR C 62 12.36 -15.49 -28.32
C THR C 62 13.18 -15.98 -27.15
N ILE C 63 12.96 -15.42 -25.96
CA ILE C 63 13.80 -15.79 -24.83
C ILE C 63 13.52 -17.22 -24.39
N VAL C 64 12.25 -17.65 -24.44
CA VAL C 64 11.93 -19.01 -24.03
C VAL C 64 12.46 -20.01 -25.06
N ALA C 65 12.35 -19.69 -26.35
CA ALA C 65 12.90 -20.57 -27.37
C ALA C 65 14.41 -20.66 -27.24
N LEU C 66 15.08 -19.54 -26.97
CA LEU C 66 16.52 -19.54 -26.79
C LEU C 66 16.93 -20.39 -25.59
N ALA C 67 16.21 -20.26 -24.47
CA ALA C 67 16.53 -21.06 -23.29
C ALA C 67 16.28 -22.54 -23.54
N ARG C 68 15.22 -22.87 -24.26
CA ARG C 68 14.98 -24.27 -24.62
C ARG C 68 16.08 -24.81 -25.52
N GLU C 69 16.56 -23.99 -26.44
CA GLU C 69 17.65 -24.44 -27.32
C GLU C 69 18.95 -24.62 -26.55
N ILE C 70 19.23 -23.75 -25.58
CA ILE C 70 20.47 -23.89 -24.81
C ILE C 70 20.38 -25.10 -23.87
N TYR C 71 19.29 -25.21 -23.12
CA TYR C 71 19.07 -26.34 -22.21
C TYR C 71 17.84 -27.09 -22.69
N GLY C 72 18.06 -28.08 -23.56
CA GLY C 72 16.95 -28.80 -24.15
C GLY C 72 16.10 -29.53 -23.13
N LYS C 73 16.75 -30.16 -22.14
CA LYS C 73 16.05 -30.97 -21.16
C LYS C 73 16.12 -30.42 -19.74
N ASN C 74 17.20 -29.74 -19.39
CA ASN C 74 17.38 -29.19 -18.05
C ASN C 74 16.66 -27.87 -17.85
N TYR C 75 15.73 -27.51 -18.75
CA TYR C 75 15.09 -26.20 -18.71
C TYR C 75 14.43 -25.93 -17.37
N SER C 76 13.86 -26.97 -16.74
CA SER C 76 13.18 -26.77 -15.46
C SER C 76 14.13 -26.28 -14.38
N ASN C 77 15.33 -26.85 -14.32
CA ASN C 77 16.29 -26.53 -13.27
C ASN C 77 17.46 -25.67 -13.76
N MET C 78 17.35 -25.09 -14.96
CA MET C 78 18.40 -24.24 -15.49
C MET C 78 17.96 -22.81 -15.72
N VAL C 79 16.66 -22.53 -15.72
CA VAL C 79 16.13 -21.20 -16.00
C VAL C 79 15.23 -20.80 -14.85
N LEU C 80 15.46 -19.62 -14.28
CA LEU C 80 14.55 -19.02 -13.32
C LEU C 80 13.84 -17.87 -14.01
N GLU C 81 12.53 -18.01 -14.18
CA GLU C 81 11.72 -16.99 -14.83
C GLU C 81 10.86 -16.28 -13.81
N LEU C 82 10.93 -14.94 -13.81
CA LEU C 82 10.09 -14.11 -12.98
C LEU C 82 9.40 -13.07 -13.84
N ASN C 83 8.21 -12.67 -13.44
CA ASN C 83 7.43 -11.69 -14.18
C ASN C 83 6.66 -10.83 -13.19
N ALA C 84 5.85 -9.93 -13.73
CA ALA C 84 5.09 -9.00 -12.89
C ALA C 84 4.10 -9.72 -11.98
N SER C 85 3.65 -10.92 -12.36
CA SER C 85 2.72 -11.67 -11.53
C SER C 85 3.35 -12.18 -10.25
N ASP C 86 4.68 -12.26 -10.18
CA ASP C 86 5.36 -12.65 -8.97
C ASP C 86 5.93 -11.42 -8.28
N ASP C 87 5.81 -11.38 -6.95
CA ASP C 87 6.40 -10.30 -6.18
C ASP C 87 7.92 -10.29 -6.38
N ARG C 88 8.47 -9.11 -6.67
CA ARG C 88 9.89 -8.94 -6.95
C ARG C 88 10.44 -7.74 -6.20
N GLY C 89 10.13 -7.64 -4.92
CA GLY C 89 10.60 -6.54 -4.11
C GLY C 89 12.07 -6.62 -3.78
N ILE C 90 12.52 -5.89 -2.76
CA ILE C 90 13.92 -5.93 -2.37
C ILE C 90 14.26 -7.29 -1.78
N ASP C 91 13.34 -7.89 -1.03
CA ASP C 91 13.62 -9.16 -0.38
C ASP C 91 13.70 -10.30 -1.40
N VAL C 92 12.82 -10.28 -2.40
CA VAL C 92 12.83 -11.33 -3.41
C VAL C 92 14.14 -11.29 -4.19
N VAL C 93 14.56 -10.10 -4.62
CA VAL C 93 15.82 -9.97 -5.35
C VAL C 93 16.98 -10.39 -4.45
N ARG C 94 16.96 -9.99 -3.19
CA ARG C 94 18.05 -10.31 -2.29
C ARG C 94 18.16 -11.81 -2.04
N ASN C 95 17.03 -12.50 -1.88
CA ASN C 95 17.05 -13.91 -1.49
C ASN C 95 16.95 -14.86 -2.69
N GLN C 96 15.83 -14.83 -3.41
CA GLN C 96 15.59 -15.86 -4.42
C GLN C 96 16.58 -15.76 -5.57
N ILE C 97 16.72 -14.56 -6.14
CA ILE C 97 17.58 -14.39 -7.31
C ILE C 97 19.04 -14.64 -6.95
N LYS C 98 19.49 -14.11 -5.80
CA LYS C 98 20.87 -14.32 -5.40
C LYS C 98 21.17 -15.78 -5.11
N ASP C 99 20.27 -16.46 -4.40
CA ASP C 99 20.51 -17.87 -4.09
C ASP C 99 20.44 -18.74 -5.33
N PHE C 100 19.62 -18.36 -6.32
CA PHE C 100 19.65 -19.09 -7.58
C PHE C 100 20.95 -18.84 -8.32
N ALA C 101 21.34 -17.58 -8.46
CA ALA C 101 22.60 -17.24 -9.12
C ALA C 101 23.74 -17.12 -8.11
N SER C 102 23.82 -18.09 -7.20
CA SER C 102 24.97 -18.21 -6.32
C SER C 102 25.38 -19.66 -6.11
N THR C 103 24.69 -20.63 -6.69
CA THR C 103 24.94 -22.04 -6.47
C THR C 103 25.38 -22.70 -7.76
N ARG C 104 26.10 -23.82 -7.63
CA ARG C 104 26.64 -24.50 -8.79
C ARG C 104 25.54 -25.08 -9.67
N GLN C 105 25.86 -25.26 -10.95
CA GLN C 105 24.91 -25.66 -11.95
C GLN C 105 24.60 -27.15 -11.85
N ILE C 106 23.43 -27.52 -12.35
CA ILE C 106 22.94 -28.89 -12.31
C ILE C 106 23.55 -29.69 -13.45
N PHE C 107 23.45 -31.01 -13.37
CA PHE C 107 23.98 -31.95 -14.38
C PHE C 107 25.48 -31.67 -14.53
N SER C 108 26.04 -31.78 -15.73
CA SER C 108 27.46 -31.58 -15.93
C SER C 108 27.87 -30.14 -15.62
N LYS C 109 27.39 -29.20 -16.44
CA LYS C 109 27.78 -27.80 -16.30
C LYS C 109 26.90 -26.89 -17.13
N GLY C 110 27.30 -25.64 -17.28
CA GLY C 110 26.58 -24.64 -18.03
C GLY C 110 26.53 -23.32 -17.27
N PHE C 111 25.71 -22.41 -17.81
CA PHE C 111 25.40 -21.19 -17.08
C PHE C 111 23.90 -21.09 -16.86
N LYS C 112 23.53 -20.64 -15.66
CA LYS C 112 22.13 -20.48 -15.30
C LYS C 112 21.56 -19.25 -15.96
N LEU C 113 20.27 -19.30 -16.27
CA LEU C 113 19.56 -18.19 -16.88
C LEU C 113 18.52 -17.65 -15.92
N ILE C 114 18.43 -16.33 -15.81
CA ILE C 114 17.41 -15.67 -15.01
C ILE C 114 16.68 -14.70 -15.93
N ILE C 115 15.46 -15.04 -16.31
CA ILE C 115 14.65 -14.20 -17.19
C ILE C 115 13.75 -13.33 -16.33
N LEU C 116 13.78 -12.03 -16.60
CA LEU C 116 12.93 -11.07 -15.90
C LEU C 116 11.94 -10.51 -16.92
N ASP C 117 10.78 -11.14 -17.02
CA ASP C 117 9.74 -10.67 -17.92
C ASP C 117 9.05 -9.46 -17.30
N GLU C 118 8.83 -8.43 -18.11
CA GLU C 118 8.21 -7.18 -17.65
C GLU C 118 8.97 -6.60 -16.47
N ALA C 119 10.23 -6.27 -16.71
CA ALA C 119 11.09 -5.74 -15.65
C ALA C 119 10.87 -4.25 -15.40
N ASP C 120 10.14 -3.56 -16.29
CA ASP C 120 9.77 -2.17 -16.02
C ASP C 120 8.78 -2.05 -14.87
N ALA C 121 8.18 -3.16 -14.44
CA ALA C 121 7.30 -3.18 -13.29
C ALA C 121 8.03 -3.33 -11.97
N MET C 122 9.35 -3.43 -12.00
CA MET C 122 10.16 -3.55 -10.79
C MET C 122 10.49 -2.17 -10.23
N THR C 123 10.54 -2.10 -8.91
CA THR C 123 10.87 -0.84 -8.26
C THR C 123 12.36 -0.53 -8.43
N ASN C 124 12.72 0.73 -8.17
CA ASN C 124 14.12 1.13 -8.32
C ASN C 124 15.01 0.47 -7.28
N ALA C 125 14.48 0.20 -6.08
CA ALA C 125 15.27 -0.51 -5.07
C ALA C 125 15.64 -1.91 -5.54
N ALA C 126 14.67 -2.62 -6.13
CA ALA C 126 14.94 -3.97 -6.61
C ALA C 126 15.98 -3.97 -7.73
N GLN C 127 15.89 -3.01 -8.66
CA GLN C 127 16.88 -2.92 -9.73
C GLN C 127 18.25 -2.54 -9.20
N ASN C 128 18.30 -1.63 -8.23
CA ASN C 128 19.57 -1.24 -7.64
C ASN C 128 20.23 -2.42 -6.93
N ALA C 129 19.44 -3.25 -6.25
CA ALA C 129 19.99 -4.48 -5.68
C ALA C 129 20.42 -5.45 -6.77
N LEU C 130 19.65 -5.54 -7.85
CA LEU C 130 19.91 -6.51 -8.90
C LEU C 130 21.19 -6.20 -9.66
N ARG C 131 21.60 -4.94 -9.72
CA ARG C 131 22.76 -4.59 -10.54
C ARG C 131 24.03 -5.27 -10.04
N ARG C 132 24.23 -5.33 -8.72
CA ARG C 132 25.44 -5.98 -8.20
C ARG C 132 25.35 -7.49 -8.31
N VAL C 133 24.14 -8.06 -8.25
CA VAL C 133 23.98 -9.48 -8.54
C VAL C 133 24.39 -9.77 -9.98
N ILE C 134 23.99 -8.89 -10.90
CA ILE C 134 24.35 -9.06 -12.30
C ILE C 134 25.87 -9.00 -12.47
N GLU C 135 26.51 -8.01 -11.85
CA GLU C 135 27.94 -7.81 -12.04
C GLU C 135 28.80 -8.81 -11.29
N ARG C 136 28.26 -9.44 -10.24
CA ARG C 136 29.08 -10.28 -9.35
C ARG C 136 29.03 -11.75 -9.70
N TYR C 137 27.89 -12.25 -10.18
CA TYR C 137 27.73 -13.67 -10.47
C TYR C 137 27.62 -13.95 -11.96
N THR C 138 28.20 -13.08 -12.80
CA THR C 138 28.11 -13.22 -14.24
C THR C 138 28.92 -14.38 -14.79
N LYS C 139 29.80 -14.97 -13.99
CA LYS C 139 30.64 -16.05 -14.49
C LYS C 139 29.81 -17.27 -14.86
N ASN C 140 28.76 -17.56 -14.09
CA ASN C 140 27.96 -18.75 -14.29
C ASN C 140 26.48 -18.46 -14.49
N THR C 141 26.08 -17.19 -14.51
CA THR C 141 24.68 -16.84 -14.72
C THR C 141 24.59 -15.63 -15.64
N ARG C 142 23.60 -15.67 -16.53
CA ARG C 142 23.30 -14.55 -17.41
C ARG C 142 21.86 -14.11 -17.22
N PHE C 143 21.62 -12.82 -17.35
CA PHE C 143 20.30 -12.23 -17.14
C PHE C 143 19.69 -11.86 -18.48
N CYS C 144 18.36 -11.96 -18.55
CA CYS C 144 17.59 -11.40 -19.65
C CYS C 144 16.52 -10.51 -19.06
N VAL C 145 16.49 -9.25 -19.50
CA VAL C 145 15.53 -8.27 -19.03
C VAL C 145 14.61 -7.92 -20.19
N LEU C 146 13.31 -8.16 -19.99
CA LEU C 146 12.30 -7.89 -21.01
C LEU C 146 11.48 -6.68 -20.57
N ALA C 147 11.32 -5.70 -21.45
CA ALA C 147 10.69 -4.46 -21.05
C ALA C 147 10.05 -3.79 -22.26
N ASN C 148 8.85 -3.23 -22.05
CA ASN C 148 8.21 -2.39 -23.05
C ASN C 148 8.55 -0.93 -22.88
N TYR C 149 8.81 -0.49 -21.65
CA TYR C 149 9.11 0.91 -21.33
C TYR C 149 10.49 0.96 -20.69
N ALA C 150 11.43 1.59 -21.38
CA ALA C 150 12.80 1.67 -20.90
C ALA C 150 13.01 2.79 -19.89
N HIS C 151 12.08 3.73 -19.77
CA HIS C 151 12.25 4.81 -18.80
C HIS C 151 12.02 4.37 -17.38
N LYS C 152 11.46 3.18 -17.17
CA LYS C 152 11.26 2.64 -15.83
C LYS C 152 12.44 1.81 -15.35
N LEU C 153 13.50 1.72 -16.14
CA LEU C 153 14.69 0.95 -15.81
C LEU C 153 15.80 1.91 -15.38
N THR C 154 16.46 1.59 -14.27
CA THR C 154 17.52 2.44 -13.76
C THR C 154 18.64 2.52 -14.80
N PRO C 155 19.28 3.68 -14.95
CA PRO C 155 20.34 3.81 -15.97
C PRO C 155 21.48 2.84 -15.76
N ALA C 156 21.80 2.47 -14.51
CA ALA C 156 22.83 1.45 -14.28
C ALA C 156 22.40 0.11 -14.82
N LEU C 157 21.14 -0.27 -14.60
CA LEU C 157 20.63 -1.54 -15.11
C LEU C 157 20.67 -1.57 -16.63
N LEU C 158 20.33 -0.46 -17.29
CA LEU C 158 20.49 -0.36 -18.73
C LEU C 158 21.95 -0.43 -19.14
N SER C 159 22.84 0.10 -18.31
CA SER C 159 24.27 0.11 -18.64
C SER C 159 24.82 -1.31 -18.66
N ARG C 160 24.46 -2.14 -17.68
CA ARG C 160 25.05 -3.46 -17.58
C ARG C 160 24.28 -4.53 -18.36
N CYS C 161 23.55 -4.14 -19.41
CA CYS C 161 22.78 -5.09 -20.23
C CYS C 161 23.04 -4.81 -21.70
N THR C 162 23.02 -5.88 -22.50
CA THR C 162 23.15 -5.75 -23.94
C THR C 162 21.78 -5.54 -24.56
N ARG C 163 21.60 -4.40 -25.23
CA ARG C 163 20.30 -3.98 -25.70
C ARG C 163 19.99 -4.58 -27.07
N PHE C 164 18.84 -5.25 -27.17
CA PHE C 164 18.29 -5.72 -28.43
C PHE C 164 16.89 -5.14 -28.59
N ARG C 165 16.65 -4.46 -29.70
CA ARG C 165 15.40 -3.75 -29.92
C ARG C 165 14.52 -4.59 -30.86
N PHE C 166 13.30 -4.89 -30.41
CA PHE C 166 12.33 -5.62 -31.21
C PHE C 166 11.46 -4.62 -31.96
N GLN C 167 11.67 -4.53 -33.27
CA GLN C 167 10.84 -3.66 -34.09
C GLN C 167 9.43 -4.24 -34.19
N PRO C 168 8.43 -3.40 -34.46
CA PRO C 168 7.11 -3.93 -34.81
C PRO C 168 7.22 -4.79 -36.06
N LEU C 169 6.41 -5.85 -36.09
CA LEU C 169 6.53 -6.85 -37.14
C LEU C 169 6.32 -6.21 -38.51
N PRO C 170 7.20 -6.45 -39.47
CA PRO C 170 6.96 -5.93 -40.83
C PRO C 170 5.83 -6.66 -41.53
N GLN C 171 5.56 -6.29 -42.78
CA GLN C 171 4.49 -6.95 -43.53
C GLN C 171 4.82 -8.41 -43.80
N GLU C 172 6.08 -8.70 -44.16
CA GLU C 172 6.45 -10.05 -44.59
C GLU C 172 6.32 -11.06 -43.46
N ALA C 173 6.73 -10.68 -42.24
CA ALA C 173 6.63 -11.61 -41.11
C ALA C 173 5.19 -11.97 -40.81
N ILE C 174 4.31 -10.98 -40.78
CA ILE C 174 2.90 -11.24 -40.53
C ILE C 174 2.30 -12.07 -41.65
N GLU C 175 2.71 -11.80 -42.89
CA GLU C 175 2.21 -12.59 -44.01
C GLU C 175 2.62 -14.05 -43.90
N ARG C 176 3.88 -14.30 -43.53
CA ARG C 176 4.35 -15.67 -43.38
C ARG C 176 3.62 -16.39 -42.26
N ARG C 177 3.43 -15.71 -41.12
CA ARG C 177 2.72 -16.34 -40.02
C ARG C 177 1.26 -16.59 -40.37
N ILE C 178 0.65 -15.66 -41.10
CA ILE C 178 -0.73 -15.84 -41.56
C ILE C 178 -0.83 -17.04 -42.48
N ALA C 179 0.14 -17.20 -43.38
CA ALA C 179 0.14 -18.36 -44.27
C ALA C 179 0.25 -19.66 -43.47
N ASN C 180 1.13 -19.67 -42.47
CA ASN C 180 1.27 -20.85 -41.62
C ASN C 180 -0.05 -21.19 -40.93
N VAL C 181 -0.72 -20.17 -40.36
CA VAL C 181 -1.96 -20.41 -39.64
C VAL C 181 -3.06 -20.86 -40.60
N LEU C 182 -3.13 -20.27 -41.79
CA LEU C 182 -4.14 -20.67 -42.77
C LEU C 182 -3.94 -22.12 -43.19
N VAL C 183 -2.69 -22.53 -43.40
CA VAL C 183 -2.42 -23.93 -43.74
C VAL C 183 -2.83 -24.83 -42.58
N HIS C 184 -2.53 -24.42 -41.35
CA HIS C 184 -2.84 -25.26 -40.20
C HIS C 184 -4.34 -25.42 -40.00
N GLU C 185 -5.11 -24.36 -40.19
CA GLU C 185 -6.54 -24.36 -39.91
C GLU C 185 -7.40 -24.61 -41.13
N LYS C 186 -6.82 -24.88 -42.29
CA LYS C 186 -7.55 -25.11 -43.53
C LYS C 186 -8.48 -23.95 -43.84
N LEU C 187 -7.97 -22.73 -43.64
CA LEU C 187 -8.71 -21.51 -43.87
C LEU C 187 -8.29 -20.86 -45.17
N LYS C 188 -9.16 -20.01 -45.69
CA LYS C 188 -8.88 -19.21 -46.88
C LYS C 188 -8.90 -17.74 -46.51
N LEU C 189 -8.22 -16.92 -47.32
CA LEU C 189 -8.11 -15.50 -47.03
C LEU C 189 -7.90 -14.75 -48.33
N SER C 190 -8.80 -13.82 -48.64
CA SER C 190 -8.66 -13.00 -49.83
C SER C 190 -7.48 -12.04 -49.67
N PRO C 191 -6.84 -11.65 -50.78
CA PRO C 191 -5.75 -10.67 -50.68
C PRO C 191 -6.17 -9.35 -50.06
N ASN C 192 -7.39 -8.88 -50.36
CA ASN C 192 -7.89 -7.67 -49.72
C ASN C 192 -8.06 -7.87 -48.22
N ALA C 193 -8.52 -9.05 -47.81
CA ALA C 193 -8.58 -9.36 -46.38
C ALA C 193 -7.18 -9.37 -45.78
N GLU C 194 -6.19 -9.88 -46.52
CA GLU C 194 -4.81 -9.86 -46.04
C GLU C 194 -4.33 -8.43 -45.81
N LYS C 195 -4.62 -7.53 -46.76
CA LYS C 195 -4.24 -6.13 -46.59
C LYS C 195 -4.96 -5.51 -45.39
N ALA C 196 -6.26 -5.77 -45.26
CA ALA C 196 -7.00 -5.21 -44.13
C ALA C 196 -6.40 -5.69 -42.81
N LEU C 197 -6.08 -6.98 -42.72
CA LEU C 197 -5.50 -7.52 -41.50
C LEU C 197 -4.13 -6.90 -41.23
N ILE C 198 -3.34 -6.70 -42.27
CA ILE C 198 -2.02 -6.07 -42.11
C ILE C 198 -2.17 -4.67 -41.52
N GLU C 199 -3.08 -3.88 -42.08
CA GLU C 199 -3.28 -2.52 -41.59
C GLU C 199 -3.84 -2.48 -40.17
N LEU C 200 -4.79 -3.36 -39.82
CA LEU C 200 -5.32 -3.32 -38.47
C LEU C 200 -4.33 -3.84 -37.44
N SER C 201 -3.39 -4.71 -37.85
CA SER C 201 -2.46 -5.29 -36.91
C SER C 201 -1.60 -4.22 -36.24
N ASN C 202 -1.06 -3.29 -37.03
CA ASN C 202 -0.15 -2.25 -36.54
C ASN C 202 1.06 -2.86 -35.83
N GLY C 203 1.68 -3.84 -36.48
CA GLY C 203 2.90 -4.43 -35.98
C GLY C 203 2.74 -5.33 -34.77
N ASP C 204 1.56 -5.92 -34.60
CA ASP C 204 1.29 -6.83 -33.49
C ASP C 204 0.79 -8.15 -34.07
N MET C 205 1.34 -9.26 -33.57
CA MET C 205 0.93 -10.57 -34.04
C MET C 205 -0.23 -11.15 -33.22
N ARG C 206 -0.31 -10.79 -31.94
CA ARG C 206 -1.45 -11.21 -31.12
C ARG C 206 -2.74 -10.67 -31.69
N ARG C 207 -2.73 -9.43 -32.17
CA ARG C 207 -3.92 -8.85 -32.79
C ARG C 207 -4.30 -9.64 -34.03
N VAL C 208 -3.32 -10.01 -34.85
CA VAL C 208 -3.60 -10.79 -36.06
C VAL C 208 -4.24 -12.12 -35.71
N LEU C 209 -3.68 -12.82 -34.72
CA LEU C 209 -4.20 -14.13 -34.37
C LEU C 209 -5.60 -14.03 -33.77
N ASN C 210 -5.84 -13.04 -32.92
CA ASN C 210 -7.17 -12.85 -32.35
C ASN C 210 -8.20 -12.54 -33.42
N VAL C 211 -7.86 -11.63 -34.34
CA VAL C 211 -8.79 -11.28 -35.41
C VAL C 211 -9.05 -12.49 -36.30
N LEU C 212 -8.02 -13.27 -36.60
CA LEU C 212 -8.22 -14.45 -37.44
C LEU C 212 -9.10 -15.49 -36.75
N GLN C 213 -8.93 -15.66 -35.44
CA GLN C 213 -9.80 -16.58 -34.71
C GLN C 213 -11.25 -16.11 -34.77
N SER C 214 -11.47 -14.81 -34.58
CA SER C 214 -12.83 -14.28 -34.68
C SER C 214 -13.39 -14.40 -36.08
N CYS C 215 -12.54 -14.33 -37.10
CA CYS C 215 -12.99 -14.47 -38.48
C CYS C 215 -13.38 -15.91 -38.78
N LYS C 216 -12.61 -16.87 -38.26
CA LYS C 216 -13.01 -18.27 -38.41
C LYS C 216 -14.31 -18.54 -37.67
N ALA C 217 -14.49 -17.92 -36.50
CA ALA C 217 -15.73 -18.11 -35.76
C ALA C 217 -16.92 -17.47 -36.49
N THR C 218 -16.68 -16.35 -37.18
CA THR C 218 -17.77 -15.67 -37.87
C THR C 218 -18.33 -16.52 -39.01
N LEU C 219 -17.45 -17.18 -39.77
CA LEU C 219 -17.87 -17.91 -40.95
C LEU C 219 -18.83 -19.04 -40.59
N ASP C 220 -19.83 -19.23 -41.46
CA ASP C 220 -20.81 -20.29 -41.25
C ASP C 220 -20.18 -21.67 -41.46
N ASN C 221 -19.43 -21.84 -42.54
CA ASN C 221 -18.69 -23.06 -42.80
C ASN C 221 -17.22 -22.74 -43.03
N PRO C 222 -16.38 -22.79 -41.99
CA PRO C 222 -14.97 -22.41 -42.17
C PRO C 222 -14.16 -23.41 -42.99
N ASP C 223 -14.80 -24.43 -43.56
CA ASP C 223 -14.12 -25.37 -44.44
C ASP C 223 -14.31 -25.07 -45.92
N GLU C 224 -15.29 -24.24 -46.28
CA GLU C 224 -15.51 -23.95 -47.69
C GLU C 224 -15.38 -22.45 -47.95
N ASP C 225 -15.99 -21.61 -47.12
CA ASP C 225 -16.01 -20.17 -47.37
C ASP C 225 -14.67 -19.53 -47.01
N GLU C 226 -14.34 -18.48 -47.75
CA GLU C 226 -13.12 -17.71 -47.54
C GLU C 226 -13.39 -16.61 -46.51
N ILE C 227 -12.40 -15.74 -46.32
CA ILE C 227 -12.55 -14.55 -45.50
C ILE C 227 -12.21 -13.37 -46.38
N SER C 228 -13.18 -12.48 -46.59
CA SER C 228 -12.97 -11.26 -47.35
C SER C 228 -12.81 -10.09 -46.39
N ASP C 229 -12.48 -8.92 -46.96
CA ASP C 229 -12.34 -7.73 -46.13
C ASP C 229 -13.66 -7.37 -45.45
N ASP C 230 -14.79 -7.73 -46.07
CA ASP C 230 -16.08 -7.47 -45.44
C ASP C 230 -16.21 -8.22 -44.13
N VAL C 231 -15.79 -9.49 -44.11
CA VAL C 231 -15.83 -10.27 -42.87
C VAL C 231 -14.87 -9.67 -41.85
N ILE C 232 -13.70 -9.22 -42.31
CA ILE C 232 -12.71 -8.60 -41.41
C ILE C 232 -13.34 -7.42 -40.69
N TYR C 233 -13.95 -6.52 -41.46
CA TYR C 233 -14.52 -5.30 -40.88
C TYR C 233 -15.76 -5.60 -40.05
N GLU C 234 -16.58 -6.56 -40.46
CA GLU C 234 -17.76 -6.90 -39.69
C GLU C 234 -17.39 -7.47 -38.33
N CYS C 235 -16.43 -8.39 -38.30
CA CYS C 235 -16.06 -9.01 -37.02
C CYS C 235 -15.30 -8.05 -36.13
N CYS C 236 -14.34 -7.31 -36.69
CA CYS C 236 -13.56 -6.40 -35.86
C CYS C 236 -14.28 -5.08 -35.60
N GLY C 237 -15.38 -4.81 -36.30
CA GLY C 237 -16.15 -3.60 -36.06
C GLY C 237 -15.42 -2.32 -36.38
N ALA C 238 -14.75 -2.26 -37.52
CA ALA C 238 -13.99 -1.08 -37.93
C ALA C 238 -14.60 -0.47 -39.20
N PRO C 239 -14.40 0.83 -39.42
CA PRO C 239 -14.93 1.45 -40.63
C PRO C 239 -14.13 1.01 -41.85
N ARG C 240 -14.86 0.72 -42.93
CA ARG C 240 -14.19 0.42 -44.19
C ARG C 240 -13.46 1.65 -44.69
N PRO C 241 -12.38 1.48 -45.47
CA PRO C 241 -11.70 2.65 -46.04
C PRO C 241 -12.61 3.51 -46.90
N SER C 242 -13.55 2.87 -47.63
CA SER C 242 -14.50 3.64 -48.43
C SER C 242 -15.36 4.53 -47.56
N ASP C 243 -15.80 4.03 -46.40
CA ASP C 243 -16.61 4.84 -45.50
C ASP C 243 -15.82 6.04 -44.99
N LEU C 244 -14.55 5.85 -44.63
CA LEU C 244 -13.72 6.95 -44.17
C LEU C 244 -13.53 7.99 -45.27
N LYS C 245 -13.27 7.53 -46.50
CA LYS C 245 -13.13 8.47 -47.61
C LYS C 245 -14.42 9.25 -47.86
N ALA C 246 -15.56 8.56 -47.79
CA ALA C 246 -16.84 9.24 -48.01
C ALA C 246 -17.11 10.27 -46.93
N VAL C 247 -16.85 9.94 -45.67
CA VAL C 247 -17.07 10.89 -44.59
C VAL C 247 -16.17 12.10 -44.74
N LEU C 248 -14.89 11.87 -45.07
CA LEU C 248 -13.97 12.99 -45.23
C LEU C 248 -14.37 13.86 -46.42
N LYS C 249 -14.82 13.24 -47.52
CA LYS C 249 -15.25 14.00 -48.68
C LYS C 249 -16.47 14.86 -48.34
N SER C 250 -17.43 14.29 -47.60
CA SER C 250 -18.60 15.06 -47.20
C SER C 250 -18.23 16.21 -46.29
N ILE C 251 -17.28 15.99 -45.37
CA ILE C 251 -16.87 17.05 -44.47
C ILE C 251 -16.15 18.16 -45.23
N LEU C 252 -15.26 17.80 -46.16
CA LEU C 252 -14.44 18.80 -46.83
C LEU C 252 -15.24 19.58 -47.86
N GLU C 253 -16.07 18.91 -48.66
CA GLU C 253 -16.70 19.53 -49.81
C GLU C 253 -18.12 20.00 -49.52
N ASP C 254 -18.97 19.13 -48.98
CA ASP C 254 -20.38 19.44 -48.82
C ASP C 254 -20.59 20.43 -47.67
N ASP C 255 -21.81 20.96 -47.58
CA ASP C 255 -22.15 21.96 -46.59
C ASP C 255 -22.31 21.28 -45.22
N TRP C 256 -22.72 22.07 -44.22
CA TRP C 256 -22.72 21.57 -42.85
C TRP C 256 -23.83 20.55 -42.62
N GLY C 257 -25.04 20.83 -43.09
CA GLY C 257 -26.15 19.92 -42.83
C GLY C 257 -25.94 18.57 -43.45
N THR C 258 -25.54 18.54 -44.73
CA THR C 258 -25.33 17.26 -45.39
C THR C 258 -24.10 16.55 -44.86
N ALA C 259 -23.07 17.29 -44.43
CA ALA C 259 -21.92 16.64 -43.81
C ALA C 259 -22.30 15.94 -42.51
N HIS C 260 -23.09 16.62 -41.67
CA HIS C 260 -23.58 16.02 -40.44
C HIS C 260 -24.45 14.81 -40.72
N TYR C 261 -25.34 14.93 -41.71
CA TYR C 261 -26.21 13.81 -42.07
C TYR C 261 -25.40 12.63 -42.58
N THR C 262 -24.39 12.89 -43.42
CA THR C 262 -23.56 11.82 -43.94
C THR C 262 -22.77 11.13 -42.83
N LEU C 263 -22.22 11.92 -41.89
CA LEU C 263 -21.51 11.32 -40.77
C LEU C 263 -22.44 10.40 -39.97
N ASN C 264 -23.64 10.89 -39.63
CA ASN C 264 -24.56 10.08 -38.85
C ASN C 264 -25.01 8.84 -39.61
N LYS C 265 -25.28 8.98 -40.91
CA LYS C 265 -25.73 7.84 -41.71
C LYS C 265 -24.64 6.78 -41.82
N VAL C 266 -23.40 7.20 -42.07
CA VAL C 266 -22.29 6.26 -42.16
C VAL C 266 -22.10 5.56 -40.83
N ARG C 267 -22.18 6.31 -39.73
CA ARG C 267 -22.02 5.70 -38.42
C ARG C 267 -23.11 4.68 -38.13
N SER C 268 -24.36 5.02 -38.46
CA SER C 268 -25.48 4.15 -38.12
C SER C 268 -25.64 2.97 -39.07
N ALA C 269 -25.01 3.03 -40.26
CA ALA C 269 -25.14 1.92 -41.20
C ALA C 269 -24.55 0.64 -40.62
N LYS C 270 -23.39 0.73 -39.96
CA LYS C 270 -22.74 -0.45 -39.38
C LYS C 270 -22.44 -0.28 -37.90
N GLY C 271 -22.98 0.75 -37.25
CA GLY C 271 -22.69 0.98 -35.85
C GLY C 271 -21.26 1.37 -35.55
N LEU C 272 -20.65 2.18 -36.41
CA LEU C 272 -19.26 2.56 -36.22
C LEU C 272 -19.10 3.52 -35.05
N ALA C 273 -17.93 3.46 -34.42
CA ALA C 273 -17.58 4.40 -33.37
C ALA C 273 -16.92 5.63 -33.96
N LEU C 274 -16.98 6.74 -33.22
CA LEU C 274 -16.41 7.99 -33.69
C LEU C 274 -14.88 8.00 -33.57
N ILE C 275 -14.33 7.27 -32.60
CA ILE C 275 -12.89 7.23 -32.42
C ILE C 275 -12.22 6.52 -33.59
N ASP C 276 -12.85 5.44 -34.09
CA ASP C 276 -12.32 4.76 -35.27
C ASP C 276 -12.33 5.68 -36.48
N LEU C 277 -13.41 6.44 -36.66
CA LEU C 277 -13.46 7.40 -37.75
C LEU C 277 -12.40 8.47 -37.59
N ILE C 278 -12.16 8.93 -36.36
CA ILE C 278 -11.15 9.94 -36.12
C ILE C 278 -9.77 9.42 -36.50
N GLU C 279 -9.45 8.19 -36.08
CA GLU C 279 -8.14 7.64 -36.40
C GLU C 279 -8.00 7.42 -37.91
N GLY C 280 -9.06 6.97 -38.58
CA GLY C 280 -8.99 6.79 -40.02
C GLY C 280 -8.82 8.10 -40.76
N ILE C 281 -9.53 9.14 -40.33
CA ILE C 281 -9.42 10.44 -40.97
C ILE C 281 -8.03 11.03 -40.73
N VAL C 282 -7.47 10.81 -39.54
CA VAL C 282 -6.12 11.29 -39.27
C VAL C 282 -5.11 10.58 -40.16
N LYS C 283 -5.25 9.26 -40.31
CA LYS C 283 -4.36 8.52 -41.20
C LYS C 283 -4.48 8.99 -42.64
N ILE C 284 -5.70 9.29 -43.09
CA ILE C 284 -5.89 9.78 -44.45
C ILE C 284 -5.28 11.17 -44.61
N LEU C 285 -5.48 12.05 -43.62
CA LEU C 285 -5.01 13.42 -43.73
C LEU C 285 -3.49 13.52 -43.61
N GLU C 286 -2.85 12.55 -42.95
CA GLU C 286 -1.40 12.59 -42.85
C GLU C 286 -0.73 12.48 -44.21
N ASP C 287 -1.40 11.87 -45.18
CA ASP C 287 -0.90 11.85 -46.55
C ASP C 287 -1.24 13.12 -47.31
N TYR C 288 -2.15 13.95 -46.78
CA TYR C 288 -2.58 15.17 -47.51
C TYR C 288 -1.43 16.18 -47.57
N GLU C 289 -1.29 16.87 -48.70
CA GLU C 289 -0.25 17.93 -48.80
C GLU C 289 -0.89 19.28 -48.46
N LEU C 290 -0.72 19.73 -47.21
CA LEU C 290 -1.34 21.01 -46.78
C LEU C 290 -0.41 22.15 -47.20
N GLN C 291 -0.97 23.31 -47.55
CA GLN C 291 -0.12 24.41 -48.09
C GLN C 291 -0.03 25.59 -47.11
N ASN C 292 -0.66 25.51 -45.94
CA ASN C 292 -0.65 26.68 -45.04
C ASN C 292 0.08 26.33 -43.73
N GLU C 293 0.29 25.04 -43.45
CA GLU C 293 1.07 24.63 -42.24
C GLU C 293 0.28 24.92 -40.97
N GLU C 294 -0.50 26.01 -40.94
CA GLU C 294 -1.37 26.27 -39.77
C GLU C 294 -2.59 25.36 -39.92
N THR C 295 -2.81 24.82 -41.12
CA THR C 295 -3.92 23.85 -41.32
C THR C 295 -3.57 22.60 -40.51
N ARG C 296 -2.32 22.16 -40.55
CA ARG C 296 -1.89 20.95 -39.79
C ARG C 296 -1.96 21.23 -38.29
N VAL C 297 -1.39 22.34 -37.83
CA VAL C 297 -1.38 22.60 -36.39
C VAL C 297 -2.79 22.56 -35.83
N HIS C 298 -3.73 23.25 -36.50
CA HIS C 298 -5.10 23.27 -36.01
C HIS C 298 -5.72 21.89 -36.02
N LEU C 299 -5.51 21.14 -37.11
CA LEU C 299 -6.04 19.79 -37.19
C LEU C 299 -5.51 18.92 -36.06
N LEU C 300 -4.19 18.89 -35.87
CA LEU C 300 -3.61 18.03 -34.87
C LEU C 300 -4.08 18.40 -33.47
N THR C 301 -4.04 19.69 -33.14
CA THR C 301 -4.42 20.11 -31.79
C THR C 301 -5.89 19.83 -31.51
N LYS C 302 -6.77 20.24 -32.43
CA LYS C 302 -8.20 20.05 -32.23
C LYS C 302 -8.56 18.57 -32.17
N LEU C 303 -8.00 17.76 -33.05
CA LEU C 303 -8.34 16.35 -33.08
C LEU C 303 -7.78 15.61 -31.87
N ALA C 304 -6.61 16.01 -31.37
CA ALA C 304 -6.11 15.42 -30.14
C ALA C 304 -7.02 15.77 -28.96
N ASP C 305 -7.49 17.03 -28.90
CA ASP C 305 -8.42 17.40 -27.84
C ASP C 305 -9.71 16.58 -27.93
N ILE C 306 -10.23 16.41 -29.14
CA ILE C 306 -11.46 15.65 -29.32
C ILE C 306 -11.25 14.19 -28.94
N GLU C 307 -10.11 13.61 -29.32
CA GLU C 307 -9.81 12.23 -28.98
C GLU C 307 -9.70 12.04 -27.48
N TYR C 308 -9.05 12.98 -26.79
CA TYR C 308 -8.95 12.91 -25.34
C TYR C 308 -10.33 12.99 -24.69
N SER C 309 -11.17 13.92 -25.15
CA SER C 309 -12.51 14.05 -24.60
C SER C 309 -13.33 12.78 -24.85
N ILE C 310 -13.21 12.20 -26.04
CA ILE C 310 -13.86 10.94 -26.35
C ILE C 310 -13.40 9.85 -25.38
N SER C 311 -12.10 9.81 -25.13
CA SER C 311 -11.56 8.83 -24.19
C SER C 311 -12.16 8.99 -22.81
N LYS C 312 -12.43 10.23 -22.39
CA LYS C 312 -13.11 10.41 -21.12
C LYS C 312 -14.62 10.20 -21.20
N GLY C 313 -15.17 9.99 -22.39
CA GLY C 313 -16.60 9.79 -22.56
C GLY C 313 -17.36 11.09 -22.69
N GLY C 314 -18.63 10.97 -23.04
CA GLY C 314 -19.49 12.13 -23.15
C GLY C 314 -20.50 12.07 -24.26
N ASN C 315 -20.91 13.24 -24.77
CA ASN C 315 -21.94 13.32 -25.80
C ASN C 315 -21.33 12.98 -27.16
N ASP C 316 -21.88 11.95 -27.81
CA ASP C 316 -21.34 11.49 -29.08
C ASP C 316 -21.70 12.45 -30.22
N GLN C 317 -22.93 12.97 -30.23
CA GLN C 317 -23.32 13.89 -31.29
C GLN C 317 -22.50 15.17 -31.23
N ILE C 318 -22.29 15.69 -30.02
CA ILE C 318 -21.49 16.90 -29.84
C ILE C 318 -20.07 16.68 -30.34
N GLN C 319 -19.48 15.54 -29.99
CA GLN C 319 -18.11 15.24 -30.41
C GLN C 319 -18.02 15.07 -31.93
N GLY C 320 -19.02 14.43 -32.54
CA GLY C 320 -18.99 14.27 -33.99
C GLY C 320 -19.09 15.60 -34.72
N SER C 321 -20.02 16.45 -34.29
CA SER C 321 -20.12 17.77 -34.89
C SER C 321 -18.86 18.59 -34.62
N ALA C 322 -18.22 18.37 -33.47
CA ALA C 322 -16.95 19.03 -33.20
C ALA C 322 -15.87 18.58 -34.18
N VAL C 323 -15.85 17.29 -34.51
CA VAL C 323 -14.89 16.79 -35.49
C VAL C 323 -15.12 17.46 -36.85
N ILE C 324 -16.38 17.51 -37.28
CA ILE C 324 -16.69 18.12 -38.57
C ILE C 324 -16.28 19.59 -38.57
N GLY C 325 -16.62 20.32 -37.50
CA GLY C 325 -16.29 21.72 -37.43
C GLY C 325 -14.80 21.98 -37.36
N ALA C 326 -14.07 21.13 -36.62
CA ALA C 326 -12.63 21.28 -36.54
C ALA C 326 -11.98 21.10 -37.89
N ILE C 327 -12.39 20.07 -38.64
CA ILE C 327 -11.82 19.85 -39.97
C ILE C 327 -12.15 21.02 -40.89
N LYS C 328 -13.42 21.42 -40.98
CA LYS C 328 -13.78 22.48 -41.95
C LYS C 328 -13.04 23.78 -41.60
N ALA C 329 -12.95 24.11 -40.31
CA ALA C 329 -12.30 25.36 -39.87
C ALA C 329 -10.81 25.36 -40.22
N SER C 330 -10.11 24.28 -39.92
CA SER C 330 -8.66 24.18 -40.20
C SER C 330 -8.42 24.35 -41.69
N PHE C 331 -9.24 23.70 -42.52
CA PHE C 331 -9.01 23.75 -43.98
C PHE C 331 -9.43 25.12 -44.52
N GLU C 332 -9.71 26.08 -43.64
CA GLU C 332 -10.00 27.46 -44.10
C GLU C 332 -8.67 28.16 -44.36
N ASN C 333 -7.63 27.79 -43.61
CA ASN C 333 -6.29 28.40 -43.80
C ASN C 333 -5.70 27.91 -45.11
N GLU C 334 -6.10 26.72 -45.58
CA GLU C 334 -5.50 26.14 -46.81
C GLU C 334 -5.73 27.09 -47.99
N THR C 335 -6.95 27.62 -48.13
CA THR C 335 -7.23 28.60 -49.21
C THR C 335 -6.81 29.99 -48.74
N VAL C 336 -7.02 30.32 -47.46
CA VAL C 336 -6.65 31.65 -46.90
C VAL C 336 -6.78 32.71 -48.00
N GLN D 24 -42.99 -6.90 -9.21
CA GLN D 24 -42.12 -8.06 -9.06
C GLN D 24 -40.66 -7.62 -9.03
N GLN D 25 -40.20 -7.00 -10.11
CA GLN D 25 -38.82 -6.56 -10.25
C GLN D 25 -38.78 -5.42 -11.26
N PRO D 26 -37.76 -4.57 -11.19
CA PRO D 26 -37.60 -3.56 -12.24
C PRO D 26 -37.39 -4.25 -13.59
N TRP D 27 -37.94 -3.63 -14.64
CA TRP D 27 -37.95 -4.26 -15.95
C TRP D 27 -36.54 -4.50 -16.49
N VAL D 28 -35.55 -3.74 -16.02
CA VAL D 28 -34.18 -3.95 -16.50
C VAL D 28 -33.65 -5.28 -15.99
N GLU D 29 -33.84 -5.58 -14.71
CA GLU D 29 -33.43 -6.87 -14.17
C GLU D 29 -34.43 -7.97 -14.48
N LYS D 30 -35.68 -7.62 -14.78
CA LYS D 30 -36.67 -8.63 -15.14
C LYS D 30 -36.47 -9.12 -16.57
N TYR D 31 -36.06 -8.22 -17.47
CA TYR D 31 -35.91 -8.54 -18.88
C TYR D 31 -34.45 -8.61 -19.30
N ARG D 32 -33.56 -8.92 -18.36
CA ARG D 32 -32.17 -9.19 -18.71
C ARG D 32 -32.10 -10.49 -19.50
N PRO D 33 -31.33 -10.52 -20.60
CA PRO D 33 -31.25 -11.75 -21.40
C PRO D 33 -30.71 -12.92 -20.59
N LYS D 34 -31.33 -14.09 -20.81
CA LYS D 34 -30.91 -15.32 -20.13
C LYS D 34 -30.04 -16.20 -21.00
N ASN D 35 -30.17 -16.12 -22.32
CA ASN D 35 -29.32 -16.83 -23.25
C ASN D 35 -28.84 -15.87 -24.33
N LEU D 36 -27.91 -16.35 -25.16
CA LEU D 36 -27.31 -15.51 -26.18
C LEU D 36 -28.27 -15.14 -27.29
N ASP D 37 -29.43 -15.80 -27.38
CA ASP D 37 -30.42 -15.44 -28.39
C ASP D 37 -31.15 -14.16 -28.03
N GLU D 38 -31.30 -13.87 -26.74
CA GLU D 38 -32.02 -12.68 -26.31
C GLU D 38 -31.21 -11.40 -26.49
N VAL D 39 -29.89 -11.49 -26.59
CA VAL D 39 -29.05 -10.30 -26.72
C VAL D 39 -29.20 -9.75 -28.14
N THR D 40 -29.57 -8.47 -28.24
CA THR D 40 -29.98 -7.88 -29.50
C THR D 40 -28.93 -6.89 -30.01
N ALA D 41 -28.80 -6.86 -31.34
CA ALA D 41 -28.07 -5.84 -32.09
C ALA D 41 -26.56 -5.98 -31.98
N GLN D 42 -26.07 -6.82 -31.09
CA GLN D 42 -24.66 -7.18 -31.05
C GLN D 42 -24.48 -8.55 -31.66
N ASP D 43 -24.59 -8.60 -32.99
CA ASP D 43 -24.50 -9.89 -33.65
C ASP D 43 -23.07 -10.38 -33.76
N HIS D 44 -22.10 -9.50 -34.00
CA HIS D 44 -20.73 -9.94 -34.21
C HIS D 44 -20.21 -10.76 -33.04
N ALA D 45 -20.19 -10.16 -31.84
CA ALA D 45 -19.69 -10.85 -30.67
C ALA D 45 -20.53 -12.07 -30.35
N VAL D 46 -21.84 -11.98 -30.51
CA VAL D 46 -22.71 -13.08 -30.09
C VAL D 46 -22.56 -14.28 -31.02
N THR D 47 -22.44 -14.07 -32.34
CA THR D 47 -22.12 -15.20 -33.22
C THR D 47 -20.75 -15.78 -32.92
N VAL D 48 -19.74 -14.94 -32.64
CA VAL D 48 -18.43 -15.51 -32.33
C VAL D 48 -18.52 -16.39 -31.08
N LEU D 49 -19.22 -15.92 -30.06
CA LEU D 49 -19.37 -16.69 -28.83
C LEU D 49 -20.23 -17.93 -29.01
N LYS D 50 -21.30 -17.85 -29.81
CA LYS D 50 -22.12 -19.03 -30.09
C LYS D 50 -21.32 -20.09 -30.83
N LYS D 51 -20.47 -19.68 -31.77
CA LYS D 51 -19.62 -20.62 -32.46
C LYS D 51 -18.59 -21.22 -31.51
N THR D 52 -18.10 -20.41 -30.56
CA THR D 52 -17.20 -20.93 -29.54
C THR D 52 -17.89 -21.98 -28.67
N LEU D 53 -19.20 -21.85 -28.48
CA LEU D 53 -19.95 -22.84 -27.69
C LEU D 53 -19.68 -24.25 -28.17
N LYS D 54 -19.83 -24.50 -29.48
CA LYS D 54 -19.61 -25.82 -30.04
C LYS D 54 -18.13 -26.18 -30.15
N SER D 55 -17.24 -25.19 -30.17
CA SER D 55 -15.81 -25.41 -30.08
C SER D 55 -15.40 -25.39 -28.61
N ALA D 56 -14.10 -25.35 -28.36
CA ALA D 56 -13.61 -25.27 -26.99
C ALA D 56 -12.39 -24.36 -26.86
N ASN D 57 -12.17 -23.48 -27.82
CA ASN D 57 -10.99 -22.61 -27.86
C ASN D 57 -11.35 -21.16 -27.59
N LEU D 58 -12.21 -20.92 -26.60
CA LEU D 58 -12.62 -19.56 -26.27
C LEU D 58 -11.39 -18.73 -25.93
N PRO D 59 -11.22 -17.55 -26.52
CA PRO D 59 -10.04 -16.74 -26.23
C PRO D 59 -10.22 -15.91 -24.96
N HIS D 60 -9.24 -15.06 -24.67
CA HIS D 60 -9.41 -14.04 -23.65
C HIS D 60 -10.12 -12.85 -24.29
N MET D 61 -11.25 -12.45 -23.72
CA MET D 61 -12.13 -11.47 -24.34
C MET D 61 -12.07 -10.14 -23.61
N LEU D 62 -12.10 -9.06 -24.39
CA LEU D 62 -12.20 -7.70 -23.87
C LEU D 62 -13.51 -7.11 -24.37
N PHE D 63 -14.51 -7.06 -23.49
CA PHE D 63 -15.80 -6.48 -23.82
C PHE D 63 -15.77 -4.99 -23.52
N TYR D 64 -15.99 -4.15 -24.52
CA TYR D 64 -16.04 -2.72 -24.29
C TYR D 64 -17.11 -2.07 -25.16
N GLY D 65 -17.70 -1.01 -24.64
CA GLY D 65 -18.76 -0.30 -25.30
C GLY D 65 -19.44 0.69 -24.36
N PRO D 66 -20.38 1.45 -24.88
CA PRO D 66 -21.06 2.46 -24.06
C PRO D 66 -21.92 1.81 -22.98
N PRO D 67 -22.30 2.54 -21.95
CA PRO D 67 -23.13 1.96 -20.89
C PRO D 67 -24.46 1.46 -21.44
N GLY D 68 -24.95 0.38 -20.82
CA GLY D 68 -26.24 -0.19 -21.17
C GLY D 68 -26.31 -0.78 -22.56
N THR D 69 -25.25 -1.44 -23.01
CA THR D 69 -25.19 -1.99 -24.36
C THR D 69 -25.22 -3.51 -24.39
N GLY D 70 -25.16 -4.18 -23.25
CA GLY D 70 -25.36 -5.61 -23.21
C GLY D 70 -24.11 -6.43 -23.01
N LYS D 71 -23.18 -5.96 -22.18
CA LYS D 71 -21.92 -6.65 -21.96
C LYS D 71 -21.99 -7.62 -20.79
N THR D 72 -22.48 -7.15 -19.63
CA THR D 72 -22.68 -8.06 -18.52
C THR D 72 -23.72 -9.12 -18.86
N SER D 73 -24.77 -8.73 -19.58
CA SER D 73 -25.77 -9.70 -20.03
C SER D 73 -25.14 -10.75 -20.91
N THR D 74 -24.29 -10.33 -21.85
CA THR D 74 -23.64 -11.28 -22.76
C THR D 74 -22.74 -12.24 -22.00
N ILE D 75 -21.94 -11.73 -21.07
CA ILE D 75 -21.01 -12.61 -20.37
C ILE D 75 -21.75 -13.58 -19.45
N LEU D 76 -22.82 -13.11 -18.79
CA LEU D 76 -23.58 -14.02 -17.93
C LEU D 76 -24.31 -15.07 -18.76
N ALA D 77 -24.88 -14.68 -19.90
CA ALA D 77 -25.55 -15.65 -20.76
C ALA D 77 -24.59 -16.69 -21.29
N LEU D 78 -23.40 -16.26 -21.74
CA LEU D 78 -22.40 -17.20 -22.19
C LEU D 78 -21.95 -18.13 -21.08
N THR D 79 -21.69 -17.58 -19.89
CA THR D 79 -21.23 -18.43 -18.79
C THR D 79 -22.29 -19.48 -18.44
N LYS D 80 -23.56 -19.08 -18.42
CA LYS D 80 -24.64 -20.02 -18.17
C LYS D 80 -24.70 -21.10 -19.26
N GLU D 81 -24.75 -20.67 -20.53
CA GLU D 81 -24.82 -21.64 -21.62
C GLU D 81 -23.63 -22.61 -21.59
N LEU D 82 -22.49 -22.14 -21.09
CA LEU D 82 -21.31 -23.00 -21.00
C LEU D 82 -21.47 -24.05 -19.91
N TYR D 83 -21.73 -23.61 -18.67
CA TYR D 83 -21.55 -24.51 -17.54
C TYR D 83 -22.84 -25.02 -16.90
N GLY D 84 -23.98 -24.35 -17.08
CA GLY D 84 -25.17 -24.72 -16.38
C GLY D 84 -25.18 -24.13 -14.99
N PRO D 85 -26.33 -24.18 -14.32
CA PRO D 85 -26.42 -23.57 -12.98
C PRO D 85 -25.53 -24.23 -11.94
N ASP D 86 -25.09 -25.47 -12.15
CA ASP D 86 -24.37 -26.22 -11.11
C ASP D 86 -22.87 -26.03 -11.23
N LEU D 87 -22.30 -26.35 -12.39
CA LEU D 87 -20.86 -26.22 -12.58
C LEU D 87 -20.43 -24.76 -12.50
N MET D 88 -21.35 -23.84 -12.75
CA MET D 88 -21.05 -22.41 -12.79
C MET D 88 -20.43 -21.93 -11.49
N LYS D 89 -20.99 -22.34 -10.35
CA LYS D 89 -20.51 -21.89 -9.06
C LYS D 89 -19.08 -22.33 -8.78
N SER D 90 -18.61 -23.39 -9.44
CA SER D 90 -17.27 -23.91 -9.23
C SER D 90 -16.30 -23.56 -10.33
N ARG D 91 -16.77 -23.10 -11.49
CA ARG D 91 -15.89 -22.83 -12.63
C ARG D 91 -15.90 -21.36 -13.05
N ILE D 92 -16.36 -20.46 -12.19
CA ILE D 92 -16.41 -19.04 -12.50
C ILE D 92 -15.94 -18.24 -11.29
N LEU D 93 -15.10 -17.24 -11.55
CA LEU D 93 -14.71 -16.26 -10.55
C LEU D 93 -14.99 -14.88 -11.11
N GLU D 94 -15.81 -14.10 -10.41
CA GLU D 94 -16.19 -12.76 -10.84
C GLU D 94 -15.63 -11.73 -9.87
N LEU D 95 -14.87 -10.78 -10.42
CA LEU D 95 -14.39 -9.63 -9.67
C LEU D 95 -14.90 -8.36 -10.33
N ASN D 96 -15.52 -7.50 -9.53
CA ASN D 96 -16.05 -6.23 -10.01
C ASN D 96 -15.55 -5.12 -9.10
N ALA D 97 -15.94 -3.88 -9.42
CA ALA D 97 -15.40 -2.72 -8.72
C ALA D 97 -15.85 -2.63 -7.28
N SER D 98 -16.80 -3.45 -6.85
CA SER D 98 -17.27 -3.43 -5.47
C SER D 98 -16.37 -4.21 -4.52
N ASP D 99 -15.34 -4.89 -5.03
CA ASP D 99 -14.40 -5.62 -4.18
C ASP D 99 -12.98 -5.14 -4.50
N GLU D 100 -12.11 -5.24 -3.50
CA GLU D 100 -10.73 -4.80 -3.66
C GLU D 100 -10.02 -5.63 -4.71
N ARG D 101 -9.35 -4.95 -5.64
CA ARG D 101 -8.63 -5.58 -6.74
C ARG D 101 -7.25 -4.96 -6.89
N GLY D 102 -6.55 -4.82 -5.78
CA GLY D 102 -5.22 -4.26 -5.78
C GLY D 102 -4.19 -5.21 -6.36
N ILE D 103 -2.94 -4.76 -6.34
CA ILE D 103 -1.85 -5.56 -6.89
C ILE D 103 -1.70 -6.86 -6.11
N SER D 104 -1.81 -6.79 -4.78
CA SER D 104 -1.70 -7.98 -3.96
C SER D 104 -2.83 -8.96 -4.25
N ILE D 105 -4.07 -8.45 -4.39
CA ILE D 105 -5.20 -9.33 -4.67
C ILE D 105 -5.04 -10.01 -6.02
N VAL D 106 -4.61 -9.24 -7.02
CA VAL D 106 -4.39 -9.82 -8.35
C VAL D 106 -3.29 -10.87 -8.29
N ARG D 107 -2.25 -10.63 -7.50
CA ARG D 107 -1.13 -11.57 -7.44
C ARG D 107 -1.47 -12.83 -6.65
N GLU D 108 -2.37 -12.76 -5.67
CA GLU D 108 -2.69 -13.93 -4.87
C GLU D 108 -3.97 -14.64 -5.32
N LYS D 109 -5.12 -13.94 -5.30
CA LYS D 109 -6.39 -14.63 -5.49
C LYS D 109 -6.60 -15.05 -6.94
N VAL D 110 -6.34 -14.13 -7.88
CA VAL D 110 -6.52 -14.45 -9.29
C VAL D 110 -5.53 -15.53 -9.72
N LYS D 111 -4.28 -15.41 -9.28
CA LYS D 111 -3.28 -16.42 -9.64
C LYS D 111 -3.63 -17.77 -9.03
N ASN D 112 -4.13 -17.79 -7.79
CA ASN D 112 -4.52 -19.04 -7.17
C ASN D 112 -5.69 -19.69 -7.91
N PHE D 113 -6.66 -18.88 -8.34
CA PHE D 113 -7.79 -19.44 -9.07
C PHE D 113 -7.37 -19.94 -10.44
N ALA D 114 -6.45 -19.25 -11.10
CA ALA D 114 -5.94 -19.73 -12.38
C ALA D 114 -5.14 -21.01 -12.21
N ARG D 115 -4.34 -21.10 -11.15
CA ARG D 115 -3.56 -22.30 -10.87
C ARG D 115 -4.45 -23.51 -10.60
N LEU D 116 -5.66 -23.27 -10.11
CA LEU D 116 -6.53 -24.35 -9.68
C LEU D 116 -6.81 -25.31 -10.83
N THR D 117 -6.85 -26.60 -10.51
CA THR D 117 -7.19 -27.58 -11.53
C THR D 117 -8.68 -27.48 -11.85
N VAL D 118 -9.04 -27.94 -13.04
CA VAL D 118 -10.41 -27.83 -13.52
C VAL D 118 -11.25 -28.87 -12.79
N SER D 119 -12.27 -28.40 -12.07
CA SER D 119 -13.16 -29.31 -11.34
C SER D 119 -13.89 -30.22 -12.31
N LYS D 120 -14.13 -31.46 -11.88
CA LYS D 120 -14.76 -32.44 -12.73
C LYS D 120 -16.25 -32.14 -12.89
N PRO D 121 -16.80 -32.29 -14.09
CA PRO D 121 -18.25 -32.19 -14.25
C PRO D 121 -18.95 -33.43 -13.73
N SER D 122 -20.25 -33.30 -13.49
CA SER D 122 -21.09 -34.43 -13.12
C SER D 122 -21.64 -35.09 -14.38
N LYS D 123 -22.41 -36.15 -14.20
CA LYS D 123 -23.05 -36.82 -15.33
C LYS D 123 -24.06 -35.90 -16.02
N HIS D 124 -24.92 -35.27 -15.22
CA HIS D 124 -25.93 -34.38 -15.78
C HIS D 124 -25.30 -33.20 -16.48
N ASP D 125 -24.25 -32.61 -15.88
CA ASP D 125 -23.55 -31.52 -16.53
C ASP D 125 -22.90 -31.97 -17.83
N LEU D 126 -22.32 -33.17 -17.83
CA LEU D 126 -21.63 -33.66 -19.01
C LEU D 126 -22.60 -33.92 -20.16
N GLU D 127 -23.81 -34.38 -19.85
CA GLU D 127 -24.76 -34.67 -20.92
C GLU D 127 -25.52 -33.42 -21.39
N ASN D 128 -26.03 -32.64 -20.43
CA ASN D 128 -26.89 -31.48 -20.78
C ASN D 128 -26.05 -30.30 -21.29
N TYR D 129 -24.98 -29.92 -20.57
CA TYR D 129 -24.22 -28.70 -20.95
C TYR D 129 -22.91 -29.06 -21.66
N PRO D 130 -22.34 -28.17 -22.49
CA PRO D 130 -21.07 -28.42 -23.19
C PRO D 130 -19.88 -28.60 -22.22
N CYS D 131 -19.79 -27.81 -21.15
CA CYS D 131 -18.73 -27.97 -20.12
C CYS D 131 -17.34 -28.02 -20.77
N PRO D 132 -16.84 -26.92 -21.39
CA PRO D 132 -15.49 -26.90 -21.96
C PRO D 132 -14.44 -27.13 -20.86
N PRO D 133 -13.23 -27.62 -21.18
CA PRO D 133 -12.24 -27.96 -20.15
C PRO D 133 -11.43 -26.76 -19.63
N TYR D 134 -12.09 -25.77 -19.03
CA TYR D 134 -11.40 -24.56 -18.54
C TYR D 134 -12.30 -23.79 -17.59
N LYS D 135 -11.76 -22.76 -16.94
CA LYS D 135 -12.58 -21.92 -16.02
C LYS D 135 -12.48 -20.47 -16.53
N ILE D 136 -13.47 -19.65 -16.22
CA ILE D 136 -13.51 -18.26 -16.69
C ILE D 136 -13.37 -17.33 -15.49
N ILE D 137 -12.46 -16.37 -15.61
CA ILE D 137 -12.32 -15.29 -14.64
C ILE D 137 -12.88 -14.04 -15.30
N ILE D 138 -13.95 -13.51 -14.75
CA ILE D 138 -14.60 -12.31 -15.28
C ILE D 138 -14.18 -11.13 -14.42
N LEU D 139 -13.55 -10.14 -15.04
CA LEU D 139 -13.12 -8.93 -14.36
C LEU D 139 -13.95 -7.79 -14.92
N ASP D 140 -15.13 -7.59 -14.35
CA ASP D 140 -16.01 -6.50 -14.73
C ASP D 140 -15.52 -5.19 -14.13
N GLU D 141 -15.84 -4.09 -14.81
CA GLU D 141 -15.34 -2.76 -14.43
C GLU D 141 -13.81 -2.78 -14.35
N ALA D 142 -13.19 -3.34 -15.39
CA ALA D 142 -11.74 -3.44 -15.43
C ALA D 142 -11.07 -2.10 -15.66
N ASP D 143 -11.81 -1.10 -16.13
CA ASP D 143 -11.24 0.23 -16.31
C ASP D 143 -10.94 0.91 -14.98
N SER D 144 -11.41 0.37 -13.87
CA SER D 144 -11.14 0.92 -12.55
C SER D 144 -9.89 0.32 -11.90
N MET D 145 -9.19 -0.58 -12.57
CA MET D 145 -7.99 -1.18 -12.03
C MET D 145 -6.77 -0.36 -12.41
N THR D 146 -5.84 -0.23 -11.46
CA THR D 146 -4.61 0.49 -11.72
C THR D 146 -3.73 -0.30 -12.70
N ALA D 147 -2.80 0.42 -13.33
CA ALA D 147 -1.93 -0.22 -14.33
C ALA D 147 -1.03 -1.27 -13.70
N ASP D 148 -0.74 -1.16 -12.41
CA ASP D 148 0.07 -2.17 -11.73
C ASP D 148 -0.64 -3.51 -11.72
N ALA D 149 -1.94 -3.51 -11.39
CA ALA D 149 -2.70 -4.76 -11.34
C ALA D 149 -2.80 -5.39 -12.72
N GLN D 150 -2.98 -4.59 -13.75
CA GLN D 150 -3.05 -5.12 -15.11
C GLN D 150 -1.71 -5.70 -15.55
N SER D 151 -0.62 -5.02 -15.20
CA SER D 151 0.72 -5.57 -15.48
C SER D 151 0.91 -6.90 -14.77
N ALA D 152 0.42 -7.02 -13.54
CA ALA D 152 0.47 -8.30 -12.84
C ALA D 152 -0.37 -9.34 -13.57
N LEU D 153 -1.53 -8.94 -14.09
CA LEU D 153 -2.43 -9.88 -14.76
C LEU D 153 -1.87 -10.38 -16.08
N ARG D 154 -0.94 -9.65 -16.71
CA ARG D 154 -0.41 -10.05 -18.01
C ARG D 154 0.02 -11.51 -18.05
N ARG D 155 1.02 -11.88 -17.26
CA ARG D 155 1.54 -13.24 -17.33
C ARG D 155 0.60 -14.26 -16.70
N THR D 156 -0.23 -13.84 -15.74
CA THR D 156 -1.26 -14.76 -15.23
C THR D 156 -2.22 -15.17 -16.33
N MET D 157 -2.65 -14.21 -17.14
CA MET D 157 -3.46 -14.55 -18.31
C MET D 157 -2.69 -15.44 -19.27
N GLU D 158 -1.44 -15.10 -19.55
CA GLU D 158 -0.70 -15.86 -20.55
C GLU D 158 -0.45 -17.29 -20.08
N THR D 159 0.40 -17.48 -19.07
CA THR D 159 0.93 -18.81 -18.77
C THR D 159 -0.13 -19.82 -18.35
N TYR D 160 -1.36 -19.39 -18.08
CA TYR D 160 -2.44 -20.31 -17.75
C TYR D 160 -3.57 -20.27 -18.76
N SER D 161 -3.25 -19.99 -20.03
CA SER D 161 -4.29 -19.85 -21.05
C SER D 161 -4.95 -21.19 -21.41
N GLY D 162 -4.37 -22.31 -21.02
CA GLY D 162 -4.94 -23.59 -21.32
C GLY D 162 -5.84 -24.16 -20.24
N VAL D 163 -6.01 -23.44 -19.15
CA VAL D 163 -6.77 -23.95 -18.00
C VAL D 163 -7.75 -22.89 -17.53
N THR D 164 -7.57 -21.65 -17.99
CA THR D 164 -8.35 -20.53 -17.51
C THR D 164 -8.51 -19.52 -18.63
N ARG D 165 -9.67 -18.89 -18.70
CA ARG D 165 -9.96 -17.84 -19.67
C ARG D 165 -10.33 -16.56 -18.94
N PHE D 166 -9.89 -15.42 -19.50
CA PHE D 166 -10.09 -14.12 -18.88
C PHE D 166 -11.06 -13.30 -19.69
N CYS D 167 -12.00 -12.64 -19.00
CA CYS D 167 -12.92 -11.70 -19.62
C CYS D 167 -12.81 -10.36 -18.90
N LEU D 168 -12.46 -9.32 -19.65
CA LEU D 168 -12.36 -7.96 -19.12
C LEU D 168 -13.44 -7.10 -19.75
N ILE D 169 -14.26 -6.46 -18.92
CA ILE D 169 -15.36 -5.63 -19.37
C ILE D 169 -15.13 -4.20 -18.88
N CYS D 170 -15.25 -3.24 -19.79
CA CYS D 170 -15.03 -1.84 -19.46
C CYS D 170 -15.76 -0.97 -20.47
N ASN D 171 -15.93 0.31 -20.12
CA ASN D 171 -16.44 1.28 -21.08
C ASN D 171 -15.33 2.00 -21.82
N TYR D 172 -14.23 2.31 -21.14
CA TYR D 172 -13.12 3.07 -21.71
C TYR D 172 -11.94 2.13 -21.91
N VAL D 173 -11.63 1.82 -23.16
CA VAL D 173 -10.53 0.92 -23.46
C VAL D 173 -9.20 1.53 -23.05
N THR D 174 -9.08 2.86 -23.17
CA THR D 174 -7.83 3.53 -22.86
C THR D 174 -7.38 3.32 -21.43
N ARG D 175 -8.31 2.99 -20.52
CA ARG D 175 -7.94 2.65 -19.16
C ARG D 175 -7.35 1.24 -19.06
N ILE D 176 -7.44 0.45 -20.12
CA ILE D 176 -6.79 -0.86 -20.17
C ILE D 176 -5.42 -0.70 -20.81
N ILE D 177 -4.38 -1.16 -20.12
CA ILE D 177 -3.02 -0.96 -20.62
C ILE D 177 -2.84 -1.73 -21.93
N ASP D 178 -1.85 -1.30 -22.71
CA ASP D 178 -1.62 -1.89 -24.03
C ASP D 178 -1.33 -3.38 -23.99
N PRO D 179 -0.50 -3.91 -23.08
CA PRO D 179 -0.32 -5.38 -23.04
C PRO D 179 -1.61 -6.16 -22.88
N LEU D 180 -2.46 -5.78 -21.93
CA LEU D 180 -3.70 -6.51 -21.72
C LEU D 180 -4.65 -6.36 -22.91
N ALA D 181 -4.68 -5.18 -23.52
CA ALA D 181 -5.48 -5.01 -24.73
C ALA D 181 -4.97 -5.87 -25.87
N SER D 182 -3.66 -6.13 -25.91
CA SER D 182 -3.11 -7.01 -26.93
C SER D 182 -3.46 -8.46 -26.67
N ARG D 183 -3.33 -8.91 -25.42
CA ARG D 183 -3.64 -10.30 -25.09
C ARG D 183 -5.12 -10.60 -25.28
N CYS D 184 -5.99 -9.69 -24.87
CA CYS D 184 -7.43 -9.93 -24.88
C CYS D 184 -8.01 -9.68 -26.26
N SER D 185 -8.88 -10.58 -26.70
CA SER D 185 -9.63 -10.36 -27.94
C SER D 185 -10.69 -9.29 -27.72
N LYS D 186 -10.78 -8.34 -28.64
CA LYS D 186 -11.60 -7.16 -28.46
C LYS D 186 -12.97 -7.36 -29.10
N PHE D 187 -14.01 -7.10 -28.32
CA PHE D 187 -15.40 -7.22 -28.76
C PHE D 187 -16.10 -5.91 -28.45
N ARG D 188 -16.25 -5.06 -29.46
CA ARG D 188 -16.89 -3.76 -29.27
C ARG D 188 -18.41 -3.91 -29.36
N PHE D 189 -19.10 -3.37 -28.37
CA PHE D 189 -20.56 -3.42 -28.31
C PHE D 189 -21.11 -2.11 -28.85
N LYS D 190 -21.90 -2.19 -29.92
CA LYS D 190 -22.45 -1.02 -30.56
C LYS D 190 -23.49 -0.34 -29.67
N ALA D 191 -23.66 0.96 -29.89
CA ALA D 191 -24.71 1.70 -29.20
C ALA D 191 -26.08 1.29 -29.75
N LEU D 192 -27.04 1.18 -28.84
CA LEU D 192 -28.37 0.68 -29.19
C LEU D 192 -29.26 1.86 -29.57
N ASP D 193 -29.34 2.14 -30.87
CA ASP D 193 -30.16 3.23 -31.39
C ASP D 193 -31.62 2.78 -31.47
N ALA D 194 -32.45 3.57 -32.15
CA ALA D 194 -33.83 3.14 -32.37
C ALA D 194 -33.89 1.90 -33.25
N SER D 195 -33.11 1.88 -34.34
CA SER D 195 -33.14 0.74 -35.25
C SER D 195 -32.64 -0.52 -34.58
N ASN D 196 -31.60 -0.39 -33.74
CA ASN D 196 -31.00 -1.58 -33.12
C ASN D 196 -31.95 -2.23 -32.12
N ALA D 197 -32.54 -1.43 -31.23
CA ALA D 197 -33.25 -1.96 -30.07
C ALA D 197 -34.76 -1.74 -30.15
N ILE D 198 -35.30 -1.34 -31.31
CA ILE D 198 -36.73 -1.11 -31.41
C ILE D 198 -37.50 -2.41 -31.21
N ASP D 199 -36.99 -3.52 -31.76
CA ASP D 199 -37.67 -4.80 -31.61
C ASP D 199 -37.68 -5.25 -30.16
N ARG D 200 -36.55 -5.09 -29.46
CA ARG D 200 -36.51 -5.48 -28.05
C ARG D 200 -37.44 -4.63 -27.21
N LEU D 201 -37.48 -3.31 -27.48
CA LEU D 201 -38.38 -2.45 -26.74
C LEU D 201 -39.83 -2.79 -27.02
N ARG D 202 -40.16 -3.13 -28.27
CA ARG D 202 -41.52 -3.56 -28.59
C ARG D 202 -41.85 -4.86 -27.86
N PHE D 203 -40.91 -5.80 -27.81
CA PHE D 203 -41.12 -7.06 -27.12
C PHE D 203 -41.47 -6.80 -25.67
N ILE D 204 -40.66 -5.97 -25.00
CA ILE D 204 -40.86 -5.66 -23.58
C ILE D 204 -42.18 -4.94 -23.37
N SER D 205 -42.50 -3.97 -24.23
CA SER D 205 -43.74 -3.23 -24.09
C SER D 205 -44.96 -4.14 -24.23
N GLU D 206 -44.95 -5.01 -25.25
CA GLU D 206 -46.08 -5.89 -25.49
C GLU D 206 -46.27 -6.89 -24.35
N GLN D 207 -45.18 -7.43 -23.82
CA GLN D 207 -45.30 -8.44 -22.76
C GLN D 207 -45.69 -7.85 -21.43
N GLU D 208 -45.49 -6.55 -21.24
CA GLU D 208 -45.93 -5.90 -20.02
C GLU D 208 -47.20 -5.10 -20.23
N ASN D 209 -47.86 -5.27 -21.38
CA ASN D 209 -49.15 -4.64 -21.68
C ASN D 209 -49.04 -3.12 -21.58
N VAL D 210 -48.22 -2.56 -22.45
CA VAL D 210 -47.96 -1.12 -22.49
C VAL D 210 -48.61 -0.58 -23.75
N LYS D 211 -49.54 0.36 -23.58
CA LYS D 211 -50.23 1.00 -24.70
C LYS D 211 -49.51 2.29 -25.02
N CYS D 212 -48.88 2.34 -26.18
CA CYS D 212 -48.06 3.47 -26.59
C CYS D 212 -48.58 4.05 -27.90
N ASP D 213 -48.60 5.38 -27.99
CA ASP D 213 -48.93 6.04 -29.24
C ASP D 213 -47.79 5.84 -30.23
N ASP D 214 -48.12 5.81 -31.52
CA ASP D 214 -47.11 5.65 -32.55
C ASP D 214 -46.17 6.85 -32.54
N GLY D 215 -44.87 6.57 -32.62
CA GLY D 215 -43.86 7.60 -32.46
C GLY D 215 -43.11 7.40 -31.17
N VAL D 216 -43.82 6.98 -30.13
CA VAL D 216 -43.19 6.57 -28.87
C VAL D 216 -42.53 5.22 -29.11
N LEU D 217 -41.60 4.85 -28.23
CA LEU D 217 -40.72 3.69 -28.35
C LEU D 217 -39.64 3.94 -29.40
N GLU D 218 -39.78 5.05 -30.13
CA GLU D 218 -38.70 5.59 -30.94
C GLU D 218 -38.16 6.88 -30.33
N ARG D 219 -39.04 7.70 -29.77
CA ARG D 219 -38.60 8.82 -28.96
C ARG D 219 -37.87 8.34 -27.71
N ILE D 220 -38.31 7.21 -27.15
CA ILE D 220 -37.65 6.63 -25.98
C ILE D 220 -36.20 6.27 -26.31
N LEU D 221 -35.98 5.69 -27.49
CA LEU D 221 -34.64 5.31 -27.90
C LEU D 221 -33.82 6.47 -28.44
N ASP D 222 -34.47 7.53 -28.92
CA ASP D 222 -33.73 8.72 -29.32
C ASP D 222 -33.24 9.50 -28.12
N ILE D 223 -34.09 9.65 -27.10
CA ILE D 223 -33.66 10.29 -25.86
C ILE D 223 -32.56 9.47 -25.20
N SER D 224 -32.78 8.16 -25.10
CA SER D 224 -31.81 7.24 -24.50
C SER D 224 -30.79 6.86 -25.57
N ALA D 225 -29.84 7.77 -25.80
CA ALA D 225 -28.86 7.61 -26.88
C ALA D 225 -27.88 6.49 -26.50
N GLY D 226 -27.98 5.36 -27.20
CA GLY D 226 -27.09 4.24 -26.97
C GLY D 226 -27.20 3.61 -25.60
N ASP D 227 -28.42 3.45 -25.09
CA ASP D 227 -28.62 2.97 -23.73
C ASP D 227 -29.98 2.30 -23.67
N LEU D 228 -30.00 0.97 -23.59
CA LEU D 228 -31.26 0.26 -23.46
C LEU D 228 -31.74 0.17 -22.02
N ARG D 229 -30.84 0.24 -21.05
CA ARG D 229 -31.27 0.31 -19.65
C ARG D 229 -32.09 1.56 -19.39
N ARG D 230 -31.62 2.70 -19.90
CA ARG D 230 -32.35 3.95 -19.74
C ARG D 230 -33.69 3.89 -20.47
N GLY D 231 -33.71 3.30 -21.67
CA GLY D 231 -34.97 3.17 -22.39
C GLY D 231 -35.98 2.30 -21.67
N ILE D 232 -35.51 1.18 -21.10
CA ILE D 232 -36.40 0.30 -20.37
C ILE D 232 -36.93 0.98 -19.11
N THR D 233 -36.06 1.70 -18.38
CA THR D 233 -36.53 2.41 -17.19
C THR D 233 -37.51 3.52 -17.55
N LEU D 234 -37.25 4.23 -18.66
CA LEU D 234 -38.19 5.24 -19.13
C LEU D 234 -39.53 4.64 -19.46
N LEU D 235 -39.54 3.50 -20.15
CA LEU D 235 -40.79 2.83 -20.47
C LEU D 235 -41.51 2.39 -19.21
N GLN D 236 -40.78 1.87 -18.23
CA GLN D 236 -41.42 1.45 -16.99
C GLN D 236 -42.03 2.62 -16.25
N SER D 237 -41.33 3.76 -16.20
CA SER D 237 -41.87 4.92 -15.51
C SER D 237 -43.10 5.47 -16.23
N ALA D 238 -43.07 5.50 -17.57
CA ALA D 238 -44.24 5.93 -18.32
C ALA D 238 -45.42 5.00 -18.09
N SER D 239 -45.16 3.69 -18.04
CA SER D 239 -46.22 2.72 -17.76
C SER D 239 -46.79 2.92 -16.36
N LYS D 240 -45.92 3.16 -15.38
CA LYS D 240 -46.40 3.39 -14.02
C LYS D 240 -47.28 4.63 -13.95
N GLY D 241 -46.88 5.71 -14.64
CA GLY D 241 -47.71 6.89 -14.67
C GLY D 241 -49.06 6.66 -15.34
N ALA D 242 -49.05 6.00 -16.50
CA ALA D 242 -50.29 5.75 -17.23
C ALA D 242 -51.19 4.79 -16.48
N GLN D 243 -50.63 3.89 -15.67
CA GLN D 243 -51.45 3.00 -14.85
C GLN D 243 -52.00 3.72 -13.62
N TYR D 244 -51.22 4.62 -13.03
CA TYR D 244 -51.72 5.36 -11.87
C TYR D 244 -52.84 6.31 -12.27
N LEU D 245 -52.75 6.87 -13.48
CA LEU D 245 -53.82 7.73 -13.95
C LEU D 245 -55.16 7.01 -13.94
N GLY D 246 -55.16 5.73 -14.32
CA GLY D 246 -56.40 4.98 -14.44
C GLY D 246 -57.26 5.41 -15.60
N ASP D 247 -56.79 6.35 -16.40
CA ASP D 247 -57.53 6.88 -17.54
C ASP D 247 -57.59 5.92 -18.72
N GLY D 248 -56.67 4.96 -18.81
CA GLY D 248 -56.72 3.97 -19.87
C GLY D 248 -56.52 4.52 -21.26
N LYS D 249 -55.53 5.41 -21.41
CA LYS D 249 -55.17 5.97 -22.71
C LYS D 249 -53.69 5.72 -22.94
N ASN D 250 -53.29 5.89 -24.21
CA ASN D 250 -51.93 5.60 -24.62
C ASN D 250 -50.95 6.60 -24.01
N ILE D 251 -49.67 6.27 -24.10
CA ILE D 251 -48.60 7.15 -23.68
C ILE D 251 -48.17 8.00 -24.85
N THR D 252 -48.12 9.31 -24.65
CA THR D 252 -47.74 10.25 -25.69
C THR D 252 -46.26 10.58 -25.59
N SER D 253 -45.70 11.09 -26.69
CA SER D 253 -44.29 11.46 -26.70
C SER D 253 -44.02 12.61 -25.74
N THR D 254 -45.02 13.48 -25.53
CA THR D 254 -44.83 14.61 -24.63
C THR D 254 -44.58 14.14 -23.20
N GLN D 255 -45.32 13.14 -22.74
CA GLN D 255 -45.08 12.58 -21.41
C GLN D 255 -43.67 12.01 -21.31
N VAL D 256 -43.24 11.28 -22.35
CA VAL D 256 -41.92 10.67 -22.36
C VAL D 256 -40.84 11.73 -22.24
N GLU D 257 -40.95 12.79 -23.04
CA GLU D 257 -39.99 13.89 -22.95
C GLU D 257 -40.07 14.58 -21.60
N GLU D 258 -41.26 14.62 -21.00
CA GLU D 258 -41.41 15.28 -19.71
C GLU D 258 -40.63 14.55 -18.63
N LEU D 259 -40.81 13.23 -18.52
CA LEU D 259 -40.17 12.51 -17.43
C LEU D 259 -38.80 11.97 -17.82
N ALA D 260 -38.29 12.29 -19.01
CA ALA D 260 -36.93 11.99 -19.39
C ALA D 260 -35.98 13.16 -19.15
N GLY D 261 -36.48 14.28 -18.64
CA GLY D 261 -35.65 15.44 -18.39
C GLY D 261 -35.42 16.33 -19.59
N VAL D 262 -36.16 16.15 -20.68
CA VAL D 262 -35.98 16.95 -21.87
C VAL D 262 -36.66 18.30 -21.68
N VAL D 263 -35.92 19.37 -21.98
CA VAL D 263 -36.46 20.73 -21.87
C VAL D 263 -37.53 20.93 -22.94
N PRO D 264 -38.68 21.53 -22.62
CA PRO D 264 -39.71 21.75 -23.63
C PRO D 264 -39.22 22.68 -24.73
N HIS D 265 -39.79 22.50 -25.93
CA HIS D 265 -39.35 23.28 -27.08
C HIS D 265 -39.59 24.77 -26.89
N ASP D 266 -40.61 25.14 -26.11
CA ASP D 266 -40.89 26.56 -25.93
C ASP D 266 -39.82 27.24 -25.07
N ILE D 267 -39.36 26.56 -24.01
CA ILE D 267 -38.29 27.12 -23.19
C ILE D 267 -36.99 27.22 -23.99
N LEU D 268 -36.70 26.20 -24.80
CA LEU D 268 -35.52 26.26 -25.66
C LEU D 268 -35.63 27.39 -26.68
N ILE D 269 -36.83 27.61 -27.21
CA ILE D 269 -37.04 28.70 -28.16
C ILE D 269 -36.82 30.05 -27.48
N GLU D 270 -37.30 30.19 -26.23
CA GLU D 270 -37.04 31.42 -25.49
C GLU D 270 -35.55 31.62 -25.25
N ILE D 271 -34.83 30.54 -24.94
CA ILE D 271 -33.37 30.63 -24.77
C ILE D 271 -32.73 31.12 -26.05
N VAL D 272 -33.12 30.54 -27.18
CA VAL D 272 -32.54 30.90 -28.46
C VAL D 272 -32.84 32.36 -28.79
N GLU D 273 -34.05 32.82 -28.51
CA GLU D 273 -34.42 34.19 -28.82
C GLU D 273 -33.71 35.19 -27.91
N LYS D 274 -33.46 34.83 -26.65
CA LYS D 274 -32.71 35.71 -25.78
C LYS D 274 -31.23 35.72 -26.13
N VAL D 275 -30.73 34.62 -26.68
CA VAL D 275 -29.36 34.61 -27.20
C VAL D 275 -29.26 35.48 -28.46
N LYS D 276 -30.30 35.46 -29.29
CA LYS D 276 -30.28 36.22 -30.54
C LYS D 276 -30.13 37.71 -30.28
N SER D 277 -30.85 38.23 -29.30
CA SER D 277 -30.68 39.61 -28.85
C SER D 277 -29.60 39.60 -27.78
N GLY D 278 -28.35 39.78 -28.20
CA GLY D 278 -27.21 39.53 -27.34
C GLY D 278 -27.01 40.54 -26.22
N ASP D 279 -28.00 40.68 -25.35
CA ASP D 279 -27.89 41.53 -24.17
C ASP D 279 -27.47 40.68 -23.00
N PHE D 280 -26.37 41.06 -22.34
CA PHE D 280 -25.81 40.21 -21.29
C PHE D 280 -26.74 40.06 -20.11
N ASP D 281 -27.37 41.17 -19.69
CA ASP D 281 -28.20 41.12 -18.48
C ASP D 281 -29.46 40.29 -18.68
N GLU D 282 -30.07 40.39 -19.86
CA GLU D 282 -31.25 39.58 -20.16
C GLU D 282 -30.90 38.09 -20.11
N ILE D 283 -29.77 37.72 -20.72
CA ILE D 283 -29.34 36.33 -20.72
C ILE D 283 -29.04 35.87 -19.30
N LYS D 284 -28.39 36.72 -18.51
CA LYS D 284 -28.05 36.36 -17.14
C LYS D 284 -29.32 36.10 -16.31
N LYS D 285 -30.31 36.99 -16.43
CA LYS D 285 -31.55 36.81 -15.68
C LYS D 285 -32.28 35.55 -16.13
N TYR D 286 -32.36 35.32 -17.44
CA TYR D 286 -33.05 34.13 -17.93
C TYR D 286 -32.34 32.87 -17.49
N VAL D 287 -31.01 32.86 -17.52
CA VAL D 287 -30.28 31.67 -17.08
C VAL D 287 -30.48 31.45 -15.60
N ASN D 288 -30.57 32.53 -14.81
CA ASN D 288 -30.84 32.36 -13.39
C ASN D 288 -32.19 31.69 -13.16
N THR D 289 -33.23 32.16 -13.83
CA THR D 289 -34.54 31.52 -13.67
C THR D 289 -34.54 30.09 -14.19
N PHE D 290 -33.90 29.85 -15.33
CA PHE D 290 -33.89 28.52 -15.91
C PHE D 290 -33.18 27.52 -15.01
N MET D 291 -32.04 27.93 -14.43
CA MET D 291 -31.36 27.04 -13.50
C MET D 291 -32.10 26.92 -12.19
N LYS D 292 -32.97 27.89 -11.86
CA LYS D 292 -33.90 27.67 -10.77
C LYS D 292 -34.91 26.60 -11.12
N SER D 293 -35.23 26.45 -12.41
CA SER D 293 -36.18 25.42 -12.84
C SER D 293 -35.63 24.00 -12.73
N GLY D 294 -34.33 23.85 -12.45
CA GLY D 294 -33.78 22.55 -12.12
C GLY D 294 -33.39 21.66 -13.28
N TRP D 295 -33.34 22.19 -14.50
CA TRP D 295 -32.97 21.37 -15.65
C TRP D 295 -31.53 20.91 -15.54
N SER D 296 -31.18 19.94 -16.38
CA SER D 296 -29.81 19.43 -16.46
C SER D 296 -29.06 20.18 -17.56
N ALA D 297 -27.87 20.67 -17.23
CA ALA D 297 -27.10 21.46 -18.19
C ALA D 297 -26.65 20.63 -19.38
N ALA D 298 -26.30 19.36 -19.17
CA ALA D 298 -25.89 18.51 -20.27
C ALA D 298 -27.02 18.33 -21.28
N SER D 299 -28.24 18.12 -20.80
CA SER D 299 -29.37 17.91 -21.69
C SER D 299 -29.70 19.16 -22.49
N VAL D 300 -29.71 20.32 -21.84
CA VAL D 300 -30.01 21.55 -22.58
C VAL D 300 -28.89 21.89 -23.55
N VAL D 301 -27.64 21.60 -23.18
CA VAL D 301 -26.53 21.80 -24.12
C VAL D 301 -26.69 20.90 -25.33
N ASN D 302 -27.10 19.65 -25.11
CA ASN D 302 -27.35 18.74 -26.23
C ASN D 302 -28.47 19.25 -27.13
N GLN D 303 -29.57 19.72 -26.53
CA GLN D 303 -30.69 20.24 -27.31
C GLN D 303 -30.27 21.47 -28.11
N LEU D 304 -29.45 22.34 -27.50
CA LEU D 304 -28.93 23.49 -28.22
C LEU D 304 -28.06 23.05 -29.38
N HIS D 305 -27.26 21.99 -29.19
CA HIS D 305 -26.47 21.46 -30.28
C HIS D 305 -27.37 21.03 -31.44
N GLU D 306 -28.42 20.26 -31.14
CA GLU D 306 -29.33 19.82 -32.20
C GLU D 306 -29.95 21.01 -32.92
N TYR D 307 -30.45 21.98 -32.15
CA TYR D 307 -31.12 23.13 -32.75
C TYR D 307 -30.18 23.91 -33.66
N TYR D 308 -28.98 24.22 -33.17
CA TYR D 308 -28.08 25.10 -33.91
C TYR D 308 -27.44 24.40 -35.10
N ILE D 309 -26.99 23.16 -34.93
CA ILE D 309 -26.22 22.47 -36.00
C ILE D 309 -27.15 22.01 -37.14
N THR D 310 -28.43 21.80 -36.85
CA THR D 310 -29.36 21.27 -37.88
C THR D 310 -30.12 22.43 -38.52
N ASN D 311 -30.01 23.64 -37.97
CA ASN D 311 -30.75 24.82 -38.48
C ASN D 311 -30.13 25.30 -39.79
N ASP D 312 -30.98 25.63 -40.77
CA ASP D 312 -30.51 26.14 -42.06
C ASP D 312 -30.36 27.64 -42.08
N ASN D 313 -30.68 28.32 -40.98
CA ASN D 313 -30.61 29.78 -40.91
C ASN D 313 -29.23 30.31 -40.56
N PHE D 314 -28.26 29.43 -40.32
CA PHE D 314 -26.91 29.83 -39.93
C PHE D 314 -25.91 29.38 -40.99
N ASP D 315 -24.83 30.13 -41.12
CA ASP D 315 -23.81 29.87 -42.12
C ASP D 315 -22.78 28.87 -41.59
N THR D 316 -21.82 28.51 -42.45
CA THR D 316 -20.83 27.51 -42.10
C THR D 316 -19.91 28.01 -40.98
N ASN D 317 -19.50 29.28 -41.04
CA ASN D 317 -18.60 29.81 -40.02
C ASN D 317 -19.25 29.79 -38.64
N PHE D 318 -20.52 30.23 -38.57
CA PHE D 318 -21.24 30.18 -37.31
C PHE D 318 -21.33 28.76 -36.79
N LYS D 319 -21.56 27.80 -37.69
CA LYS D 319 -21.70 26.41 -37.26
C LYS D 319 -20.38 25.84 -36.76
N ASN D 320 -19.26 26.21 -37.40
CA ASN D 320 -17.96 25.78 -36.91
C ASN D 320 -17.70 26.31 -35.50
N GLN D 321 -17.92 27.62 -35.32
CA GLN D 321 -17.70 28.21 -34.01
C GLN D 321 -18.63 27.61 -32.95
N ILE D 322 -19.91 27.40 -33.30
CA ILE D 322 -20.86 26.87 -32.34
C ILE D 322 -20.52 25.43 -32.00
N SER D 323 -20.03 24.66 -32.98
CA SER D 323 -19.64 23.28 -32.71
C SER D 323 -18.48 23.23 -31.73
N TRP D 324 -17.48 24.10 -31.92
CA TRP D 324 -16.38 24.10 -30.96
C TRP D 324 -16.82 24.57 -29.59
N LEU D 325 -17.70 25.59 -29.53
CA LEU D 325 -18.17 26.07 -28.23
C LEU D 325 -18.95 24.98 -27.49
N LEU D 326 -19.83 24.27 -28.21
CA LEU D 326 -20.59 23.20 -27.59
C LEU D 326 -19.69 22.06 -27.14
N PHE D 327 -18.67 21.73 -27.95
CA PHE D 327 -17.73 20.70 -27.54
C PHE D 327 -16.99 21.09 -26.27
N THR D 328 -16.54 22.34 -26.18
CA THR D 328 -15.84 22.80 -24.98
C THR D 328 -16.77 22.76 -23.77
N THR D 329 -18.01 23.21 -23.94
CA THR D 329 -18.95 23.20 -22.83
C THR D 329 -19.26 21.78 -22.37
N ASP D 330 -19.44 20.86 -23.31
CA ASP D 330 -19.70 19.47 -22.95
C ASP D 330 -18.51 18.86 -22.22
N SER D 331 -17.28 19.15 -22.68
CA SER D 331 -16.10 18.63 -22.01
C SER D 331 -15.97 19.19 -20.60
N ARG D 332 -16.26 20.49 -20.43
CA ARG D 332 -16.18 21.08 -19.10
C ARG D 332 -17.27 20.52 -18.18
N LEU D 333 -18.47 20.27 -18.71
CA LEU D 333 -19.54 19.71 -17.91
C LEU D 333 -19.24 18.27 -17.51
N ASN D 334 -18.56 17.53 -18.37
CA ASN D 334 -18.18 16.16 -18.06
C ASN D 334 -17.19 16.07 -16.91
N ASN D 335 -16.58 17.18 -16.50
CA ASN D 335 -15.60 17.22 -15.43
C ASN D 335 -16.22 17.54 -14.08
N GLY D 336 -17.54 17.53 -13.97
CA GLY D 336 -18.19 17.82 -12.71
C GLY D 336 -18.04 19.25 -12.25
N THR D 337 -18.22 20.19 -13.17
CA THR D 337 -18.10 21.61 -12.89
C THR D 337 -19.45 22.18 -12.47
N ASN D 338 -19.54 23.51 -12.43
CA ASN D 338 -20.78 24.18 -12.06
C ASN D 338 -21.66 24.37 -13.28
N GLU D 339 -22.87 23.80 -13.24
CA GLU D 339 -23.75 23.83 -14.40
C GLU D 339 -24.17 25.26 -14.73
N HIS D 340 -24.45 26.08 -13.72
CA HIS D 340 -24.89 27.44 -13.94
C HIS D 340 -23.83 28.26 -14.67
N ILE D 341 -22.60 28.22 -14.17
CA ILE D 341 -21.52 29.01 -14.77
C ILE D 341 -21.24 28.55 -16.18
N GLN D 342 -21.17 27.23 -16.39
CA GLN D 342 -20.89 26.70 -17.71
C GLN D 342 -21.98 27.08 -18.70
N LEU D 343 -23.25 26.95 -18.31
CA LEU D 343 -24.33 27.29 -19.22
C LEU D 343 -24.36 28.78 -19.53
N LEU D 344 -24.16 29.63 -18.52
CA LEU D 344 -24.15 31.06 -18.76
C LEU D 344 -23.01 31.46 -19.68
N ASN D 345 -21.82 30.90 -19.46
CA ASN D 345 -20.69 31.20 -20.32
C ASN D 345 -20.95 30.74 -21.75
N LEU D 346 -21.52 29.54 -21.91
CA LEU D 346 -21.81 29.04 -23.25
C LEU D 346 -22.79 29.95 -23.97
N LEU D 347 -23.87 30.33 -23.29
CA LEU D 347 -24.89 31.16 -23.93
C LEU D 347 -24.36 32.56 -24.25
N VAL D 348 -23.52 33.11 -23.37
CA VAL D 348 -22.91 34.41 -23.62
C VAL D 348 -21.98 34.33 -24.83
N LYS D 349 -21.20 33.26 -24.93
CA LYS D 349 -20.32 33.07 -26.08
C LYS D 349 -21.14 32.94 -27.36
N ILE D 350 -22.27 32.23 -27.30
CA ILE D 350 -23.13 32.10 -28.47
C ILE D 350 -23.69 33.45 -28.90
N SER D 351 -24.04 34.29 -27.91
CA SER D 351 -24.62 35.59 -28.21
C SER D 351 -23.66 36.52 -28.93
N GLN D 352 -22.36 36.27 -28.82
CA GLN D 352 -21.35 37.10 -29.46
C GLN D 352 -20.77 36.47 -30.71
N LEU D 353 -21.39 35.42 -31.23
CA LEU D 353 -20.85 34.69 -32.36
C LEU D 353 -21.10 35.42 -33.68
N SER E 2 -37.54 23.50 18.16
CA SER E 2 -37.06 23.12 16.84
C SER E 2 -37.18 24.28 15.86
N LEU E 3 -36.38 24.25 14.79
CA LEU E 3 -36.45 25.28 13.77
C LEU E 3 -37.75 25.16 12.99
N TRP E 4 -38.15 26.27 12.37
CA TRP E 4 -39.36 26.26 11.55
C TRP E 4 -39.19 25.45 10.28
N VAL E 5 -37.97 25.16 9.85
CA VAL E 5 -37.76 24.27 8.72
C VAL E 5 -38.16 22.84 9.09
N ASP E 6 -37.86 22.42 10.32
CA ASP E 6 -38.19 21.08 10.78
C ASP E 6 -39.58 20.99 11.40
N LYS E 7 -40.05 22.07 12.02
CA LYS E 7 -41.35 22.03 12.70
C LYS E 7 -42.49 21.83 11.71
N TYR E 8 -42.36 22.38 10.51
CA TYR E 8 -43.39 22.32 9.48
C TYR E 8 -42.90 21.61 8.23
N ARG E 9 -42.22 20.50 8.42
CA ARG E 9 -41.79 19.63 7.33
C ARG E 9 -42.92 18.68 6.96
N PRO E 10 -43.35 18.64 5.71
CA PRO E 10 -44.47 17.77 5.34
C PRO E 10 -44.13 16.29 5.51
N LYS E 11 -44.87 15.62 6.40
CA LYS E 11 -44.57 14.23 6.74
C LYS E 11 -45.27 13.23 5.85
N SER E 12 -46.03 13.67 4.85
CA SER E 12 -46.78 12.77 3.99
C SER E 12 -46.74 13.27 2.54
N LEU E 13 -46.99 12.34 1.62
CA LEU E 13 -47.03 12.69 0.21
C LEU E 13 -48.19 13.62 -0.11
N ASN E 14 -49.25 13.60 0.71
CA ASN E 14 -50.36 14.54 0.55
C ASN E 14 -50.09 15.89 1.19
N ALA E 15 -49.07 15.97 2.05
CA ALA E 15 -48.75 17.22 2.73
C ALA E 15 -47.78 18.09 1.94
N LEU E 16 -47.26 17.61 0.82
CA LEU E 16 -46.40 18.43 -0.04
C LEU E 16 -47.30 19.32 -0.91
N SER E 17 -47.09 20.64 -0.82
CA SER E 17 -47.97 21.60 -1.47
C SER E 17 -47.15 22.69 -2.18
N HIS E 18 -46.13 22.28 -2.94
CA HIS E 18 -45.42 23.27 -3.75
C HIS E 18 -45.09 22.82 -5.18
N ASN E 19 -45.20 21.53 -5.52
CA ASN E 19 -44.89 21.15 -6.90
C ASN E 19 -46.02 20.40 -7.58
N GLU E 20 -46.83 19.66 -6.84
CA GLU E 20 -48.05 19.01 -7.35
C GLU E 20 -47.76 17.96 -8.42
N GLU E 21 -47.26 18.39 -9.60
CA GLU E 21 -46.98 17.42 -10.65
C GLU E 21 -45.91 16.41 -10.21
N LEU E 22 -44.87 16.89 -9.54
CA LEU E 22 -43.89 15.97 -8.95
C LEU E 22 -44.55 15.07 -7.92
N THR E 23 -45.50 15.60 -7.16
CA THR E 23 -46.23 14.78 -6.20
C THR E 23 -47.04 13.70 -6.91
N ASN E 24 -47.67 14.05 -8.04
CA ASN E 24 -48.39 13.06 -8.82
C ASN E 24 -47.45 11.97 -9.32
N PHE E 25 -46.27 12.34 -9.80
CA PHE E 25 -45.31 11.35 -10.25
C PHE E 25 -44.85 10.46 -9.10
N LEU E 26 -44.62 11.04 -7.93
CA LEU E 26 -44.22 10.26 -6.76
C LEU E 26 -45.31 9.28 -6.36
N LYS E 27 -46.57 9.71 -6.43
CA LYS E 27 -47.68 8.81 -6.13
C LYS E 27 -47.77 7.69 -7.15
N SER E 28 -47.52 8.00 -8.44
CA SER E 28 -47.49 6.95 -9.45
C SER E 28 -46.39 5.93 -9.16
N LEU E 29 -45.22 6.41 -8.72
CA LEU E 29 -44.15 5.49 -8.34
C LEU E 29 -44.52 4.66 -7.12
N SER E 30 -45.16 5.27 -6.13
CA SER E 30 -45.46 4.61 -4.86
C SER E 30 -46.74 3.79 -4.89
N ASP E 31 -47.47 3.77 -6.01
CA ASP E 31 -48.66 2.94 -6.08
C ASP E 31 -48.32 1.46 -5.94
N GLN E 32 -47.27 1.02 -6.63
CA GLN E 32 -46.81 -0.37 -6.59
C GLN E 32 -45.33 -0.37 -6.18
N PRO E 33 -45.05 -0.43 -4.88
CA PRO E 33 -43.65 -0.31 -4.43
C PRO E 33 -42.76 -1.47 -4.84
N ARG E 34 -43.31 -2.62 -5.21
CA ARG E 34 -42.49 -3.81 -5.44
C ARG E 34 -41.53 -3.60 -6.59
N ASP E 35 -42.00 -3.05 -7.70
CA ASP E 35 -41.19 -2.82 -8.87
C ASP E 35 -40.51 -1.44 -8.86
N LEU E 36 -40.31 -0.87 -7.69
CA LEU E 36 -39.68 0.44 -7.59
C LEU E 36 -38.25 0.38 -8.12
N PRO E 37 -37.87 1.25 -9.04
CA PRO E 37 -36.51 1.26 -9.54
C PRO E 37 -35.60 2.07 -8.61
N HIS E 38 -34.35 2.24 -9.04
CA HIS E 38 -33.44 3.11 -8.33
C HIS E 38 -33.68 4.55 -8.79
N LEU E 39 -33.73 5.46 -7.82
CA LEU E 39 -34.13 6.84 -8.08
C LEU E 39 -32.96 7.80 -7.91
N LEU E 40 -33.01 8.89 -8.66
CA LEU E 40 -32.01 9.96 -8.57
C LEU E 40 -32.75 11.29 -8.57
N LEU E 41 -32.85 11.91 -7.40
CA LEU E 41 -33.51 13.20 -7.26
C LEU E 41 -32.49 14.31 -7.43
N TYR E 42 -32.66 15.13 -8.46
CA TYR E 42 -31.75 16.22 -8.74
C TYR E 42 -32.54 17.52 -8.94
N GLY E 43 -32.07 18.58 -8.29
CA GLY E 43 -32.70 19.88 -8.39
C GLY E 43 -31.95 20.88 -7.55
N PRO E 44 -32.34 22.15 -7.64
CA PRO E 44 -31.63 23.21 -6.90
C PRO E 44 -31.60 22.92 -5.41
N ASN E 45 -30.60 23.49 -4.74
CA ASN E 45 -30.45 23.26 -3.32
C ASN E 45 -31.60 23.90 -2.54
N GLY E 46 -32.13 23.15 -1.58
CA GLY E 46 -33.17 23.65 -0.71
C GLY E 46 -34.58 23.58 -1.25
N THR E 47 -34.80 22.98 -2.42
CA THR E 47 -36.14 22.93 -2.98
C THR E 47 -37.03 21.96 -2.19
N GLY E 48 -36.45 20.92 -1.61
CA GLY E 48 -37.25 19.96 -0.86
C GLY E 48 -37.11 18.52 -1.33
N LYS E 49 -35.97 18.18 -1.94
CA LYS E 49 -35.79 16.83 -2.46
C LYS E 49 -35.82 15.79 -1.34
N LYS E 50 -35.14 16.07 -0.22
CA LYS E 50 -35.13 15.11 0.87
C LYS E 50 -36.51 14.91 1.47
N THR E 51 -37.30 15.98 1.54
CA THR E 51 -38.67 15.86 2.00
C THR E 51 -39.48 14.97 1.08
N ARG E 52 -39.27 15.09 -0.23
CA ARG E 52 -39.96 14.24 -1.19
C ARG E 52 -39.55 12.78 -1.03
N CYS E 53 -38.25 12.53 -0.81
CA CYS E 53 -37.80 11.15 -0.57
C CYS E 53 -38.46 10.57 0.67
N MET E 54 -38.51 11.34 1.75
CA MET E 54 -39.09 10.85 2.99
C MET E 54 -40.59 10.65 2.85
N ALA E 55 -41.26 11.51 2.09
CA ALA E 55 -42.69 11.33 1.84
C ALA E 55 -42.95 10.07 1.01
N LEU E 56 -42.11 9.81 0.00
CA LEU E 56 -42.26 8.57 -0.75
C LEU E 56 -42.03 7.35 0.13
N LEU E 57 -41.02 7.41 0.99
CA LEU E 57 -40.75 6.31 1.91
C LEU E 57 -41.91 6.09 2.87
N GLU E 58 -42.53 7.18 3.35
CA GLU E 58 -43.71 7.05 4.19
C GLU E 58 -44.87 6.45 3.41
N SER E 59 -45.02 6.83 2.14
CA SER E 59 -46.07 6.25 1.32
C SER E 59 -45.88 4.75 1.13
N ILE E 60 -44.62 4.31 1.04
CA ILE E 60 -44.35 2.89 0.81
C ILE E 60 -44.42 2.09 2.12
N PHE E 61 -43.56 2.44 3.07
CA PHE E 61 -43.40 1.68 4.31
C PHE E 61 -44.29 2.17 5.45
N GLY E 62 -45.09 3.20 5.23
CA GLY E 62 -45.97 3.70 6.26
C GLY E 62 -45.25 4.58 7.26
N PRO E 63 -46.00 5.23 8.15
CA PRO E 63 -45.37 6.02 9.21
C PRO E 63 -44.45 5.16 10.05
N GLY E 64 -43.35 5.78 10.49
CA GLY E 64 -42.27 5.10 11.18
C GLY E 64 -40.93 5.22 10.50
N VAL E 65 -40.92 5.62 9.22
CA VAL E 65 -39.68 5.92 8.53
C VAL E 65 -39.02 7.16 9.14
N TYR E 66 -39.78 7.97 9.89
CA TYR E 66 -39.27 9.19 10.52
C TYR E 66 -38.73 8.95 11.92
N ARG E 67 -38.61 7.69 12.35
CA ARG E 67 -38.01 7.36 13.65
C ARG E 67 -36.55 7.00 13.42
N LEU E 68 -35.73 8.04 13.33
CA LEU E 68 -34.32 7.88 12.96
C LEU E 68 -33.47 7.55 14.18
N LYS E 69 -32.73 6.46 14.10
CA LYS E 69 -31.75 6.08 15.12
C LYS E 69 -30.36 6.29 14.53
N ILE E 70 -29.49 6.95 15.28
CA ILE E 70 -28.15 7.28 14.81
C ILE E 70 -27.14 6.43 15.57
N ASP E 71 -26.24 5.78 14.83
CA ASP E 71 -25.20 4.96 15.44
C ASP E 71 -23.89 5.17 14.68
N VAL E 72 -22.78 5.04 15.39
CA VAL E 72 -21.46 5.22 14.82
C VAL E 72 -20.86 3.85 14.53
N ARG E 73 -20.46 3.64 13.28
CA ARG E 73 -19.86 2.38 12.84
C ARG E 73 -18.45 2.66 12.35
N GLN E 74 -17.52 1.77 12.71
CA GLN E 74 -16.10 2.02 12.53
C GLN E 74 -15.58 1.35 11.26
N PHE E 75 -14.60 1.99 10.63
CA PHE E 75 -13.96 1.48 9.42
C PHE E 75 -12.45 1.46 9.60
N VAL E 76 -11.79 0.82 8.63
CA VAL E 76 -10.34 0.75 8.58
C VAL E 76 -9.90 0.96 7.14
N THR E 77 -8.90 1.81 6.94
CA THR E 77 -8.40 2.12 5.61
C THR E 77 -7.18 1.25 5.30
N ALA E 78 -6.52 1.56 4.18
CA ALA E 78 -5.29 0.86 3.82
C ALA E 78 -4.20 1.09 4.85
N SER E 79 -4.06 2.34 5.33
CA SER E 79 -3.06 2.68 6.34
C SER E 79 -3.52 2.35 7.76
N ASN E 80 -4.67 1.68 7.89
CA ASN E 80 -5.15 1.19 9.19
C ASN E 80 -5.44 2.33 10.16
N ARG E 81 -6.10 3.38 9.68
CA ARG E 81 -6.57 4.42 10.59
C ARG E 81 -8.05 4.22 10.86
N LYS E 82 -8.51 4.75 11.99
CA LYS E 82 -9.88 4.57 12.45
C LYS E 82 -10.76 5.69 11.89
N LEU E 83 -11.81 5.31 11.18
CA LEU E 83 -12.80 6.26 10.66
C LEU E 83 -14.17 5.91 11.23
N GLU E 84 -14.95 6.95 11.54
CA GLU E 84 -16.24 6.81 12.19
C GLU E 84 -17.32 7.48 11.33
N LEU E 85 -18.08 6.69 10.60
CA LEU E 85 -19.19 7.22 9.83
C LEU E 85 -20.49 7.12 10.63
N ASN E 86 -21.26 8.20 10.62
CA ASN E 86 -22.55 8.21 11.27
C ASN E 86 -23.62 7.72 10.30
N VAL E 87 -24.37 6.71 10.72
CA VAL E 87 -25.39 6.09 9.88
C VAL E 87 -26.73 6.37 10.55
N VAL E 88 -27.46 7.35 10.03
CA VAL E 88 -28.79 7.65 10.54
C VAL E 88 -29.72 6.55 10.04
N SER E 89 -30.07 5.62 10.91
CA SER E 89 -30.81 4.42 10.53
C SER E 89 -32.18 4.43 11.16
N SER E 90 -33.22 4.33 10.33
CA SER E 90 -34.57 4.09 10.81
C SER E 90 -34.93 2.69 10.38
N PRO E 91 -36.03 2.12 10.84
CA PRO E 91 -36.51 0.89 10.20
C PRO E 91 -36.87 1.15 8.74
N TYR E 92 -36.84 0.10 7.93
CA TYR E 92 -37.25 0.09 6.52
C TYR E 92 -36.37 0.93 5.59
N HIS E 93 -35.38 1.65 6.11
CA HIS E 93 -34.51 2.42 5.23
C HIS E 93 -33.26 2.84 5.98
N LEU E 94 -32.24 3.25 5.21
CA LEU E 94 -30.95 3.65 5.75
C LEU E 94 -30.50 4.96 5.11
N GLU E 95 -29.82 5.79 5.90
CA GLU E 95 -29.25 7.06 5.44
C GLU E 95 -27.74 7.02 5.61
N ILE E 96 -27.02 7.36 4.54
CA ILE E 96 -25.57 7.40 4.58
C ILE E 96 -25.09 8.65 3.85
N THR E 97 -24.16 9.37 4.46
CA THR E 97 -23.48 10.49 3.82
C THR E 97 -22.02 10.12 3.63
N PRO E 98 -21.67 9.46 2.52
CA PRO E 98 -20.26 9.04 2.34
C PRO E 98 -19.30 10.20 2.27
N SER E 99 -19.77 11.41 1.98
CA SER E 99 -18.90 12.57 1.91
C SER E 99 -18.37 12.98 3.28
N ASP E 100 -18.91 12.41 4.36
CA ASP E 100 -18.36 12.67 5.69
C ASP E 100 -16.89 12.26 5.74
N MET E 101 -16.54 11.20 5.04
CA MET E 101 -15.15 10.90 4.72
C MET E 101 -14.82 11.47 3.36
N GLY E 102 -13.54 11.73 3.13
CA GLY E 102 -13.09 12.35 1.89
C GLY E 102 -12.96 11.33 0.79
N ASN E 103 -11.80 11.28 0.14
CA ASN E 103 -11.52 10.26 -0.85
C ASN E 103 -11.69 8.84 -0.31
N ASN E 104 -11.81 8.68 1.01
CA ASN E 104 -11.98 7.40 1.66
C ASN E 104 -13.43 6.93 1.72
N ASP E 105 -14.31 7.46 0.86
CA ASP E 105 -15.69 7.01 0.84
C ASP E 105 -15.87 5.72 0.06
N ARG E 106 -14.87 5.31 -0.72
CA ARG E 106 -14.97 4.06 -1.47
C ARG E 106 -15.07 2.87 -0.53
N ILE E 107 -14.28 2.87 0.55
CA ILE E 107 -14.35 1.77 1.49
C ILE E 107 -15.70 1.72 2.17
N VAL E 108 -16.32 2.88 2.42
CA VAL E 108 -17.68 2.87 2.97
C VAL E 108 -18.66 2.27 1.98
N ILE E 109 -18.63 2.74 0.74
CA ILE E 109 -19.59 2.30 -0.27
C ILE E 109 -19.41 0.82 -0.54
N GLN E 110 -18.21 0.30 -0.34
CA GLN E 110 -17.97 -1.12 -0.46
C GLN E 110 -18.43 -1.89 0.77
N GLU E 111 -17.80 -1.67 1.92
CA GLU E 111 -18.12 -2.41 3.14
C GLU E 111 -19.59 -2.26 3.53
N LEU E 112 -19.99 -1.04 3.88
CA LEU E 112 -21.30 -0.82 4.49
C LEU E 112 -22.43 -1.19 3.53
N LEU E 113 -22.28 -0.90 2.25
CA LEU E 113 -23.39 -1.11 1.32
C LEU E 113 -23.41 -2.54 0.79
N LYS E 114 -22.26 -3.14 0.53
CA LYS E 114 -22.25 -4.53 0.14
C LYS E 114 -22.64 -5.43 1.31
N GLU E 115 -22.54 -4.93 2.55
CA GLU E 115 -23.01 -5.71 3.68
C GLU E 115 -24.53 -5.86 3.63
N VAL E 116 -25.25 -4.77 3.34
CA VAL E 116 -26.71 -4.82 3.37
C VAL E 116 -27.25 -5.35 2.05
N ALA E 117 -26.50 -5.17 0.96
CA ALA E 117 -26.96 -5.67 -0.34
C ALA E 117 -27.08 -7.18 -0.35
N GLN E 118 -26.05 -7.88 0.16
CA GLN E 118 -26.10 -9.34 0.23
C GLN E 118 -27.02 -9.80 1.35
N MET E 119 -27.00 -9.11 2.49
CA MET E 119 -27.84 -9.52 3.61
C MET E 119 -29.31 -9.35 3.24
N GLU E 120 -30.04 -10.46 3.19
CA GLU E 120 -31.45 -10.39 2.81
C GLU E 120 -32.30 -9.93 3.98
N GLN E 121 -33.57 -9.66 3.70
CA GLN E 121 -34.49 -9.16 4.70
C GLN E 121 -35.66 -10.12 4.87
N VAL E 122 -35.36 -11.40 5.03
CA VAL E 122 -36.43 -12.42 5.24
C VAL E 122 -36.79 -12.46 6.74
N ASP E 123 -38.08 -12.34 7.07
CA ASP E 123 -38.54 -12.37 8.49
C ASP E 123 -39.99 -12.84 8.53
N LEU E 131 -40.53 -15.65 6.60
CA LEU E 131 -40.71 -16.22 5.24
C LEU E 131 -40.91 -15.06 4.24
N ALA E 132 -41.30 -13.89 4.73
CA ALA E 132 -41.59 -12.78 3.84
C ALA E 132 -40.35 -11.91 3.71
N HIS E 133 -40.05 -11.51 2.47
CA HIS E 133 -38.85 -10.76 2.15
C HIS E 133 -39.22 -9.39 1.61
N ARG E 134 -38.67 -8.34 2.23
CA ARG E 134 -38.85 -6.97 1.80
C ARG E 134 -37.52 -6.40 1.35
N TYR E 135 -37.57 -5.31 0.58
CA TYR E 135 -36.36 -4.61 0.15
C TYR E 135 -36.22 -3.35 0.99
N LYS E 136 -35.06 -3.17 1.61
CA LYS E 136 -34.81 -2.00 2.44
C LYS E 136 -34.08 -0.94 1.61
N CYS E 137 -34.65 0.26 1.57
CA CYS E 137 -34.06 1.34 0.79
C CYS E 137 -32.83 1.91 1.49
N VAL E 138 -31.97 2.53 0.70
CA VAL E 138 -30.78 3.21 1.21
C VAL E 138 -30.71 4.57 0.55
N ILE E 139 -30.60 5.62 1.36
CA ILE E 139 -30.56 7.00 0.88
C ILE E 139 -29.13 7.50 0.92
N ILE E 140 -28.66 8.04 -0.20
CA ILE E 140 -27.30 8.54 -0.33
C ILE E 140 -27.39 10.04 -0.55
N ASN E 141 -27.24 10.81 0.52
CA ASN E 141 -27.25 12.27 0.40
C ASN E 141 -25.97 12.76 -0.24
N GLU E 142 -26.10 13.80 -1.07
CA GLU E 142 -24.97 14.41 -1.77
C GLU E 142 -24.22 13.38 -2.61
N ALA E 143 -24.94 12.82 -3.60
CA ALA E 143 -24.33 11.85 -4.51
C ALA E 143 -23.23 12.45 -5.36
N ASN E 144 -23.18 13.79 -5.51
CA ASN E 144 -22.12 14.42 -6.28
C ASN E 144 -20.76 14.29 -5.61
N SER E 145 -20.72 14.23 -4.28
CA SER E 145 -19.46 14.23 -3.55
C SER E 145 -18.72 12.90 -3.62
N LEU E 146 -19.33 11.86 -4.19
CA LEU E 146 -18.61 10.61 -4.41
C LEU E 146 -17.52 10.82 -5.45
N THR E 147 -16.42 10.10 -5.29
CA THR E 147 -15.15 10.41 -5.96
C THR E 147 -14.85 9.48 -7.13
N LYS E 148 -15.90 9.07 -7.87
CA LYS E 148 -15.75 8.28 -9.09
C LYS E 148 -15.17 6.89 -8.81
N ASP E 149 -14.84 6.63 -7.55
CA ASP E 149 -14.43 5.30 -7.08
C ASP E 149 -15.50 4.64 -6.24
N ALA E 150 -16.22 5.43 -5.44
CA ALA E 150 -17.40 4.92 -4.75
C ALA E 150 -18.50 4.59 -5.75
N GLN E 151 -18.64 5.40 -6.80
CA GLN E 151 -19.68 5.18 -7.79
C GLN E 151 -19.43 3.89 -8.58
N ALA E 152 -18.16 3.56 -8.82
CA ALA E 152 -17.84 2.35 -9.56
C ALA E 152 -18.21 1.09 -8.77
N ALA E 153 -18.05 1.11 -7.45
CA ALA E 153 -18.56 0.02 -6.64
C ALA E 153 -20.09 0.05 -6.60
N LEU E 154 -20.64 1.26 -6.53
CA LEU E 154 -22.08 1.46 -6.43
C LEU E 154 -22.81 0.79 -7.58
N ARG E 155 -22.30 0.96 -8.81
CA ARG E 155 -23.05 0.53 -9.98
C ARG E 155 -23.30 -0.97 -9.96
N ARG E 156 -22.26 -1.76 -9.72
CA ARG E 156 -22.45 -3.21 -9.67
C ARG E 156 -23.18 -3.63 -8.40
N THR E 157 -22.95 -2.93 -7.28
CA THR E 157 -23.67 -3.26 -6.06
C THR E 157 -25.18 -3.19 -6.28
N MET E 158 -25.66 -2.13 -6.91
CA MET E 158 -27.10 -2.01 -7.10
C MET E 158 -27.60 -2.75 -8.32
N GLU E 159 -26.74 -3.04 -9.30
CA GLU E 159 -27.20 -3.84 -10.44
C GLU E 159 -27.42 -5.28 -10.05
N LYS E 160 -26.48 -5.88 -9.32
CA LYS E 160 -26.60 -7.31 -9.03
C LYS E 160 -27.51 -7.61 -7.84
N TYR E 161 -27.52 -6.74 -6.83
CA TYR E 161 -28.30 -6.98 -5.61
C TYR E 161 -29.57 -6.15 -5.56
N SER E 162 -30.24 -5.97 -6.70
CA SER E 162 -31.47 -5.18 -6.73
C SER E 162 -32.62 -5.83 -5.99
N LYS E 163 -32.59 -7.15 -5.82
CA LYS E 163 -33.71 -7.86 -5.21
C LYS E 163 -33.90 -7.53 -3.74
N ASN E 164 -32.85 -7.08 -3.06
CA ASN E 164 -32.88 -6.87 -1.62
C ASN E 164 -32.74 -5.43 -1.20
N ILE E 165 -32.13 -4.58 -2.02
CA ILE E 165 -31.88 -3.20 -1.66
C ILE E 165 -32.39 -2.29 -2.77
N ARG E 166 -32.73 -1.06 -2.39
CA ARG E 166 -33.12 -0.02 -3.34
C ARG E 166 -32.39 1.26 -3.01
N LEU E 167 -31.89 1.95 -4.02
CA LEU E 167 -31.09 3.15 -3.82
C LEU E 167 -31.88 4.39 -4.22
N ILE E 168 -31.92 5.37 -3.31
CA ILE E 168 -32.51 6.67 -3.56
C ILE E 168 -31.47 7.70 -3.12
N MET E 169 -30.72 8.23 -4.07
CA MET E 169 -29.68 9.21 -3.78
C MET E 169 -30.10 10.59 -4.24
N VAL E 170 -29.90 11.58 -3.36
CA VAL E 170 -30.28 12.96 -3.61
C VAL E 170 -29.03 13.75 -3.98
N CYS E 171 -29.19 14.73 -4.87
CA CYS E 171 -28.07 15.52 -5.34
C CYS E 171 -28.59 16.75 -6.05
N ASP E 172 -27.70 17.71 -6.27
CA ASP E 172 -27.96 18.87 -7.10
C ASP E 172 -26.85 18.98 -8.14
N SER E 173 -27.23 19.29 -9.38
CA SER E 173 -26.27 19.40 -10.48
C SER E 173 -25.51 18.09 -10.65
N MET E 174 -26.24 17.08 -11.15
CA MET E 174 -25.75 15.71 -11.20
C MET E 174 -24.72 15.49 -12.30
N SER E 175 -24.11 16.56 -12.81
CA SER E 175 -23.03 16.41 -13.78
C SER E 175 -21.83 15.63 -13.26
N PRO E 176 -21.37 15.77 -11.98
CA PRO E 176 -20.25 14.93 -11.53
C PRO E 176 -20.62 13.49 -11.24
N ILE E 177 -21.83 13.08 -11.61
CA ILE E 177 -22.28 11.71 -11.45
C ILE E 177 -21.99 10.97 -12.76
N ILE E 178 -21.34 9.81 -12.65
CA ILE E 178 -20.86 9.13 -13.84
C ILE E 178 -22.01 8.56 -14.65
N ALA E 179 -21.75 8.33 -15.93
CA ALA E 179 -22.76 7.79 -16.83
C ALA E 179 -23.29 6.42 -16.41
N PRO E 180 -22.46 5.45 -15.98
CA PRO E 180 -23.03 4.17 -15.53
C PRO E 180 -24.03 4.32 -14.40
N ILE E 181 -23.80 5.24 -13.46
CA ILE E 181 -24.74 5.43 -12.36
C ILE E 181 -26.02 6.09 -12.86
N LYS E 182 -25.89 7.10 -13.71
CA LYS E 182 -27.08 7.79 -14.23
C LYS E 182 -27.93 6.87 -15.09
N SER E 183 -27.30 5.97 -15.84
CA SER E 183 -28.05 5.04 -16.68
C SER E 183 -28.80 4.00 -15.85
N ARG E 184 -28.39 3.78 -14.62
CA ARG E 184 -28.96 2.74 -13.76
C ARG E 184 -30.06 3.27 -12.86
N CYS E 185 -30.46 4.53 -13.00
CA CYS E 185 -31.39 5.16 -12.08
C CYS E 185 -32.49 5.87 -12.84
N LEU E 186 -33.62 6.06 -12.17
CA LEU E 186 -34.73 6.83 -12.70
C LEU E 186 -34.52 8.30 -12.31
N LEU E 187 -34.43 9.18 -13.29
CA LEU E 187 -34.04 10.56 -13.08
C LEU E 187 -35.28 11.37 -12.71
N ILE E 188 -35.33 11.86 -11.47
CA ILE E 188 -36.45 12.64 -10.96
C ILE E 188 -35.98 14.09 -10.80
N ARG E 189 -36.59 14.99 -11.56
CA ARG E 189 -36.23 16.40 -11.50
C ARG E 189 -37.13 17.13 -10.52
N CYS E 190 -36.53 17.84 -9.57
CA CYS E 190 -37.25 18.57 -8.52
C CYS E 190 -36.99 20.05 -8.71
N PRO E 191 -37.85 20.77 -9.41
CA PRO E 191 -37.66 22.21 -9.60
C PRO E 191 -37.94 22.98 -8.32
N ALA E 192 -37.32 24.16 -8.24
CA ALA E 192 -37.49 25.04 -7.09
C ALA E 192 -38.86 25.73 -7.14
N PRO E 193 -39.41 26.06 -5.98
CA PRO E 193 -40.73 26.72 -5.97
C PRO E 193 -40.65 28.15 -6.47
N SER E 194 -41.74 28.62 -7.06
CA SER E 194 -41.85 30.01 -7.44
C SER E 194 -42.05 30.87 -6.19
N ASP E 195 -41.91 32.19 -6.37
CA ASP E 195 -42.01 33.10 -5.24
C ASP E 195 -43.39 33.07 -4.61
N SER E 196 -44.44 32.82 -5.42
CA SER E 196 -45.78 32.72 -4.87
C SER E 196 -45.91 31.56 -3.90
N GLU E 197 -45.36 30.40 -4.26
CA GLU E 197 -45.48 29.23 -3.39
C GLU E 197 -44.65 29.39 -2.13
N ILE E 198 -43.46 29.99 -2.24
CA ILE E 198 -42.66 30.27 -1.05
C ILE E 198 -43.40 31.23 -0.13
N SER E 199 -44.00 32.27 -0.70
CA SER E 199 -44.77 33.22 0.11
C SER E 199 -45.96 32.53 0.78
N THR E 200 -46.63 31.62 0.07
CA THR E 200 -47.75 30.89 0.66
C THR E 200 -47.28 30.02 1.82
N ILE E 201 -46.16 29.33 1.66
CA ILE E 201 -45.62 28.49 2.74
C ILE E 201 -45.27 29.36 3.94
N LEU E 202 -44.62 30.50 3.70
CA LEU E 202 -44.28 31.40 4.79
C LEU E 202 -45.53 31.97 5.47
N SER E 203 -46.57 32.24 4.70
CA SER E 203 -47.83 32.71 5.26
C SER E 203 -48.43 31.66 6.19
N ASP E 204 -48.45 30.41 5.75
CA ASP E 204 -48.94 29.33 6.62
C ASP E 204 -48.10 29.24 7.88
N VAL E 205 -46.78 29.37 7.75
CA VAL E 205 -45.89 29.25 8.91
C VAL E 205 -46.18 30.37 9.92
N VAL E 206 -46.28 31.61 9.44
CA VAL E 206 -46.50 32.73 10.35
C VAL E 206 -47.88 32.65 10.97
N THR E 207 -48.87 32.16 10.21
CA THR E 207 -50.21 31.99 10.76
C THR E 207 -50.22 30.97 11.88
N ASN E 208 -49.51 29.85 11.70
CA ASN E 208 -49.45 28.84 12.76
C ASN E 208 -48.55 29.26 13.91
N GLU E 209 -47.73 30.28 13.72
CA GLU E 209 -46.73 30.71 14.71
C GLU E 209 -47.10 31.99 15.44
N ARG E 210 -48.19 32.65 15.05
CA ARG E 210 -48.66 33.88 15.70
C ARG E 210 -47.63 35.01 15.63
N ILE E 211 -46.95 35.16 14.48
CA ILE E 211 -46.17 36.35 14.18
C ILE E 211 -47.04 37.42 13.55
N GLN E 212 -46.91 38.63 14.10
CA GLN E 212 -47.60 39.80 13.59
C GLN E 212 -46.91 40.25 12.30
N LEU E 213 -47.66 40.30 11.22
CA LEU E 213 -47.15 40.69 9.91
C LEU E 213 -47.82 42.00 9.50
N GLU E 214 -47.01 42.99 9.13
CA GLU E 214 -47.59 44.24 8.65
C GLU E 214 -48.25 44.06 7.28
N THR E 215 -47.47 43.64 6.28
CA THR E 215 -47.99 43.45 4.94
C THR E 215 -47.42 42.16 4.36
N LYS E 216 -48.13 41.62 3.37
CA LYS E 216 -47.69 40.40 2.71
C LYS E 216 -46.53 40.62 1.76
N ASP E 217 -46.19 41.88 1.45
CA ASP E 217 -45.06 42.14 0.55
C ASP E 217 -43.75 41.70 1.17
N ILE E 218 -43.63 41.78 2.49
CA ILE E 218 -42.40 41.40 3.17
C ILE E 218 -42.18 39.90 3.18
N LEU E 219 -43.15 39.11 2.72
CA LEU E 219 -42.93 37.69 2.47
C LEU E 219 -42.44 37.46 1.04
N LYS E 220 -42.96 38.22 0.08
CA LYS E 220 -42.43 38.17 -1.27
C LYS E 220 -40.99 38.64 -1.30
N ARG E 221 -40.63 39.60 -0.45
CA ARG E 221 -39.25 40.03 -0.37
C ARG E 221 -38.34 38.91 0.15
N ILE E 222 -38.81 38.17 1.16
CA ILE E 222 -38.05 37.03 1.66
C ILE E 222 -37.89 35.97 0.57
N ALA E 223 -38.98 35.69 -0.14
CA ALA E 223 -38.94 34.69 -1.19
C ALA E 223 -37.97 35.08 -2.29
N GLN E 224 -37.97 36.35 -2.69
CA GLN E 224 -37.08 36.81 -3.74
C GLN E 224 -35.64 36.82 -3.27
N ALA E 225 -35.39 37.20 -2.02
CA ALA E 225 -34.02 37.26 -1.50
C ALA E 225 -33.44 35.88 -1.26
N SER E 226 -34.27 34.87 -1.02
CA SER E 226 -33.77 33.52 -0.81
C SER E 226 -33.41 32.81 -2.12
N ASN E 227 -33.82 33.35 -3.26
CA ASN E 227 -33.53 32.77 -4.58
C ASN E 227 -34.02 31.33 -4.67
N GLY E 228 -35.30 31.13 -4.38
CA GLY E 228 -35.92 29.83 -4.49
C GLY E 228 -35.37 28.79 -3.54
N ASN E 229 -35.09 29.17 -2.29
CA ASN E 229 -34.54 28.27 -1.28
C ASN E 229 -35.51 28.26 -0.11
N LEU E 230 -36.29 27.18 0.01
CA LEU E 230 -37.29 27.09 1.06
C LEU E 230 -36.65 27.15 2.45
N ARG E 231 -35.59 26.37 2.66
CA ARG E 231 -34.94 26.35 3.97
C ARG E 231 -34.33 27.71 4.29
N VAL E 232 -33.68 28.34 3.31
CA VAL E 232 -33.07 29.64 3.52
C VAL E 232 -34.14 30.69 3.82
N SER E 233 -35.25 30.65 3.09
CA SER E 233 -36.33 31.61 3.32
C SER E 233 -36.95 31.41 4.70
N LEU E 234 -37.15 30.16 5.12
CA LEU E 234 -37.71 29.91 6.45
C LEU E 234 -36.75 30.35 7.55
N LEU E 235 -35.45 30.14 7.35
CA LEU E 235 -34.47 30.59 8.34
C LEU E 235 -34.44 32.12 8.42
N MET E 236 -34.53 32.80 7.27
CA MET E 236 -34.67 34.25 7.31
C MET E 236 -35.94 34.66 8.05
N LEU E 237 -37.05 33.97 7.79
CA LEU E 237 -38.30 34.31 8.46
C LEU E 237 -38.17 34.20 9.97
N GLU E 238 -37.59 33.10 10.45
CA GLU E 238 -37.39 32.94 11.89
C GLU E 238 -36.42 33.98 12.43
N SER E 239 -35.38 34.31 11.67
CA SER E 239 -34.41 35.29 12.12
C SER E 239 -35.06 36.66 12.34
N MET E 240 -35.77 37.17 11.34
CA MET E 240 -36.42 38.46 11.53
C MET E 240 -37.62 38.37 12.48
N ALA E 241 -38.17 37.17 12.69
CA ALA E 241 -39.22 37.03 13.70
C ALA E 241 -38.65 37.21 15.11
N LEU E 242 -37.51 36.59 15.37
CA LEU E 242 -36.90 36.67 16.70
C LEU E 242 -36.00 37.89 16.88
N ASN E 243 -35.75 38.65 15.82
CA ASN E 243 -35.01 39.91 15.93
C ASN E 243 -35.91 41.13 15.87
N ASN E 244 -37.23 40.95 15.76
CA ASN E 244 -38.17 42.07 15.73
C ASN E 244 -39.31 41.86 16.72
N GLU E 245 -39.10 41.04 17.76
CA GLU E 245 -40.11 40.77 18.78
C GLU E 245 -41.40 40.23 18.16
N LEU E 246 -41.25 39.33 17.18
CA LEU E 246 -42.35 38.64 16.52
C LEU E 246 -43.28 39.57 15.76
N ALA E 247 -42.82 40.77 15.42
CA ALA E 247 -43.61 41.73 14.65
C ALA E 247 -42.73 42.24 13.51
N LEU E 248 -43.07 41.86 12.28
CA LEU E 248 -42.25 42.18 11.11
C LEU E 248 -42.89 43.32 10.33
N LYS E 249 -42.07 44.30 9.96
CA LYS E 249 -42.50 45.45 9.19
C LYS E 249 -41.72 45.51 7.88
N SER E 250 -42.14 46.42 7.00
CA SER E 250 -41.38 46.65 5.78
C SER E 250 -40.03 47.29 6.07
N SER E 251 -39.84 47.81 7.29
CA SER E 251 -38.53 48.36 7.66
C SER E 251 -37.59 47.26 8.13
N SER E 252 -38.12 46.05 8.36
CA SER E 252 -37.29 44.95 8.82
C SER E 252 -36.30 44.58 7.73
N PRO E 253 -34.99 44.58 8.04
CA PRO E 253 -33.98 44.40 6.99
C PRO E 253 -33.93 42.96 6.50
N ILE E 254 -33.70 42.79 5.20
CA ILE E 254 -33.44 41.48 4.64
C ILE E 254 -32.06 41.05 5.09
N ILE E 255 -31.99 39.95 5.85
CA ILE E 255 -30.74 39.50 6.43
C ILE E 255 -30.18 38.36 5.58
N LYS E 256 -28.89 38.43 5.29
CA LYS E 256 -28.19 37.46 4.47
C LYS E 256 -27.00 36.91 5.24
N PRO E 257 -26.54 35.69 4.92
CA PRO E 257 -25.46 35.08 5.69
C PRO E 257 -24.19 35.90 5.64
N ASP E 258 -23.35 35.71 6.66
CA ASP E 258 -22.15 36.53 6.81
C ASP E 258 -21.20 36.36 5.64
N TRP E 259 -21.05 35.13 5.15
CA TRP E 259 -20.10 34.89 4.06
C TRP E 259 -20.57 35.53 2.76
N ILE E 260 -21.88 35.62 2.55
CA ILE E 260 -22.40 36.33 1.38
C ILE E 260 -22.04 37.81 1.46
N ILE E 261 -22.19 38.41 2.64
CA ILE E 261 -21.82 39.81 2.85
C ILE E 261 -20.32 39.99 2.61
N VAL E 262 -19.51 39.06 3.10
CA VAL E 262 -18.06 39.14 2.92
C VAL E 262 -17.71 39.06 1.43
N ILE E 263 -18.39 38.18 0.69
CA ILE E 263 -18.12 38.06 -0.74
C ILE E 263 -18.53 39.33 -1.48
N HIS E 264 -19.64 39.95 -1.07
CA HIS E 264 -20.05 41.20 -1.69
C HIS E 264 -19.06 42.32 -1.39
N LYS E 265 -18.55 42.38 -0.17
CA LYS E 265 -17.52 43.35 0.16
C LYS E 265 -16.25 43.10 -0.65
N LEU E 266 -15.90 41.84 -0.84
CA LEU E 266 -14.75 41.50 -1.67
C LEU E 266 -14.96 41.93 -3.11
N THR E 267 -16.18 41.76 -3.63
CA THR E 267 -16.49 42.23 -4.98
C THR E 267 -16.33 43.74 -5.08
N ARG E 268 -16.84 44.47 -4.08
CA ARG E 268 -16.69 45.93 -4.09
C ARG E 268 -15.22 46.33 -4.07
N LYS E 269 -14.41 45.67 -3.23
CA LYS E 269 -12.99 45.98 -3.17
C LYS E 269 -12.29 45.66 -4.49
N ILE E 270 -12.62 44.53 -5.10
CA ILE E 270 -11.99 44.13 -6.37
C ILE E 270 -12.32 45.14 -7.46
N VAL E 271 -13.58 45.57 -7.53
CA VAL E 271 -13.95 46.56 -8.54
C VAL E 271 -13.27 47.90 -8.26
N LYS E 272 -13.14 48.27 -6.99
CA LYS E 272 -12.61 49.59 -6.65
C LYS E 272 -11.10 49.68 -6.85
N GLU E 273 -10.34 48.88 -6.08
CA GLU E 273 -8.89 48.96 -6.06
C GLU E 273 -8.31 47.69 -6.66
N ARG E 274 -7.46 47.85 -7.68
CA ARG E 274 -6.92 46.74 -8.46
C ARG E 274 -5.40 46.85 -8.49
N SER E 275 -4.75 46.24 -7.50
CA SER E 275 -3.30 46.21 -7.40
C SER E 275 -2.89 44.91 -6.72
N VAL E 276 -1.57 44.68 -6.67
CA VAL E 276 -1.06 43.44 -6.09
C VAL E 276 -1.36 43.40 -4.59
N ASN E 277 -1.29 44.56 -3.91
CA ASN E 277 -1.65 44.61 -2.50
C ASN E 277 -3.14 44.31 -2.31
N SER E 278 -3.98 44.82 -3.21
CA SER E 278 -5.39 44.46 -3.19
C SER E 278 -5.55 42.95 -3.40
N LEU E 279 -4.74 42.37 -4.28
CA LEU E 279 -4.77 40.93 -4.47
C LEU E 279 -4.41 40.19 -3.19
N ILE E 280 -3.45 40.69 -2.44
CA ILE E 280 -3.06 40.05 -1.19
C ILE E 280 -4.18 40.15 -0.16
N GLU E 281 -4.84 41.31 -0.07
CA GLU E 281 -5.97 41.45 0.83
C GLU E 281 -7.10 40.50 0.44
N CYS E 282 -7.36 40.37 -0.87
CA CYS E 282 -8.37 39.42 -1.34
C CYS E 282 -7.98 37.99 -0.99
N ARG E 283 -6.69 37.67 -1.07
CA ARG E 283 -6.24 36.34 -0.65
C ARG E 283 -6.50 36.11 0.83
N ALA E 284 -6.27 37.12 1.66
CA ALA E 284 -6.55 36.99 3.08
C ALA E 284 -8.04 36.75 3.32
N VAL E 285 -8.89 37.48 2.59
CA VAL E 285 -10.34 37.28 2.71
C VAL E 285 -10.73 35.88 2.28
N LEU E 286 -10.16 35.40 1.17
CA LEU E 286 -10.47 34.06 0.68
C LEU E 286 -10.01 32.99 1.67
N TYR E 287 -8.86 33.20 2.30
CA TYR E 287 -8.40 32.27 3.33
C TYR E 287 -9.34 32.26 4.53
N ASP E 288 -9.85 33.44 4.90
CA ASP E 288 -10.85 33.49 5.97
C ASP E 288 -12.11 32.73 5.58
N LEU E 289 -12.54 32.87 4.32
CA LEU E 289 -13.72 32.13 3.86
C LEU E 289 -13.48 30.62 3.91
N LEU E 290 -12.32 30.18 3.42
CA LEU E 290 -11.99 28.76 3.42
C LEU E 290 -11.82 28.24 4.84
N ALA E 291 -11.44 29.09 5.79
CA ALA E 291 -11.35 28.69 7.18
C ALA E 291 -12.70 28.34 7.76
N HIS E 292 -13.78 28.82 7.15
CA HIS E 292 -15.14 28.50 7.57
C HIS E 292 -15.74 27.39 6.72
N CYS E 293 -14.90 26.58 6.09
CA CYS E 293 -15.33 25.36 5.39
C CYS E 293 -16.38 25.64 4.33
N ILE E 294 -16.35 26.82 3.74
CA ILE E 294 -17.22 27.13 2.61
C ILE E 294 -16.55 26.58 1.35
N PRO E 295 -17.18 25.64 0.65
CA PRO E 295 -16.51 25.01 -0.50
C PRO E 295 -16.12 26.03 -1.55
N ALA E 296 -14.97 25.79 -2.20
CA ALA E 296 -14.42 26.76 -3.12
C ALA E 296 -15.25 26.90 -4.38
N ASN E 297 -15.99 25.84 -4.76
CA ASN E 297 -16.85 25.93 -5.94
C ASN E 297 -17.93 26.98 -5.73
N ILE E 298 -18.58 26.97 -4.57
CA ILE E 298 -19.62 27.96 -4.33
C ILE E 298 -19.01 29.32 -4.02
N ILE E 299 -17.79 29.37 -3.48
CA ILE E 299 -17.12 30.65 -3.31
C ILE E 299 -16.91 31.31 -4.67
N LEU E 300 -16.41 30.54 -5.64
CA LEU E 300 -16.20 31.07 -6.97
C LEU E 300 -17.53 31.44 -7.63
N LYS E 301 -18.56 30.62 -7.45
CA LYS E 301 -19.86 30.92 -8.05
C LYS E 301 -20.44 32.22 -7.51
N GLU E 302 -20.42 32.39 -6.18
CA GLU E 302 -20.95 33.61 -5.57
C GLU E 302 -20.09 34.82 -5.94
N LEU E 303 -18.77 34.65 -6.01
CA LEU E 303 -17.92 35.76 -6.44
C LEU E 303 -18.25 36.18 -7.86
N THR E 304 -18.42 35.21 -8.76
CA THR E 304 -18.73 35.53 -10.15
C THR E 304 -20.07 36.23 -10.27
N PHE E 305 -21.10 35.71 -9.59
CA PHE E 305 -22.43 36.28 -9.74
C PHE E 305 -22.64 37.52 -8.91
N SER E 306 -21.70 37.87 -8.01
CA SER E 306 -21.70 39.19 -7.41
C SER E 306 -20.92 40.19 -8.28
N LEU E 307 -19.88 39.73 -8.97
CA LEU E 307 -19.15 40.61 -9.87
C LEU E 307 -19.96 40.91 -11.13
N LEU E 308 -20.89 40.04 -11.49
CA LEU E 308 -21.75 40.31 -12.64
C LEU E 308 -22.95 41.18 -12.28
N ASP E 309 -23.15 41.49 -11.00
CA ASP E 309 -24.22 42.38 -10.57
C ASP E 309 -23.75 43.83 -10.41
N VAL E 310 -22.47 44.10 -10.58
CA VAL E 310 -21.96 45.47 -10.49
C VAL E 310 -22.35 46.22 -11.74
N GLU E 311 -22.96 47.39 -11.57
CA GLU E 311 -23.50 48.16 -12.69
C GLU E 311 -22.46 49.02 -13.39
N THR E 312 -21.28 49.19 -12.80
CA THR E 312 -20.26 50.04 -13.41
C THR E 312 -19.46 49.30 -14.49
N LEU E 313 -19.69 48.01 -14.68
CA LEU E 313 -18.94 47.21 -15.65
C LEU E 313 -19.75 47.10 -16.94
N ASN E 314 -19.05 47.23 -18.07
CA ASN E 314 -19.70 47.10 -19.37
C ASN E 314 -19.83 45.63 -19.75
N THR E 315 -20.36 45.38 -20.94
CA THR E 315 -20.59 44.02 -21.38
C THR E 315 -19.29 43.26 -21.61
N THR E 316 -18.25 43.95 -22.09
CA THR E 316 -16.97 43.29 -22.33
C THR E 316 -16.37 42.76 -21.03
N ASN E 317 -16.40 43.57 -19.98
CA ASN E 317 -15.87 43.14 -18.69
C ASN E 317 -16.65 41.96 -18.14
N LYS E 318 -17.97 41.99 -18.26
CA LYS E 318 -18.78 40.89 -17.74
C LYS E 318 -18.55 39.61 -18.52
N SER E 319 -18.41 39.71 -19.85
CA SER E 319 -18.12 38.51 -20.65
C SER E 319 -16.76 37.94 -20.29
N SER E 320 -15.75 38.80 -20.10
CA SER E 320 -14.45 38.32 -19.67
C SER E 320 -14.52 37.65 -18.31
N ILE E 321 -15.30 38.23 -17.39
CA ILE E 321 -15.43 37.66 -16.06
C ILE E 321 -16.06 36.28 -16.12
N ILE E 322 -17.12 36.13 -16.91
CA ILE E 322 -17.79 34.82 -16.98
C ILE E 322 -16.89 33.79 -17.66
N GLU E 323 -16.14 34.20 -18.68
CA GLU E 323 -15.22 33.27 -19.33
C GLU E 323 -14.14 32.80 -18.36
N TYR E 324 -13.53 33.73 -17.62
CA TYR E 324 -12.51 33.36 -16.65
C TYR E 324 -13.10 32.49 -15.54
N SER E 325 -14.33 32.79 -15.14
CA SER E 325 -14.97 31.99 -14.09
C SER E 325 -15.19 30.57 -14.54
N SER E 326 -15.64 30.36 -15.78
CA SER E 326 -15.81 29.01 -16.29
C SER E 326 -14.47 28.28 -16.38
N VAL E 327 -13.45 28.96 -16.90
CA VAL E 327 -12.13 28.33 -17.03
C VAL E 327 -11.60 27.90 -15.66
N PHE E 328 -11.68 28.80 -14.68
CA PHE E 328 -11.14 28.49 -13.37
C PHE E 328 -12.03 27.57 -12.56
N ASP E 329 -13.31 27.46 -12.88
CA ASP E 329 -14.13 26.43 -12.26
C ASP E 329 -13.74 25.05 -12.77
N GLU E 330 -13.48 24.93 -14.07
CA GLU E 330 -12.97 23.67 -14.58
C GLU E 330 -11.61 23.34 -13.97
N ARG E 331 -10.75 24.35 -13.83
CA ARG E 331 -9.46 24.14 -13.17
C ARG E 331 -9.66 23.68 -11.72
N LEU E 332 -10.60 24.30 -11.01
CA LEU E 332 -10.87 23.94 -9.62
C LEU E 332 -11.40 22.52 -9.51
N SER E 333 -12.15 22.06 -10.52
CA SER E 333 -12.66 20.68 -10.49
C SER E 333 -11.53 19.67 -10.53
N LEU E 334 -10.52 19.89 -11.39
CA LEU E 334 -9.42 18.96 -11.56
C LEU E 334 -8.24 19.25 -10.63
N GLY E 335 -8.33 20.30 -9.81
CA GLY E 335 -7.21 20.70 -8.98
C GLY E 335 -7.18 20.00 -7.64
N ASN E 336 -6.18 20.35 -6.85
CA ASN E 336 -6.00 19.83 -5.49
C ASN E 336 -5.99 20.91 -4.43
N LYS E 337 -5.48 22.10 -4.76
CA LYS E 337 -5.46 23.23 -3.84
C LYS E 337 -6.35 24.32 -4.42
N ALA E 338 -7.32 24.78 -3.62
CA ALA E 338 -8.31 25.73 -4.12
C ALA E 338 -7.74 27.13 -4.24
N ILE E 339 -6.80 27.50 -3.35
CA ILE E 339 -6.35 28.88 -3.28
C ILE E 339 -5.66 29.30 -4.57
N PHE E 340 -4.97 28.38 -5.25
CA PHE E 340 -4.35 28.71 -6.53
C PHE E 340 -5.38 29.23 -7.51
N HIS E 341 -6.49 28.50 -7.66
CA HIS E 341 -7.49 28.85 -8.66
C HIS E 341 -8.34 30.04 -8.24
N LEU E 342 -8.63 30.17 -6.94
CA LEU E 342 -9.34 31.37 -6.49
C LEU E 342 -8.51 32.63 -6.71
N GLU E 343 -7.24 32.58 -6.32
CA GLU E 343 -6.34 33.71 -6.54
C GLU E 343 -6.16 34.00 -8.03
N GLY E 344 -6.07 32.95 -8.85
CA GLY E 344 -5.96 33.16 -10.29
C GLY E 344 -7.19 33.83 -10.87
N PHE E 345 -8.37 33.42 -10.44
CA PHE E 345 -9.61 34.06 -10.91
C PHE E 345 -9.64 35.53 -10.51
N ILE E 346 -9.31 35.82 -9.24
CA ILE E 346 -9.35 37.20 -8.78
C ILE E 346 -8.31 38.04 -9.51
N ALA E 347 -7.13 37.49 -9.73
CA ALA E 347 -6.08 38.23 -10.44
C ALA E 347 -6.48 38.50 -11.88
N LYS E 348 -7.07 37.51 -12.56
CA LYS E 348 -7.53 37.72 -13.92
C LYS E 348 -8.63 38.78 -13.98
N VAL E 349 -9.55 38.76 -13.01
CA VAL E 349 -10.62 39.76 -12.98
C VAL E 349 -10.03 41.15 -12.77
N MET E 350 -9.10 41.28 -11.82
CA MET E 350 -8.49 42.58 -11.54
C MET E 350 -7.64 43.07 -12.70
N CYS E 351 -7.06 42.17 -13.49
CA CYS E 351 -6.30 42.53 -14.67
C CYS E 351 -7.19 42.89 -15.87
N CYS E 352 -8.38 42.32 -15.97
CA CYS E 352 -9.30 42.63 -17.05
C CYS E 352 -10.14 43.86 -16.79
N LEU E 353 -10.43 44.16 -15.52
CA LEU E 353 -11.28 45.30 -15.20
C LEU E 353 -10.61 46.62 -15.60
N ASP E 354 -9.29 46.71 -15.46
CA ASP E 354 -8.57 47.92 -15.85
C ASP E 354 -7.92 47.76 -17.21
N MET F 1 -56.87 -4.98 37.72
CA MET F 1 -55.72 -5.79 37.37
C MET F 1 -54.78 -5.98 38.56
N LYS F 2 -54.17 -7.16 38.66
CA LYS F 2 -53.26 -7.47 39.75
C LYS F 2 -52.34 -8.60 39.31
N LEU F 3 -51.06 -8.47 39.64
CA LEU F 3 -50.04 -9.43 39.24
C LEU F 3 -49.16 -9.75 40.43
N LYS F 4 -49.10 -11.03 40.81
CA LYS F 4 -48.25 -11.48 41.89
C LYS F 4 -47.99 -12.97 41.73
N LEU F 5 -46.76 -13.37 42.04
CA LEU F 5 -46.38 -14.78 41.92
C LEU F 5 -45.46 -15.17 43.06
N ILE F 6 -45.44 -16.46 43.36
CA ILE F 6 -44.60 -17.04 44.41
C ILE F 6 -43.69 -18.08 43.77
N VAL F 7 -42.39 -17.84 43.82
CA VAL F 7 -41.39 -18.73 43.22
C VAL F 7 -40.37 -19.08 44.29
N ASN F 8 -40.20 -20.38 44.55
CA ASN F 8 -39.23 -20.87 45.52
C ASN F 8 -38.23 -21.74 44.76
N GLY F 9 -36.94 -21.42 44.91
CA GLY F 9 -35.91 -22.23 44.27
C GLY F 9 -35.81 -23.62 44.86
N CYS F 10 -36.03 -23.76 46.17
CA CYS F 10 -35.81 -25.03 46.83
C CYS F 10 -36.90 -26.04 46.50
N GLU F 11 -38.16 -25.58 46.39
CA GLU F 11 -39.27 -26.50 46.18
C GLU F 11 -39.14 -27.23 44.84
N ALA F 12 -38.64 -26.54 43.82
CA ALA F 12 -38.46 -27.12 42.49
C ALA F 12 -37.24 -26.45 41.85
N PRO F 13 -36.05 -26.96 42.13
CA PRO F 13 -34.85 -26.41 41.47
C PRO F 13 -34.90 -26.53 39.96
N ASP F 14 -35.57 -27.56 39.43
CA ASP F 14 -35.57 -27.79 37.99
C ASP F 14 -36.32 -26.68 37.24
N ASP F 15 -37.54 -26.37 37.67
CA ASP F 15 -38.32 -25.36 36.94
C ASP F 15 -37.79 -23.96 37.20
N TYR F 16 -37.27 -23.71 38.41
CA TYR F 16 -36.60 -22.44 38.68
C TYR F 16 -35.39 -22.27 37.77
N LYS F 17 -34.62 -23.34 37.59
CA LYS F 17 -33.45 -23.30 36.68
C LYS F 17 -33.96 -23.07 35.25
N LEU F 18 -35.05 -23.74 34.87
CA LEU F 18 -35.63 -23.51 33.52
C LEU F 18 -35.97 -22.03 33.38
N LEU F 19 -36.50 -21.43 34.46
CA LEU F 19 -36.86 -19.99 34.43
C LEU F 19 -35.59 -19.17 34.22
N ARG F 20 -34.54 -19.44 35.00
CA ARG F 20 -33.26 -18.71 34.87
C ARG F 20 -32.69 -18.96 33.48
N THR F 21 -32.78 -20.20 32.99
CA THR F 21 -32.27 -20.52 31.63
C THR F 21 -32.95 -19.58 30.64
N THR F 22 -34.27 -19.44 30.75
CA THR F 22 -35.03 -18.56 29.82
C THR F 22 -34.55 -17.13 29.94
N ILE F 23 -34.54 -16.59 31.16
CA ILE F 23 -34.15 -15.16 31.36
C ILE F 23 -32.83 -14.92 30.61
N ASN F 24 -31.85 -15.80 30.76
CA ASN F 24 -30.55 -15.58 30.14
C ASN F 24 -30.65 -15.66 28.62
N THR F 25 -31.42 -16.61 28.10
CA THR F 25 -31.53 -16.75 26.66
C THR F 25 -32.17 -15.51 26.04
N VAL F 26 -33.25 -15.01 26.66
CA VAL F 26 -33.90 -13.82 26.10
C VAL F 26 -33.02 -12.60 26.25
N ALA F 27 -32.18 -12.56 27.28
CA ALA F 27 -31.22 -11.47 27.42
C ALA F 27 -30.14 -11.56 26.34
N SER F 28 -29.67 -12.77 26.04
CA SER F 28 -28.60 -12.95 25.07
C SER F 28 -29.09 -12.63 23.66
N LEU F 29 -30.34 -12.99 23.34
CA LEU F 29 -30.87 -12.74 22.01
C LEU F 29 -30.89 -11.24 21.70
N ARG F 30 -31.47 -10.46 22.59
CA ARG F 30 -31.60 -9.00 22.43
C ARG F 30 -32.05 -8.43 23.76
N LYS F 31 -32.36 -7.13 23.77
CA LYS F 31 -32.87 -6.50 24.97
C LYS F 31 -34.40 -6.60 25.02
N THR F 32 -34.93 -6.46 26.23
CA THR F 32 -36.37 -6.53 26.52
C THR F 32 -36.96 -7.90 26.21
N ALA F 33 -38.15 -8.17 26.75
CA ALA F 33 -38.84 -9.43 26.54
C ALA F 33 -40.29 -9.26 26.98
N ILE F 34 -41.20 -9.83 26.22
CA ILE F 34 -42.63 -9.72 26.50
C ILE F 34 -42.99 -10.83 27.47
N LEU F 35 -43.53 -10.46 28.63
CA LEU F 35 -44.00 -11.41 29.62
C LEU F 35 -45.52 -11.53 29.53
N ARG F 36 -45.96 -12.48 28.71
CA ARG F 36 -47.39 -12.71 28.55
C ARG F 36 -47.92 -13.41 29.80
N PHE F 37 -48.16 -12.61 30.85
CA PHE F 37 -48.61 -13.13 32.15
C PHE F 37 -50.09 -13.52 32.06
N ASN F 38 -50.33 -14.61 31.35
CA ASN F 38 -51.66 -15.19 31.30
C ASN F 38 -52.04 -15.71 32.69
N SER F 39 -53.34 -15.78 32.96
CA SER F 39 -53.80 -16.25 34.26
C SER F 39 -53.42 -17.70 34.54
N GLU F 40 -53.15 -18.49 33.50
CA GLU F 40 -52.89 -19.91 33.67
C GLU F 40 -51.56 -20.36 33.09
N ARG F 41 -50.71 -19.44 32.65
CA ARG F 41 -49.38 -19.77 32.16
C ARG F 41 -48.60 -18.48 31.92
N LEU F 42 -47.29 -18.63 31.76
CA LEU F 42 -46.39 -17.54 31.40
C LEU F 42 -45.67 -17.90 30.12
N THR F 43 -45.68 -16.98 29.16
CA THR F 43 -44.91 -17.11 27.93
C THR F 43 -43.97 -15.92 27.83
N ILE F 44 -42.67 -16.19 27.73
CA ILE F 44 -41.66 -15.16 27.61
C ILE F 44 -41.22 -15.09 26.16
N ILE F 45 -41.44 -13.94 25.53
CA ILE F 45 -41.24 -13.78 24.10
C ILE F 45 -40.17 -12.72 23.86
N SER F 46 -39.20 -13.06 23.02
CA SER F 46 -38.17 -12.13 22.55
C SER F 46 -38.22 -12.14 21.03
N THR F 47 -38.93 -11.16 20.47
CA THR F 47 -39.08 -11.03 19.03
C THR F 47 -38.58 -9.67 18.54
N PRO F 48 -38.07 -9.60 17.31
CA PRO F 48 -37.66 -8.29 16.77
C PRO F 48 -38.81 -7.32 16.62
N LYS F 49 -40.04 -7.84 16.58
CA LYS F 49 -41.23 -6.97 16.47
C LYS F 49 -41.22 -5.95 17.61
N GLY F 58 -37.99 -6.36 13.21
CA GLY F 58 -37.09 -6.95 12.19
C GLY F 58 -35.66 -6.45 12.34
N THR F 59 -34.95 -6.27 11.22
CA THR F 59 -33.57 -5.84 11.26
C THR F 59 -33.29 -4.95 10.07
N ILE F 60 -32.40 -3.97 10.24
CA ILE F 60 -32.06 -3.07 9.15
C ILE F 60 -30.58 -3.19 8.80
N LEU F 61 -29.73 -3.30 9.83
CA LEU F 61 -28.28 -3.29 9.63
C LEU F 61 -27.62 -4.32 10.55
N ARG F 62 -28.42 -5.16 11.19
CA ARG F 62 -27.87 -6.13 12.14
C ARG F 62 -28.10 -7.57 11.70
N GLY F 63 -29.33 -7.90 11.32
CA GLY F 63 -29.70 -9.27 10.98
C GLY F 63 -30.55 -9.97 12.02
N ASP F 64 -31.00 -9.28 13.06
CA ASP F 64 -31.78 -9.90 14.12
C ASP F 64 -33.14 -10.35 13.60
N THR F 65 -33.34 -11.66 13.54
CA THR F 65 -34.59 -12.22 13.05
C THR F 65 -35.02 -13.38 13.96
N GLY F 66 -34.10 -13.84 14.81
CA GLY F 66 -34.39 -14.93 15.72
C GLY F 66 -35.50 -14.60 16.70
N GLN F 67 -36.42 -15.54 16.87
CA GLN F 67 -37.57 -15.39 17.76
C GLN F 67 -37.65 -16.60 18.68
N LEU F 68 -37.67 -16.35 19.99
CA LEU F 68 -37.75 -17.40 20.99
C LEU F 68 -39.10 -17.30 21.69
N TRP F 69 -39.82 -18.42 21.74
CA TRP F 69 -41.16 -18.50 22.31
C TRP F 69 -41.18 -19.61 23.35
N CYS F 70 -40.86 -19.26 24.59
CA CYS F 70 -40.81 -20.23 25.67
C CYS F 70 -42.14 -20.24 26.42
N THR F 71 -42.72 -21.43 26.56
CA THR F 71 -43.96 -21.61 27.30
C THR F 71 -43.63 -22.34 28.60
N ILE F 72 -43.98 -21.72 29.72
CA ILE F 72 -43.83 -22.34 31.04
C ILE F 72 -45.20 -22.40 31.69
N PRO F 73 -45.54 -23.47 32.41
CA PRO F 73 -46.87 -23.58 32.99
C PRO F 73 -47.02 -22.74 34.25
N HIS F 74 -48.27 -22.60 34.68
CA HIS F 74 -48.56 -21.86 35.92
C HIS F 74 -48.19 -22.68 37.15
N ASP F 75 -48.22 -24.00 37.04
CA ASP F 75 -47.95 -24.88 38.17
C ASP F 75 -46.49 -24.76 38.59
N VAL F 76 -45.64 -24.21 37.72
CA VAL F 76 -44.25 -23.92 38.05
C VAL F 76 -44.23 -22.94 39.21
N PHE F 77 -45.07 -21.91 39.12
CA PHE F 77 -45.24 -20.96 40.21
C PHE F 77 -46.13 -21.56 41.29
N ARG F 78 -45.69 -21.44 42.54
CA ARG F 78 -46.52 -21.90 43.65
C ARG F 78 -47.83 -21.13 43.72
N LEU F 79 -47.75 -19.82 43.56
CA LEU F 79 -48.93 -18.94 43.50
C LEU F 79 -48.85 -18.14 42.21
N TYR F 80 -49.96 -18.12 41.45
CA TYR F 80 -49.98 -17.47 40.15
C TYR F 80 -51.28 -16.66 39.98
N THR F 81 -51.60 -15.85 40.99
CA THR F 81 -52.80 -15.02 40.95
C THR F 81 -52.62 -13.92 39.93
N VAL F 82 -53.37 -14.01 38.82
CA VAL F 82 -53.29 -13.04 37.73
C VAL F 82 -54.72 -12.66 37.32
N ILE F 83 -55.03 -11.37 37.37
CA ILE F 83 -56.35 -10.86 36.99
C ILE F 83 -56.17 -9.57 36.19
N SER F 84 -57.12 -9.32 35.28
CA SER F 84 -57.13 -8.09 34.50
C SER F 84 -58.45 -7.90 33.76
N ALA F 85 -58.50 -6.87 32.90
CA ALA F 85 -59.66 -6.62 32.05
C ALA F 85 -59.56 -7.30 30.69
N ARG F 86 -58.42 -7.91 30.37
CA ARG F 86 -58.25 -8.60 29.10
C ARG F 86 -58.89 -9.99 29.17
N GLU F 87 -58.92 -10.67 28.03
CA GLU F 87 -59.44 -12.02 27.99
C GLU F 87 -58.57 -12.95 28.85
N LEU F 88 -59.25 -13.86 29.55
CA LEU F 88 -58.63 -14.84 30.45
C LEU F 88 -57.51 -14.24 31.29
N ASN F 89 -57.71 -13.02 31.76
CA ASN F 89 -56.79 -12.32 32.66
C ASN F 89 -55.37 -12.32 32.12
N THR F 90 -55.21 -11.70 30.95
CA THR F 90 -53.91 -11.63 30.29
C THR F 90 -53.24 -10.29 30.58
N ILE F 91 -52.04 -10.35 31.16
CA ILE F 91 -51.19 -9.19 31.33
C ILE F 91 -49.96 -9.43 30.47
N THR F 92 -49.71 -8.55 29.51
CA THR F 92 -48.48 -8.59 28.73
C THR F 92 -47.60 -7.42 29.14
N MET F 93 -46.30 -7.69 29.29
CA MET F 93 -45.38 -6.78 29.95
C MET F 93 -43.99 -6.91 29.34
N GLU F 94 -43.38 -5.77 29.01
CA GLU F 94 -42.03 -5.72 28.48
C GLU F 94 -41.11 -5.05 29.49
N CYS F 95 -40.00 -5.72 29.79
CA CYS F 95 -39.03 -5.21 30.74
C CYS F 95 -37.63 -5.51 30.23
N ASN F 96 -36.68 -4.64 30.58
CA ASN F 96 -35.30 -4.84 30.17
C ASN F 96 -34.77 -6.14 30.76
N CYS F 97 -34.09 -6.93 29.92
CA CYS F 97 -33.67 -8.26 30.34
C CYS F 97 -32.50 -8.22 31.33
N ASP F 98 -31.70 -7.15 31.29
CA ASP F 98 -30.57 -7.05 32.21
C ASP F 98 -31.04 -7.02 33.66
N SER F 99 -32.09 -6.25 33.93
CA SER F 99 -32.59 -6.14 35.30
C SER F 99 -33.16 -7.46 35.79
N LEU F 100 -33.88 -8.18 34.91
CA LEU F 100 -34.46 -9.46 35.30
C LEU F 100 -33.36 -10.49 35.53
N LEU F 101 -32.31 -10.48 34.70
CA LEU F 101 -31.15 -11.32 34.94
C LEU F 101 -30.53 -11.01 36.30
N SER F 102 -30.34 -9.72 36.61
CA SER F 102 -29.74 -9.36 37.88
C SER F 102 -30.60 -9.84 39.04
N VAL F 103 -31.91 -9.66 38.94
CA VAL F 103 -32.82 -10.09 40.00
C VAL F 103 -32.74 -11.60 40.21
N PHE F 104 -32.80 -12.36 39.11
CA PHE F 104 -32.81 -13.81 39.23
C PHE F 104 -31.48 -14.33 39.76
N LYS F 105 -30.36 -13.77 39.29
CA LYS F 105 -29.07 -14.23 39.77
C LYS F 105 -28.85 -13.84 41.22
N ARG F 106 -29.37 -12.69 41.64
CA ARG F 106 -29.28 -12.30 43.04
C ARG F 106 -30.07 -13.28 43.92
N TYR F 107 -31.28 -13.64 43.48
CA TYR F 107 -32.06 -14.61 44.26
C TYR F 107 -31.36 -15.96 44.29
N ASP F 108 -30.77 -16.38 43.17
CA ASP F 108 -30.03 -17.64 43.15
C ASP F 108 -28.84 -17.61 44.10
N ARG F 109 -28.11 -16.50 44.11
CA ARG F 109 -26.97 -16.36 45.02
C ARG F 109 -27.40 -16.43 46.48
N VAL F 110 -28.51 -15.76 46.81
CA VAL F 110 -29.03 -15.80 48.17
C VAL F 110 -29.46 -17.22 48.54
N MET F 111 -30.12 -17.92 47.62
CA MET F 111 -30.52 -19.30 47.89
C MET F 111 -29.30 -20.20 48.10
N ASN F 112 -28.26 -20.00 47.30
CA ASN F 112 -27.05 -20.81 47.40
C ASN F 112 -26.37 -20.64 48.76
N SER F 117 -35.47 -19.84 51.49
CA SER F 117 -36.51 -18.82 51.53
C SER F 117 -37.14 -18.61 50.17
N ASN F 118 -38.35 -18.06 50.15
CA ASN F 118 -39.10 -17.87 48.92
C ASN F 118 -38.75 -16.54 48.26
N MET F 119 -39.10 -16.43 46.98
CA MET F 119 -39.03 -15.19 46.23
C MET F 119 -40.45 -14.73 45.94
N THR F 120 -40.76 -13.48 46.32
CA THR F 120 -42.08 -12.91 46.11
C THR F 120 -41.98 -11.76 45.12
N ILE F 121 -42.80 -11.83 44.07
CA ILE F 121 -42.86 -10.77 43.06
C ILE F 121 -44.29 -10.26 43.01
N LYS F 122 -44.44 -8.94 43.16
CA LYS F 122 -45.74 -8.29 43.04
C LYS F 122 -45.61 -7.09 42.11
N LEU F 123 -46.67 -6.80 41.38
CA LEU F 123 -46.66 -5.65 40.47
C LEU F 123 -46.80 -4.37 41.26
N GLN F 124 -45.67 -3.76 41.63
CA GLN F 124 -45.66 -2.56 42.45
C GLN F 124 -44.43 -1.72 42.09
N SER F 125 -44.58 -0.40 42.20
CA SER F 125 -43.49 0.50 41.88
C SER F 125 -42.71 0.89 43.14
N PRO F 152 -48.06 3.40 29.44
CA PRO F 152 -47.36 3.99 30.59
C PRO F 152 -46.18 3.13 31.06
N ILE F 153 -45.59 3.49 32.19
CA ILE F 153 -44.37 2.84 32.69
C ILE F 153 -44.61 2.43 34.14
N CYS F 154 -44.85 1.14 34.37
CA CYS F 154 -44.99 0.60 35.72
C CYS F 154 -43.65 0.08 36.24
N ALA F 155 -43.68 -0.69 37.32
CA ALA F 155 -42.49 -1.35 37.82
C ALA F 155 -42.91 -2.62 38.54
N LEU F 156 -41.97 -3.57 38.60
CA LEU F 156 -42.17 -4.81 39.34
C LEU F 156 -41.39 -4.76 40.65
N GLY F 157 -41.82 -5.60 41.59
CA GLY F 157 -41.17 -5.65 42.89
C GLY F 157 -40.80 -7.05 43.31
N ILE F 158 -39.51 -7.30 43.50
CA ILE F 158 -39.01 -8.62 43.88
C ILE F 158 -38.50 -8.53 45.31
N THR F 159 -39.04 -9.38 46.18
CA THR F 159 -38.71 -9.36 47.60
C THR F 159 -38.39 -10.77 48.08
N PHE F 160 -37.32 -10.88 48.87
CA PHE F 160 -36.91 -12.16 49.45
C PHE F 160 -35.92 -11.89 50.58
N GLU F 161 -35.78 -12.88 51.46
CA GLU F 161 -35.02 -12.73 52.69
C GLU F 161 -33.76 -13.59 52.63
N GLU F 162 -32.67 -13.08 53.21
CA GLU F 162 -31.39 -13.77 53.27
C GLU F 162 -31.02 -14.04 54.72
N ILE F 163 -30.45 -15.21 54.99
CA ILE F 163 -30.02 -15.61 56.31
C ILE F 163 -28.53 -15.93 56.26
N VAL F 164 -27.76 -15.30 57.14
CA VAL F 164 -26.34 -15.62 57.27
C VAL F 164 -26.07 -16.25 58.63
N LYS F 199 -29.51 -14.38 61.07
CA LYS F 199 -29.75 -12.96 60.84
C LYS F 199 -30.81 -12.78 59.76
N VAL F 200 -31.49 -11.64 59.79
CA VAL F 200 -32.55 -11.33 58.84
C VAL F 200 -32.07 -10.21 57.93
N ILE F 201 -31.93 -10.50 56.64
CA ILE F 201 -31.56 -9.51 55.63
C ILE F 201 -32.60 -9.57 54.52
N MET F 202 -33.20 -8.43 54.19
CA MET F 202 -34.22 -8.35 53.17
C MET F 202 -33.62 -7.77 51.89
N HIS F 203 -33.95 -8.39 50.76
CA HIS F 203 -33.48 -7.94 49.44
C HIS F 203 -34.68 -7.54 48.62
N SER F 204 -34.79 -6.25 48.32
CA SER F 204 -35.90 -5.70 47.54
C SER F 204 -35.37 -5.11 46.25
N PHE F 205 -36.02 -5.43 45.13
CA PHE F 205 -35.62 -4.94 43.82
C PHE F 205 -36.83 -4.37 43.10
N LYS F 206 -36.58 -3.35 42.27
CA LYS F 206 -37.63 -2.70 41.49
C LYS F 206 -37.13 -2.52 40.07
N VAL F 207 -37.66 -3.30 39.14
CA VAL F 207 -37.29 -3.25 37.73
C VAL F 207 -38.32 -2.39 37.01
N PRO F 208 -37.92 -1.34 36.30
CA PRO F 208 -38.89 -0.51 35.56
C PRO F 208 -39.46 -1.28 34.38
N VAL F 209 -40.79 -1.43 34.37
CA VAL F 209 -41.48 -2.17 33.30
C VAL F 209 -42.47 -1.24 32.62
N LYS F 210 -43.15 -1.74 31.59
CA LYS F 210 -44.15 -0.98 30.87
C LYS F 210 -45.43 -1.79 30.75
N LEU F 211 -46.56 -1.14 30.96
CA LEU F 211 -47.88 -1.79 30.87
C LEU F 211 -48.30 -1.82 29.42
N LEU F 212 -47.91 -2.89 28.72
CA LEU F 212 -48.31 -3.06 27.33
C LEU F 212 -49.80 -3.37 27.23
N PHE F 213 -50.44 -2.93 26.14
CA PHE F 213 -51.88 -3.02 26.02
C PHE F 213 -52.20 -4.33 25.28
N ARG F 214 -53.49 -4.67 25.23
CA ARG F 214 -54.01 -5.78 24.46
C ARG F 214 -53.74 -5.64 22.97
N ALA F 215 -53.86 -4.42 22.45
CA ALA F 215 -53.68 -4.21 21.01
C ALA F 215 -52.26 -4.56 20.60
N GLN F 216 -51.28 -4.16 21.41
CA GLN F 216 -49.89 -4.50 21.12
C GLN F 216 -49.64 -5.99 21.37
N ASP F 217 -50.43 -6.62 22.25
CA ASP F 217 -50.28 -8.05 22.47
C ASP F 217 -50.86 -8.86 21.33
N THR F 218 -51.85 -8.29 20.62
CA THR F 218 -52.48 -9.01 19.52
C THR F 218 -51.50 -9.25 18.38
N ARG F 219 -50.67 -8.26 18.07
CA ARG F 219 -49.73 -8.38 16.96
C ARG F 219 -48.54 -9.27 17.28
N ILE F 220 -48.37 -9.70 18.53
CA ILE F 220 -47.29 -10.61 18.91
C ILE F 220 -47.84 -12.03 18.81
N GLN F 221 -47.56 -12.69 17.69
CA GLN F 221 -48.03 -14.04 17.44
C GLN F 221 -46.84 -14.90 17.02
N GLU F 222 -46.81 -16.13 17.53
CA GLU F 222 -45.70 -17.03 17.23
C GLU F 222 -45.73 -17.40 15.74
N PRO F 223 -44.59 -17.56 15.09
CA PRO F 223 -44.59 -17.88 13.66
C PRO F 223 -45.12 -19.27 13.42
N MET F 224 -46.12 -19.37 12.54
CA MET F 224 -46.64 -20.67 12.14
C MET F 224 -45.68 -21.31 11.14
N ILE F 225 -45.35 -22.57 11.39
CA ILE F 225 -44.40 -23.31 10.57
C ILE F 225 -45.15 -24.42 9.83
N ASN F 226 -44.79 -24.62 8.56
CA ASN F 226 -45.40 -25.67 7.77
C ASN F 226 -44.87 -27.02 8.18
N TYR F 227 -45.57 -28.08 7.74
CA TYR F 227 -45.16 -29.45 8.00
C TYR F 227 -45.00 -30.25 6.71
N ILE F 228 -44.88 -29.59 5.56
CA ILE F 228 -44.71 -30.31 4.31
C ILE F 228 -43.24 -30.63 4.06
N GLN F 229 -42.33 -29.82 4.60
CA GLN F 229 -40.90 -30.06 4.45
C GLN F 229 -40.17 -30.03 5.79
N LEU F 230 -40.88 -29.77 6.88
CA LEU F 230 -40.28 -29.70 8.21
C LEU F 230 -39.95 -31.10 8.73
N MET F 231 -38.77 -31.60 8.35
CA MET F 231 -38.32 -32.86 8.94
C MET F 231 -37.86 -32.62 10.37
N MET F 232 -38.25 -33.51 11.27
CA MET F 232 -37.84 -33.43 12.66
C MET F 232 -36.64 -34.33 12.91
N TYR F 233 -35.82 -33.94 13.87
CA TYR F 233 -34.67 -34.71 14.31
C TYR F 233 -34.66 -34.75 15.82
N LYS F 234 -34.66 -35.95 16.40
CA LYS F 234 -34.64 -36.12 17.85
C LYS F 234 -33.18 -36.24 18.29
N LEU F 235 -32.65 -35.13 18.81
CA LEU F 235 -31.25 -35.11 19.22
C LEU F 235 -31.09 -35.93 20.50
N PRO F 236 -29.97 -36.63 20.66
CA PRO F 236 -29.72 -37.40 21.88
C PRO F 236 -29.65 -36.49 23.10
N PRO F 237 -30.10 -36.97 24.26
CA PRO F 237 -30.10 -36.14 25.46
C PRO F 237 -28.71 -35.62 25.83
N ILE F 238 -28.70 -34.61 26.69
CA ILE F 238 -27.46 -34.04 27.18
C ILE F 238 -26.80 -34.94 28.21
N SER F 239 -27.58 -35.75 28.93
CA SER F 239 -27.06 -36.66 29.95
C SER F 239 -27.13 -38.08 29.41
N GLY F 240 -26.00 -38.77 29.40
CA GLY F 240 -25.92 -40.13 28.92
C GLY F 240 -24.63 -40.35 28.16
N GLU F 241 -24.57 -41.47 27.44
CA GLU F 241 -23.39 -41.79 26.65
C GLU F 241 -23.16 -40.76 25.56
N PHE F 242 -24.22 -40.40 24.84
CA PHE F 242 -24.11 -39.48 23.72
C PHE F 242 -24.15 -38.03 24.15
N GLY F 243 -24.35 -37.74 25.43
CA GLY F 243 -24.59 -36.36 25.85
C GLY F 243 -23.41 -35.45 25.59
N SER F 244 -22.21 -35.87 25.98
CA SER F 244 -21.01 -35.08 25.72
C SER F 244 -20.59 -35.13 24.26
N ALA F 245 -20.80 -36.27 23.60
CA ALA F 245 -20.42 -36.42 22.20
C ALA F 245 -21.21 -35.48 21.31
N PHE F 246 -22.52 -35.45 21.47
CA PHE F 246 -23.36 -34.59 20.63
C PHE F 246 -23.11 -33.12 20.96
N HIS F 247 -22.86 -32.80 22.23
CA HIS F 247 -22.51 -31.43 22.60
C HIS F 247 -21.22 -31.01 21.91
N GLY F 248 -20.22 -31.89 21.89
CA GLY F 248 -18.99 -31.59 21.18
C GLY F 248 -19.21 -31.43 19.69
N PHE F 249 -20.04 -32.30 19.10
CA PHE F 249 -20.32 -32.17 17.67
C PHE F 249 -21.00 -30.84 17.36
N ILE F 250 -21.94 -30.42 18.21
CA ILE F 250 -22.63 -29.16 18.01
C ILE F 250 -21.65 -27.99 18.13
N ARG F 251 -20.77 -28.04 19.12
CA ARG F 251 -19.87 -26.92 19.39
C ARG F 251 -18.59 -26.95 18.57
N ARG F 252 -18.35 -28.00 17.78
CA ARG F 252 -17.14 -28.08 16.98
C ARG F 252 -17.09 -27.00 15.90
N VAL F 253 -18.23 -26.39 15.56
CA VAL F 253 -18.25 -25.31 14.58
C VAL F 253 -17.70 -24.01 15.14
N GLU F 254 -17.56 -23.90 16.45
CA GLU F 254 -17.21 -22.66 17.13
C GLU F 254 -15.71 -22.40 17.18
N ARG F 255 -14.89 -23.33 16.69
CA ARG F 255 -13.44 -23.21 16.79
C ARG F 255 -12.81 -22.63 15.53
N TYR F 256 -13.59 -21.90 14.74
CA TYR F 256 -13.06 -21.18 13.58
C TYR F 256 -13.61 -19.76 13.60
N SER F 257 -12.78 -18.81 13.17
CA SER F 257 -13.15 -17.40 13.20
C SER F 257 -13.75 -16.91 11.89
N ASN F 258 -13.76 -17.73 10.85
CA ASN F 258 -14.35 -17.36 9.57
C ASN F 258 -15.70 -18.04 9.34
N VAL F 259 -16.27 -18.63 10.37
CA VAL F 259 -17.56 -19.33 10.26
C VAL F 259 -18.62 -18.37 10.76
N ASN F 260 -19.34 -17.76 9.83
CA ASN F 260 -20.52 -16.97 10.14
C ASN F 260 -21.82 -17.60 9.67
N HIS F 261 -21.80 -18.28 8.52
CA HIS F 261 -22.97 -18.95 7.97
C HIS F 261 -22.70 -20.45 7.92
N ILE F 262 -23.30 -21.20 8.84
CA ILE F 262 -23.24 -22.65 8.83
C ILE F 262 -24.34 -23.16 7.91
N HIS F 263 -24.16 -24.37 7.39
CA HIS F 263 -25.08 -24.95 6.42
C HIS F 263 -25.46 -26.35 6.89
N LEU F 264 -26.58 -26.46 7.60
CA LEU F 264 -27.08 -27.75 8.05
C LEU F 264 -27.51 -28.59 6.87
N MET F 265 -27.50 -29.90 7.05
CA MET F 265 -27.86 -30.78 5.94
C MET F 265 -28.37 -32.09 6.53
N GLY F 266 -29.40 -32.64 5.92
CA GLY F 266 -29.97 -33.89 6.38
C GLY F 266 -30.40 -34.79 5.24
N VAL F 267 -29.94 -36.04 5.24
CA VAL F 267 -30.25 -37.01 4.18
C VAL F 267 -31.04 -38.15 4.79
N LYS F 268 -32.15 -38.51 4.15
CA LYS F 268 -32.94 -39.64 4.60
C LYS F 268 -32.49 -40.93 3.92
N VAL F 279 -30.10 -41.84 9.60
CA VAL F 279 -30.02 -40.43 9.23
C VAL F 279 -28.70 -39.83 9.69
N GLU F 280 -28.31 -38.72 9.06
CA GLU F 280 -27.06 -38.04 9.36
C GLU F 280 -27.31 -36.55 9.51
N LEU F 281 -26.56 -35.93 10.42
CA LEU F 281 -26.58 -34.48 10.60
C LEU F 281 -25.20 -33.95 10.23
N LYS F 282 -25.12 -33.27 9.10
CA LYS F 282 -23.85 -32.73 8.59
C LYS F 282 -23.89 -31.21 8.67
N ILE F 283 -22.89 -30.64 9.34
CA ILE F 283 -22.68 -29.19 9.36
C ILE F 283 -21.60 -28.90 8.32
N ILE F 284 -21.96 -28.14 7.30
CA ILE F 284 -21.09 -27.90 6.15
C ILE F 284 -20.65 -26.45 6.17
N VAL F 285 -19.34 -26.25 6.11
CA VAL F 285 -18.76 -24.91 6.02
C VAL F 285 -18.17 -24.72 4.63
N ASN F 286 -18.50 -23.58 4.02
CA ASN F 286 -18.07 -23.26 2.66
C ASN F 286 -17.04 -22.14 2.71
N GLU F 287 -15.81 -22.46 2.29
CA GLU F 287 -14.76 -21.47 2.22
C GLU F 287 -13.78 -21.86 1.11
N LEU F 288 -13.04 -20.86 0.62
CA LEU F 288 -12.08 -21.12 -0.45
C LEU F 288 -10.89 -21.92 0.05
N ASP F 289 -10.58 -21.82 1.35
CA ASP F 289 -9.43 -22.54 1.90
C ASP F 289 -9.61 -24.03 1.78
N TRP F 290 -10.61 -24.58 2.46
CA TRP F 290 -10.87 -26.02 2.42
C TRP F 290 -12.32 -26.27 2.77
N HIS F 291 -12.95 -27.15 2.00
CA HIS F 291 -14.37 -27.47 2.15
C HIS F 291 -14.56 -28.35 3.38
N LEU F 292 -14.91 -27.72 4.50
CA LEU F 292 -15.12 -28.44 5.74
C LEU F 292 -16.51 -29.05 5.78
N GLU F 293 -16.57 -30.32 6.21
CA GLU F 293 -17.80 -31.09 6.14
C GLU F 293 -18.08 -31.89 7.41
N ILE F 294 -18.07 -31.23 8.57
CA ILE F 294 -18.36 -31.89 9.84
C ILE F 294 -19.64 -32.72 9.75
N CYS F 295 -19.56 -33.98 10.18
CA CYS F 295 -20.71 -34.89 10.19
C CYS F 295 -20.92 -35.44 11.59
N TRP F 296 -21.93 -36.30 11.72
CA TRP F 296 -22.27 -36.97 12.97
C TRP F 296 -22.50 -38.45 12.68
N ASN F 297 -21.56 -39.31 13.07
CA ASN F 297 -21.64 -40.72 12.78
C ASN F 297 -22.52 -41.50 13.75
N GLY F 298 -22.89 -40.90 14.88
CA GLY F 298 -23.72 -41.57 15.86
C GLY F 298 -25.13 -41.81 15.37
N PRO F 299 -25.78 -42.85 15.90
CA PRO F 299 -27.18 -43.12 15.52
C PRO F 299 -28.09 -41.98 15.97
N LEU F 300 -28.89 -41.48 15.04
CA LEU F 300 -29.78 -40.36 15.28
C LEU F 300 -31.19 -40.74 14.87
N ASP F 301 -32.17 -40.34 15.69
CA ASP F 301 -33.56 -40.72 15.50
C ASP F 301 -34.37 -39.55 14.95
N SER F 302 -35.63 -39.83 14.61
CA SER F 302 -36.55 -38.85 14.07
C SER F 302 -37.83 -38.86 14.91
N VAL F 303 -38.40 -37.68 15.12
CA VAL F 303 -39.63 -37.57 15.90
C VAL F 303 -40.83 -38.22 15.23
N ILE F 304 -40.83 -38.28 13.89
CA ILE F 304 -41.93 -38.86 13.12
C ILE F 304 -42.30 -40.27 13.60
N SER F 404 -34.29 -37.84 0.68
CA SER F 404 -34.75 -36.46 0.68
C SER F 404 -33.80 -35.55 1.45
N THR F 405 -33.22 -34.58 0.76
CA THR F 405 -32.31 -33.64 1.38
C THR F 405 -33.09 -32.49 2.00
N HIS F 406 -32.49 -31.88 3.03
CA HIS F 406 -33.10 -30.76 3.73
C HIS F 406 -31.96 -29.90 4.31
N GLU F 407 -31.63 -28.83 3.60
CA GLU F 407 -30.48 -28.00 3.89
C GLU F 407 -30.93 -26.59 4.21
N VAL F 408 -30.39 -26.03 5.30
CA VAL F 408 -30.77 -24.66 5.76
C VAL F 408 -29.52 -23.91 6.24
N ILE F 409 -29.22 -22.75 5.65
CA ILE F 409 -28.08 -21.93 6.04
C ILE F 409 -28.55 -20.90 7.06
N ILE F 410 -27.90 -20.88 8.22
CA ILE F 410 -28.22 -19.96 9.29
C ILE F 410 -26.93 -19.33 9.80
N ARG F 411 -27.08 -18.28 10.61
CA ARG F 411 -25.94 -17.62 11.21
C ARG F 411 -25.35 -18.48 12.33
N CYS F 412 -24.24 -18.01 12.89
CA CYS F 412 -23.54 -18.75 13.93
C CYS F 412 -24.02 -18.42 15.33
N LYS F 413 -24.53 -17.20 15.56
CA LYS F 413 -25.08 -16.86 16.87
C LYS F 413 -26.31 -17.69 17.16
N ASP F 414 -27.14 -17.96 16.14
CA ASP F 414 -28.28 -18.85 16.32
C ASP F 414 -27.81 -20.25 16.74
N TRP F 415 -26.71 -20.72 16.16
CA TRP F 415 -26.19 -22.04 16.57
C TRP F 415 -25.61 -22.00 17.98
N LYS F 416 -25.03 -20.88 18.40
CA LYS F 416 -24.60 -20.75 19.78
C LYS F 416 -25.78 -20.83 20.73
N VAL F 417 -26.88 -20.14 20.39
CA VAL F 417 -28.09 -20.23 21.20
C VAL F 417 -28.62 -21.65 21.21
N CYS F 418 -28.53 -22.34 20.06
CA CYS F 418 -28.96 -23.73 20.00
C CYS F 418 -28.13 -24.62 20.91
N SER F 419 -26.81 -24.43 20.92
CA SER F 419 -25.96 -25.21 21.81
C SER F 419 -26.29 -24.93 23.27
N LYS F 420 -26.52 -23.66 23.62
CA LYS F 420 -26.87 -23.33 24.99
C LYS F 420 -28.20 -23.95 25.38
N LEU F 421 -29.17 -23.96 24.46
CA LEU F 421 -30.44 -24.64 24.71
C LEU F 421 -30.23 -26.14 24.92
N TYR F 422 -29.41 -26.76 24.08
CA TYR F 422 -29.16 -28.20 24.19
C TYR F 422 -28.46 -28.54 25.49
N ALA F 423 -27.64 -27.63 26.01
CA ALA F 423 -26.90 -27.92 27.23
C ALA F 423 -27.83 -28.16 28.41
N ALA F 424 -28.90 -27.37 28.51
CA ALA F 424 -29.79 -27.43 29.68
C ALA F 424 -31.11 -28.12 29.38
N PHE F 425 -31.24 -28.79 28.24
CA PHE F 425 -32.47 -29.48 27.86
C PHE F 425 -32.16 -30.94 27.57
N GLU F 426 -32.92 -31.84 28.20
CA GLU F 426 -32.76 -33.27 27.94
C GLU F 426 -33.40 -33.65 26.62
N GLU F 427 -34.67 -33.29 26.43
CA GLU F 427 -35.38 -33.58 25.19
C GLU F 427 -35.30 -32.38 24.26
N VAL F 428 -34.70 -32.57 23.09
CA VAL F 428 -34.52 -31.49 22.11
C VAL F 428 -34.94 -32.02 20.75
N VAL F 429 -35.67 -31.20 20.00
CA VAL F 429 -36.09 -31.53 18.64
C VAL F 429 -35.52 -30.48 17.69
N LEU F 430 -34.82 -30.94 16.66
CA LEU F 430 -34.24 -30.06 15.64
C LEU F 430 -35.02 -30.26 14.35
N ALA F 431 -35.80 -29.25 13.96
CA ALA F 431 -36.64 -29.35 12.75
C ALA F 431 -36.06 -28.46 11.64
N ILE F 432 -36.03 -28.97 10.40
CA ILE F 432 -35.38 -28.20 9.30
C ILE F 432 -36.37 -27.95 8.17
N SER F 433 -36.48 -26.69 7.70
CA SER F 433 -37.33 -26.38 6.53
C SER F 433 -36.43 -26.17 5.31
N HIS F 434 -36.52 -27.04 4.31
CA HIS F 434 -35.64 -26.95 3.14
C HIS F 434 -35.56 -25.52 2.63
N ASP F 435 -34.36 -24.93 2.74
CA ASP F 435 -34.11 -23.57 2.23
C ASP F 435 -35.14 -22.59 2.80
N GLU F 436 -35.28 -22.55 4.12
CA GLU F 436 -36.36 -21.70 4.69
C GLU F 436 -36.01 -21.27 6.11
N SER F 437 -36.10 -22.19 7.06
CA SER F 437 -35.84 -21.85 8.48
C SER F 437 -35.52 -23.11 9.27
N CYS F 438 -34.93 -22.93 10.45
CA CYS F 438 -34.59 -24.07 11.34
C CYS F 438 -35.36 -23.90 12.65
N VAL F 439 -36.14 -24.92 13.05
CA VAL F 439 -36.96 -24.80 14.29
C VAL F 439 -36.33 -25.66 15.39
N PHE F 440 -35.91 -25.04 16.49
CA PHE F 440 -35.27 -25.77 17.58
C PHE F 440 -36.29 -25.93 18.70
N HIS F 441 -36.90 -27.10 18.79
CA HIS F 441 -37.93 -27.39 19.79
C HIS F 441 -37.28 -28.09 20.98
N CYS F 442 -37.43 -27.49 22.16
CA CYS F 442 -36.87 -28.02 23.40
C CYS F 442 -37.98 -28.15 24.42
N SER F 443 -38.07 -29.30 25.07
CA SER F 443 -39.12 -29.60 26.02
C SER F 443 -38.52 -30.05 27.35
N LEU F 444 -39.27 -29.81 28.42
CA LEU F 444 -38.90 -30.26 29.77
C LEU F 444 -40.13 -30.89 30.42
N ASP F 445 -40.31 -32.19 30.19
CA ASP F 445 -41.51 -32.89 30.74
C ASP F 445 -41.38 -32.92 32.26
N ARG F 461 -46.17 -28.84 30.47
CA ARG F 461 -44.69 -28.90 30.62
C ARG F 461 -44.08 -27.58 30.14
N GLY F 462 -42.86 -27.27 30.58
CA GLY F 462 -42.17 -26.06 30.13
C GLY F 462 -41.49 -26.31 28.79
N GLN F 463 -41.98 -25.69 27.72
CA GLN F 463 -41.42 -25.96 26.38
C GLN F 463 -40.69 -24.72 25.86
N ILE F 464 -39.58 -24.91 25.13
CA ILE F 464 -38.87 -23.80 24.53
C ILE F 464 -38.76 -24.07 23.03
N ILE F 465 -39.18 -23.10 22.23
CA ILE F 465 -39.01 -23.16 20.78
C ILE F 465 -38.20 -21.93 20.36
N TYR F 466 -37.16 -22.17 19.56
CA TYR F 466 -36.34 -21.11 19.00
C TYR F 466 -36.56 -21.12 17.48
N TYR F 467 -37.11 -20.01 16.96
CA TYR F 467 -37.33 -19.91 15.50
C TYR F 467 -36.12 -19.20 14.86
N ILE F 468 -35.48 -19.87 13.90
CA ILE F 468 -34.27 -19.29 13.25
C ILE F 468 -34.54 -19.17 11.75
N ALA F 469 -34.33 -17.98 11.19
CA ALA F 469 -34.62 -17.77 9.75
C ALA F 469 -33.36 -17.96 8.91
N ARG F 470 -33.51 -18.57 7.74
CA ARG F 470 -32.37 -18.80 6.81
C ARG F 470 -31.61 -17.49 6.58
N SER F 471 -30.28 -17.54 6.54
CA SER F 471 -29.47 -16.33 6.26
C SER F 471 -29.18 -16.24 4.76
N LYS F 472 -29.01 -17.39 4.10
CA LYS F 472 -28.67 -17.40 2.65
C LYS F 472 -29.43 -18.53 1.95
N GLY F 473 -29.83 -18.30 0.70
CA GLY F 473 -30.57 -19.31 -0.07
C GLY F 473 -29.64 -20.29 -0.77
N LEU F 474 -29.84 -21.59 -0.54
CA LEU F 474 -29.00 -22.63 -1.18
C LEU F 474 -29.65 -23.07 -2.49
N ASN G 9 -13.22 -45.00 -5.25
CA ASN G 9 -12.12 -44.05 -5.09
C ASN G 9 -10.86 -44.56 -5.77
N LYS G 10 -10.18 -43.66 -6.49
CA LYS G 10 -8.94 -44.05 -7.16
C LYS G 10 -7.83 -44.36 -6.17
N PHE G 11 -7.73 -43.61 -5.09
CA PHE G 11 -6.76 -43.88 -4.04
C PHE G 11 -7.41 -43.70 -2.68
N SER G 12 -7.19 -44.65 -1.78
CA SER G 12 -7.70 -44.58 -0.43
C SER G 12 -6.68 -45.19 0.52
N ALA G 13 -6.52 -44.57 1.69
CA ALA G 13 -5.54 -45.03 2.67
C ALA G 13 -5.96 -44.57 4.04
N SER G 14 -6.22 -45.51 4.94
CA SER G 14 -6.61 -45.22 6.31
C SER G 14 -5.49 -45.63 7.27
N THR G 15 -5.33 -44.84 8.33
CA THR G 15 -4.34 -45.16 9.35
C THR G 15 -4.82 -44.66 10.70
N VAL G 16 -4.29 -45.28 11.75
CA VAL G 16 -4.58 -44.86 13.11
C VAL G 16 -3.42 -44.12 13.75
N HIS G 17 -2.21 -44.21 13.20
CA HIS G 17 -1.05 -43.49 13.71
C HIS G 17 -0.90 -42.19 12.94
N LEU G 18 -1.70 -41.20 13.34
CA LEU G 18 -1.62 -39.86 12.77
C LEU G 18 -0.39 -39.10 13.26
N GLU G 19 0.30 -39.61 14.28
CA GLU G 19 1.55 -38.98 14.69
C GLU G 19 2.57 -39.01 13.56
N HIS G 20 2.53 -40.05 12.72
CA HIS G 20 3.43 -40.12 11.58
C HIS G 20 3.14 -38.99 10.60
N ILE G 21 1.87 -38.75 10.28
CA ILE G 21 1.55 -37.66 9.36
C ILE G 21 1.89 -36.32 9.99
N THR G 22 1.69 -36.18 11.31
CA THR G 22 2.01 -34.92 11.97
C THR G 22 3.50 -34.62 11.92
N THR G 23 4.33 -35.56 12.35
CA THR G 23 5.79 -35.37 12.34
C THR G 23 6.30 -35.23 10.91
N ALA G 24 5.70 -35.99 9.99
CA ALA G 24 6.07 -35.95 8.58
C ALA G 24 5.83 -34.57 7.99
N LEU G 25 4.63 -34.01 8.22
CA LEU G 25 4.31 -32.70 7.69
C LEU G 25 5.07 -31.59 8.42
N SER G 26 5.47 -31.83 9.67
CA SER G 26 6.38 -30.90 10.33
C SER G 26 7.79 -30.97 9.74
N CYS G 27 8.17 -32.12 9.18
CA CYS G 27 9.47 -32.22 8.52
C CYS G 27 9.58 -31.36 7.27
N LEU G 28 8.45 -30.99 6.67
CA LEU G 28 8.46 -30.02 5.57
C LEU G 28 8.29 -28.59 6.05
N THR G 29 8.01 -28.39 7.34
CA THR G 29 7.83 -27.03 7.86
C THR G 29 9.07 -26.15 7.72
N PRO G 30 10.31 -26.62 7.96
CA PRO G 30 11.48 -25.74 7.79
C PRO G 30 11.57 -25.12 6.40
N PHE G 31 10.89 -25.73 5.42
CA PHE G 31 10.81 -25.17 4.08
C PHE G 31 9.79 -24.05 4.08
N GLY G 32 9.35 -23.61 2.90
CA GLY G 32 8.35 -22.58 2.83
C GLY G 32 7.10 -22.92 3.64
N SER G 33 6.75 -22.05 4.58
CA SER G 33 5.54 -22.27 5.38
C SER G 33 4.28 -21.99 4.56
N LYS G 34 4.34 -21.03 3.64
CA LYS G 34 3.25 -20.69 2.72
C LYS G 34 3.63 -20.95 1.27
N ASP G 35 3.40 -22.17 0.82
CA ASP G 35 3.65 -22.52 -0.57
C ASP G 35 2.86 -23.78 -0.88
N ASP G 36 3.22 -24.45 -1.97
CA ASP G 36 2.58 -25.67 -2.40
C ASP G 36 3.48 -26.88 -2.16
N VAL G 37 2.86 -28.02 -1.91
CA VAL G 37 3.56 -29.28 -1.68
C VAL G 37 3.08 -30.30 -2.71
N LEU G 38 4.02 -30.96 -3.35
CA LEU G 38 3.73 -31.94 -4.39
C LEU G 38 3.68 -33.34 -3.78
N ILE G 39 2.60 -34.08 -4.06
CA ILE G 39 2.37 -35.39 -3.47
C ILE G 39 2.28 -36.41 -4.59
N PHE G 40 3.20 -37.39 -4.62
CA PHE G 40 3.09 -38.55 -5.49
C PHE G 40 2.25 -39.61 -4.80
N ILE G 41 1.53 -40.41 -5.59
CA ILE G 41 0.77 -41.55 -5.08
C ILE G 41 1.10 -42.76 -5.93
N ASP G 42 1.48 -43.87 -5.28
CA ASP G 42 1.78 -45.10 -5.98
C ASP G 42 1.55 -46.27 -5.02
N ALA G 43 1.49 -47.47 -5.58
CA ALA G 43 1.18 -48.66 -4.79
C ALA G 43 2.19 -48.85 -3.65
N ASP G 44 3.45 -48.44 -3.87
CA ASP G 44 4.44 -48.55 -2.81
C ASP G 44 4.18 -47.58 -1.68
N GLY G 45 3.48 -46.49 -1.96
CA GLY G 45 3.18 -45.50 -0.95
C GLY G 45 3.10 -44.12 -1.58
N LEU G 46 2.80 -43.14 -0.73
CA LEU G 46 2.73 -41.75 -1.14
C LEU G 46 3.88 -40.96 -0.53
N SER G 47 4.37 -39.97 -1.29
CA SER G 47 5.52 -39.18 -0.91
C SER G 47 5.22 -37.70 -1.04
N PHE G 48 5.71 -36.90 -0.09
CA PHE G 48 5.51 -35.45 -0.08
C PHE G 48 6.81 -34.78 -0.50
N VAL G 49 6.89 -34.38 -1.76
CA VAL G 49 8.07 -33.73 -2.31
C VAL G 49 7.89 -32.22 -2.30
N ARG G 50 8.91 -31.52 -1.82
CA ARG G 50 8.90 -30.07 -1.68
C ARG G 50 10.20 -29.53 -2.24
N GLU G 51 10.13 -28.35 -2.85
CA GLU G 51 11.28 -27.73 -3.50
C GLU G 51 11.30 -26.25 -3.17
N ASN G 52 12.51 -25.70 -3.02
CA ASN G 52 12.70 -24.29 -2.70
C ASN G 52 13.80 -23.72 -3.60
N ASN G 53 13.44 -22.68 -4.37
CA ASN G 53 14.38 -21.87 -5.15
C ASN G 53 15.19 -22.69 -6.17
N HIS G 54 14.71 -23.87 -6.54
CA HIS G 54 15.40 -24.77 -7.46
C HIS G 54 16.76 -25.22 -6.92
N VAL G 55 17.03 -25.00 -5.64
CA VAL G 55 18.34 -25.29 -5.07
C VAL G 55 18.30 -26.33 -3.96
N ILE G 56 17.13 -26.69 -3.44
CA ILE G 56 17.02 -27.72 -2.42
C ILE G 56 15.68 -28.44 -2.61
N LYS G 57 15.69 -29.74 -2.32
CA LYS G 57 14.49 -30.56 -2.50
C LYS G 57 14.42 -31.60 -1.39
N ILE G 58 13.34 -31.58 -0.63
CA ILE G 58 13.06 -32.62 0.33
C ILE G 58 12.09 -33.61 -0.31
N GLN G 59 12.19 -34.88 0.10
CA GLN G 59 11.30 -35.91 -0.43
C GLN G 59 11.04 -36.91 0.70
N LEU G 60 9.85 -36.82 1.28
CA LEU G 60 9.47 -37.67 2.39
C LEU G 60 8.44 -38.70 1.93
N LEU G 61 8.72 -39.97 2.23
CA LEU G 61 7.95 -41.08 1.69
C LEU G 61 7.29 -41.85 2.82
N LEU G 62 5.99 -42.09 2.69
CA LEU G 62 5.23 -42.97 3.58
C LEU G 62 4.91 -44.23 2.80
N SER G 63 5.51 -45.35 3.19
CA SER G 63 5.34 -46.61 2.47
C SER G 63 3.96 -47.19 2.70
N ARG G 64 3.59 -48.20 1.90
CA ARG G 64 2.27 -48.80 1.99
C ARG G 64 2.07 -49.54 3.31
N GLU G 65 3.14 -50.15 3.84
CA GLU G 65 3.02 -50.88 5.11
C GLU G 65 2.76 -49.94 6.29
N LEU G 66 2.94 -48.64 6.10
CA LEU G 66 2.63 -47.67 7.14
C LEU G 66 1.14 -47.61 7.45
N PHE G 67 0.28 -47.77 6.44
CA PHE G 67 -1.15 -47.65 6.60
C PHE G 67 -1.76 -49.04 6.79
N MET G 68 -2.71 -49.15 7.72
CA MET G 68 -3.45 -50.39 7.87
C MET G 68 -4.24 -50.73 6.62
N SER G 69 -4.65 -49.72 5.84
CA SER G 69 -5.34 -49.93 4.58
C SER G 69 -4.68 -49.05 3.53
N TYR G 70 -4.34 -49.66 2.39
CA TYR G 70 -3.75 -48.93 1.27
C TYR G 70 -4.21 -49.63 -0.01
N SER G 71 -5.08 -48.97 -0.78
CA SER G 71 -5.73 -49.63 -1.89
C SER G 71 -5.06 -49.32 -3.23
N TYR G 72 -5.02 -48.05 -3.61
CA TYR G 72 -4.57 -47.64 -4.94
C TYR G 72 -5.30 -48.43 -6.02
N ARG G 73 -6.62 -48.29 -6.10
CA ARG G 73 -7.40 -49.04 -7.07
C ARG G 73 -7.36 -48.37 -8.44
N ASN G 74 -6.17 -48.17 -8.99
CA ASN G 74 -6.00 -47.53 -10.28
C ASN G 74 -4.91 -48.23 -11.07
N GLU G 75 -5.07 -48.25 -12.39
CA GLU G 75 -4.10 -48.90 -13.27
C GLU G 75 -3.72 -48.08 -14.51
N THR G 76 -4.45 -47.02 -14.83
CA THR G 76 -4.15 -46.27 -16.05
C THR G 76 -2.77 -45.64 -16.00
N GLU G 77 -2.38 -45.08 -14.86
CA GLU G 77 -1.07 -44.47 -14.70
C GLU G 77 -0.36 -45.12 -13.52
N ASP G 78 0.96 -45.22 -13.63
CA ASP G 78 1.75 -45.82 -12.57
C ASP G 78 1.64 -45.02 -11.28
N HIS G 79 1.71 -43.70 -11.38
CA HIS G 79 1.65 -42.84 -10.21
C HIS G 79 0.63 -41.73 -10.41
N MET G 80 0.11 -41.24 -9.29
CA MET G 80 -0.79 -40.08 -9.29
C MET G 80 -0.04 -38.89 -8.71
N LYS G 81 -0.06 -37.80 -9.45
CA LYS G 81 0.57 -36.52 -9.07
C LYS G 81 -0.49 -35.46 -8.78
N LEU G 82 -0.41 -34.87 -7.59
CA LEU G 82 -1.26 -33.77 -7.19
C LEU G 82 -0.47 -32.78 -6.34
N CYS G 83 -0.73 -31.49 -6.55
CA CYS G 83 -0.06 -30.40 -5.85
C CYS G 83 -1.10 -29.60 -5.07
N VAL G 84 -0.86 -29.42 -3.76
CA VAL G 84 -1.78 -28.69 -2.90
C VAL G 84 -0.97 -27.71 -2.05
N LYS G 85 -1.65 -26.69 -1.54
CA LYS G 85 -1.02 -25.70 -0.68
C LYS G 85 -0.73 -26.31 0.68
N ILE G 86 0.47 -26.06 1.19
CA ILE G 86 0.92 -26.74 2.40
C ILE G 86 0.17 -26.25 3.63
N ASN G 87 -0.06 -24.94 3.72
CA ASN G 87 -0.64 -24.39 4.94
C ASN G 87 -2.15 -24.56 4.98
N HIS G 88 -2.78 -24.89 3.85
CA HIS G 88 -4.16 -25.36 3.94
C HIS G 88 -4.21 -26.64 4.78
N ILE G 89 -3.28 -27.56 4.51
CA ILE G 89 -3.17 -28.77 5.31
C ILE G 89 -2.79 -28.44 6.74
N LEU G 90 -1.80 -27.54 6.92
CA LEU G 90 -1.33 -27.22 8.25
C LEU G 90 -2.44 -26.59 9.09
N ASP G 91 -3.23 -25.71 8.49
CA ASP G 91 -4.35 -25.09 9.20
C ASP G 91 -5.45 -26.10 9.49
N SER G 92 -5.72 -26.99 8.53
CA SER G 92 -6.85 -27.91 8.67
C SER G 92 -6.56 -29.03 9.67
N VAL G 93 -5.36 -29.62 9.62
CA VAL G 93 -5.07 -30.80 10.43
C VAL G 93 -4.62 -30.39 11.83
N SER G 94 -4.82 -29.12 12.18
CA SER G 94 -4.65 -28.70 13.56
C SER G 94 -5.82 -29.19 14.40
N VAL G 95 -5.84 -30.51 14.65
CA VAL G 95 -6.95 -31.12 15.36
C VAL G 95 -6.64 -31.31 16.84
N MET G 96 -5.40 -31.09 17.27
CA MET G 96 -4.98 -31.24 18.67
C MET G 96 -5.12 -32.69 19.12
N ASN G 97 -4.95 -33.60 18.17
CA ASN G 97 -5.21 -35.04 18.33
C ASN G 97 -6.60 -35.18 18.93
N ARG G 98 -6.88 -36.23 19.70
CA ARG G 98 -8.02 -36.17 20.61
C ARG G 98 -7.66 -36.71 21.99
N ASN G 99 -6.90 -37.80 22.03
CA ASN G 99 -6.67 -38.53 23.27
C ASN G 99 -5.77 -39.75 23.04
N ASP G 102 -11.30 -41.98 21.54
CA ASP G 102 -11.56 -41.70 20.13
C ASP G 102 -10.42 -42.20 19.26
N ILE G 103 -10.78 -42.87 18.16
CA ILE G 103 -9.78 -43.50 17.31
C ILE G 103 -8.91 -42.45 16.61
N VAL G 104 -9.52 -41.31 16.25
CA VAL G 104 -8.85 -40.24 15.51
C VAL G 104 -8.27 -40.80 14.21
N GLU G 105 -8.90 -41.85 13.69
CA GLU G 105 -8.41 -42.49 12.47
C GLU G 105 -8.42 -41.49 11.32
N CYS G 106 -7.33 -41.49 10.55
CA CYS G 106 -7.16 -40.58 9.43
C CYS G 106 -7.24 -41.36 8.12
N THR G 107 -8.03 -40.84 7.18
CA THR G 107 -8.23 -41.48 5.88
C THR G 107 -7.89 -40.49 4.78
N LEU G 108 -6.96 -40.89 3.91
CA LEU G 108 -6.56 -40.06 2.79
C LEU G 108 -7.18 -40.59 1.50
N SER G 109 -7.81 -39.70 0.74
CA SER G 109 -8.53 -40.09 -0.46
C SER G 109 -8.17 -39.17 -1.62
N TYR G 110 -8.22 -39.73 -2.83
CA TYR G 110 -8.01 -38.97 -4.06
C TYR G 110 -8.73 -39.70 -5.17
N ASP G 111 -9.53 -38.96 -5.95
CA ASP G 111 -10.39 -39.55 -6.97
C ASP G 111 -9.99 -39.08 -8.36
N GLY G 112 -8.69 -39.07 -8.64
CA GLY G 112 -8.22 -38.72 -9.97
C GLY G 112 -8.20 -37.22 -10.21
N HIS G 113 -7.90 -36.87 -11.46
CA HIS G 113 -7.80 -35.48 -11.85
C HIS G 113 -9.14 -34.76 -11.69
N GLY G 114 -9.06 -33.49 -11.29
CA GLY G 114 -10.24 -32.69 -11.07
C GLY G 114 -10.94 -32.92 -9.76
N SER G 115 -10.42 -33.80 -8.91
CA SER G 115 -11.04 -34.10 -7.62
C SER G 115 -10.17 -33.57 -6.48
N PRO G 116 -10.77 -33.13 -5.38
CA PRO G 116 -9.98 -32.62 -4.27
C PRO G 116 -9.29 -33.74 -3.51
N PHE G 117 -8.20 -33.38 -2.83
CA PHE G 117 -7.53 -34.29 -1.92
C PHE G 117 -8.26 -34.27 -0.58
N VAL G 118 -8.80 -35.41 -0.18
CA VAL G 118 -9.68 -35.51 0.98
C VAL G 118 -8.91 -36.04 2.17
N LEU G 119 -9.19 -35.48 3.35
CA LEU G 119 -8.60 -35.93 4.60
C LEU G 119 -9.73 -36.05 5.62
N ILE G 120 -10.11 -37.28 5.95
CA ILE G 120 -11.23 -37.55 6.85
C ILE G 120 -10.67 -37.90 8.22
N PHE G 121 -11.20 -37.25 9.26
CA PHE G 121 -10.82 -37.50 10.65
C PHE G 121 -12.07 -37.94 11.41
N GLU G 122 -12.02 -39.12 12.01
CA GLU G 122 -13.16 -39.69 12.71
C GLU G 122 -12.82 -39.88 14.18
N ASP G 123 -13.66 -39.34 15.06
CA ASP G 123 -13.54 -39.50 16.49
C ASP G 123 -14.66 -40.39 17.04
N SER G 124 -15.11 -41.32 16.19
CA SER G 124 -16.11 -42.36 16.45
C SER G 124 -17.54 -41.81 16.52
N PHE G 125 -17.69 -40.49 16.61
CA PHE G 125 -18.94 -39.80 16.39
C PHE G 125 -18.80 -38.71 15.34
N ILE G 126 -17.78 -37.87 15.50
CA ILE G 126 -17.59 -36.73 14.61
C ILE G 126 -16.65 -37.10 13.48
N SER G 127 -17.03 -36.73 12.26
CA SER G 127 -16.20 -36.97 11.07
C SER G 127 -15.97 -35.64 10.37
N GLU G 128 -14.94 -34.91 10.81
CA GLU G 128 -14.60 -33.63 10.20
C GLU G 128 -13.87 -33.86 8.89
N ARG G 129 -14.61 -33.99 7.79
CA ARG G 129 -14.03 -34.23 6.48
C ARG G 129 -13.57 -32.90 5.87
N VAL G 130 -12.32 -32.87 5.42
CA VAL G 130 -11.73 -31.68 4.82
C VAL G 130 -11.29 -32.03 3.40
N GLU G 131 -11.66 -31.18 2.45
CA GLU G 131 -11.31 -31.36 1.04
C GLU G 131 -10.38 -30.24 0.60
N TYR G 132 -9.25 -30.61 0.00
CA TYR G 132 -8.23 -29.66 -0.40
C TYR G 132 -8.24 -29.50 -1.91
N SER G 133 -8.29 -28.25 -2.37
CA SER G 133 -8.26 -27.98 -3.80
C SER G 133 -6.86 -28.25 -4.36
N THR G 134 -6.81 -28.95 -5.49
CA THR G 134 -5.56 -29.33 -6.13
C THR G 134 -5.22 -28.34 -7.24
N TYR G 135 -3.94 -28.04 -7.38
CA TYR G 135 -3.47 -27.00 -8.29
C TYR G 135 -2.72 -27.62 -9.46
N LEU G 136 -2.46 -26.77 -10.46
CA LEU G 136 -1.77 -27.20 -11.66
C LEU G 136 -0.31 -27.53 -11.33
N ILE G 137 0.19 -28.63 -11.88
CA ILE G 137 1.56 -29.04 -11.63
C ILE G 137 2.53 -28.16 -12.40
N GLY G 144 15.66 -33.72 -11.90
CA GLY G 144 15.80 -32.55 -11.06
C GLY G 144 17.02 -32.59 -10.17
N LEU G 145 16.82 -32.30 -8.88
CA LEU G 145 17.90 -32.31 -7.90
C LEU G 145 18.13 -33.73 -7.39
N GLU G 146 18.73 -34.54 -8.26
CA GLU G 146 19.13 -35.89 -7.91
C GLU G 146 20.63 -36.01 -8.15
N LEU G 147 21.34 -36.60 -7.19
CA LEU G 147 22.75 -36.86 -7.38
C LEU G 147 22.95 -38.07 -8.30
N ASP G 148 23.95 -38.00 -9.16
CA ASP G 148 24.24 -39.11 -10.06
C ASP G 148 24.95 -40.20 -9.26
N ARG G 149 24.29 -41.34 -9.09
CA ARG G 149 24.74 -42.36 -8.15
C ARG G 149 26.09 -42.96 -8.55
N GLU G 150 26.49 -42.82 -9.81
CA GLU G 150 27.75 -43.43 -10.24
C GLU G 150 28.94 -42.65 -9.71
N ARG G 151 28.78 -41.36 -9.45
CA ARG G 151 29.87 -40.50 -8.99
C ARG G 151 29.51 -39.94 -7.62
N ILE G 152 30.21 -40.37 -6.58
CA ILE G 152 30.01 -39.86 -5.24
C ILE G 152 31.36 -39.47 -4.65
N SER G 153 31.53 -38.19 -4.34
CA SER G 153 32.80 -37.71 -3.81
C SER G 153 33.10 -38.30 -2.44
N PHE G 154 32.11 -38.35 -1.57
CA PHE G 154 32.29 -38.92 -0.24
C PHE G 154 30.94 -39.42 0.28
N GLU G 155 31.01 -40.38 1.19
CA GLU G 155 29.82 -40.95 1.80
C GLU G 155 30.09 -41.18 3.28
N ALA G 156 29.20 -40.65 4.13
CA ALA G 156 29.35 -40.74 5.57
C ALA G 156 28.04 -41.19 6.20
N ILE G 157 28.16 -41.97 7.28
CA ILE G 157 27.01 -42.47 8.03
C ILE G 157 27.20 -42.03 9.47
N ILE G 158 26.29 -41.18 9.96
CA ILE G 158 26.43 -40.57 11.27
C ILE G 158 25.18 -40.89 12.07
N LYS G 159 25.23 -40.75 13.40
CA LYS G 159 24.08 -40.94 14.25
C LYS G 159 23.27 -39.65 14.29
N GLY G 160 21.95 -39.79 14.46
CA GLY G 160 21.07 -38.64 14.33
C GLY G 160 21.27 -37.59 15.39
N GLU G 161 21.49 -38.03 16.64
CA GLU G 161 21.58 -37.09 17.76
C GLU G 161 22.80 -36.17 17.61
N ALA G 162 23.94 -36.73 17.19
CA ALA G 162 25.14 -35.92 17.02
C ALA G 162 24.93 -34.86 15.96
N LEU G 163 24.32 -35.24 14.84
CA LEU G 163 24.05 -34.28 13.78
C LEU G 163 23.07 -33.21 14.22
N HIS G 164 22.04 -33.60 14.97
CA HIS G 164 21.08 -32.63 15.48
C HIS G 164 21.77 -31.64 16.41
N SER G 165 22.67 -32.12 17.26
CA SER G 165 23.42 -31.22 18.13
C SER G 165 24.31 -30.28 17.31
N ALA G 166 24.91 -30.81 16.23
CA ALA G 166 25.76 -29.97 15.39
C ALA G 166 24.96 -28.84 14.75
N LEU G 167 23.80 -29.15 14.17
CA LEU G 167 22.99 -28.09 13.58
C LEU G 167 22.41 -27.15 14.64
N LYS G 168 22.10 -27.67 15.84
CA LYS G 168 21.63 -26.78 16.89
C LYS G 168 22.69 -25.78 17.28
N ASP G 169 23.95 -26.22 17.41
CA ASP G 169 25.04 -25.30 17.70
C ASP G 169 25.25 -24.33 16.56
N LEU G 170 25.19 -24.82 15.32
CA LEU G 170 25.43 -23.96 14.16
C LEU G 170 24.35 -22.89 14.04
N LYS G 171 23.12 -23.21 14.44
CA LYS G 171 22.05 -22.21 14.48
C LYS G 171 22.22 -21.27 15.67
N GLU G 172 22.69 -21.78 16.81
CA GLU G 172 23.02 -20.92 17.94
C GLU G 172 24.01 -19.85 17.51
N ILE G 173 25.00 -20.23 16.70
CA ILE G 173 26.03 -19.30 16.26
C ILE G 173 25.58 -18.42 15.11
N GLY G 174 24.51 -18.78 14.42
CA GLY G 174 24.08 -18.05 13.23
C GLY G 174 24.57 -18.69 11.95
N CYS G 175 25.88 -18.76 11.75
CA CYS G 175 26.48 -19.50 10.64
C CYS G 175 25.97 -19.00 9.29
N LYS G 176 26.37 -17.79 8.88
CA LYS G 176 25.95 -17.26 7.58
C LYS G 176 26.21 -18.26 6.46
N GLU G 177 27.36 -18.93 6.48
CA GLU G 177 27.69 -19.98 5.53
C GLU G 177 28.41 -21.13 6.24
N CYS G 178 28.35 -22.31 5.64
CA CYS G 178 28.88 -23.51 6.26
C CYS G 178 29.76 -24.27 5.26
N TYR G 179 30.60 -25.15 5.81
CA TYR G 179 31.50 -25.98 5.03
C TYR G 179 31.43 -27.41 5.55
N VAL G 180 31.76 -28.36 4.68
CA VAL G 180 31.81 -29.78 5.01
C VAL G 180 33.20 -30.31 4.70
N TYR G 181 33.80 -30.98 5.67
CA TYR G 181 35.12 -31.58 5.53
C TYR G 181 35.01 -33.09 5.53
N ALA G 182 35.71 -33.75 4.61
CA ALA G 182 35.72 -35.20 4.54
C ALA G 182 37.09 -35.64 4.02
N LYS G 183 37.91 -36.20 4.91
CA LYS G 183 39.24 -36.66 4.54
C LYS G 183 39.55 -37.94 5.31
N THR G 184 39.39 -39.08 4.64
CA THR G 184 39.77 -40.35 5.25
C THR G 184 41.28 -40.49 5.24
N GLU G 185 41.79 -41.37 6.11
CA GLU G 185 43.22 -41.51 6.32
C GLU G 185 43.63 -42.97 6.18
N ALA G 186 44.94 -43.18 6.02
CA ALA G 186 45.47 -44.53 5.88
C ALA G 186 45.23 -45.36 7.14
N ASN G 187 45.44 -44.76 8.31
CA ASN G 187 45.17 -45.43 9.57
C ASN G 187 43.69 -45.40 9.95
N ASP G 188 42.81 -45.11 8.99
CA ASP G 188 41.37 -44.98 9.21
C ASP G 188 41.04 -43.88 10.21
N GLU G 189 41.82 -42.81 10.20
CA GLU G 189 41.50 -41.62 11.00
C GLU G 189 40.54 -40.72 10.20
N ASN G 190 39.34 -41.25 9.98
CA ASN G 190 38.33 -40.52 9.22
C ASN G 190 37.87 -39.29 9.99
N VAL G 191 37.90 -38.14 9.32
CA VAL G 191 37.52 -36.87 9.93
C VAL G 191 36.36 -36.28 9.13
N PHE G 192 35.32 -35.84 9.84
CA PHE G 192 34.17 -35.19 9.22
C PHE G 192 33.81 -33.99 10.08
N ALA G 193 33.87 -32.79 9.50
CA ALA G 193 33.67 -31.57 10.25
C ALA G 193 32.73 -30.63 9.51
N LEU G 194 32.03 -29.82 10.29
CA LEU G 194 31.16 -28.76 9.78
C LEU G 194 31.81 -27.43 10.10
N ILE G 195 32.42 -26.80 9.09
CA ILE G 195 33.08 -25.52 9.28
C ILE G 195 32.10 -24.40 8.92
N SER G 196 31.99 -23.41 9.80
CA SER G 196 31.07 -22.30 9.61
C SER G 196 31.84 -21.02 9.31
N LYS G 197 31.11 -19.99 8.91
CA LYS G 197 31.65 -18.65 8.75
C LYS G 197 30.64 -17.64 9.27
N SER G 198 30.81 -17.21 10.51
CA SER G 198 29.80 -16.44 11.21
C SER G 198 30.39 -15.20 11.87
N GLN G 199 29.63 -14.58 12.78
CA GLN G 199 30.12 -13.44 13.53
C GLN G 199 31.46 -13.74 14.19
N LEU G 200 31.61 -14.94 14.76
CA LEU G 200 32.91 -15.34 15.26
C LEU G 200 33.90 -15.61 14.13
N GLY G 201 33.40 -15.99 12.96
CA GLY G 201 34.24 -16.41 11.88
C GLY G 201 34.28 -17.92 11.73
N PHE G 202 35.45 -18.41 11.36
CA PHE G 202 35.63 -19.84 11.14
C PHE G 202 35.53 -20.62 12.45
N SER G 203 34.48 -21.43 12.58
CA SER G 203 34.32 -22.35 13.70
C SER G 203 34.25 -23.77 13.17
N LYS G 204 35.09 -24.65 13.72
CA LYS G 204 35.22 -26.01 13.22
C LYS G 204 34.45 -26.93 14.15
N ILE G 205 33.43 -27.59 13.63
CA ILE G 205 32.64 -28.55 14.38
C ILE G 205 32.93 -29.93 13.79
N LYS G 206 33.85 -30.66 14.41
CA LYS G 206 34.29 -31.95 13.90
C LYS G 206 33.62 -33.07 14.67
N LEU G 207 33.08 -34.04 13.94
CA LEU G 207 32.43 -35.19 14.56
C LEU G 207 33.45 -36.30 14.80
N PRO G 208 33.27 -37.10 15.85
CA PRO G 208 34.33 -38.03 16.26
C PRO G 208 34.41 -39.25 15.36
N SER G 209 35.58 -39.91 15.44
CA SER G 209 35.82 -41.10 14.62
C SER G 209 35.24 -42.36 15.27
N ASN G 210 34.71 -42.26 16.48
CA ASN G 210 34.20 -43.43 17.19
C ASN G 210 33.05 -44.07 16.43
N ARG G 211 32.96 -45.41 16.51
CA ARG G 211 31.89 -46.12 15.84
C ARG G 211 30.54 -45.88 16.49
N SER G 212 30.52 -45.31 17.70
CA SER G 212 29.25 -44.95 18.33
C SER G 212 28.52 -43.88 17.54
N ILE G 213 29.25 -42.89 17.04
CA ILE G 213 28.65 -41.80 16.29
C ILE G 213 28.89 -41.99 14.79
N LEU G 214 30.15 -41.99 14.38
CA LEU G 214 30.48 -42.16 12.97
C LEU G 214 30.74 -43.62 12.67
N GLU G 215 29.82 -44.24 11.93
CA GLU G 215 29.88 -45.67 11.66
C GLU G 215 30.53 -46.00 10.33
N LYS G 216 30.65 -45.03 9.42
CA LYS G 216 31.34 -45.25 8.15
C LYS G 216 31.58 -43.92 7.44
N LEU G 217 32.77 -43.74 6.88
CA LEU G 217 33.13 -42.52 6.16
C LEU G 217 34.15 -42.90 5.09
N GLN G 218 33.70 -42.99 3.84
CA GLN G 218 34.56 -43.28 2.70
C GLN G 218 34.58 -42.07 1.78
N VAL G 219 35.77 -41.59 1.47
CA VAL G 219 35.97 -40.47 0.55
C VAL G 219 36.59 -41.03 -0.72
N PHE G 220 35.91 -40.83 -1.85
CA PHE G 220 36.36 -41.36 -3.12
C PHE G 220 37.08 -40.27 -3.91
N ASP G 221 37.55 -40.63 -5.10
CA ASP G 221 38.20 -39.69 -6.02
C ASP G 221 37.45 -39.62 -7.34
N GLY G 222 36.13 -39.73 -7.28
CA GLY G 222 35.31 -39.81 -8.47
C GLY G 222 34.96 -41.26 -8.79
N ASP G 223 33.80 -41.44 -9.42
CA ASP G 223 33.22 -42.72 -9.83
C ASP G 223 32.82 -43.56 -8.62
N SER G 224 33.10 -43.09 -7.40
CA SER G 224 32.65 -43.73 -6.16
C SER G 224 33.05 -45.20 -6.11
N THR G 225 34.28 -45.47 -6.53
CA THR G 225 34.80 -46.84 -6.54
C THR G 225 36.10 -46.95 -5.75
N THR G 226 36.96 -45.94 -5.86
CA THR G 226 38.28 -45.99 -5.25
C THR G 226 38.28 -45.23 -3.94
N VAL G 227 38.64 -45.91 -2.86
CA VAL G 227 38.76 -45.30 -1.55
C VAL G 227 40.16 -44.71 -1.46
N ILE G 228 40.27 -43.40 -1.67
CA ILE G 228 41.54 -42.71 -1.69
C ILE G 228 41.73 -41.96 -0.38
N ASP G 229 42.93 -42.09 0.20
CA ASP G 229 43.25 -41.48 1.48
C ASP G 229 44.15 -40.28 1.27
N GLY G 230 44.18 -39.40 2.27
CA GLY G 230 45.04 -38.24 2.25
C GLY G 230 44.52 -37.05 1.48
N PHE G 231 43.33 -37.14 0.90
CA PHE G 231 42.72 -36.04 0.16
C PHE G 231 41.39 -35.68 0.81
N ALA G 232 41.08 -34.39 0.79
CA ALA G 232 39.91 -33.86 1.49
C ALA G 232 38.85 -33.40 0.49
N VAL G 233 37.59 -33.45 0.93
CA VAL G 233 36.45 -33.00 0.14
C VAL G 233 35.81 -31.82 0.86
N ILE G 234 35.64 -30.72 0.14
CA ILE G 234 35.13 -29.47 0.69
C ILE G 234 33.80 -29.15 0.04
N GLY G 235 32.78 -28.91 0.86
CA GLY G 235 31.48 -28.53 0.37
C GLY G 235 31.02 -27.19 0.90
N PHE G 236 30.92 -26.19 0.01
CA PHE G 236 30.51 -24.84 0.39
C PHE G 236 29.00 -24.74 0.25
N PHE G 237 28.28 -24.75 1.38
CA PHE G 237 26.83 -24.75 1.38
C PHE G 237 26.29 -23.49 2.04
N ASP G 238 25.22 -22.95 1.47
CA ASP G 238 24.49 -21.88 2.12
C ASP G 238 23.72 -22.45 3.31
N PHE G 239 23.87 -21.81 4.47
CA PHE G 239 23.35 -22.40 5.70
C PHE G 239 21.84 -22.29 5.81
N THR G 240 21.21 -21.32 5.15
CA THR G 240 19.76 -21.28 5.13
C THR G 240 19.20 -22.57 4.53
N SER G 241 19.88 -23.09 3.50
CA SER G 241 19.48 -24.36 2.90
C SER G 241 19.90 -25.55 3.77
N PHE G 242 21.05 -25.46 4.44
CA PHE G 242 21.51 -26.56 5.27
C PHE G 242 20.68 -26.70 6.54
N ASP G 243 19.97 -25.64 6.94
CA ASP G 243 19.11 -25.69 8.10
C ASP G 243 17.81 -26.45 7.84
N LYS G 244 17.41 -26.59 6.58
CA LYS G 244 16.15 -27.27 6.28
C LYS G 244 16.18 -28.73 6.69
N ILE G 245 17.38 -29.32 6.83
CA ILE G 245 17.49 -30.71 7.24
C ILE G 245 17.48 -30.88 8.76
N ARG G 246 17.56 -29.79 9.52
CA ARG G 246 17.73 -29.88 10.96
C ARG G 246 16.57 -30.63 11.61
N LYS G 247 15.34 -30.23 11.29
CA LYS G 247 14.18 -30.84 11.94
C LYS G 247 14.03 -32.30 11.56
N SER G 248 14.44 -32.68 10.34
CA SER G 248 14.42 -34.07 9.96
C SER G 248 15.42 -34.90 10.76
N THR G 249 16.58 -34.32 11.09
CA THR G 249 17.54 -35.07 11.89
C THR G 249 17.06 -35.32 13.31
N LYS G 250 16.06 -34.57 13.78
CA LYS G 250 15.59 -34.75 15.15
C LYS G 250 14.98 -36.13 15.37
N ILE G 251 14.18 -36.62 14.42
CA ILE G 251 13.59 -37.94 14.60
C ILE G 251 14.46 -39.05 14.02
N ALA G 252 15.52 -38.71 13.29
CA ALA G 252 16.35 -39.68 12.61
C ALA G 252 17.15 -40.53 13.59
N SER G 253 17.36 -41.79 13.22
CA SER G 253 18.26 -42.66 13.97
C SER G 253 19.66 -42.65 13.37
N LYS G 254 19.78 -42.93 12.08
CA LYS G 254 21.04 -42.87 11.36
C LYS G 254 20.89 -41.98 10.15
N VAL G 255 21.80 -41.03 9.99
CA VAL G 255 21.76 -40.05 8.90
C VAL G 255 22.92 -40.35 7.96
N LEU G 256 22.59 -40.55 6.68
CA LEU G 256 23.58 -40.90 5.67
C LEU G 256 23.84 -39.72 4.76
N PHE G 257 25.11 -39.39 4.57
CA PHE G 257 25.55 -38.31 3.70
C PHE G 257 26.08 -38.87 2.39
N ARG G 258 25.78 -38.19 1.29
CA ARG G 258 26.30 -38.58 -0.01
C ARG G 258 26.43 -37.33 -0.88
N MET G 259 27.67 -36.90 -1.12
CA MET G 259 27.94 -35.71 -1.92
C MET G 259 28.67 -36.13 -3.19
N ASP G 260 28.23 -35.60 -4.32
CA ASP G 260 28.78 -35.92 -5.62
C ASP G 260 29.74 -34.83 -6.09
N VAL G 261 30.21 -34.95 -7.34
CA VAL G 261 31.12 -33.97 -7.92
C VAL G 261 30.40 -32.73 -8.44
N HIS G 262 29.14 -32.87 -8.86
CA HIS G 262 28.36 -31.75 -9.37
C HIS G 262 27.91 -30.80 -8.28
N GLY G 263 28.44 -30.93 -7.07
CA GLY G 263 28.03 -30.10 -5.96
C GLY G 263 26.61 -30.32 -5.50
N VAL G 264 26.20 -31.59 -5.38
CA VAL G 264 24.87 -31.94 -4.88
C VAL G 264 25.06 -32.74 -3.60
N LEU G 265 24.47 -32.26 -2.51
CA LEU G 265 24.53 -32.95 -1.23
C LEU G 265 23.20 -33.68 -1.01
N SER G 266 23.26 -34.99 -0.83
CA SER G 266 22.08 -35.81 -0.59
C SER G 266 22.15 -36.35 0.82
N VAL G 267 21.12 -36.06 1.63
CA VAL G 267 21.02 -36.54 2.99
C VAL G 267 19.96 -37.64 3.02
N ASN G 268 20.32 -38.81 3.53
CA ASN G 268 19.46 -39.99 3.55
C ASN G 268 19.07 -40.24 5.00
N ILE G 269 17.91 -39.72 5.40
CA ILE G 269 17.42 -39.84 6.77
C ILE G 269 16.35 -40.90 6.82
N LEU G 270 16.47 -41.81 7.81
CA LEU G 270 15.50 -42.88 8.00
C LEU G 270 15.29 -43.05 9.49
N SER G 271 14.08 -42.75 9.97
CA SER G 271 13.72 -42.97 11.38
C SER G 271 13.13 -44.37 11.53
N GLN G 272 14.03 -45.34 11.66
CA GLN G 272 13.64 -46.75 11.76
C GLN G 272 12.82 -47.02 13.01
N PRO G 302 7.80 -49.57 8.34
CA PRO G 302 9.18 -49.27 7.94
C PRO G 302 9.59 -47.84 8.29
N GLY G 303 8.85 -47.21 9.20
CA GLY G 303 9.14 -45.84 9.57
C GLY G 303 8.90 -44.88 8.43
N ILE G 304 9.62 -43.76 8.43
CA ILE G 304 9.55 -42.77 7.38
C ILE G 304 10.95 -42.59 6.80
N VAL G 305 11.02 -42.26 5.52
CA VAL G 305 12.28 -42.06 4.82
C VAL G 305 12.28 -40.67 4.19
N ILE G 306 13.36 -39.93 4.43
CA ILE G 306 13.46 -38.53 4.01
C ILE G 306 14.64 -38.39 3.06
N GLU G 307 14.42 -37.71 1.95
CA GLU G 307 15.44 -37.49 0.92
C GLU G 307 15.61 -35.98 0.73
N VAL G 308 16.66 -35.42 1.31
CA VAL G 308 16.97 -34.00 1.20
C VAL G 308 18.16 -33.86 0.26
N CYS G 309 17.96 -33.18 -0.86
CA CYS G 309 19.01 -32.92 -1.84
C CYS G 309 19.27 -31.43 -1.89
N MET G 310 20.55 -31.05 -1.87
CA MET G 310 20.95 -29.65 -1.77
C MET G 310 21.96 -29.31 -2.86
N LEU G 311 21.80 -28.13 -3.45
CA LEU G 311 22.79 -27.59 -4.37
C LEU G 311 23.82 -26.78 -3.60
N GLU G 312 25.08 -26.93 -4.00
CA GLU G 312 26.20 -26.38 -3.25
C GLU G 312 26.72 -25.11 -3.93
N LYS G 313 27.17 -24.16 -3.11
CA LYS G 313 27.57 -22.85 -3.59
C LYS G 313 28.74 -22.95 -4.55
N GLU G 314 28.82 -21.97 -5.45
CA GLU G 314 29.84 -21.95 -6.50
C GLU G 314 31.24 -21.70 -5.98
N SER G 315 31.40 -21.17 -4.77
CA SER G 315 32.70 -20.91 -4.16
C SER G 315 33.55 -20.02 -5.07
N ILE G 316 33.08 -18.77 -5.20
CA ILE G 316 33.70 -17.75 -6.05
C ILE G 316 35.21 -17.71 -5.85
N ASP G 317 35.64 -17.55 -4.61
CA ASP G 317 37.06 -17.51 -4.28
C ASP G 317 37.47 -18.81 -3.59
N GLU G 318 38.54 -19.40 -4.09
CA GLU G 318 39.07 -20.65 -3.55
C GLU G 318 40.17 -20.43 -2.52
N ALA G 319 40.49 -19.16 -2.20
CA ALA G 319 41.40 -18.89 -1.10
C ALA G 319 40.82 -19.39 0.22
N ALA G 320 39.50 -19.23 0.39
CA ALA G 320 38.84 -19.74 1.58
C ALA G 320 38.97 -21.26 1.67
N GLN G 321 39.03 -21.96 0.54
CA GLN G 321 39.24 -23.41 0.58
C GLN G 321 40.58 -23.75 1.19
N THR G 322 41.64 -23.04 0.77
CA THR G 322 42.95 -23.24 1.37
C THR G 322 42.95 -22.89 2.85
N GLU G 323 42.25 -21.80 3.20
CA GLU G 323 42.15 -21.42 4.60
C GLU G 323 41.49 -22.53 5.43
N ILE G 324 40.42 -23.12 4.89
CA ILE G 324 39.70 -24.15 5.62
C ILE G 324 40.55 -25.40 5.79
N GLU G 325 41.23 -25.82 4.72
CA GLU G 325 42.04 -27.03 4.85
C GLU G 325 43.22 -26.80 5.78
N LEU G 326 43.82 -25.60 5.75
CA LEU G 326 44.91 -25.30 6.69
C LEU G 326 44.40 -25.24 8.12
N LEU G 327 43.21 -24.70 8.33
CA LEU G 327 42.61 -24.72 9.66
C LEU G 327 42.39 -26.15 10.12
N MET G 328 42.04 -27.03 9.18
CA MET G 328 41.82 -28.43 9.53
C MET G 328 43.10 -29.14 9.92
N GLU G 329 44.16 -29.01 9.12
CA GLU G 329 45.37 -29.77 9.41
C GLU G 329 46.08 -29.24 10.64
N THR G 330 45.76 -28.00 11.03
CA THR G 330 46.35 -27.39 12.21
C THR G 330 45.71 -27.95 13.49
N SER H 2 50.80 -19.17 25.88
CA SER H 2 50.73 -18.18 26.93
C SER H 2 49.77 -18.61 28.04
N PHE H 3 48.57 -18.07 28.01
CA PHE H 3 47.53 -18.40 28.98
C PHE H 3 46.71 -19.57 28.48
N LYS H 4 46.38 -20.49 29.39
CA LYS H 4 45.57 -21.65 29.06
C LYS H 4 44.87 -22.13 30.31
N ALA H 5 43.58 -22.46 30.19
CA ALA H 5 42.79 -22.87 31.34
C ALA H 5 41.76 -23.90 30.89
N THR H 6 41.51 -24.88 31.75
CA THR H 6 40.55 -25.94 31.46
C THR H 6 39.79 -26.29 32.73
N ILE H 7 38.48 -26.44 32.60
CA ILE H 7 37.60 -26.79 33.71
C ILE H 7 36.88 -28.08 33.37
N THR H 8 36.87 -29.01 34.33
CA THR H 8 36.32 -30.35 34.14
C THR H 8 35.03 -30.56 34.92
N GLU H 9 34.71 -29.62 35.82
CA GLU H 9 33.57 -29.72 36.72
C GLU H 9 32.40 -28.97 36.12
N SER H 10 31.22 -29.58 36.18
CA SER H 10 30.03 -29.02 35.52
C SER H 10 29.60 -27.70 36.17
N GLY H 11 29.55 -27.66 37.50
CA GLY H 11 29.13 -26.45 38.19
C GLY H 11 30.06 -25.27 37.94
N LYS H 12 31.35 -25.56 37.79
CA LYS H 12 32.31 -24.51 37.43
C LYS H 12 31.98 -23.93 36.07
N GLN H 13 31.59 -24.79 35.12
CA GLN H 13 31.20 -24.29 33.80
C GLN H 13 29.91 -23.50 33.88
N ASN H 14 28.99 -23.90 34.75
CA ASN H 14 27.76 -23.15 34.94
C ASN H 14 28.08 -21.74 35.46
N ILE H 15 28.98 -21.64 36.44
CA ILE H 15 29.37 -20.34 36.97
C ILE H 15 30.06 -19.51 35.90
N TRP H 16 30.96 -20.13 35.13
CA TRP H 16 31.65 -19.40 34.07
C TRP H 16 30.66 -18.83 33.07
N PHE H 17 29.68 -19.65 32.65
CA PHE H 17 28.69 -19.18 31.69
C PHE H 17 27.84 -18.06 32.26
N ARG H 18 27.39 -18.21 33.51
CA ARG H 18 26.54 -17.19 34.12
C ARG H 18 27.31 -15.87 34.26
N ALA H 19 28.57 -15.95 34.70
CA ALA H 19 29.39 -14.76 34.81
C ALA H 19 29.57 -14.08 33.46
N ILE H 20 29.90 -14.86 32.44
CA ILE H 20 30.11 -14.29 31.10
C ILE H 20 28.84 -13.62 30.60
N TYR H 21 27.70 -14.26 30.81
CA TYR H 21 26.43 -13.67 30.40
C TYR H 21 26.19 -12.35 31.12
N VAL H 22 26.51 -12.29 32.41
CA VAL H 22 26.27 -11.07 33.18
C VAL H 22 27.17 -9.94 32.69
N LEU H 23 28.47 -10.22 32.51
CA LEU H 23 29.36 -9.18 32.01
C LEU H 23 28.96 -8.75 30.60
N SER H 24 28.43 -9.66 29.78
CA SER H 24 27.90 -9.27 28.48
C SER H 24 26.67 -8.39 28.60
N THR H 25 25.78 -8.66 29.56
CA THR H 25 24.62 -7.82 29.79
C THR H 25 24.98 -6.45 30.37
N ILE H 26 26.15 -6.32 31.00
CA ILE H 26 26.58 -5.03 31.52
C ILE H 26 27.16 -4.16 30.41
N GLN H 27 28.09 -4.71 29.64
CA GLN H 27 28.67 -4.01 28.50
C GLN H 27 28.90 -5.02 27.37
N ASP H 28 28.81 -4.51 26.14
CA ASP H 28 28.96 -5.39 24.97
C ASP H 28 30.34 -6.02 24.88
N ASP H 29 31.36 -5.42 25.50
CA ASP H 29 32.72 -5.95 25.49
C ASP H 29 33.08 -6.48 26.86
N ILE H 30 33.48 -7.75 26.92
CA ILE H 30 33.90 -8.37 28.17
C ILE H 30 35.42 -8.23 28.24
N LYS H 31 35.87 -7.26 29.04
CA LYS H 31 37.31 -7.06 29.22
C LYS H 31 37.87 -8.16 30.10
N ILE H 32 38.94 -8.80 29.64
CA ILE H 32 39.53 -9.94 30.32
C ILE H 32 41.04 -9.73 30.39
N THR H 33 41.60 -9.90 31.59
CA THR H 33 43.04 -9.87 31.79
C THR H 33 43.43 -11.14 32.54
N VAL H 34 44.64 -11.62 32.31
CA VAL H 34 45.10 -12.89 32.84
C VAL H 34 46.28 -12.66 33.78
N THR H 35 46.19 -13.23 34.96
CA THR H 35 47.26 -13.19 35.95
C THR H 35 47.54 -14.62 36.40
N THR H 36 48.83 -14.95 36.58
CA THR H 36 49.20 -16.31 36.96
C THR H 36 48.45 -16.77 38.21
N ASN H 37 48.19 -15.86 39.14
CA ASN H 37 47.44 -16.21 40.34
C ASN H 37 45.98 -16.51 40.00
N GLU H 38 45.35 -15.66 39.20
CA GLU H 38 43.92 -15.78 38.97
C GLU H 38 43.54 -15.06 37.68
N LEU H 39 42.41 -15.47 37.12
CA LEU H 39 41.84 -14.83 35.94
C LEU H 39 40.63 -14.00 36.35
N ILE H 40 40.69 -12.70 36.07
CA ILE H 40 39.66 -11.75 36.48
C ILE H 40 39.01 -11.16 35.24
N ALA H 41 37.67 -11.21 35.20
CA ALA H 41 36.88 -10.64 34.12
C ALA H 41 36.10 -9.45 34.67
N TRP H 42 36.28 -8.29 34.07
CA TRP H 42 35.65 -7.06 34.53
C TRP H 42 34.95 -6.38 33.36
N SER H 43 33.94 -5.58 33.68
CA SER H 43 33.16 -4.86 32.69
C SER H 43 32.75 -3.50 33.24
N MET H 44 32.68 -2.50 32.35
CA MET H 44 32.30 -1.15 32.73
C MET H 44 31.20 -0.67 31.79
N ASN H 45 30.03 -0.36 32.36
CA ASN H 45 28.96 0.22 31.57
C ASN H 45 29.37 1.62 31.12
N GLU H 46 28.86 2.03 29.96
CA GLU H 46 29.22 3.34 29.41
C GLU H 46 28.83 4.45 30.38
N THR H 47 27.70 4.30 31.08
CA THR H 47 27.28 5.31 32.04
C THR H 47 28.27 5.45 33.19
N ASP H 48 29.14 4.46 33.38
CA ASP H 48 30.15 4.43 34.43
C ASP H 48 29.54 4.45 35.83
N THR H 49 28.29 4.02 35.96
CA THR H 49 27.60 3.97 37.24
C THR H 49 27.69 2.61 37.91
N THR H 50 28.34 1.64 37.28
CA THR H 50 28.42 0.29 37.83
C THR H 50 29.76 -0.33 37.43
N LEU H 51 30.14 -1.36 38.19
CA LEU H 51 31.40 -2.06 37.95
C LEU H 51 31.26 -3.45 38.56
N CYS H 52 31.31 -4.49 37.72
CA CYS H 52 31.24 -5.87 38.16
C CYS H 52 32.49 -6.60 37.71
N GLN H 53 33.08 -7.37 38.62
CA GLN H 53 34.30 -8.13 38.34
C GLN H 53 34.13 -9.55 38.84
N VAL H 54 34.48 -10.51 38.00
CA VAL H 54 34.46 -11.93 38.35
C VAL H 54 35.89 -12.43 38.37
N ARG H 55 36.28 -13.05 39.47
CA ARG H 55 37.64 -13.52 39.68
C ARG H 55 37.66 -15.04 39.66
N PHE H 56 38.49 -15.60 38.79
CA PHE H 56 38.66 -17.05 38.68
C PHE H 56 40.06 -17.40 39.12
N GLN H 57 40.18 -18.03 40.29
CA GLN H 57 41.49 -18.31 40.87
C GLN H 57 42.16 -19.46 40.14
N LYS H 58 43.42 -19.72 40.50
CA LYS H 58 44.15 -20.83 39.90
C LYS H 58 43.53 -22.17 40.24
N SER H 59 43.05 -22.32 41.49
CA SER H 59 42.42 -23.57 41.91
C SER H 59 41.10 -23.82 41.20
N PHE H 60 40.51 -22.79 40.58
CA PHE H 60 39.30 -22.99 39.80
C PHE H 60 39.55 -23.91 38.62
N PHE H 61 40.62 -23.65 37.87
CA PHE H 61 41.03 -24.48 36.75
C PHE H 61 41.93 -25.60 37.24
N GLU H 62 41.89 -26.74 36.53
CA GLU H 62 42.74 -27.86 36.91
C GLU H 62 44.19 -27.62 36.50
N GLU H 63 44.42 -27.04 35.32
CA GLU H 63 45.76 -26.67 34.86
C GLU H 63 45.71 -25.23 34.32
N TYR H 64 45.96 -24.27 35.21
CA TYR H 64 45.91 -22.85 34.88
C TYR H 64 47.31 -22.33 34.53
N GLU H 65 47.87 -22.89 33.47
CA GLU H 65 49.22 -22.52 33.05
C GLU H 65 49.22 -21.14 32.41
N PHE H 66 50.28 -20.38 32.67
CA PHE H 66 50.45 -19.04 32.13
C PHE H 66 51.91 -18.82 31.77
N LYS H 67 52.16 -18.45 30.52
CA LYS H 67 53.52 -18.17 30.03
C LYS H 67 53.49 -16.83 29.30
N PRO H 68 53.52 -15.72 30.04
CA PRO H 68 53.50 -14.38 29.42
C PRO H 68 54.88 -13.93 28.97
N TYR H 92 48.08 -10.23 31.11
CA TYR H 92 47.78 -9.87 29.72
C TYR H 92 46.29 -9.60 29.55
N SER H 93 45.96 -8.37 29.18
CA SER H 93 44.58 -7.93 29.04
C SER H 93 44.18 -7.88 27.57
N PHE H 94 42.98 -8.38 27.27
CA PHE H 94 42.44 -8.36 25.92
C PHE H 94 40.92 -8.23 25.98
N ARG H 95 40.39 -7.39 25.10
CA ARG H 95 38.96 -7.10 25.09
C ARG H 95 38.24 -8.05 24.14
N VAL H 96 37.20 -8.72 24.64
CA VAL H 96 36.46 -9.70 23.87
C VAL H 96 34.99 -9.30 23.85
N ASN H 97 34.36 -9.40 22.68
CA ASN H 97 32.94 -9.10 22.55
C ASN H 97 32.11 -10.04 23.43
N GLY H 98 31.20 -9.45 24.21
CA GLY H 98 30.46 -10.23 25.19
C GLY H 98 29.52 -11.23 24.58
N ARG H 99 28.77 -10.83 23.56
CA ARG H 99 27.77 -11.71 22.97
C ARG H 99 28.41 -12.91 22.30
N HIS H 100 29.54 -12.70 21.64
CA HIS H 100 30.26 -13.79 21.00
C HIS H 100 30.73 -14.82 22.03
N LEU H 101 31.25 -14.35 23.16
CA LEU H 101 31.75 -15.27 24.19
C LEU H 101 30.61 -15.97 24.92
N THR H 102 29.48 -15.29 25.12
CA THR H 102 28.39 -15.89 25.89
C THR H 102 27.67 -16.98 25.11
N THR H 103 27.77 -16.98 23.79
CA THR H 103 27.19 -18.05 22.98
C THR H 103 28.16 -19.21 22.78
N ILE H 104 29.40 -19.08 23.22
CA ILE H 104 30.37 -20.16 23.15
C ILE H 104 30.28 -21.07 24.36
N SER H 105 30.22 -20.48 25.56
CA SER H 105 30.28 -21.23 26.81
C SER H 105 28.92 -21.74 27.28
N ARG H 106 27.89 -21.58 26.46
CA ARG H 106 26.55 -22.04 26.82
C ARG H 106 26.50 -23.56 26.84
N LYS H 107 25.71 -24.11 27.77
CA LYS H 107 25.47 -25.55 27.85
C LYS H 107 24.38 -25.97 26.86
N PRO H 108 24.74 -26.69 25.80
CA PRO H 108 23.71 -27.18 24.87
C PRO H 108 22.81 -28.19 25.55
N ASP H 109 21.54 -28.19 25.13
CA ASP H 109 20.58 -29.13 25.68
C ASP H 109 20.91 -30.55 25.23
N GLY H 110 20.78 -31.50 26.16
CA GLY H 110 21.06 -32.89 25.86
C GLY H 110 22.54 -33.17 25.65
N GLY H 112 26.53 -32.32 27.29
CA GLY H 112 27.41 -32.34 28.45
C GLY H 112 28.86 -32.10 28.10
N ILE H 113 29.30 -30.84 28.28
CA ILE H 113 30.67 -30.48 27.95
C ILE H 113 31.61 -31.13 28.96
N LYS H 114 32.60 -31.86 28.46
CA LYS H 114 33.54 -32.57 29.32
C LYS H 114 34.86 -31.83 29.51
N SER H 115 35.15 -30.83 28.67
CA SER H 115 36.40 -30.08 28.78
C SER H 115 36.25 -28.76 28.05
N PHE H 116 36.48 -27.66 28.75
CA PHE H 116 36.41 -26.32 28.19
C PHE H 116 37.81 -25.72 28.31
N THR H 117 38.58 -25.79 27.23
CA THR H 117 39.94 -25.27 27.20
C THR H 117 39.92 -23.91 26.51
N ILE H 118 40.35 -22.88 27.23
CA ILE H 118 40.44 -21.53 26.71
C ILE H 118 41.90 -21.09 26.77
N ALA H 119 42.43 -20.63 25.63
CA ALA H 119 43.85 -20.34 25.54
C ALA H 119 44.08 -19.24 24.51
N VAL H 120 45.23 -18.59 24.62
CA VAL H 120 45.67 -17.57 23.68
C VAL H 120 47.17 -17.70 23.48
N ASN H 121 47.62 -17.66 22.23
CA ASN H 121 49.04 -17.76 21.92
C ASN H 121 49.48 -16.63 20.98
N ASN H 132 45.94 -12.16 16.78
CA ASN H 132 44.89 -11.47 17.53
C ASN H 132 43.60 -12.30 17.56
N ARG H 133 43.74 -13.61 17.68
CA ARG H 133 42.60 -14.52 17.70
C ARG H 133 42.65 -15.36 18.97
N LEU H 134 41.55 -15.37 19.72
CA LEU H 134 41.42 -16.24 20.88
C LEU H 134 40.98 -17.62 20.44
N ILE H 135 41.60 -18.65 20.98
CA ILE H 135 41.30 -20.04 20.62
C ILE H 135 40.62 -20.70 21.81
N VAL H 136 39.46 -21.29 21.57
CA VAL H 136 38.70 -22.01 22.58
C VAL H 136 38.26 -23.35 22.00
N VAL H 137 38.46 -24.42 22.75
CA VAL H 137 38.16 -25.78 22.29
C VAL H 137 37.08 -26.35 23.19
N ILE H 138 36.00 -26.84 22.59
CA ILE H 138 34.86 -27.42 23.31
C ILE H 138 34.59 -28.79 22.73
N GLU H 139 34.40 -29.78 23.62
CA GLU H 139 34.07 -31.14 23.23
C GLU H 139 32.95 -31.65 24.12
N MET H 140 31.90 -32.20 23.51
CA MET H 140 30.81 -32.79 24.28
C MET H 140 31.22 -34.13 24.87
N ASP H 141 30.32 -34.69 25.68
CA ASP H 141 30.48 -36.05 26.15
C ASP H 141 30.40 -37.07 25.02
N SER H 142 29.71 -36.72 23.92
CA SER H 142 29.65 -37.58 22.76
C SER H 142 30.88 -37.45 21.87
N LEU H 143 31.90 -36.72 22.30
CA LEU H 143 33.21 -36.55 21.70
C LEU H 143 33.20 -35.63 20.48
N ILE H 144 32.05 -35.05 20.11
CA ILE H 144 32.05 -34.06 19.04
C ILE H 144 32.75 -32.80 19.52
N VAL H 145 33.72 -32.34 18.75
CA VAL H 145 34.62 -31.27 19.17
C VAL H 145 34.34 -30.03 18.32
N LYS H 146 34.24 -28.88 18.98
CA LYS H 146 34.07 -27.60 18.32
C LYS H 146 35.21 -26.67 18.70
N GLU H 147 35.65 -25.85 17.75
CA GLU H 147 36.63 -24.81 17.99
C GLU H 147 36.06 -23.48 17.53
N TYR H 148 36.37 -22.42 18.28
CA TYR H 148 35.98 -21.07 17.91
C TYR H 148 37.21 -20.17 17.97
N CYS H 149 37.21 -19.14 17.13
CA CYS H 149 38.31 -18.18 17.06
C CYS H 149 37.76 -16.77 17.14
N PRO H 150 37.28 -16.35 18.32
CA PRO H 150 36.85 -14.96 18.48
C PRO H 150 38.03 -13.99 18.36
N GLN H 151 37.74 -12.82 17.82
CA GLN H 151 38.71 -11.75 17.81
C GLN H 151 38.81 -11.10 19.19
N PHE H 152 40.00 -10.62 19.52
CA PHE H 152 40.20 -9.92 20.78
C PHE H 152 41.03 -8.66 20.52
N GLN H 153 40.95 -7.73 21.47
CA GLN H 153 41.64 -6.46 21.34
C GLN H 153 42.42 -6.16 22.62
N PRO H 154 43.75 -6.04 22.53
CA PRO H 154 44.54 -5.78 23.74
C PRO H 154 44.35 -4.33 24.21
N ILE H 155 43.96 -4.19 25.47
CA ILE H 155 43.75 -2.90 26.11
C ILE H 155 44.39 -2.92 27.49
N LYS H 156 44.36 -1.76 28.16
CA LYS H 156 44.96 -1.63 29.48
C LYS H 156 43.91 -1.79 30.58
N ILE H 227 30.88 3.71 57.64
CA ILE H 227 30.32 2.66 56.82
C ILE H 227 29.48 1.68 57.63
N ASN H 228 28.99 0.63 56.97
CA ASN H 228 28.21 -0.40 57.63
C ASN H 228 28.33 -1.69 56.83
N TYR H 229 28.02 -2.81 57.47
CA TYR H 229 28.17 -4.13 56.89
C TYR H 229 26.84 -4.88 56.99
N ILE H 230 26.41 -5.46 55.89
CA ILE H 230 25.18 -6.25 55.83
C ILE H 230 25.52 -7.60 55.21
N CYS H 231 25.12 -8.67 55.89
CA CYS H 231 25.33 -10.04 55.41
C CYS H 231 24.01 -10.79 55.50
N CYS H 232 23.32 -10.90 54.37
CA CYS H 232 22.01 -11.53 54.31
C CYS H 232 22.07 -12.78 53.43
N ASN H 233 21.09 -13.65 53.63
CA ASN H 233 20.98 -14.86 52.81
C ASN H 233 20.74 -14.47 51.36
N SER H 234 21.50 -15.10 50.45
CA SER H 234 21.33 -14.80 49.03
C SER H 234 20.06 -15.43 48.47
N THR H 235 19.51 -16.43 49.16
CA THR H 235 18.33 -17.11 48.66
C THR H 235 17.09 -16.21 48.74
N LEU H 236 16.86 -15.60 49.90
CA LEU H 236 15.71 -14.70 50.05
C LEU H 236 15.87 -13.46 49.18
N LEU H 237 17.09 -12.93 49.11
CA LEU H 237 17.35 -11.78 48.26
C LEU H 237 17.10 -12.12 46.80
N LYS H 238 17.52 -13.31 46.37
CA LYS H 238 17.27 -13.74 45.01
C LYS H 238 15.78 -13.92 44.76
N ASN H 239 15.05 -14.44 45.74
CA ASN H 239 13.61 -14.59 45.65
C ASN H 239 12.99 -13.24 45.34
N PHE H 240 13.19 -12.27 46.24
CA PHE H 240 12.58 -10.97 46.05
C PHE H 240 13.03 -10.32 44.75
N LEU H 241 14.34 -10.35 44.48
CA LEU H 241 14.89 -9.65 43.32
C LEU H 241 14.33 -10.21 42.02
N ASP H 242 14.43 -11.53 41.83
CA ASP H 242 13.97 -12.13 40.59
C ASP H 242 12.46 -12.03 40.46
N ASN H 243 11.74 -11.97 41.59
CA ASN H 243 10.30 -11.76 41.51
C ASN H 243 9.98 -10.37 40.95
N CYS H 244 10.88 -9.40 41.13
CA CYS H 244 10.68 -8.09 40.53
C CYS H 244 10.93 -8.14 39.03
N ASN H 245 10.29 -7.23 38.31
CA ASN H 245 10.43 -7.12 36.86
C ASN H 245 11.21 -5.86 36.52
N VAL H 246 12.23 -6.01 35.66
CA VAL H 246 13.06 -4.87 35.29
C VAL H 246 12.27 -3.85 34.47
N ASN H 247 11.19 -4.29 33.81
CA ASN H 247 10.42 -3.38 32.97
C ASN H 247 9.71 -2.33 33.81
N VAL H 248 9.03 -2.76 34.88
CA VAL H 248 8.26 -1.82 35.70
C VAL H 248 9.18 -1.09 36.68
N THR H 249 10.16 -1.79 37.22
CA THR H 249 11.04 -1.22 38.24
C THR H 249 12.29 -0.64 37.58
N ASP H 250 12.55 0.64 37.83
CA ASP H 250 13.76 1.29 37.37
C ASP H 250 14.60 1.85 38.51
N GLU H 251 14.30 1.48 39.75
CA GLU H 251 14.94 2.06 40.93
C GLU H 251 14.71 1.12 42.10
N VAL H 252 15.76 0.90 42.90
CA VAL H 252 15.66 0.05 44.07
C VAL H 252 15.80 0.91 45.32
N LYS H 253 15.01 0.61 46.33
CA LYS H 253 15.07 1.31 47.62
C LYS H 253 15.46 0.27 48.67
N LEU H 254 16.70 0.35 49.15
CA LEU H 254 17.19 -0.54 50.19
C LEU H 254 17.28 0.26 51.48
N GLU H 255 16.42 -0.09 52.45
CA GLU H 255 16.39 0.57 53.74
C GLU H 255 16.51 -0.47 54.85
N ILE H 256 17.34 -0.18 55.84
CA ILE H 256 17.55 -1.08 56.97
C ILE H 256 17.09 -0.35 58.24
N ASN H 257 16.18 -0.98 58.97
CA ASN H 257 15.74 -0.49 60.27
C ASN H 257 16.52 -1.20 61.36
N VAL H 258 16.49 -0.63 62.57
CA VAL H 258 17.21 -1.21 63.69
C VAL H 258 16.60 -2.55 64.10
N HIS H 259 15.37 -2.84 63.69
CA HIS H 259 14.74 -4.13 63.93
C HIS H 259 14.65 -5.00 62.68
N ARG H 260 14.16 -4.45 61.57
CA ARG H 260 13.89 -5.23 60.38
C ARG H 260 14.61 -4.64 59.17
N LEU H 261 14.80 -5.48 58.16
CA LEU H 261 15.40 -5.08 56.89
C LEU H 261 14.33 -5.17 55.81
N SER H 262 14.07 -4.06 55.12
CA SER H 262 13.03 -3.99 54.11
C SER H 262 13.63 -3.53 52.79
N ILE H 263 13.36 -4.29 51.73
CA ILE H 263 13.77 -3.95 50.38
C ILE H 263 12.53 -3.87 49.51
N THR H 264 12.46 -2.85 48.68
CA THR H 264 11.32 -2.67 47.78
C THR H 264 11.82 -2.27 46.40
N ALA H 265 11.08 -2.69 45.38
CA ALA H 265 11.36 -2.35 43.99
C ALA H 265 10.33 -1.32 43.56
N PHE H 266 10.69 -0.04 43.68
CA PHE H 266 9.81 1.08 43.43
C PHE H 266 10.24 1.78 42.13
N THR H 267 9.63 2.91 41.82
CA THR H 267 9.96 3.65 40.62
C THR H 267 9.80 5.14 40.89
N LYS H 268 10.78 5.92 40.45
CA LYS H 268 10.77 7.36 40.66
C LYS H 268 9.71 8.00 39.77
N ALA H 269 8.63 8.47 40.37
CA ALA H 269 7.55 9.08 39.62
C ALA H 269 7.93 10.48 39.15
N VAL H 270 7.44 10.85 37.97
CA VAL H 270 7.67 12.17 37.39
C VAL H 270 6.33 12.72 36.92
N TYR H 271 6.10 14.00 37.20
CA TYR H 271 4.84 14.65 36.85
C TYR H 271 5.07 15.72 35.79
N GLY H 272 4.10 15.84 34.88
CA GLY H 272 4.21 16.75 33.77
C GLY H 272 3.50 18.07 33.95
N LYS H 273 2.69 18.46 32.97
CA LYS H 273 2.08 19.79 32.99
C LYS H 273 1.07 19.93 34.13
N ASN H 274 0.13 18.99 34.24
CA ASN H 274 -0.84 18.95 35.35
C ASN H 274 -0.75 17.57 36.02
N ASN H 275 0.24 17.43 36.92
CA ASN H 275 0.43 16.20 37.69
C ASN H 275 0.39 14.95 36.81
N ASP H 276 0.84 15.09 35.56
CA ASP H 276 0.74 14.01 34.60
C ASP H 276 1.54 12.80 35.07
N LEU H 277 0.91 11.62 35.04
CA LEU H 277 1.60 10.42 35.50
C LEU H 277 2.49 9.87 34.40
N LEU H 278 3.54 10.61 34.06
CA LEU H 278 4.48 10.15 33.04
C LEU H 278 5.16 8.85 33.48
N ARG H 279 5.52 8.76 34.75
CA ARG H 279 6.06 7.54 35.33
C ARG H 279 5.35 7.30 36.66
N ASN H 280 4.91 6.06 36.86
CA ASN H 280 4.15 5.70 38.06
C ASN H 280 5.13 5.40 39.20
N ALA H 281 4.63 4.85 40.30
CA ALA H 281 5.46 4.46 41.43
C ALA H 281 5.19 3.05 41.90
N LEU H 282 5.06 2.09 40.97
CA LEU H 282 4.85 0.69 41.33
C LEU H 282 5.95 0.22 42.26
N SER H 283 5.60 -0.14 43.49
CA SER H 283 6.56 -0.46 44.55
C SER H 283 6.25 -1.84 45.12
N MET H 284 6.84 -2.86 44.52
CA MET H 284 6.79 -4.20 45.10
C MET H 284 7.70 -4.24 46.33
N SER H 285 7.10 -4.47 47.50
CA SER H 285 7.80 -4.31 48.77
C SER H 285 7.79 -5.61 49.56
N ASN H 286 8.77 -5.74 50.44
CA ASN H 286 8.87 -6.86 51.36
C ASN H 286 9.57 -6.41 52.63
N THR H 287 9.31 -7.12 53.72
CA THR H 287 9.89 -6.80 55.02
C THR H 287 10.48 -8.06 55.62
N ILE H 288 11.71 -7.96 56.13
CA ILE H 288 12.45 -9.10 56.66
C ILE H 288 12.97 -8.75 58.05
N SER H 289 12.73 -9.64 59.01
CA SER H 289 13.16 -9.42 60.38
C SER H 289 14.67 -9.63 60.50
N THR H 290 15.20 -9.39 61.69
CA THR H 290 16.63 -9.49 61.94
C THR H 290 17.11 -10.92 62.14
N LEU H 291 16.20 -11.87 62.39
CA LEU H 291 16.61 -13.26 62.54
C LEU H 291 17.14 -13.83 61.23
N ASP H 292 16.50 -13.48 60.11
CA ASP H 292 16.98 -13.93 58.80
C ASP H 292 18.32 -13.30 58.46
N LEU H 293 18.53 -12.04 58.85
CA LEU H 293 19.77 -11.35 58.53
C LEU H 293 20.91 -11.94 59.35
N GLU H 294 21.92 -12.49 58.66
CA GLU H 294 22.97 -13.24 59.34
C GLU H 294 23.86 -12.31 60.16
N HIS H 295 24.30 -11.20 59.57
CA HIS H 295 25.21 -10.28 60.26
C HIS H 295 24.86 -8.85 59.84
N TYR H 296 24.42 -8.05 60.82
CA TYR H 296 24.10 -6.64 60.59
C TYR H 296 24.92 -5.79 61.54
N CYS H 297 25.55 -4.75 61.01
CA CYS H 297 26.37 -3.84 61.81
C CYS H 297 26.10 -2.42 61.33
N LEU H 298 25.22 -1.71 62.02
CA LEU H 298 24.85 -0.36 61.62
C LEU H 298 26.04 0.60 61.77
N PHE H 299 26.85 0.40 62.81
CA PHE H 299 28.02 1.24 63.08
C PHE H 299 27.64 2.71 63.23
N LYS H 320 18.99 4.07 57.59
CA LYS H 320 19.89 4.09 56.45
C LYS H 320 19.12 3.80 55.16
N SER H 321 19.24 4.70 54.19
CA SER H 321 18.54 4.58 52.90
C SER H 321 19.56 4.68 51.78
N ILE H 322 19.55 3.69 50.88
CA ILE H 322 20.44 3.64 49.74
C ILE H 322 19.63 3.30 48.50
N ILE H 323 19.82 4.07 47.43
CA ILE H 323 19.04 3.96 46.21
C ILE H 323 19.99 3.72 45.04
N PHE H 324 19.77 2.62 44.32
CA PHE H 324 20.54 2.34 43.11
C PHE H 324 19.64 1.53 42.16
N LYS H 325 20.25 0.88 41.17
CA LYS H 325 19.50 0.19 40.13
C LYS H 325 19.14 -1.23 40.56
N LEU H 326 18.44 -1.94 39.67
CA LEU H 326 17.89 -3.26 39.98
C LEU H 326 18.36 -4.35 39.03
N LYS H 327 18.48 -4.06 37.73
CA LYS H 327 18.81 -5.11 36.77
C LYS H 327 20.20 -5.71 37.03
N ASP H 328 21.20 -4.85 37.23
CA ASP H 328 22.55 -5.33 37.51
C ASP H 328 22.58 -6.11 38.82
N PHE H 329 21.86 -5.62 39.83
CA PHE H 329 21.75 -6.34 41.10
C PHE H 329 21.08 -7.69 40.91
N LYS H 330 20.03 -7.76 40.09
CA LYS H 330 19.39 -9.04 39.81
C LYS H 330 20.38 -10.02 39.18
N ASN H 331 21.11 -9.57 38.15
CA ASN H 331 22.02 -10.46 37.45
C ASN H 331 23.14 -10.95 38.38
N PHE H 332 23.72 -10.02 39.16
CA PHE H 332 24.80 -10.38 40.07
C PHE H 332 24.31 -11.37 41.12
N ILE H 333 23.11 -11.16 41.65
CA ILE H 333 22.56 -12.10 42.62
C ILE H 333 22.32 -13.47 41.98
N THR H 334 21.79 -13.49 40.75
CA THR H 334 21.53 -14.77 40.08
C THR H 334 22.82 -15.51 39.77
N ILE H 335 23.95 -14.82 39.67
CA ILE H 335 25.21 -15.49 39.38
C ILE H 335 25.50 -16.56 40.45
N GLY H 336 25.32 -16.21 41.71
CA GLY H 336 25.75 -17.03 42.82
C GLY H 336 25.19 -18.44 42.87
N PRO H 337 23.87 -18.57 43.04
CA PRO H 337 23.28 -19.91 43.27
C PRO H 337 23.40 -20.87 42.10
N SER H 338 24.10 -20.47 41.03
CA SER H 338 24.27 -21.38 39.89
C SER H 338 25.09 -22.61 40.26
N TRP H 339 25.79 -22.59 41.39
CA TRP H 339 26.55 -23.75 41.87
C TRP H 339 25.70 -24.49 42.90
N LYS H 340 25.37 -25.74 42.59
CA LYS H 340 24.59 -26.59 43.51
C LYS H 340 25.56 -27.32 44.43
N THR H 341 26.26 -26.54 45.25
CA THR H 341 27.25 -27.07 46.17
C THR H 341 26.69 -27.17 47.58
N ASP H 347 26.32 -19.06 50.60
CA ASP H 347 25.00 -18.63 50.15
C ASP H 347 24.62 -17.28 50.75
N ASN H 348 25.62 -16.44 50.99
CA ASN H 348 25.40 -15.13 51.56
C ASN H 348 26.10 -14.06 50.73
N ILE H 349 25.62 -12.83 50.87
CA ILE H 349 26.14 -11.70 50.12
C ILE H 349 26.43 -10.57 51.12
N SER H 350 27.60 -9.98 51.02
CA SER H 350 28.06 -8.98 51.97
C SER H 350 27.98 -7.59 51.34
N LEU H 351 27.37 -6.63 52.03
CA LEU H 351 27.20 -5.28 51.40
C LEU H 351 27.74 -4.19 52.34
N TRP H 352 28.77 -3.47 51.91
CA TRP H 352 29.26 -2.33 52.74
C TRP H 352 29.00 -1.02 51.98
N PHE H 353 28.55 0.04 52.66
CA PHE H 353 28.17 1.28 51.95
C PHE H 353 28.15 2.50 52.89
N CYS H 354 28.04 3.70 52.31
CA CYS H 354 27.96 4.96 53.11
C CYS H 354 27.82 6.14 52.15
N HIS H 355 27.10 7.19 52.55
CA HIS H 355 26.96 8.42 51.70
C HIS H 355 25.99 8.19 50.54
N PRO H 356 25.36 9.24 49.98
CA PRO H 356 24.48 9.09 48.81
C PRO H 356 25.24 9.29 47.48
N GLY H 357 26.30 10.09 47.49
CA GLY H 357 27.06 10.37 46.25
C GLY H 357 28.21 9.40 46.07
N ASP H 358 28.37 8.45 46.99
CA ASP H 358 29.52 7.49 46.92
C ASP H 358 29.02 6.14 46.40
N PRO H 359 29.84 5.39 45.63
CA PRO H 359 29.42 4.10 45.07
C PRO H 359 29.37 2.98 46.12
N ILE H 360 28.33 2.13 46.07
CA ILE H 360 28.18 1.04 47.06
C ILE H 360 29.05 -0.16 46.65
N LEU H 361 29.57 -0.91 47.63
CA LEU H 361 30.35 -2.13 47.31
C LEU H 361 29.43 -3.34 47.40
N MET H 362 29.70 -4.40 46.62
CA MET H 362 28.85 -5.58 46.59
C MET H 362 29.73 -6.77 46.27
N GLN H 363 29.58 -7.86 47.04
CA GLN H 363 30.53 -8.96 46.93
C GLN H 363 29.90 -10.29 47.31
N MET H 364 30.41 -11.36 46.70
CA MET H 364 30.11 -12.75 47.07
C MET H 364 31.37 -13.58 46.89
N GLN H 365 31.47 -14.68 47.64
CA GLN H 365 32.66 -15.51 47.60
C GLN H 365 32.31 -16.97 47.32
N LYS H 366 33.11 -17.61 46.49
CA LYS H 366 32.98 -19.00 46.10
C LYS H 366 34.34 -19.66 46.25
N PRO H 367 34.38 -21.02 46.33
CA PRO H 367 35.65 -21.73 46.51
C PRO H 367 36.79 -21.23 45.63
N GLY H 368 36.57 -21.20 44.32
CA GLY H 368 37.60 -20.73 43.41
C GLY H 368 37.20 -19.48 42.65
N VAL H 369 36.03 -18.93 42.98
CA VAL H 369 35.46 -17.82 42.26
C VAL H 369 35.21 -16.68 43.25
N LYS H 370 35.60 -15.46 42.87
CA LYS H 370 35.42 -14.29 43.70
C LYS H 370 34.62 -13.26 42.91
N LEU H 371 33.59 -12.69 43.55
CA LEU H 371 32.65 -11.81 42.89
C LEU H 371 32.69 -10.43 43.52
N GLU H 372 32.59 -9.39 42.69
CA GLU H 372 32.57 -8.01 43.15
C GLU H 372 31.64 -7.19 42.27
N LEU H 373 30.91 -6.26 42.89
CA LEU H 373 30.12 -5.28 42.16
C LEU H 373 30.23 -3.93 42.87
N VAL H 374 30.50 -2.89 42.10
CA VAL H 374 30.58 -1.52 42.62
C VAL H 374 29.63 -0.68 41.79
N GLU H 375 28.64 -0.05 42.45
CA GLU H 375 27.66 0.77 41.76
C GLU H 375 27.48 2.09 42.50
N VAL H 376 27.37 3.17 41.73
CA VAL H 376 27.21 4.51 42.32
C VAL H 376 25.79 4.65 42.83
N THR H 377 25.65 5.06 44.09
CA THR H 377 24.34 5.20 44.71
C THR H 377 23.73 6.57 44.37
N ASP H 378 22.41 6.64 44.47
CA ASP H 378 21.70 7.88 44.19
C ASP H 378 22.04 8.93 45.24
N SER H 379 22.24 10.16 44.80
CA SER H 379 22.57 11.25 45.69
C SER H 379 21.35 11.79 46.41
#